data_8CFX
#
_entry.id   8CFX
#
_cell.length_a   109.574
_cell.length_b   103.990
_cell.length_c   176.086
_cell.angle_alpha   90.00
_cell.angle_beta   99.58
_cell.angle_gamma   90.00
#
_symmetry.space_group_name_H-M   'P 1 2 1'
#
loop_
_entity.id
_entity.type
_entity.pdbx_description
1 polymer Adenosylhomocysteinase
2 non-polymer NICOTINAMIDE-ADENINE-DINUCLEOTIDE
3 non-polymer ADENINE
4 non-polymer 'ethyl (E)-3-(4-aminophenyl)prop-2-enoate'
5 non-polymer 'POTASSIUM ION'
6 non-polymer 'PHOSPHATE ION'
7 non-polymer 'DIMETHYL SULFOXIDE'
8 water water
#
_entity_poly.entity_id   1
_entity_poly.type   'polypeptide(L)'
_entity_poly.pdbx_seq_one_letter_code
;SNAMSAVMTPAGFTDYKVADITLAAWGRRELIIAESEMPALMGLRRKYAGQQPLKGAKILGCIHMTIQTGVLIETLVALG
AEVRWSSCNIFSTQDQAAAAIAAAGIPVFAWKGETEEEYEWCIEQTILKDGQPWDANMVLDDGGDLTEILHKKYPQMLER
IHGITEETTTGVHRLLDMLKNGTLKVPAINVNDSVTKSKNDNKYGCRHSLNDAIKRGTDHLLSGKQALVIGYGDVGKGSS
QSLRQEGMIVKVAEVDPICAMQACMDGFEVVSPYKNGINDGTEASIDAALLGKIDLIVTTTGNVNVCDANMLKALKKRAV
VCNIGHFDNEIDTAFMRKNWAWEEVKPQVHKIHRTGKDGFDAHNDDYLILLAEGRLVNLGNATGHPSRIMDGSFANQVLA
QIHLFEQKYADLPAAEKAKRLSVEVLPKKLDEEVALEMVKGFGGVVTQLTPKQAEYIGVSVEGPFKPDTYRY
;
_entity_poly.pdbx_strand_id   A,B,C,D,G,H,I,J
#
# COMPACT_ATOMS: atom_id res chain seq x y z
N ALA A 11 -65.54 -16.10 -29.30
CA ALA A 11 -66.11 -17.17 -30.12
C ALA A 11 -65.01 -17.91 -30.90
N GLY A 12 -64.55 -19.03 -30.33
CA GLY A 12 -63.60 -19.87 -31.02
C GLY A 12 -62.18 -19.35 -31.05
N PHE A 13 -61.75 -18.67 -29.99
CA PHE A 13 -60.36 -18.20 -29.90
C PHE A 13 -59.47 -19.34 -29.43
N THR A 14 -58.45 -19.67 -30.22
CA THR A 14 -57.55 -20.78 -29.89
C THR A 14 -56.09 -20.39 -29.91
N ASP A 15 -55.78 -19.11 -30.12
CA ASP A 15 -54.40 -18.68 -30.37
C ASP A 15 -53.72 -18.33 -29.04
N TYR A 16 -53.46 -19.39 -28.26
CA TYR A 16 -52.88 -19.27 -26.92
C TYR A 16 -52.49 -20.65 -26.45
N LYS A 17 -51.68 -20.68 -25.40
CA LYS A 17 -51.34 -21.92 -24.71
C LYS A 17 -51.09 -21.60 -23.24
N VAL A 18 -51.94 -22.12 -22.36
CA VAL A 18 -51.84 -21.87 -20.93
C VAL A 18 -52.11 -23.18 -20.18
N ALA A 19 -51.87 -23.15 -18.87
CA ALA A 19 -52.03 -24.36 -18.06
C ALA A 19 -53.50 -24.78 -17.97
N ASP A 20 -54.39 -23.85 -17.64
CA ASP A 20 -55.76 -24.21 -17.28
C ASP A 20 -56.64 -22.98 -17.53
N ILE A 21 -57.37 -23.00 -18.65
CA ILE A 21 -58.20 -21.87 -19.01
C ILE A 21 -59.31 -21.63 -18.01
N THR A 22 -59.70 -22.65 -17.24
CA THR A 22 -60.77 -22.47 -16.26
C THR A 22 -60.33 -21.65 -15.05
N LEU A 23 -59.06 -21.27 -14.96
CA LEU A 23 -58.61 -20.34 -13.93
C LEU A 23 -58.92 -18.89 -14.28
N ALA A 24 -59.55 -18.66 -15.44
CA ALA A 24 -59.75 -17.31 -15.94
C ALA A 24 -60.54 -16.44 -14.98
N ALA A 25 -61.67 -16.95 -14.48
CA ALA A 25 -62.50 -16.17 -13.57
C ALA A 25 -61.74 -15.75 -12.33
N TRP A 26 -60.97 -16.68 -11.74
CA TRP A 26 -60.12 -16.34 -10.61
C TRP A 26 -59.15 -15.22 -10.97
N GLY A 27 -58.51 -15.32 -12.15
CA GLY A 27 -57.53 -14.32 -12.54
C GLY A 27 -58.15 -12.95 -12.74
N ARG A 28 -59.37 -12.91 -13.28
CA ARG A 28 -60.07 -11.65 -13.47
C ARG A 28 -60.41 -10.98 -12.14
N ARG A 29 -60.77 -11.79 -11.13
CA ARG A 29 -61.02 -11.23 -9.81
C ARG A 29 -59.77 -10.57 -9.25
N GLU A 30 -58.61 -11.20 -9.44
CA GLU A 30 -57.37 -10.62 -8.94
C GLU A 30 -56.88 -9.45 -9.79
N LEU A 31 -57.20 -9.44 -11.09
CA LEU A 31 -56.87 -8.28 -11.92
C LEU A 31 -57.66 -7.05 -11.49
N ILE A 32 -58.94 -7.22 -11.16
CA ILE A 32 -59.76 -6.10 -10.72
C ILE A 32 -59.21 -5.51 -9.43
N ILE A 33 -58.77 -6.38 -8.51
CA ILE A 33 -58.10 -5.90 -7.30
C ILE A 33 -56.83 -5.15 -7.66
N ALA A 34 -56.00 -5.75 -8.53
CA ALA A 34 -54.72 -5.13 -8.88
C ALA A 34 -54.91 -3.77 -9.52
N GLU A 35 -56.01 -3.58 -10.27
CA GLU A 35 -56.28 -2.28 -10.87
C GLU A 35 -56.41 -1.19 -9.81
N SER A 36 -57.04 -1.51 -8.67
CA SER A 36 -57.14 -0.54 -7.58
C SER A 36 -55.82 -0.31 -6.87
N GLU A 37 -54.82 -1.17 -7.08
CA GLU A 37 -53.51 -0.99 -6.49
C GLU A 37 -52.51 -0.32 -7.42
N MET A 38 -52.91 0.07 -8.64
CA MET A 38 -51.99 0.59 -9.65
C MET A 38 -52.52 1.91 -10.24
N PRO A 39 -52.52 2.98 -9.43
CA PRO A 39 -53.12 4.24 -9.91
C PRO A 39 -52.37 4.90 -11.06
N ALA A 40 -51.03 4.82 -11.08
CA ALA A 40 -50.28 5.44 -12.15
C ALA A 40 -50.60 4.78 -13.49
N LEU A 41 -50.63 3.45 -13.51
CA LEU A 41 -50.93 2.72 -14.73
C LEU A 41 -52.39 2.93 -15.14
N MET A 42 -53.32 2.85 -14.18
N MET A 42 -53.31 2.90 -14.19
CA MET A 42 -54.71 3.14 -14.45
CA MET A 42 -54.72 3.12 -14.55
C MET A 42 -54.89 4.56 -14.96
C MET A 42 -55.00 4.58 -14.89
N GLY A 43 -54.22 5.52 -14.33
CA GLY A 43 -54.35 6.91 -14.75
C GLY A 43 -53.91 7.11 -16.19
N LEU A 44 -52.88 6.38 -16.62
CA LEU A 44 -52.49 6.39 -18.03
C LEU A 44 -53.60 5.80 -18.89
N ARG A 45 -54.18 4.68 -18.47
CA ARG A 45 -55.26 4.06 -19.22
C ARG A 45 -56.40 5.04 -19.43
N ARG A 46 -56.77 5.77 -18.37
CA ARG A 46 -57.88 6.73 -18.49
C ARG A 46 -57.49 7.95 -19.30
N LYS A 47 -56.27 8.47 -19.11
CA LYS A 47 -55.87 9.69 -19.79
C LYS A 47 -55.79 9.50 -21.30
N TYR A 48 -55.31 8.35 -21.77
CA TYR A 48 -55.00 8.16 -23.17
C TYR A 48 -56.03 7.32 -23.93
N ALA A 49 -57.06 6.81 -23.24
CA ALA A 49 -57.98 5.87 -23.89
C ALA A 49 -58.64 6.49 -25.12
N GLY A 50 -59.14 7.72 -24.99
CA GLY A 50 -59.81 8.36 -26.11
C GLY A 50 -58.86 8.75 -27.24
N GLN A 51 -57.59 9.00 -26.92
CA GLN A 51 -56.62 9.37 -27.92
C GLN A 51 -56.13 8.17 -28.72
N GLN A 52 -56.15 6.97 -28.13
CA GLN A 52 -55.71 5.75 -28.78
C GLN A 52 -54.29 5.86 -29.36
N PRO A 53 -53.31 6.23 -28.55
CA PRO A 53 -51.96 6.49 -29.09
C PRO A 53 -51.23 5.25 -29.58
N LEU A 54 -51.69 4.06 -29.24
CA LEU A 54 -51.07 2.83 -29.70
C LEU A 54 -51.88 2.13 -30.79
N LYS A 55 -52.87 2.82 -31.37
CA LYS A 55 -53.57 2.26 -32.51
C LYS A 55 -52.59 2.03 -33.65
N GLY A 56 -52.52 0.80 -34.15
CA GLY A 56 -51.54 0.41 -35.13
C GLY A 56 -50.32 -0.28 -34.55
N ALA A 57 -50.11 -0.18 -33.25
CA ALA A 57 -48.98 -0.85 -32.61
C ALA A 57 -49.22 -2.35 -32.56
N LYS A 58 -48.16 -3.13 -32.82
CA LYS A 58 -48.19 -4.58 -32.70
C LYS A 58 -46.96 -4.96 -31.88
N ILE A 59 -47.19 -5.29 -30.61
CA ILE A 59 -46.14 -5.41 -29.61
C ILE A 59 -45.89 -6.88 -29.31
N LEU A 60 -44.65 -7.32 -29.51
CA LEU A 60 -44.19 -8.58 -28.95
C LEU A 60 -43.76 -8.33 -27.50
N GLY A 61 -44.40 -8.99 -26.55
CA GLY A 61 -44.10 -8.83 -25.13
C GLY A 61 -43.53 -10.11 -24.55
N CYS A 62 -42.44 -9.96 -23.81
CA CYS A 62 -41.79 -11.07 -23.11
C CYS A 62 -41.44 -10.61 -21.70
N ILE A 63 -42.31 -10.90 -20.74
CA ILE A 63 -42.09 -10.55 -19.34
C ILE A 63 -43.05 -11.39 -18.51
N HIS A 64 -42.57 -11.79 -17.32
CA HIS A 64 -43.29 -12.58 -16.33
C HIS A 64 -44.80 -12.41 -16.44
N MET A 65 -45.52 -13.51 -16.71
CA MET A 65 -46.96 -13.46 -16.94
C MET A 65 -47.68 -13.54 -15.59
N THR A 66 -47.56 -12.44 -14.83
CA THR A 66 -48.17 -12.26 -13.53
C THR A 66 -49.44 -11.45 -13.65
N ILE A 67 -50.17 -11.36 -12.53
CA ILE A 67 -51.33 -10.49 -12.47
C ILE A 67 -50.95 -9.06 -12.81
N GLN A 68 -49.76 -8.61 -12.37
CA GLN A 68 -49.33 -7.24 -12.64
C GLN A 68 -49.07 -7.03 -14.12
N THR A 69 -48.45 -8.00 -14.79
CA THR A 69 -48.27 -7.90 -16.24
C THR A 69 -49.61 -7.90 -16.95
N GLY A 70 -50.61 -8.59 -16.39
CA GLY A 70 -51.94 -8.56 -16.96
C GLY A 70 -52.50 -7.15 -17.05
N VAL A 71 -52.36 -6.36 -15.98
CA VAL A 71 -52.85 -4.99 -16.01
C VAL A 71 -52.06 -4.17 -17.03
N LEU A 72 -50.76 -4.44 -17.15
CA LEU A 72 -49.96 -3.80 -18.19
C LEU A 72 -50.46 -4.17 -19.58
N ILE A 73 -50.67 -5.46 -19.82
CA ILE A 73 -51.13 -5.92 -21.14
C ILE A 73 -52.44 -5.25 -21.51
N GLU A 74 -53.42 -5.28 -20.60
CA GLU A 74 -54.71 -4.71 -20.92
C GLU A 74 -54.68 -3.19 -20.99
N THR A 75 -53.67 -2.54 -20.40
CA THR A 75 -53.51 -1.11 -20.59
C THR A 75 -53.06 -0.80 -22.02
N LEU A 76 -52.06 -1.54 -22.52
CA LEU A 76 -51.61 -1.36 -23.90
C LEU A 76 -52.75 -1.63 -24.89
N VAL A 77 -53.51 -2.70 -24.67
CA VAL A 77 -54.64 -3.00 -25.53
C VAL A 77 -55.69 -1.88 -25.45
N ALA A 78 -55.94 -1.38 -24.24
CA ALA A 78 -56.90 -0.29 -24.08
C ALA A 78 -56.45 0.98 -24.78
N LEU A 79 -55.14 1.14 -25.00
CA LEU A 79 -54.63 2.30 -25.73
C LEU A 79 -54.53 2.04 -27.22
N GLY A 80 -54.96 0.89 -27.71
CA GLY A 80 -55.08 0.62 -29.13
C GLY A 80 -54.19 -0.48 -29.67
N ALA A 81 -53.32 -1.09 -28.86
CA ALA A 81 -52.33 -2.01 -29.41
C ALA A 81 -52.90 -3.42 -29.54
N GLU A 82 -52.30 -4.18 -30.46
CA GLU A 82 -52.35 -5.63 -30.46
C GLU A 82 -51.05 -6.16 -29.88
N VAL A 83 -51.12 -7.27 -29.16
CA VAL A 83 -49.97 -7.86 -28.50
C VAL A 83 -49.96 -9.37 -28.72
N ARG A 84 -48.77 -9.96 -28.61
CA ARG A 84 -48.59 -11.40 -28.48
C ARG A 84 -47.55 -11.62 -27.39
N TRP A 85 -47.88 -12.41 -26.37
CA TRP A 85 -47.17 -12.39 -25.10
C TRP A 85 -46.59 -13.73 -24.71
N SER A 86 -45.45 -13.68 -24.03
CA SER A 86 -44.84 -14.84 -23.38
C SER A 86 -44.17 -14.39 -22.09
N SER A 87 -43.89 -15.35 -21.21
CA SER A 87 -43.14 -15.02 -20.00
C SER A 87 -41.64 -15.06 -20.28
N CYS A 88 -40.88 -14.29 -19.50
CA CYS A 88 -39.44 -14.27 -19.64
C CYS A 88 -38.73 -15.20 -18.64
N ASN A 89 -39.48 -16.04 -17.94
CA ASN A 89 -38.88 -17.01 -17.02
C ASN A 89 -39.79 -18.23 -16.93
N ILE A 90 -39.17 -19.40 -16.78
CA ILE A 90 -39.94 -20.64 -16.82
C ILE A 90 -40.81 -20.84 -15.58
N PHE A 91 -40.52 -20.16 -14.47
CA PHE A 91 -41.26 -20.37 -13.22
C PHE A 91 -42.08 -19.17 -12.78
N SER A 92 -42.08 -18.07 -13.52
CA SER A 92 -42.61 -16.82 -12.99
C SER A 92 -44.09 -16.58 -13.30
N THR A 93 -44.66 -17.33 -14.24
CA THR A 93 -46.06 -17.14 -14.61
C THR A 93 -46.98 -17.46 -13.44
N GLN A 94 -48.05 -16.65 -13.30
CA GLN A 94 -49.20 -17.01 -12.49
C GLN A 94 -50.28 -17.54 -13.42
N ASP A 95 -50.60 -18.83 -13.29
CA ASP A 95 -51.46 -19.48 -14.28
C ASP A 95 -52.83 -18.82 -14.37
N GLN A 96 -53.34 -18.27 -13.27
CA GLN A 96 -54.65 -17.61 -13.32
C GLN A 96 -54.56 -16.28 -14.06
N ALA A 97 -53.40 -15.63 -14.06
CA ALA A 97 -53.24 -14.42 -14.86
C ALA A 97 -53.16 -14.75 -16.35
N ALA A 98 -52.33 -15.73 -16.70
CA ALA A 98 -52.27 -16.19 -18.08
C ALA A 98 -53.65 -16.59 -18.59
N ALA A 99 -54.42 -17.31 -17.76
CA ALA A 99 -55.75 -17.77 -18.16
C ALA A 99 -56.68 -16.59 -18.44
N ALA A 100 -56.69 -15.60 -17.55
CA ALA A 100 -57.58 -14.46 -17.75
C ALA A 100 -57.23 -13.69 -19.02
N ILE A 101 -55.93 -13.55 -19.32
CA ILE A 101 -55.53 -12.84 -20.53
C ILE A 101 -55.94 -13.63 -21.76
N ALA A 102 -55.78 -14.95 -21.73
CA ALA A 102 -56.22 -15.78 -22.85
C ALA A 102 -57.73 -15.69 -23.03
N ALA A 103 -58.47 -15.75 -21.92
CA ALA A 103 -59.93 -15.72 -21.99
C ALA A 103 -60.44 -14.41 -22.57
N ALA A 104 -59.66 -13.33 -22.48
CA ALA A 104 -60.00 -12.06 -23.09
C ALA A 104 -59.64 -11.99 -24.57
N GLY A 105 -59.23 -13.10 -25.17
CA GLY A 105 -58.90 -13.12 -26.58
C GLY A 105 -57.57 -12.49 -26.94
N ILE A 106 -56.59 -12.58 -26.04
CA ILE A 106 -55.26 -12.02 -26.25
C ILE A 106 -54.28 -13.16 -26.36
N PRO A 107 -53.47 -13.25 -27.42
CA PRO A 107 -52.55 -14.38 -27.58
C PRO A 107 -51.47 -14.37 -26.50
N VAL A 108 -51.41 -15.44 -25.72
CA VAL A 108 -50.47 -15.58 -24.63
C VAL A 108 -50.01 -17.03 -24.57
N PHE A 109 -48.71 -17.24 -24.37
CA PHE A 109 -48.12 -18.58 -24.33
C PHE A 109 -47.23 -18.62 -23.10
N ALA A 110 -47.77 -19.14 -21.99
CA ALA A 110 -47.10 -19.05 -20.69
C ALA A 110 -47.76 -19.94 -19.63
N TRP A 111 -46.94 -20.66 -18.88
CA TRP A 111 -47.41 -21.41 -17.73
C TRP A 111 -46.25 -21.60 -16.76
N LYS A 112 -46.59 -21.79 -15.48
CA LYS A 112 -45.58 -22.01 -14.46
C LYS A 112 -45.01 -23.41 -14.60
N GLY A 113 -43.68 -23.51 -14.64
CA GLY A 113 -43.03 -24.79 -14.74
C GLY A 113 -42.71 -25.25 -16.15
N GLU A 114 -42.42 -24.31 -17.06
CA GLU A 114 -42.04 -24.69 -18.42
C GLU A 114 -40.69 -25.38 -18.44
N THR A 115 -40.50 -26.28 -19.39
CA THR A 115 -39.15 -26.72 -19.72
C THR A 115 -38.43 -25.63 -20.49
N GLU A 116 -37.11 -25.75 -20.59
CA GLU A 116 -36.35 -24.82 -21.42
C GLU A 116 -36.82 -24.85 -22.87
N GLU A 117 -37.11 -26.06 -23.38
CA GLU A 117 -37.63 -26.18 -24.74
C GLU A 117 -38.98 -25.49 -24.89
N GLU A 118 -39.88 -25.69 -23.91
CA GLU A 118 -41.17 -25.01 -23.96
C GLU A 118 -41.01 -23.50 -23.86
N TYR A 119 -40.00 -23.04 -23.10
CA TYR A 119 -39.75 -21.60 -23.00
C TYR A 119 -39.45 -21.00 -24.36
N GLU A 120 -38.49 -21.59 -25.10
CA GLU A 120 -38.19 -21.09 -26.42
C GLU A 120 -39.41 -21.16 -27.34
N TRP A 121 -40.16 -22.26 -27.27
CA TRP A 121 -41.34 -22.43 -28.11
C TRP A 121 -42.36 -21.34 -27.85
N CYS A 122 -42.55 -20.95 -26.59
CA CYS A 122 -43.53 -19.91 -26.27
C CYS A 122 -43.14 -18.57 -26.90
N ILE A 123 -41.86 -18.21 -26.85
CA ILE A 123 -41.41 -16.98 -27.49
C ILE A 123 -41.66 -17.04 -28.99
N GLU A 124 -41.37 -18.18 -29.61
CA GLU A 124 -41.58 -18.31 -31.05
C GLU A 124 -43.05 -18.18 -31.41
N GLN A 125 -43.95 -18.66 -30.55
CA GLN A 125 -45.39 -18.52 -30.82
C GLN A 125 -45.83 -17.07 -30.82
N THR A 126 -45.11 -16.18 -30.12
CA THR A 126 -45.43 -14.77 -30.20
C THR A 126 -44.90 -14.18 -31.51
N ILE A 127 -43.70 -14.60 -31.92
CA ILE A 127 -43.06 -14.07 -33.13
C ILE A 127 -43.78 -14.56 -34.39
N LEU A 128 -44.30 -15.77 -34.37
CA LEU A 128 -44.96 -16.38 -35.52
C LEU A 128 -46.47 -16.43 -35.31
N LYS A 129 -47.22 -16.03 -36.33
CA LYS A 129 -48.67 -16.18 -36.35
C LYS A 129 -49.01 -17.05 -37.56
N ASP A 130 -49.69 -18.17 -37.32
CA ASP A 130 -50.05 -19.10 -38.38
C ASP A 130 -48.84 -19.51 -39.21
N GLY A 131 -47.73 -19.76 -38.53
CA GLY A 131 -46.53 -20.28 -39.18
C GLY A 131 -45.68 -19.25 -39.90
N GLN A 132 -46.05 -17.97 -39.87
CA GLN A 132 -45.34 -16.91 -40.57
C GLN A 132 -45.00 -15.81 -39.58
N PRO A 133 -43.95 -15.03 -39.83
CA PRO A 133 -43.65 -13.89 -38.96
C PRO A 133 -44.82 -12.93 -38.86
N TRP A 134 -45.27 -12.69 -37.63
CA TRP A 134 -46.24 -11.64 -37.35
C TRP A 134 -45.68 -10.28 -37.77
N ASP A 135 -46.55 -9.37 -38.16
CA ASP A 135 -46.09 -8.05 -38.57
C ASP A 135 -45.94 -7.13 -37.36
N ALA A 136 -45.06 -7.55 -36.45
CA ALA A 136 -44.78 -6.77 -35.26
C ALA A 136 -44.08 -5.46 -35.61
N ASN A 137 -44.28 -4.45 -34.76
CA ASN A 137 -43.54 -3.20 -34.93
C ASN A 137 -43.10 -2.60 -33.60
N MET A 138 -43.32 -3.29 -32.48
CA MET A 138 -42.87 -2.86 -31.17
C MET A 138 -42.45 -4.08 -30.36
N VAL A 139 -41.48 -3.88 -29.47
CA VAL A 139 -41.00 -4.94 -28.58
C VAL A 139 -41.00 -4.44 -27.15
N LEU A 140 -41.53 -5.27 -26.24
CA LEU A 140 -41.40 -5.05 -24.81
C LEU A 140 -40.72 -6.28 -24.24
N ASP A 141 -39.57 -6.09 -23.59
CA ASP A 141 -38.72 -7.18 -23.17
C ASP A 141 -38.28 -7.00 -21.72
N ASP A 142 -38.00 -8.12 -21.06
CA ASP A 142 -37.50 -8.13 -19.68
C ASP A 142 -36.37 -9.16 -19.63
N GLY A 143 -35.13 -8.69 -19.72
CA GLY A 143 -33.97 -9.56 -19.69
C GLY A 143 -33.28 -9.75 -21.02
N GLY A 144 -33.93 -9.40 -22.14
CA GLY A 144 -33.28 -9.42 -23.44
C GLY A 144 -33.36 -10.72 -24.22
N ASP A 145 -34.13 -11.70 -23.76
CA ASP A 145 -34.21 -12.98 -24.48
C ASP A 145 -34.92 -12.82 -25.82
N LEU A 146 -36.07 -12.11 -25.81
CA LEU A 146 -36.78 -11.87 -27.07
C LEU A 146 -35.97 -10.99 -28.01
N THR A 147 -35.34 -9.93 -27.47
CA THR A 147 -34.48 -9.07 -28.27
C THR A 147 -33.37 -9.87 -28.93
N GLU A 148 -32.79 -10.83 -28.21
CA GLU A 148 -31.70 -11.63 -28.76
C GLU A 148 -32.19 -12.57 -29.85
N ILE A 149 -33.36 -13.18 -29.64
CA ILE A 149 -33.91 -14.10 -30.63
C ILE A 149 -34.26 -13.37 -31.92
N LEU A 150 -34.81 -12.15 -31.81
CA LEU A 150 -35.13 -11.36 -32.99
C LEU A 150 -33.87 -11.01 -33.77
N HIS A 151 -32.85 -10.47 -33.09
CA HIS A 151 -31.65 -10.06 -33.79
C HIS A 151 -30.93 -11.23 -34.43
N LYS A 152 -30.94 -12.39 -33.78
CA LYS A 152 -30.19 -13.54 -34.24
C LYS A 152 -30.95 -14.38 -35.26
N LYS A 153 -32.26 -14.55 -35.08
CA LYS A 153 -33.03 -15.49 -35.89
C LYS A 153 -34.05 -14.83 -36.80
N TYR A 154 -34.49 -13.60 -36.49
CA TYR A 154 -35.50 -12.91 -37.31
C TYR A 154 -35.10 -11.47 -37.60
N PRO A 155 -33.90 -11.23 -38.15
CA PRO A 155 -33.49 -9.83 -38.39
C PRO A 155 -34.38 -9.09 -39.37
N GLN A 156 -35.09 -9.79 -40.26
CA GLN A 156 -35.97 -9.11 -41.20
C GLN A 156 -37.18 -8.49 -40.49
N MET A 157 -37.60 -9.07 -39.36
CA MET A 157 -38.70 -8.47 -38.61
C MET A 157 -38.30 -7.15 -37.97
N LEU A 158 -37.03 -7.00 -37.61
CA LEU A 158 -36.60 -5.77 -36.96
C LEU A 158 -36.65 -4.58 -37.90
N GLU A 159 -36.62 -4.82 -39.22
CA GLU A 159 -36.71 -3.72 -40.19
C GLU A 159 -38.00 -2.94 -40.04
N ARG A 160 -39.06 -3.58 -39.53
CA ARG A 160 -40.36 -2.93 -39.35
C ARG A 160 -40.62 -2.51 -37.90
N ILE A 161 -39.68 -2.75 -37.00
CA ILE A 161 -39.91 -2.53 -35.57
C ILE A 161 -39.37 -1.15 -35.19
N HIS A 162 -40.21 -0.36 -34.51
CA HIS A 162 -39.89 1.03 -34.20
C HIS A 162 -39.07 1.19 -32.93
N GLY A 163 -39.03 0.19 -32.05
CA GLY A 163 -38.27 0.32 -30.83
C GLY A 163 -38.47 -0.82 -29.84
N ILE A 164 -37.55 -0.89 -28.87
CA ILE A 164 -37.59 -1.86 -27.77
C ILE A 164 -37.70 -1.06 -26.47
N THR A 165 -38.58 -1.49 -25.59
CA THR A 165 -38.62 -0.94 -24.22
C THR A 165 -38.23 -2.05 -23.27
N GLU A 166 -37.06 -1.90 -22.62
CA GLU A 166 -36.42 -2.96 -21.85
C GLU A 166 -36.58 -2.72 -20.36
N GLU A 167 -36.99 -3.77 -19.64
CA GLU A 167 -37.46 -3.62 -18.26
C GLU A 167 -36.33 -3.62 -17.24
N THR A 168 -35.29 -4.43 -17.42
CA THR A 168 -34.44 -4.78 -16.30
C THR A 168 -32.96 -4.58 -16.59
N THR A 169 -32.18 -4.53 -15.50
CA THR A 169 -30.75 -4.18 -15.56
C THR A 169 -29.98 -5.08 -16.52
N THR A 170 -30.17 -6.39 -16.40
CA THR A 170 -29.45 -7.32 -17.28
C THR A 170 -29.79 -7.07 -18.75
N GLY A 171 -31.05 -6.76 -19.04
CA GLY A 171 -31.44 -6.51 -20.41
C GLY A 171 -30.79 -5.27 -20.98
N VAL A 172 -30.74 -4.19 -20.18
CA VAL A 172 -30.11 -2.95 -20.61
C VAL A 172 -28.64 -3.19 -20.94
N HIS A 173 -27.94 -3.91 -20.08
CA HIS A 173 -26.53 -4.22 -20.34
C HIS A 173 -26.36 -4.94 -21.66
N ARG A 174 -27.24 -5.89 -21.96
CA ARG A 174 -27.16 -6.59 -23.25
C ARG A 174 -27.43 -5.63 -24.40
N LEU A 175 -28.33 -4.66 -24.21
CA LEU A 175 -28.58 -3.66 -25.25
C LEU A 175 -27.35 -2.79 -25.49
N LEU A 176 -26.72 -2.33 -24.41
CA LEU A 176 -25.56 -1.46 -24.54
C LEU A 176 -24.38 -2.20 -25.16
N ASP A 177 -24.25 -3.51 -24.89
CA ASP A 177 -23.23 -4.29 -25.56
C ASP A 177 -23.47 -4.34 -27.07
N MET A 178 -24.73 -4.53 -27.48
CA MET A 178 -25.05 -4.53 -28.91
C MET A 178 -24.77 -3.15 -29.51
N LEU A 179 -25.13 -2.09 -28.80
CA LEU A 179 -24.93 -0.74 -29.32
C LEU A 179 -23.45 -0.48 -29.60
N LYS A 180 -22.57 -0.79 -28.65
CA LYS A 180 -21.16 -0.54 -28.87
C LYS A 180 -20.57 -1.44 -29.96
N ASN A 181 -21.17 -2.62 -30.17
CA ASN A 181 -20.72 -3.51 -31.24
C ASN A 181 -21.35 -3.18 -32.58
N GLY A 182 -22.21 -2.17 -32.65
CA GLY A 182 -22.86 -1.85 -33.90
C GLY A 182 -23.81 -2.92 -34.40
N THR A 183 -24.36 -3.73 -33.50
CA THR A 183 -25.26 -4.81 -33.87
C THR A 183 -26.71 -4.58 -33.43
N LEU A 184 -26.98 -3.50 -32.69
CA LEU A 184 -28.35 -3.16 -32.34
C LEU A 184 -29.04 -2.54 -33.55
N LYS A 185 -30.24 -3.04 -33.87
CA LYS A 185 -30.93 -2.65 -35.10
C LYS A 185 -32.02 -1.61 -34.90
N VAL A 186 -32.58 -1.48 -33.70
CA VAL A 186 -33.65 -0.50 -33.44
C VAL A 186 -33.35 0.20 -32.13
N PRO A 187 -33.87 1.42 -31.98
CA PRO A 187 -33.64 2.17 -30.73
C PRO A 187 -34.36 1.51 -29.56
N ALA A 188 -33.86 1.81 -28.36
CA ALA A 188 -34.45 1.27 -27.15
C ALA A 188 -34.60 2.36 -26.11
N ILE A 189 -35.59 2.19 -25.24
CA ILE A 189 -35.71 2.99 -24.03
C ILE A 189 -35.35 2.09 -22.85
N ASN A 190 -34.39 2.55 -22.06
CA ASN A 190 -33.98 1.90 -20.82
C ASN A 190 -35.03 2.26 -19.76
N VAL A 191 -36.00 1.37 -19.56
CA VAL A 191 -37.03 1.62 -18.56
C VAL A 191 -36.47 1.43 -17.16
N ASN A 192 -35.46 0.55 -17.02
CA ASN A 192 -34.93 0.24 -15.70
C ASN A 192 -34.51 1.50 -14.94
N ASP A 193 -33.92 2.47 -15.64
CA ASP A 193 -33.25 3.57 -14.97
C ASP A 193 -34.13 4.81 -14.78
N SER A 194 -35.44 4.70 -14.95
CA SER A 194 -36.32 5.65 -14.30
C SER A 194 -36.19 5.47 -12.79
N VAL A 195 -36.21 6.58 -12.04
CA VAL A 195 -36.14 6.44 -10.59
C VAL A 195 -37.37 5.70 -10.06
N THR A 196 -38.55 5.97 -10.65
CA THR A 196 -39.74 5.24 -10.25
C THR A 196 -39.73 3.80 -10.71
N LYS A 197 -38.65 3.35 -11.36
CA LYS A 197 -38.43 1.94 -11.62
C LYS A 197 -37.26 1.45 -10.77
N SER A 198 -36.03 1.87 -11.08
CA SER A 198 -34.84 1.34 -10.43
C SER A 198 -34.93 1.40 -8.90
N LYS A 199 -35.22 2.59 -8.37
CA LYS A 199 -35.20 2.79 -6.93
C LYS A 199 -36.56 2.56 -6.29
N ASN A 200 -37.40 1.76 -6.95
CA ASN A 200 -38.73 1.40 -6.49
C ASN A 200 -38.88 -0.11 -6.61
N ASP A 201 -39.02 -0.56 -7.83
CA ASP A 201 -39.01 -1.96 -8.25
C ASP A 201 -37.80 -2.72 -7.72
N ASN A 202 -36.60 -2.37 -8.20
CA ASN A 202 -35.44 -3.21 -7.94
C ASN A 202 -35.14 -3.29 -6.45
N LYS A 203 -35.32 -2.19 -5.72
CA LYS A 203 -34.99 -2.15 -4.29
C LYS A 203 -36.18 -2.57 -3.43
N TYR A 204 -37.24 -1.77 -3.42
CA TYR A 204 -38.38 -2.03 -2.55
C TYR A 204 -39.15 -3.28 -2.95
N GLY A 205 -39.18 -3.61 -4.25
CA GLY A 205 -39.84 -4.84 -4.66
C GLY A 205 -39.20 -6.08 -4.06
N CYS A 206 -37.87 -6.13 -4.05
CA CYS A 206 -37.18 -7.28 -3.46
C CYS A 206 -37.28 -7.26 -1.94
N ARG A 207 -37.38 -6.07 -1.34
CA ARG A 207 -37.65 -5.98 0.09
C ARG A 207 -38.94 -6.70 0.45
N HIS A 208 -39.98 -6.52 -0.37
CA HIS A 208 -41.26 -7.16 -0.10
C HIS A 208 -41.23 -8.65 -0.41
N SER A 209 -40.64 -9.05 -1.53
CA SER A 209 -40.88 -10.38 -2.08
C SER A 209 -39.79 -11.40 -1.78
N LEU A 210 -38.61 -10.99 -1.32
CA LEU A 210 -37.57 -11.98 -1.03
C LEU A 210 -37.93 -12.82 0.19
N ASN A 211 -38.19 -12.18 1.34
CA ASN A 211 -38.57 -12.99 2.51
CA ASN A 211 -38.59 -12.96 2.53
C ASN A 211 -39.92 -13.67 2.30
N ASP A 212 -40.78 -13.07 1.46
CA ASP A 212 -42.04 -13.70 1.06
C ASP A 212 -41.79 -15.06 0.45
N ALA A 213 -40.88 -15.14 -0.54
CA ALA A 213 -40.63 -16.38 -1.25
C ALA A 213 -39.96 -17.43 -0.34
N ILE A 214 -39.02 -17.00 0.49
CA ILE A 214 -38.35 -17.96 1.38
C ILE A 214 -39.36 -18.58 2.34
N LYS A 215 -40.28 -17.76 2.88
CA LYS A 215 -41.30 -18.28 3.79
C LYS A 215 -42.21 -19.28 3.09
N ARG A 216 -42.66 -18.97 1.87
CA ARG A 216 -43.55 -19.90 1.16
C ARG A 216 -42.83 -21.21 0.85
N GLY A 217 -41.56 -21.13 0.49
CA GLY A 217 -40.84 -22.34 0.09
C GLY A 217 -40.47 -23.22 1.27
N THR A 218 -40.01 -22.62 2.38
CA THR A 218 -39.46 -23.35 3.50
C THR A 218 -40.22 -23.19 4.81
N ASP A 219 -40.95 -22.09 4.98
CA ASP A 219 -41.57 -21.76 6.27
C ASP A 219 -40.54 -21.71 7.39
N HIS A 220 -39.28 -21.44 7.04
CA HIS A 220 -38.21 -21.29 8.02
C HIS A 220 -38.36 -19.98 8.79
N LEU A 221 -38.16 -20.06 10.10
CA LEU A 221 -37.87 -18.87 10.87
C LEU A 221 -36.59 -18.24 10.33
N LEU A 222 -36.61 -16.91 10.19
CA LEU A 222 -35.44 -16.17 9.75
C LEU A 222 -34.76 -15.39 10.88
N SER A 223 -35.55 -14.87 11.84
CA SER A 223 -34.99 -14.16 12.98
C SER A 223 -33.90 -15.00 13.65
N GLY A 224 -32.74 -14.37 13.87
CA GLY A 224 -31.68 -14.98 14.64
C GLY A 224 -30.68 -15.80 13.85
N LYS A 225 -30.97 -16.12 12.58
CA LYS A 225 -30.08 -16.89 11.75
C LYS A 225 -29.21 -15.99 10.88
N GLN A 226 -28.21 -16.59 10.24
CA GLN A 226 -27.15 -15.85 9.57
C GLN A 226 -27.34 -15.90 8.06
N ALA A 227 -27.38 -14.72 7.43
CA ALA A 227 -27.54 -14.61 5.98
C ALA A 227 -26.29 -13.98 5.37
N LEU A 228 -26.00 -14.40 4.13
CA LEU A 228 -24.95 -13.77 3.33
C LEU A 228 -25.57 -13.35 2.01
N VAL A 229 -25.60 -12.04 1.77
CA VAL A 229 -26.13 -11.50 0.52
C VAL A 229 -24.94 -11.13 -0.37
N ILE A 230 -24.91 -11.67 -1.57
CA ILE A 230 -23.86 -11.39 -2.53
C ILE A 230 -24.34 -10.25 -3.42
N GLY A 231 -23.70 -9.09 -3.31
CA GLY A 231 -24.10 -7.93 -4.07
C GLY A 231 -24.86 -6.94 -3.22
N TYR A 232 -24.67 -5.65 -3.52
CA TYR A 232 -25.35 -4.59 -2.79
C TYR A 232 -25.68 -3.43 -3.74
N GLY A 233 -26.08 -3.77 -4.97
CA GLY A 233 -26.72 -2.81 -5.85
C GLY A 233 -28.15 -2.59 -5.40
N ASP A 234 -29.04 -2.19 -6.32
CA ASP A 234 -30.43 -1.95 -5.91
C ASP A 234 -31.08 -3.23 -5.40
N VAL A 235 -30.89 -4.35 -6.10
CA VAL A 235 -31.47 -5.62 -5.67
C VAL A 235 -30.84 -6.08 -4.36
N GLY A 236 -29.52 -5.93 -4.22
CA GLY A 236 -28.87 -6.35 -2.99
C GLY A 236 -29.26 -5.48 -1.80
N LYS A 237 -29.46 -4.18 -2.04
CA LYS A 237 -29.96 -3.31 -0.99
C LYS A 237 -31.34 -3.76 -0.51
N GLY A 238 -32.26 -4.00 -1.44
CA GLY A 238 -33.60 -4.43 -1.06
C GLY A 238 -33.61 -5.78 -0.39
N SER A 239 -32.82 -6.72 -0.91
CA SER A 239 -32.78 -8.07 -0.35
C SER A 239 -32.22 -8.06 1.06
N SER A 240 -31.12 -7.32 1.28
CA SER A 240 -30.53 -7.25 2.61
C SER A 240 -31.53 -6.72 3.62
N GLN A 241 -32.32 -5.71 3.24
CA GLN A 241 -33.34 -5.18 4.12
C GLN A 241 -34.46 -6.19 4.35
N SER A 242 -34.89 -6.88 3.29
CA SER A 242 -35.90 -7.93 3.43
C SER A 242 -35.54 -8.90 4.55
N LEU A 243 -34.26 -9.22 4.69
CA LEU A 243 -33.79 -10.18 5.67
C LEU A 243 -33.48 -9.53 7.02
N ARG A 244 -32.88 -8.34 7.03
CA ARG A 244 -32.56 -7.68 8.28
C ARG A 244 -33.82 -7.25 9.03
N GLN A 245 -34.87 -6.84 8.30
CA GLN A 245 -36.10 -6.45 8.99
C GLN A 245 -36.79 -7.64 9.64
N GLU A 246 -36.51 -8.86 9.18
CA GLU A 246 -37.00 -10.08 9.81
C GLU A 246 -36.16 -10.51 11.00
N GLY A 247 -35.08 -9.81 11.31
CA GLY A 247 -34.20 -10.19 12.40
C GLY A 247 -33.02 -11.06 12.03
N MET A 248 -32.70 -11.19 10.75
CA MET A 248 -31.50 -11.95 10.38
C MET A 248 -30.25 -11.12 10.69
N ILE A 249 -29.16 -11.83 10.98
CA ILE A 249 -27.83 -11.22 11.04
C ILE A 249 -27.26 -11.31 9.63
N VAL A 250 -27.18 -10.18 8.93
CA VAL A 250 -26.91 -10.16 7.50
C VAL A 250 -25.48 -9.67 7.24
N LYS A 251 -24.72 -10.45 6.49
CA LYS A 251 -23.41 -10.05 5.98
C LYS A 251 -23.52 -9.82 4.48
N VAL A 252 -22.74 -8.88 3.97
CA VAL A 252 -22.84 -8.43 2.57
C VAL A 252 -21.49 -8.58 1.89
N ALA A 253 -21.51 -9.12 0.67
CA ALA A 253 -20.33 -9.18 -0.18
C ALA A 253 -20.51 -8.23 -1.35
N GLU A 254 -19.43 -7.55 -1.73
CA GLU A 254 -19.44 -6.66 -2.89
C GLU A 254 -18.07 -6.67 -3.56
N VAL A 255 -18.07 -6.37 -4.86
CA VAL A 255 -16.84 -5.99 -5.56
C VAL A 255 -16.72 -4.49 -5.75
N ASP A 256 -17.81 -3.74 -5.54
CA ASP A 256 -17.82 -2.30 -5.77
C ASP A 256 -17.60 -1.62 -4.42
N PRO A 257 -16.48 -0.91 -4.24
CA PRO A 257 -16.20 -0.33 -2.91
C PRO A 257 -17.22 0.71 -2.48
N ILE A 258 -17.82 1.45 -3.43
CA ILE A 258 -18.81 2.45 -3.05
C ILE A 258 -20.05 1.78 -2.49
N CYS A 259 -20.55 0.75 -3.18
CA CYS A 259 -21.67 -0.02 -2.66
C CYS A 259 -21.33 -0.67 -1.33
N ALA A 260 -20.10 -1.17 -1.18
CA ALA A 260 -19.68 -1.75 0.09
C ALA A 260 -19.67 -0.70 1.20
N MET A 261 -19.28 0.53 0.87
N MET A 261 -19.27 0.54 0.87
CA MET A 261 -19.32 1.61 1.86
CA MET A 261 -19.32 1.62 1.84
C MET A 261 -20.75 1.84 2.36
C MET A 261 -20.74 1.82 2.36
N GLN A 262 -21.73 1.77 1.46
CA GLN A 262 -23.12 1.92 1.87
C GLN A 262 -23.56 0.79 2.79
N ALA A 263 -23.14 -0.44 2.48
CA ALA A 263 -23.49 -1.58 3.34
C ALA A 263 -22.97 -1.38 4.75
N CYS A 264 -21.73 -0.91 4.89
CA CYS A 264 -21.20 -0.60 6.23
C CYS A 264 -22.06 0.44 6.93
N MET A 265 -22.31 1.58 6.26
CA MET A 265 -23.07 2.65 6.88
C MET A 265 -24.50 2.23 7.17
N ASP A 266 -25.05 1.31 6.39
CA ASP A 266 -26.39 0.78 6.65
C ASP A 266 -26.42 -0.23 7.78
N GLY A 267 -25.28 -0.53 8.39
CA GLY A 267 -25.23 -1.39 9.55
C GLY A 267 -24.90 -2.84 9.26
N PHE A 268 -24.28 -3.14 8.13
CA PHE A 268 -23.95 -4.50 7.75
C PHE A 268 -22.45 -4.73 7.81
N GLU A 269 -22.08 -5.96 8.16
CA GLU A 269 -20.68 -6.39 8.08
C GLU A 269 -20.39 -6.85 6.66
N VAL A 270 -19.34 -6.29 6.06
CA VAL A 270 -18.96 -6.60 4.69
C VAL A 270 -17.85 -7.63 4.71
N VAL A 271 -18.09 -8.77 4.05
CA VAL A 271 -17.20 -9.92 4.09
C VAL A 271 -17.07 -10.46 2.67
N SER A 272 -16.13 -11.38 2.49
CA SER A 272 -15.93 -12.03 1.20
C SER A 272 -15.94 -13.53 1.38
N PRO A 273 -16.54 -14.28 0.43
CA PRO A 273 -16.42 -15.74 0.47
C PRO A 273 -14.98 -16.24 0.41
N TYR A 274 -14.04 -15.40 -0.04
CA TYR A 274 -12.67 -15.80 -0.27
C TYR A 274 -11.74 -15.05 0.67
N LYS A 275 -10.69 -15.75 1.12
CA LYS A 275 -9.69 -15.14 1.98
C LYS A 275 -9.06 -13.94 1.29
N ASN A 276 -9.12 -12.78 1.95
CA ASN A 276 -8.61 -11.52 1.43
C ASN A 276 -9.31 -11.10 0.14
N GLY A 277 -10.45 -11.71 -0.16
CA GLY A 277 -11.23 -11.39 -1.34
C GLY A 277 -10.71 -11.97 -2.63
N ILE A 278 -9.76 -12.89 -2.57
CA ILE A 278 -9.05 -13.36 -3.77
C ILE A 278 -9.58 -14.72 -4.16
N ASN A 279 -10.21 -14.77 -5.33
CA ASN A 279 -10.87 -15.94 -5.88
C ASN A 279 -9.92 -16.58 -6.89
N ASP A 280 -9.05 -17.46 -6.39
CA ASP A 280 -8.06 -18.10 -7.25
C ASP A 280 -8.51 -19.45 -7.78
N GLY A 281 -9.77 -19.83 -7.55
CA GLY A 281 -10.32 -21.05 -8.08
C GLY A 281 -10.09 -22.30 -7.26
N THR A 282 -9.27 -22.24 -6.22
CA THR A 282 -8.98 -23.42 -5.41
C THR A 282 -9.86 -23.45 -4.17
N GLU A 283 -9.99 -24.65 -3.60
CA GLU A 283 -10.75 -24.80 -2.37
C GLU A 283 -10.06 -24.09 -1.21
N ALA A 284 -8.73 -23.92 -1.30
CA ALA A 284 -7.99 -23.25 -0.24
C ALA A 284 -8.36 -21.79 -0.07
N SER A 285 -8.88 -21.15 -1.12
CA SER A 285 -9.24 -19.74 -1.03
C SER A 285 -10.55 -19.50 -0.29
N ILE A 286 -11.34 -20.55 -0.04
CA ILE A 286 -12.65 -20.39 0.58
C ILE A 286 -12.47 -20.10 2.07
N ASP A 287 -13.07 -19.00 2.53
CA ASP A 287 -13.18 -18.76 3.96
C ASP A 287 -14.20 -19.76 4.51
N ALA A 288 -13.70 -20.97 4.79
CA ALA A 288 -14.57 -22.05 5.22
C ALA A 288 -15.21 -21.78 6.57
N ALA A 289 -14.49 -21.08 7.46
CA ALA A 289 -15.06 -20.71 8.74
C ALA A 289 -16.30 -19.85 8.56
N LEU A 290 -16.23 -18.87 7.65
CA LEU A 290 -17.37 -17.98 7.44
C LEU A 290 -18.56 -18.72 6.83
N LEU A 291 -18.31 -19.50 5.77
CA LEU A 291 -19.41 -20.15 5.08
C LEU A 291 -20.07 -21.24 5.93
N GLY A 292 -19.30 -21.87 6.81
CA GLY A 292 -19.85 -22.87 7.72
C GLY A 292 -20.81 -22.32 8.75
N LYS A 293 -20.92 -20.99 8.87
CA LYS A 293 -21.85 -20.35 9.79
C LYS A 293 -23.09 -19.80 9.10
N ILE A 294 -23.20 -19.94 7.78
CA ILE A 294 -24.22 -19.24 7.01
C ILE A 294 -25.44 -20.14 6.86
N ASP A 295 -26.61 -19.62 7.24
CA ASP A 295 -27.85 -20.36 7.09
C ASP A 295 -28.55 -20.08 5.78
N LEU A 296 -28.24 -18.96 5.12
CA LEU A 296 -28.95 -18.54 3.93
C LEU A 296 -28.02 -17.69 3.08
N ILE A 297 -27.94 -18.00 1.79
CA ILE A 297 -27.17 -17.18 0.86
C ILE A 297 -28.09 -16.78 -0.30
N VAL A 298 -28.00 -15.51 -0.69
CA VAL A 298 -28.83 -14.93 -1.74
C VAL A 298 -27.91 -14.20 -2.71
N THR A 299 -28.03 -14.51 -4.01
CA THR A 299 -27.24 -13.84 -5.03
C THR A 299 -28.08 -12.76 -5.70
N THR A 300 -27.48 -11.57 -5.89
CA THR A 300 -28.21 -10.40 -6.37
C THR A 300 -27.45 -9.63 -7.45
N THR A 301 -26.50 -10.27 -8.14
CA THR A 301 -25.46 -9.53 -8.85
C THR A 301 -25.73 -9.29 -10.32
N GLY A 302 -26.45 -10.17 -11.01
CA GLY A 302 -26.41 -10.11 -12.46
C GLY A 302 -25.12 -10.60 -13.06
N ASN A 303 -24.22 -11.15 -12.26
CA ASN A 303 -22.94 -11.68 -12.69
C ASN A 303 -23.01 -13.20 -12.76
N VAL A 304 -21.88 -13.83 -13.07
CA VAL A 304 -21.82 -15.28 -13.29
C VAL A 304 -21.00 -15.93 -12.18
N ASN A 305 -21.52 -17.04 -11.66
CA ASN A 305 -20.80 -17.91 -10.73
C ASN A 305 -20.33 -17.15 -9.48
N VAL A 306 -21.24 -16.39 -8.87
CA VAL A 306 -20.90 -15.67 -7.64
C VAL A 306 -21.21 -16.49 -6.40
N CYS A 307 -21.90 -17.63 -6.54
CA CYS A 307 -21.99 -18.66 -5.50
C CYS A 307 -21.48 -19.94 -6.16
N ASP A 308 -20.16 -20.12 -6.15
CA ASP A 308 -19.51 -21.15 -6.95
C ASP A 308 -19.50 -22.50 -6.24
N ALA A 309 -18.92 -23.51 -6.91
CA ALA A 309 -18.96 -24.88 -6.42
C ALA A 309 -18.23 -25.03 -5.08
N ASN A 310 -17.06 -24.39 -4.95
CA ASN A 310 -16.32 -24.48 -3.69
C ASN A 310 -17.08 -23.83 -2.54
N MET A 311 -17.81 -22.75 -2.82
CA MET A 311 -18.67 -22.15 -1.80
C MET A 311 -19.78 -23.10 -1.41
N LEU A 312 -20.43 -23.72 -2.41
CA LEU A 312 -21.51 -24.66 -2.12
C LEU A 312 -21.03 -25.84 -1.30
N LYS A 313 -19.79 -26.27 -1.50
CA LYS A 313 -19.24 -27.37 -0.71
C LYS A 313 -19.01 -26.96 0.74
N ALA A 314 -18.69 -25.70 0.99
CA ALA A 314 -18.32 -25.25 2.33
C ALA A 314 -19.49 -24.77 3.16
N LEU A 315 -20.67 -24.58 2.55
CA LEU A 315 -21.80 -24.02 3.27
C LEU A 315 -22.23 -24.92 4.43
N LYS A 316 -22.75 -24.27 5.48
CA LYS A 316 -23.31 -24.98 6.63
C LYS A 316 -24.40 -25.96 6.18
N LYS A 317 -24.45 -27.12 6.83
CA LYS A 317 -25.48 -28.11 6.54
C LYS A 317 -26.87 -27.49 6.65
N ARG A 318 -27.74 -27.85 5.71
CA ARG A 318 -29.15 -27.45 5.67
C ARG A 318 -29.33 -25.97 5.41
N ALA A 319 -28.30 -25.29 4.92
CA ALA A 319 -28.44 -23.91 4.50
C ALA A 319 -29.36 -23.81 3.29
N VAL A 320 -29.98 -22.64 3.13
CA VAL A 320 -30.84 -22.35 1.98
C VAL A 320 -30.04 -21.55 0.98
N VAL A 321 -30.21 -21.88 -0.31
CA VAL A 321 -29.49 -21.27 -1.42
C VAL A 321 -30.52 -20.73 -2.41
N CYS A 322 -30.44 -19.44 -2.74
CA CYS A 322 -31.36 -18.91 -3.73
C CYS A 322 -30.75 -17.73 -4.47
N ASN A 323 -31.38 -17.41 -5.61
CA ASN A 323 -30.94 -16.35 -6.51
C ASN A 323 -32.11 -15.45 -6.86
N ILE A 324 -31.87 -14.15 -6.84
CA ILE A 324 -32.88 -13.16 -7.17
C ILE A 324 -32.44 -12.22 -8.29
N GLY A 325 -31.23 -12.43 -8.84
CA GLY A 325 -30.86 -11.82 -10.11
C GLY A 325 -31.56 -12.51 -11.29
N HIS A 326 -31.36 -11.96 -12.49
CA HIS A 326 -32.23 -12.34 -13.61
C HIS A 326 -32.02 -13.79 -14.05
N PHE A 327 -30.77 -14.26 -14.11
CA PHE A 327 -30.48 -15.58 -14.66
C PHE A 327 -29.93 -16.51 -13.58
N ASP A 328 -30.14 -17.81 -13.77
CA ASP A 328 -29.75 -18.82 -12.79
C ASP A 328 -28.25 -19.10 -12.75
N ASN A 329 -27.46 -18.53 -13.64
CA ASN A 329 -26.03 -18.83 -13.64
C ASN A 329 -25.25 -18.07 -12.55
N GLU A 330 -25.93 -17.33 -11.67
CA GLU A 330 -25.24 -16.78 -10.52
C GLU A 330 -24.76 -17.89 -9.58
N ILE A 331 -25.51 -18.98 -9.51
CA ILE A 331 -25.18 -20.14 -8.70
C ILE A 331 -24.72 -21.25 -9.62
N ASP A 332 -23.70 -22.00 -9.21
CA ASP A 332 -23.23 -23.13 -10.03
C ASP A 332 -24.13 -24.34 -9.77
N THR A 333 -25.37 -24.24 -10.26
CA THR A 333 -26.30 -25.36 -10.13
C THR A 333 -25.91 -26.54 -11.01
N ALA A 334 -25.14 -26.30 -12.08
CA ALA A 334 -24.71 -27.40 -12.94
C ALA A 334 -23.77 -28.33 -12.19
N PHE A 335 -22.84 -27.78 -11.42
CA PHE A 335 -22.01 -28.59 -10.54
C PHE A 335 -22.86 -29.49 -9.66
N MET A 336 -23.97 -28.95 -9.13
CA MET A 336 -24.79 -29.73 -8.20
C MET A 336 -25.59 -30.81 -8.93
N ARG A 337 -26.06 -30.52 -10.16
CA ARG A 337 -26.71 -31.56 -10.95
C ARG A 337 -25.73 -32.68 -11.28
N LYS A 338 -24.47 -32.34 -11.53
CA LYS A 338 -23.48 -33.33 -11.92
C LYS A 338 -23.07 -34.22 -10.75
N ASN A 339 -23.05 -33.69 -9.53
CA ASN A 339 -22.38 -34.34 -8.42
C ASN A 339 -23.27 -34.79 -7.28
N TRP A 340 -24.42 -34.15 -7.07
CA TRP A 340 -25.22 -34.36 -5.87
C TRP A 340 -26.63 -34.82 -6.24
N ALA A 341 -27.28 -35.48 -5.29
CA ALA A 341 -28.60 -36.07 -5.51
C ALA A 341 -29.70 -35.11 -5.10
N TRP A 342 -30.71 -34.95 -5.97
CA TRP A 342 -31.78 -33.98 -5.77
C TRP A 342 -33.03 -34.69 -5.29
N GLU A 343 -33.56 -34.24 -4.14
CA GLU A 343 -34.83 -34.71 -3.60
C GLU A 343 -35.83 -33.56 -3.68
N GLU A 344 -36.91 -33.75 -4.42
CA GLU A 344 -37.93 -32.71 -4.50
C GLU A 344 -38.77 -32.75 -3.24
N VAL A 345 -38.85 -31.62 -2.54
CA VAL A 345 -39.75 -31.48 -1.41
C VAL A 345 -41.16 -31.18 -1.89
N LYS A 346 -41.27 -30.22 -2.79
CA LYS A 346 -42.49 -29.79 -3.45
C LYS A 346 -42.04 -28.94 -4.62
N PRO A 347 -42.93 -28.52 -5.53
CA PRO A 347 -42.48 -27.75 -6.70
C PRO A 347 -41.63 -26.55 -6.31
N GLN A 348 -40.50 -26.41 -7.01
CA GLN A 348 -39.54 -25.31 -6.84
C GLN A 348 -38.85 -25.31 -5.47
N VAL A 349 -38.79 -26.47 -4.80
CA VAL A 349 -38.04 -26.62 -3.55
C VAL A 349 -37.34 -27.97 -3.60
N HIS A 350 -36.01 -27.96 -3.58
CA HIS A 350 -35.24 -29.20 -3.68
C HIS A 350 -34.22 -29.29 -2.56
N LYS A 351 -34.14 -30.46 -1.92
CA LYS A 351 -33.03 -30.81 -1.07
C LYS A 351 -31.94 -31.44 -1.93
N ILE A 352 -30.72 -30.93 -1.81
CA ILE A 352 -29.60 -31.39 -2.62
C ILE A 352 -28.62 -32.07 -1.67
N HIS A 353 -28.52 -33.39 -1.79
CA HIS A 353 -27.80 -34.23 -0.85
C HIS A 353 -26.33 -34.29 -1.24
N ARG A 354 -25.46 -33.73 -0.41
CA ARG A 354 -24.03 -33.63 -0.72
C ARG A 354 -23.29 -34.94 -0.48
N THR A 355 -24.00 -36.04 -0.23
CA THR A 355 -23.39 -37.32 0.06
C THR A 355 -23.03 -38.13 -1.18
N GLY A 356 -23.52 -37.74 -2.35
CA GLY A 356 -23.23 -38.48 -3.57
C GLY A 356 -24.31 -38.26 -4.60
N LYS A 357 -24.03 -38.74 -5.82
CA LYS A 357 -24.90 -38.47 -6.96
C LYS A 357 -26.00 -39.53 -7.13
N ASP A 358 -25.69 -40.80 -6.87
CA ASP A 358 -26.62 -41.87 -7.20
C ASP A 358 -27.88 -41.82 -6.35
N GLY A 359 -27.80 -42.28 -5.11
CA GLY A 359 -28.94 -42.28 -4.21
C GLY A 359 -28.82 -41.23 -3.13
N PHE A 360 -29.80 -41.24 -2.23
CA PHE A 360 -29.73 -40.45 -1.01
C PHE A 360 -30.50 -41.18 0.08
N ASP A 361 -30.05 -41.00 1.32
CA ASP A 361 -30.80 -41.44 2.48
C ASP A 361 -31.86 -40.39 2.79
N ALA A 362 -33.11 -40.83 2.97
CA ALA A 362 -34.19 -39.89 3.26
C ALA A 362 -33.96 -39.13 4.56
N HIS A 363 -33.11 -39.65 5.45
CA HIS A 363 -32.82 -39.01 6.72
C HIS A 363 -31.40 -38.46 6.80
N ASN A 364 -30.74 -38.29 5.65
CA ASN A 364 -29.43 -37.66 5.60
C ASN A 364 -29.52 -36.22 6.08
N ASP A 365 -28.51 -35.78 6.84
CA ASP A 365 -28.51 -34.43 7.39
C ASP A 365 -27.64 -33.47 6.60
N ASP A 366 -26.79 -33.96 5.70
CA ASP A 366 -25.89 -33.12 4.91
C ASP A 366 -26.55 -32.81 3.57
N TYR A 367 -27.40 -31.77 3.55
CA TYR A 367 -28.05 -31.33 2.33
C TYR A 367 -28.18 -29.81 2.33
N LEU A 368 -28.43 -29.26 1.15
CA LEU A 368 -28.80 -27.86 0.98
C LEU A 368 -30.21 -27.80 0.41
N ILE A 369 -30.91 -26.71 0.71
CA ILE A 369 -32.22 -26.46 0.12
C ILE A 369 -32.04 -25.39 -0.96
N LEU A 370 -32.25 -25.78 -2.20
CA LEU A 370 -32.23 -24.86 -3.33
C LEU A 370 -33.66 -24.48 -3.68
N LEU A 371 -33.89 -23.19 -3.92
CA LEU A 371 -35.21 -22.68 -4.26
C LEU A 371 -35.28 -22.33 -5.74
N ALA A 372 -36.38 -22.73 -6.38
CA ALA A 372 -36.67 -22.40 -7.78
C ALA A 372 -35.53 -22.81 -8.70
N GLU A 373 -34.79 -23.87 -8.33
CA GLU A 373 -33.67 -24.39 -9.11
C GLU A 373 -32.72 -23.27 -9.54
N GLY A 374 -32.55 -22.27 -8.68
CA GLY A 374 -31.66 -21.17 -8.94
C GLY A 374 -32.22 -20.04 -9.78
N ARG A 375 -33.47 -20.15 -10.24
CA ARG A 375 -34.12 -19.06 -10.95
C ARG A 375 -34.62 -18.01 -9.98
N LEU A 376 -34.96 -16.82 -10.52
CA LEU A 376 -35.49 -15.69 -9.76
C LEU A 376 -36.43 -16.16 -8.68
N VAL A 377 -36.01 -16.04 -7.42
CA VAL A 377 -36.74 -16.74 -6.36
C VAL A 377 -38.01 -16.00 -5.98
N ASN A 378 -38.02 -14.66 -6.01
CA ASN A 378 -39.24 -13.96 -5.62
C ASN A 378 -40.41 -14.34 -6.52
N LEU A 379 -40.15 -14.55 -7.81
CA LEU A 379 -41.19 -14.97 -8.73
C LEU A 379 -41.39 -16.48 -8.78
N GLY A 380 -40.33 -17.25 -8.50
CA GLY A 380 -40.45 -18.70 -8.56
C GLY A 380 -41.21 -19.29 -7.39
N ASN A 381 -40.94 -18.81 -6.18
CA ASN A 381 -41.57 -19.37 -4.98
C ASN A 381 -42.66 -18.49 -4.39
N ALA A 382 -42.85 -17.27 -4.91
CA ALA A 382 -44.00 -16.47 -4.50
C ALA A 382 -44.63 -15.80 -5.74
N THR A 383 -44.95 -14.50 -5.67
CA THR A 383 -45.61 -13.81 -6.77
C THR A 383 -44.83 -12.60 -7.27
N GLY A 384 -43.55 -12.50 -6.92
CA GLY A 384 -42.82 -11.32 -7.34
C GLY A 384 -43.27 -10.07 -6.59
N HIS A 385 -42.96 -8.92 -7.18
CA HIS A 385 -43.28 -7.64 -6.57
C HIS A 385 -44.78 -7.43 -6.52
N PRO A 386 -45.28 -6.68 -5.53
CA PRO A 386 -46.71 -6.39 -5.45
C PRO A 386 -47.14 -5.34 -6.44
N SER A 387 -48.45 -5.32 -6.70
CA SER A 387 -49.03 -4.46 -7.72
C SER A 387 -48.66 -3.00 -7.54
N ARG A 388 -48.72 -2.49 -6.30
CA ARG A 388 -48.49 -1.07 -6.08
C ARG A 388 -47.05 -0.66 -6.36
N ILE A 389 -46.10 -1.60 -6.28
CA ILE A 389 -44.73 -1.29 -6.70
C ILE A 389 -44.59 -1.41 -8.22
N MET A 390 -45.07 -2.53 -8.79
CA MET A 390 -45.02 -2.70 -10.24
C MET A 390 -45.80 -1.61 -10.98
N ASP A 391 -46.69 -0.90 -10.28
CA ASP A 391 -47.39 0.24 -10.88
C ASP A 391 -46.41 1.25 -11.47
N GLY A 392 -45.31 1.53 -10.76
CA GLY A 392 -44.36 2.50 -11.27
C GLY A 392 -43.59 1.98 -12.47
N SER A 393 -43.08 0.75 -12.38
CA SER A 393 -42.37 0.15 -13.50
C SER A 393 -43.21 0.18 -14.78
N PHE A 394 -44.48 -0.19 -14.66
CA PHE A 394 -45.30 -0.44 -15.83
C PHE A 394 -45.94 0.83 -16.38
N ALA A 395 -46.15 1.85 -15.55
CA ALA A 395 -46.46 3.17 -16.09
C ALA A 395 -45.31 3.67 -16.97
N ASN A 396 -44.06 3.43 -16.53
CA ASN A 396 -42.91 3.81 -17.35
C ASN A 396 -42.91 3.04 -18.67
N GLN A 397 -43.24 1.76 -18.64
CA GLN A 397 -43.28 0.97 -19.87
C GLN A 397 -44.29 1.54 -20.85
N VAL A 398 -45.47 1.94 -20.36
CA VAL A 398 -46.51 2.45 -21.25
C VAL A 398 -46.08 3.78 -21.85
N LEU A 399 -45.47 4.66 -21.05
CA LEU A 399 -44.95 5.90 -21.60
C LEU A 399 -43.86 5.62 -22.64
N ALA A 400 -43.01 4.63 -22.37
CA ALA A 400 -41.93 4.32 -23.31
C ALA A 400 -42.48 3.77 -24.62
N GLN A 401 -43.49 2.90 -24.55
CA GLN A 401 -44.09 2.34 -25.75
C GLN A 401 -44.73 3.41 -26.61
N ILE A 402 -45.49 4.31 -25.98
CA ILE A 402 -46.12 5.42 -26.72
C ILE A 402 -45.05 6.23 -27.44
N HIS A 403 -43.98 6.56 -26.73
CA HIS A 403 -42.99 7.48 -27.30
C HIS A 403 -42.29 6.85 -28.51
N LEU A 404 -41.84 5.61 -28.38
CA LEU A 404 -41.12 4.98 -29.49
C LEU A 404 -42.06 4.70 -30.65
N PHE A 405 -43.30 4.31 -30.38
CA PHE A 405 -44.24 4.07 -31.46
C PHE A 405 -44.55 5.35 -32.21
N GLU A 406 -44.71 6.47 -31.50
CA GLU A 406 -45.00 7.73 -32.15
C GLU A 406 -43.80 8.29 -32.92
N GLN A 407 -42.57 7.89 -32.55
CA GLN A 407 -41.39 8.35 -33.29
C GLN A 407 -41.22 7.65 -34.63
N LYS A 408 -41.75 6.43 -34.78
CA LYS A 408 -41.80 5.73 -36.07
C LYS A 408 -40.41 5.56 -36.69
N TYR A 409 -39.47 5.09 -35.87
CA TYR A 409 -38.09 4.89 -36.33
C TYR A 409 -38.00 4.08 -37.61
N ALA A 410 -38.80 3.02 -37.72
CA ALA A 410 -38.66 2.09 -38.84
C ALA A 410 -39.04 2.70 -40.18
N ASP A 411 -39.68 3.87 -40.21
CA ASP A 411 -40.06 4.50 -41.45
C ASP A 411 -39.06 5.55 -41.93
N LEU A 412 -37.96 5.73 -41.21
CA LEU A 412 -36.95 6.72 -41.58
C LEU A 412 -36.01 6.16 -42.64
N PRO A 413 -35.48 7.04 -43.50
CA PRO A 413 -34.39 6.62 -44.39
C PRO A 413 -33.17 6.18 -43.58
N ALA A 414 -32.30 5.41 -44.24
CA ALA A 414 -31.13 4.87 -43.56
C ALA A 414 -30.31 5.98 -42.89
N ALA A 415 -30.20 7.13 -43.55
CA ALA A 415 -29.41 8.23 -42.99
C ALA A 415 -30.03 8.76 -41.69
N GLU A 416 -31.36 8.71 -41.57
CA GLU A 416 -32.01 9.20 -40.36
C GLU A 416 -32.05 8.15 -39.26
N LYS A 417 -32.25 6.89 -39.63
CA LYS A 417 -32.12 5.79 -38.66
C LYS A 417 -30.81 5.89 -37.90
N ALA A 418 -29.71 6.06 -38.62
CA ALA A 418 -28.39 6.11 -38.00
C ALA A 418 -28.30 7.22 -36.96
N LYS A 419 -28.99 8.34 -37.20
CA LYS A 419 -28.93 9.46 -36.26
C LYS A 419 -29.76 9.21 -35.00
N ARG A 420 -30.77 8.35 -35.08
CA ARG A 420 -31.67 8.10 -33.95
C ARG A 420 -31.43 6.77 -33.26
N LEU A 421 -30.45 5.98 -33.71
CA LEU A 421 -30.22 4.65 -33.14
C LEU A 421 -29.46 4.80 -31.83
N SER A 422 -30.14 4.56 -30.71
CA SER A 422 -29.55 4.81 -29.40
C SER A 422 -30.40 4.15 -28.32
N VAL A 423 -29.88 4.22 -27.08
CA VAL A 423 -30.55 3.73 -25.88
C VAL A 423 -30.73 4.93 -24.95
N GLU A 424 -31.98 5.29 -24.69
CA GLU A 424 -32.30 6.49 -23.92
C GLU A 424 -33.13 6.13 -22.69
N VAL A 425 -33.27 7.10 -21.79
CA VAL A 425 -34.20 7.01 -20.67
C VAL A 425 -35.31 8.04 -20.85
N LEU A 426 -36.40 7.83 -20.14
CA LEU A 426 -37.50 8.79 -20.17
C LEU A 426 -37.07 10.10 -19.51
N PRO A 427 -37.66 11.23 -19.92
CA PRO A 427 -37.32 12.52 -19.28
C PRO A 427 -37.78 12.56 -17.83
N LYS A 428 -37.06 13.37 -17.04
CA LYS A 428 -37.33 13.43 -15.61
C LYS A 428 -38.74 13.92 -15.31
N LYS A 429 -39.27 14.83 -16.14
CA LYS A 429 -40.63 15.34 -15.92
C LYS A 429 -41.63 14.20 -15.90
N LEU A 430 -41.45 13.20 -16.76
CA LEU A 430 -42.36 12.05 -16.79
C LEU A 430 -42.13 11.14 -15.58
N ASP A 431 -40.87 10.90 -15.24
CA ASP A 431 -40.54 10.16 -14.02
C ASP A 431 -41.25 10.76 -12.81
N GLU A 432 -41.21 12.10 -12.71
CA GLU A 432 -41.87 12.81 -11.59
C GLU A 432 -43.38 12.63 -11.62
N GLU A 433 -43.97 12.61 -12.82
CA GLU A 433 -45.41 12.51 -12.93
C GLU A 433 -45.90 11.11 -12.54
N VAL A 434 -45.12 10.07 -12.88
CA VAL A 434 -45.43 8.74 -12.36
C VAL A 434 -45.34 8.74 -10.84
N ALA A 435 -44.31 9.37 -10.28
CA ALA A 435 -44.14 9.39 -8.83
C ALA A 435 -45.29 10.12 -8.14
N LEU A 436 -45.82 11.18 -8.76
CA LEU A 436 -46.93 11.90 -8.13
C LEU A 436 -48.15 11.00 -7.99
N GLU A 437 -48.47 10.23 -9.02
CA GLU A 437 -49.61 9.32 -8.93
C GLU A 437 -49.38 8.22 -7.90
N MET A 438 -48.14 7.73 -7.78
CA MET A 438 -47.83 6.77 -6.72
C MET A 438 -48.06 7.37 -5.34
N VAL A 439 -47.52 8.57 -5.10
CA VAL A 439 -47.67 9.22 -3.81
C VAL A 439 -49.13 9.45 -3.48
N LYS A 440 -49.93 9.88 -4.47
CA LYS A 440 -51.36 10.05 -4.25
C LYS A 440 -52.03 8.73 -3.87
N GLY A 441 -51.56 7.61 -4.43
CA GLY A 441 -52.11 6.32 -4.09
C GLY A 441 -51.94 5.94 -2.63
N PHE A 442 -50.92 6.49 -1.96
CA PHE A 442 -50.73 6.32 -0.54
C PHE A 442 -51.50 7.35 0.29
N GLY A 443 -52.21 8.28 -0.34
CA GLY A 443 -52.79 9.38 0.38
C GLY A 443 -51.82 10.49 0.74
N GLY A 444 -50.62 10.46 0.18
CA GLY A 444 -49.65 11.51 0.47
C GLY A 444 -50.03 12.81 -0.21
N VAL A 445 -49.57 13.92 0.37
CA VAL A 445 -49.86 15.27 -0.14
C VAL A 445 -48.53 15.96 -0.42
N VAL A 446 -48.27 16.22 -1.70
CA VAL A 446 -47.06 16.92 -2.11
C VAL A 446 -47.29 18.42 -2.01
N THR A 447 -46.31 19.14 -1.47
CA THR A 447 -46.39 20.59 -1.33
C THR A 447 -46.01 21.28 -2.63
N GLN A 448 -46.65 22.43 -2.89
CA GLN A 448 -46.34 23.22 -4.07
C GLN A 448 -45.47 24.42 -3.70
N LEU A 449 -44.38 24.60 -4.46
CA LEU A 449 -43.49 25.73 -4.26
C LEU A 449 -44.21 27.04 -4.55
N THR A 450 -43.94 28.06 -3.74
CA THR A 450 -44.33 29.41 -4.13
C THR A 450 -43.42 29.86 -5.27
N PRO A 451 -43.87 30.82 -6.08
CA PRO A 451 -42.99 31.35 -7.14
C PRO A 451 -41.62 31.79 -6.63
N LYS A 452 -41.56 32.38 -5.43
CA LYS A 452 -40.28 32.84 -4.89
C LYS A 452 -39.42 31.68 -4.41
N GLN A 453 -40.05 30.62 -3.87
CA GLN A 453 -39.28 29.44 -3.52
C GLN A 453 -38.70 28.78 -4.76
N ALA A 454 -39.53 28.62 -5.80
CA ALA A 454 -39.05 28.06 -7.06
C ALA A 454 -37.90 28.88 -7.63
N GLU A 455 -38.08 30.20 -7.64
CA GLU A 455 -37.01 31.10 -8.08
C GLU A 455 -35.74 30.89 -7.28
N TYR A 456 -35.87 30.74 -5.96
CA TYR A 456 -34.71 30.69 -5.06
C TYR A 456 -33.82 29.48 -5.34
N ILE A 457 -34.42 28.32 -5.61
CA ILE A 457 -33.64 27.12 -5.91
C ILE A 457 -33.50 26.86 -7.40
N GLY A 458 -34.05 27.73 -8.24
CA GLY A 458 -33.83 27.66 -9.68
C GLY A 458 -34.59 26.57 -10.40
N VAL A 459 -35.88 26.36 -10.07
CA VAL A 459 -36.70 25.38 -10.75
C VAL A 459 -38.02 26.04 -11.13
N SER A 460 -38.77 25.35 -12.00
CA SER A 460 -40.14 25.71 -12.28
C SER A 460 -41.05 25.13 -11.21
N VAL A 461 -42.16 25.83 -10.95
CA VAL A 461 -43.08 25.40 -9.91
C VAL A 461 -43.57 23.98 -10.17
N GLU A 462 -43.76 23.64 -11.45
CA GLU A 462 -44.28 22.33 -11.82
C GLU A 462 -43.18 21.28 -11.98
N GLY A 463 -41.92 21.67 -11.86
CA GLY A 463 -40.83 20.73 -12.07
C GLY A 463 -40.32 20.80 -13.49
N PRO A 464 -39.25 20.05 -13.80
CA PRO A 464 -38.48 19.13 -12.95
C PRO A 464 -37.76 19.83 -11.79
N PHE A 465 -37.53 19.09 -10.71
CA PHE A 465 -37.07 19.67 -9.45
C PHE A 465 -35.61 19.40 -9.15
N LYS A 466 -34.93 18.62 -9.97
CA LYS A 466 -33.57 18.16 -9.74
C LYS A 466 -32.82 18.18 -11.06
N PRO A 467 -31.51 18.42 -11.04
CA PRO A 467 -30.73 18.27 -12.27
C PRO A 467 -30.65 16.81 -12.65
N ASP A 468 -30.31 16.57 -13.92
CA ASP A 468 -30.21 15.19 -14.40
C ASP A 468 -29.13 14.41 -13.67
N THR A 469 -28.16 15.09 -13.06
CA THR A 469 -27.11 14.42 -12.29
C THR A 469 -27.60 13.91 -10.93
N TYR A 470 -28.82 14.24 -10.50
CA TYR A 470 -29.23 13.93 -9.14
C TYR A 470 -29.43 12.42 -8.97
N ARG A 471 -28.94 11.89 -7.85
CA ARG A 471 -28.94 10.46 -7.61
C ARG A 471 -30.04 9.97 -6.68
N TYR A 472 -30.72 10.88 -5.98
CA TYR A 472 -31.78 10.54 -5.04
C TYR A 472 -31.27 9.54 -3.99
N GLY B 12 -54.50 -52.60 7.80
CA GLY B 12 -55.48 -51.68 7.27
C GLY B 12 -55.99 -50.67 8.30
N PHE B 13 -55.20 -49.64 8.54
CA PHE B 13 -55.59 -48.60 9.49
C PHE B 13 -56.66 -47.72 8.86
N THR B 14 -57.82 -47.61 9.52
CA THR B 14 -58.91 -46.78 9.04
C THR B 14 -59.43 -45.78 10.07
N ASP B 15 -58.81 -45.72 11.26
CA ASP B 15 -59.33 -44.94 12.38
C ASP B 15 -58.85 -43.49 12.26
N TYR B 16 -59.37 -42.81 11.24
CA TYR B 16 -58.98 -41.43 10.95
C TYR B 16 -59.93 -40.85 9.91
N LYS B 17 -59.83 -39.53 9.71
CA LYS B 17 -60.39 -38.91 8.51
C LYS B 17 -59.64 -37.63 8.20
N VAL B 18 -59.07 -37.56 7.00
CA VAL B 18 -58.28 -36.44 6.53
C VAL B 18 -58.75 -36.07 5.12
N ALA B 19 -58.17 -34.99 4.58
CA ALA B 19 -58.59 -34.53 3.26
C ALA B 19 -58.15 -35.50 2.17
N ASP B 20 -56.90 -35.99 2.23
CA ASP B 20 -56.33 -36.77 1.14
C ASP B 20 -55.10 -37.50 1.67
N ILE B 21 -55.23 -38.79 1.91
CA ILE B 21 -54.13 -39.59 2.47
C ILE B 21 -52.92 -39.64 1.54
N THR B 22 -53.11 -39.44 0.24
CA THR B 22 -51.99 -39.50 -0.70
C THR B 22 -51.01 -38.34 -0.53
N LEU B 23 -51.33 -37.35 0.32
CA LEU B 23 -50.39 -36.28 0.65
C LEU B 23 -49.39 -36.68 1.72
N ALA B 24 -49.42 -37.94 2.17
CA ALA B 24 -48.61 -38.34 3.32
C ALA B 24 -47.11 -38.24 3.03
N ALA B 25 -46.68 -38.71 1.85
CA ALA B 25 -45.26 -38.66 1.52
C ALA B 25 -44.74 -37.23 1.53
N TRP B 26 -45.49 -36.31 0.92
CA TRP B 26 -45.14 -34.89 0.99
C TRP B 26 -45.07 -34.43 2.45
N GLY B 27 -46.07 -34.80 3.25
CA GLY B 27 -46.04 -34.42 4.65
C GLY B 27 -44.82 -34.94 5.38
N ARG B 28 -44.46 -36.21 5.13
CA ARG B 28 -43.28 -36.78 5.76
C ARG B 28 -42.03 -35.99 5.41
N ARG B 29 -41.87 -35.60 4.14
CA ARG B 29 -40.73 -34.79 3.75
C ARG B 29 -40.64 -33.52 4.58
N GLU B 30 -41.77 -32.85 4.79
CA GLU B 30 -41.74 -31.61 5.57
C GLU B 30 -41.57 -31.87 7.06
N LEU B 31 -42.02 -33.03 7.55
CA LEU B 31 -41.78 -33.37 8.95
C LEU B 31 -40.30 -33.59 9.22
N ILE B 32 -39.60 -34.23 8.27
CA ILE B 32 -38.17 -34.49 8.45
C ILE B 32 -37.38 -33.19 8.48
N ILE B 33 -37.77 -32.24 7.62
CA ILE B 33 -37.18 -30.90 7.70
C ILE B 33 -37.50 -30.23 9.02
N ALA B 34 -38.74 -30.37 9.48
CA ALA B 34 -39.16 -29.68 10.70
C ALA B 34 -38.39 -30.19 11.92
N GLU B 35 -38.06 -31.48 11.94
CA GLU B 35 -37.29 -32.03 13.05
C GLU B 35 -35.93 -31.37 13.16
N SER B 36 -35.31 -31.02 12.02
CA SER B 36 -34.05 -30.31 12.05
C SER B 36 -34.21 -28.87 12.54
N GLU B 37 -35.43 -28.35 12.54
CA GLU B 37 -35.70 -27.00 13.02
C GLU B 37 -36.19 -26.95 14.45
N MET B 38 -36.32 -28.11 15.12
CA MET B 38 -36.91 -28.19 16.45
C MET B 38 -36.00 -28.95 17.40
N PRO B 39 -34.85 -28.38 17.75
CA PRO B 39 -33.87 -29.13 18.57
C PRO B 39 -34.29 -29.34 20.01
N ALA B 40 -35.05 -28.42 20.61
CA ALA B 40 -35.51 -28.64 21.99
C ALA B 40 -36.43 -29.84 22.06
N LEU B 41 -37.35 -29.95 21.10
CA LEU B 41 -38.31 -31.05 21.06
C LEU B 41 -37.62 -32.37 20.72
N MET B 42 -36.79 -32.37 19.67
CA MET B 42 -36.06 -33.59 19.33
C MET B 42 -35.10 -33.97 20.44
N GLY B 43 -34.51 -32.98 21.13
CA GLY B 43 -33.69 -33.29 22.29
C GLY B 43 -34.45 -34.00 23.39
N LEU B 44 -35.74 -33.69 23.52
CA LEU B 44 -36.58 -34.42 24.48
C LEU B 44 -36.75 -35.87 24.06
N ARG B 45 -36.79 -36.14 22.76
CA ARG B 45 -36.88 -37.53 22.30
C ARG B 45 -35.63 -38.32 22.71
N ARG B 46 -34.45 -37.73 22.56
CA ARG B 46 -33.24 -38.44 22.94
C ARG B 46 -33.11 -38.57 24.45
N LYS B 47 -33.53 -37.54 25.20
CA LYS B 47 -33.30 -37.53 26.63
C LYS B 47 -34.20 -38.55 27.35
N TYR B 48 -35.44 -38.69 26.90
CA TYR B 48 -36.42 -39.54 27.58
C TYR B 48 -36.71 -40.84 26.85
N ALA B 49 -36.02 -41.12 25.74
CA ALA B 49 -36.33 -42.29 24.93
C ALA B 49 -36.31 -43.57 25.76
N GLY B 50 -35.15 -43.88 26.35
CA GLY B 50 -35.02 -45.12 27.09
C GLY B 50 -35.98 -45.24 28.24
N GLN B 51 -36.38 -44.11 28.84
CA GLN B 51 -37.20 -44.14 30.04
C GLN B 51 -38.69 -44.30 29.75
N GLN B 52 -39.16 -44.00 28.55
CA GLN B 52 -40.56 -44.11 28.18
C GLN B 52 -41.50 -43.50 29.23
N PRO B 53 -41.35 -42.22 29.56
CA PRO B 53 -42.11 -41.66 30.68
C PRO B 53 -43.61 -41.50 30.41
N LEU B 54 -44.05 -41.61 29.16
CA LEU B 54 -45.47 -41.53 28.83
C LEU B 54 -46.05 -42.90 28.49
N LYS B 55 -45.34 -43.98 28.80
CA LYS B 55 -45.91 -45.30 28.66
C LYS B 55 -47.21 -45.40 29.44
N GLY B 56 -48.26 -45.89 28.78
CA GLY B 56 -49.57 -45.95 29.38
C GLY B 56 -50.39 -44.69 29.26
N ALA B 57 -49.83 -43.59 28.80
CA ALA B 57 -50.59 -42.36 28.64
C ALA B 57 -51.50 -42.45 27.43
N LYS B 58 -52.73 -41.94 27.58
CA LYS B 58 -53.72 -41.91 26.50
C LYS B 58 -54.23 -40.48 26.40
N ILE B 59 -53.79 -39.77 25.36
CA ILE B 59 -53.89 -38.32 25.30
C ILE B 59 -54.93 -37.92 24.26
N LEU B 60 -55.95 -37.18 24.69
CA LEU B 60 -56.83 -36.48 23.78
C LEU B 60 -56.20 -35.14 23.42
N GLY B 61 -55.92 -34.94 22.14
CA GLY B 61 -55.25 -33.74 21.66
C GLY B 61 -56.15 -32.94 20.73
N CYS B 62 -56.18 -31.62 20.95
CA CYS B 62 -56.96 -30.71 20.12
C CYS B 62 -56.13 -29.45 19.90
N ILE B 63 -55.44 -29.39 18.76
CA ILE B 63 -54.62 -28.23 18.41
C ILE B 63 -54.35 -28.29 16.91
N HIS B 64 -54.28 -27.10 16.30
CA HIS B 64 -54.00 -26.89 14.88
C HIS B 64 -53.11 -27.99 14.31
N MET B 65 -53.64 -28.76 13.36
CA MET B 65 -52.96 -29.96 12.87
C MET B 65 -51.96 -29.58 11.78
N THR B 66 -50.91 -28.88 12.22
CA THR B 66 -49.83 -28.42 11.36
C THR B 66 -48.68 -29.42 11.34
N ILE B 67 -47.71 -29.16 10.45
CA ILE B 67 -46.48 -29.93 10.46
C ILE B 67 -45.81 -29.84 11.83
N GLN B 68 -45.90 -28.68 12.47
CA GLN B 68 -45.32 -28.51 13.80
C GLN B 68 -46.01 -29.40 14.81
N THR B 69 -47.35 -29.43 14.79
CA THR B 69 -48.07 -30.34 15.67
C THR B 69 -47.72 -31.79 15.37
N GLY B 70 -47.42 -32.10 14.11
CA GLY B 70 -47.00 -33.45 13.75
C GLY B 70 -45.77 -33.90 14.50
N VAL B 71 -44.78 -33.02 14.64
CA VAL B 71 -43.57 -33.39 15.38
C VAL B 71 -43.89 -33.53 16.87
N LEU B 72 -44.80 -32.70 17.39
CA LEU B 72 -45.24 -32.84 18.78
C LEU B 72 -45.92 -34.19 19.01
N ILE B 73 -46.86 -34.55 18.13
CA ILE B 73 -47.56 -35.83 18.26
C ILE B 73 -46.57 -36.98 18.28
N GLU B 74 -45.66 -37.01 17.30
CA GLU B 74 -44.73 -38.13 17.21
C GLU B 74 -43.73 -38.13 18.36
N THR B 75 -43.43 -36.97 18.93
CA THR B 75 -42.63 -36.94 20.14
C THR B 75 -43.37 -37.58 21.31
N LEU B 76 -44.66 -37.26 21.46
CA LEU B 76 -45.47 -37.87 22.51
C LEU B 76 -45.52 -39.38 22.35
N VAL B 77 -45.70 -39.86 21.11
CA VAL B 77 -45.76 -41.30 20.88
C VAL B 77 -44.42 -41.96 21.16
N ALA B 78 -43.32 -41.31 20.76
CA ALA B 78 -42.00 -41.91 20.94
C ALA B 78 -41.66 -42.11 22.41
N LEU B 79 -42.34 -41.39 23.31
CA LEU B 79 -42.14 -41.54 24.75
C LEU B 79 -43.15 -42.48 25.38
N GLY B 80 -44.01 -43.11 24.59
CA GLY B 80 -44.89 -44.17 25.08
C GLY B 80 -46.36 -43.91 24.94
N ALA B 81 -46.80 -42.72 24.53
CA ALA B 81 -48.21 -42.38 24.57
C ALA B 81 -48.97 -42.93 23.36
N GLU B 82 -50.26 -43.19 23.57
CA GLU B 82 -51.26 -43.25 22.52
C GLU B 82 -52.02 -41.94 22.49
N VAL B 83 -52.44 -41.51 21.29
CA VAL B 83 -53.13 -40.24 21.13
C VAL B 83 -54.28 -40.39 20.15
N ARG B 84 -55.23 -39.45 20.24
CA ARG B 84 -56.28 -39.28 19.24
C ARG B 84 -56.48 -37.78 19.07
N TRP B 85 -56.35 -37.28 17.85
CA TRP B 85 -56.07 -35.87 17.60
C TRP B 85 -57.13 -35.20 16.73
N SER B 86 -57.41 -33.94 17.04
CA SER B 86 -58.18 -33.07 16.18
C SER B 86 -57.50 -31.71 16.15
N SER B 87 -57.93 -30.88 15.20
CA SER B 87 -57.52 -29.48 15.16
C SER B 87 -58.45 -28.64 16.02
N CYS B 88 -57.95 -27.50 16.49
CA CYS B 88 -58.77 -26.59 17.27
C CYS B 88 -59.28 -25.41 16.45
N ASN B 89 -59.09 -25.44 15.13
CA ASN B 89 -59.67 -24.42 14.25
C ASN B 89 -60.03 -25.07 12.92
N ILE B 90 -61.07 -24.52 12.28
CA ILE B 90 -61.58 -25.13 11.04
C ILE B 90 -60.69 -24.87 9.84
N PHE B 91 -59.80 -23.87 9.88
CA PHE B 91 -58.98 -23.52 8.73
C PHE B 91 -57.49 -23.79 8.92
N SER B 92 -57.06 -24.23 10.10
CA SER B 92 -55.64 -24.20 10.43
C SER B 92 -54.88 -25.47 10.09
N THR B 93 -55.58 -26.54 9.71
CA THR B 93 -54.91 -27.79 9.37
C THR B 93 -54.10 -27.66 8.09
N GLN B 94 -52.88 -28.20 8.09
CA GLN B 94 -52.12 -28.47 6.88
C GLN B 94 -52.43 -29.90 6.46
N ASP B 95 -53.08 -30.07 5.31
CA ASP B 95 -53.59 -31.38 4.93
C ASP B 95 -52.49 -32.41 4.74
N GLN B 96 -51.29 -31.98 4.33
CA GLN B 96 -50.20 -32.95 4.19
C GLN B 96 -49.68 -33.40 5.55
N ALA B 97 -49.84 -32.57 6.58
CA ALA B 97 -49.45 -32.97 7.94
C ALA B 97 -50.44 -34.00 8.50
N ALA B 98 -51.73 -33.70 8.37
CA ALA B 98 -52.75 -34.67 8.78
C ALA B 98 -52.55 -36.01 8.09
N ALA B 99 -52.27 -35.97 6.78
CA ALA B 99 -52.11 -37.20 6.00
C ALA B 99 -50.93 -38.03 6.52
N ALA B 100 -49.80 -37.39 6.78
CA ALA B 100 -48.63 -38.11 7.28
C ALA B 100 -48.91 -38.76 8.61
N ILE B 101 -49.62 -38.05 9.50
CA ILE B 101 -49.94 -38.60 10.81
C ILE B 101 -50.86 -39.80 10.68
N ALA B 102 -51.92 -39.68 9.88
CA ALA B 102 -52.80 -40.81 9.62
C ALA B 102 -52.04 -41.98 9.01
N ALA B 103 -51.16 -41.71 8.05
CA ALA B 103 -50.40 -42.78 7.43
C ALA B 103 -49.49 -43.50 8.41
N ALA B 104 -49.09 -42.84 9.50
CA ALA B 104 -48.28 -43.47 10.53
C ALA B 104 -49.11 -44.38 11.43
N GLY B 105 -50.41 -44.46 11.23
CA GLY B 105 -51.26 -45.26 12.11
C GLY B 105 -51.64 -44.54 13.38
N ILE B 106 -51.86 -43.24 13.32
CA ILE B 106 -52.25 -42.42 14.47
C ILE B 106 -53.62 -41.83 14.19
N PRO B 107 -54.60 -42.01 15.08
CA PRO B 107 -55.95 -41.48 14.82
C PRO B 107 -55.96 -39.95 14.82
N VAL B 108 -56.35 -39.38 13.68
CA VAL B 108 -56.43 -37.93 13.52
C VAL B 108 -57.64 -37.59 12.67
N PHE B 109 -58.39 -36.58 13.10
CA PHE B 109 -59.61 -36.14 12.40
C PHE B 109 -59.50 -34.64 12.20
N ALA B 110 -59.11 -34.22 11.00
CA ALA B 110 -58.76 -32.84 10.74
C ALA B 110 -58.58 -32.63 9.24
N TRP B 111 -59.01 -31.46 8.76
CA TRP B 111 -58.70 -31.03 7.40
C TRP B 111 -58.91 -29.53 7.32
N LYS B 112 -58.28 -28.91 6.32
CA LYS B 112 -58.45 -27.49 6.10
C LYS B 112 -59.81 -27.23 5.46
N GLY B 113 -60.59 -26.33 6.06
CA GLY B 113 -61.90 -26.01 5.54
C GLY B 113 -63.05 -26.80 6.11
N GLU B 114 -62.97 -27.22 7.37
CA GLU B 114 -64.11 -27.88 7.99
C GLU B 114 -65.28 -26.91 8.16
N THR B 115 -66.49 -27.44 8.14
CA THR B 115 -67.64 -26.71 8.61
C THR B 115 -67.66 -26.74 10.15
N GLU B 116 -68.55 -25.93 10.73
CA GLU B 116 -68.69 -25.94 12.19
C GLU B 116 -69.17 -27.30 12.67
N GLU B 117 -70.06 -27.94 11.91
CA GLU B 117 -70.53 -29.27 12.25
C GLU B 117 -69.40 -30.30 12.20
N GLU B 118 -68.59 -30.25 11.14
CA GLU B 118 -67.47 -31.19 11.01
C GLU B 118 -66.43 -30.96 12.10
N TYR B 119 -66.21 -29.70 12.48
CA TYR B 119 -65.31 -29.40 13.59
C TYR B 119 -65.75 -30.11 14.86
N GLU B 120 -67.03 -29.98 15.22
CA GLU B 120 -67.55 -30.66 16.39
C GLU B 120 -67.45 -32.17 16.25
N TRP B 121 -67.75 -32.69 15.06
CA TRP B 121 -67.69 -34.13 14.84
C TRP B 121 -66.27 -34.66 14.97
N CYS B 122 -65.28 -33.88 14.54
CA CYS B 122 -63.89 -34.32 14.66
C CYS B 122 -63.46 -34.44 16.12
N ILE B 123 -63.83 -33.47 16.97
CA ILE B 123 -63.55 -33.59 18.39
C ILE B 123 -64.20 -34.84 18.96
N GLU B 124 -65.44 -35.12 18.55
CA GLU B 124 -66.15 -36.28 19.06
C GLU B 124 -65.48 -37.59 18.64
N GLN B 125 -64.85 -37.62 17.46
CA GLN B 125 -64.18 -38.84 17.05
C GLN B 125 -62.95 -39.15 17.89
N THR B 126 -62.28 -38.12 18.41
CA THR B 126 -61.17 -38.38 19.32
C THR B 126 -61.68 -38.88 20.67
N ILE B 127 -62.82 -38.35 21.12
CA ILE B 127 -63.36 -38.72 22.42
C ILE B 127 -63.90 -40.16 22.39
N LEU B 128 -64.60 -40.52 21.32
CA LEU B 128 -65.24 -41.81 21.21
C LEU B 128 -64.40 -42.73 20.32
N LYS B 129 -64.14 -43.94 20.80
CA LYS B 129 -63.54 -44.99 19.98
C LYS B 129 -64.54 -46.15 19.91
N ASP B 130 -64.93 -46.52 18.69
CA ASP B 130 -65.89 -47.59 18.47
C ASP B 130 -67.21 -47.33 19.18
N GLY B 131 -67.66 -46.08 19.16
CA GLY B 131 -68.94 -45.71 19.72
C GLY B 131 -68.99 -45.60 21.23
N GLN B 132 -67.89 -45.88 21.93
CA GLN B 132 -67.81 -45.73 23.37
C GLN B 132 -66.67 -44.78 23.72
N PRO B 133 -66.72 -44.14 24.88
CA PRO B 133 -65.61 -43.26 25.28
C PRO B 133 -64.29 -44.04 25.33
N TRP B 134 -63.27 -43.48 24.70
CA TRP B 134 -61.92 -43.98 24.86
C TRP B 134 -61.54 -43.92 26.33
N ASP B 135 -60.59 -44.77 26.72
CA ASP B 135 -60.10 -44.75 28.11
C ASP B 135 -58.94 -43.75 28.25
N ALA B 136 -59.25 -42.51 27.92
CA ALA B 136 -58.25 -41.45 27.98
C ALA B 136 -57.86 -41.14 29.42
N ASN B 137 -56.63 -40.67 29.59
CA ASN B 137 -56.16 -40.24 30.90
C ASN B 137 -55.37 -38.93 30.87
N MET B 138 -55.22 -38.30 29.71
CA MET B 138 -54.53 -37.02 29.58
C MET B 138 -55.21 -36.19 28.51
N VAL B 139 -55.15 -34.87 28.66
CA VAL B 139 -55.72 -33.92 27.71
C VAL B 139 -54.67 -32.89 27.35
N LEU B 140 -54.51 -32.63 26.05
CA LEU B 140 -53.73 -31.51 25.53
C LEU B 140 -54.67 -30.66 24.68
N ASP B 141 -54.76 -29.37 24.99
CA ASP B 141 -55.80 -28.51 24.43
C ASP B 141 -55.20 -27.16 24.04
N ASP B 142 -55.84 -26.50 23.07
CA ASP B 142 -55.43 -25.17 22.60
C ASP B 142 -56.71 -24.35 22.41
N GLY B 143 -57.09 -23.60 23.44
CA GLY B 143 -58.26 -22.74 23.38
C GLY B 143 -59.40 -23.17 24.27
N GLY B 144 -59.39 -24.39 24.78
CA GLY B 144 -60.37 -24.82 25.76
C GLY B 144 -61.60 -25.51 25.20
N ASP B 145 -61.68 -25.74 23.89
CA ASP B 145 -62.88 -26.34 23.32
C ASP B 145 -63.05 -27.79 23.75
N LEU B 146 -61.96 -28.57 23.66
CA LEU B 146 -62.00 -29.96 24.09
C LEU B 146 -62.20 -30.08 25.59
N THR B 147 -61.54 -29.21 26.35
CA THR B 147 -61.76 -29.16 27.80
C THR B 147 -63.23 -28.94 28.12
N GLU B 148 -63.86 -27.98 27.44
CA GLU B 148 -65.25 -27.66 27.73
C GLU B 148 -66.18 -28.82 27.39
N ILE B 149 -65.96 -29.49 26.26
CA ILE B 149 -66.83 -30.58 25.87
C ILE B 149 -66.73 -31.74 26.87
N LEU B 150 -65.52 -32.07 27.31
CA LEU B 150 -65.35 -33.11 28.31
C LEU B 150 -66.10 -32.76 29.60
N HIS B 151 -65.89 -31.54 30.12
CA HIS B 151 -66.55 -31.16 31.36
C HIS B 151 -68.06 -31.13 31.22
N LYS B 152 -68.57 -30.68 30.08
CA LYS B 152 -70.01 -30.50 29.94
C LYS B 152 -70.73 -31.74 29.40
N LYS B 153 -70.10 -32.53 28.53
CA LYS B 153 -70.79 -33.65 27.90
C LYS B 153 -70.30 -35.01 28.35
N TYR B 154 -69.04 -35.15 28.76
CA TYR B 154 -68.52 -36.44 29.24
C TYR B 154 -67.83 -36.29 30.60
N PRO B 155 -68.52 -35.75 31.61
CA PRO B 155 -67.86 -35.51 32.90
C PRO B 155 -67.33 -36.78 33.55
N GLN B 156 -67.91 -37.95 33.26
CA GLN B 156 -67.42 -39.19 33.83
C GLN B 156 -66.01 -39.53 33.34
N MET B 157 -65.68 -39.17 32.10
CA MET B 157 -64.34 -39.45 31.59
C MET B 157 -63.28 -38.71 32.40
N LEU B 158 -63.59 -37.49 32.84
CA LEU B 158 -62.62 -36.71 33.60
C LEU B 158 -62.21 -37.39 34.90
N GLU B 159 -63.00 -38.34 35.39
CA GLU B 159 -62.60 -39.08 36.58
C GLU B 159 -61.42 -40.00 36.34
N ARG B 160 -61.03 -40.22 35.08
CA ARG B 160 -59.86 -41.03 34.73
C ARG B 160 -58.69 -40.20 34.22
N ILE B 161 -58.84 -38.89 34.10
CA ILE B 161 -57.86 -38.04 33.44
C ILE B 161 -56.98 -37.39 34.49
N HIS B 162 -55.65 -37.47 34.28
CA HIS B 162 -54.71 -36.96 35.25
C HIS B 162 -54.44 -35.46 35.11
N GLY B 163 -54.78 -34.85 33.98
CA GLY B 163 -54.54 -33.43 33.83
C GLY B 163 -54.80 -32.93 32.43
N ILE B 164 -54.75 -31.61 32.32
CA ILE B 164 -54.91 -30.87 31.07
C ILE B 164 -53.67 -30.00 30.89
N THR B 165 -53.12 -29.99 29.68
CA THR B 165 -52.02 -29.07 29.36
C THR B 165 -52.52 -28.14 28.27
N GLU B 166 -52.81 -26.89 28.67
CA GLU B 166 -53.50 -25.94 27.82
C GLU B 166 -52.52 -24.96 27.20
N GLU B 167 -52.69 -24.71 25.89
CA GLU B 167 -51.66 -24.06 25.07
C GLU B 167 -51.71 -22.54 25.14
N THR B 168 -52.90 -21.93 25.13
CA THR B 168 -53.02 -20.54 24.73
C THR B 168 -53.82 -19.70 25.72
N THR B 169 -53.59 -18.39 25.64
CA THR B 169 -54.09 -17.43 26.63
C THR B 169 -55.59 -17.56 26.84
N THR B 170 -56.35 -17.70 25.75
CA THR B 170 -57.80 -17.86 25.87
C THR B 170 -58.16 -19.13 26.63
N GLY B 171 -57.44 -20.22 26.39
CA GLY B 171 -57.72 -21.46 27.11
C GLY B 171 -57.42 -21.35 28.59
N VAL B 172 -56.33 -20.68 28.94
CA VAL B 172 -55.97 -20.50 30.35
C VAL B 172 -57.03 -19.68 31.08
N HIS B 173 -57.54 -18.62 30.44
CA HIS B 173 -58.57 -17.82 31.07
C HIS B 173 -59.80 -18.66 31.37
N ARG B 174 -60.18 -19.54 30.45
CA ARG B 174 -61.33 -20.40 30.69
C ARG B 174 -61.07 -21.38 31.84
N LEU B 175 -59.87 -21.95 31.89
CA LEU B 175 -59.52 -22.81 33.02
C LEU B 175 -59.62 -22.06 34.35
N LEU B 176 -59.12 -20.82 34.39
CA LEU B 176 -59.12 -20.07 35.64
C LEU B 176 -60.53 -19.72 36.10
N ASP B 177 -61.45 -19.48 35.17
CA ASP B 177 -62.85 -19.26 35.56
C ASP B 177 -63.42 -20.52 36.21
N MET B 178 -63.16 -21.68 35.62
CA MET B 178 -63.65 -22.93 36.19
C MET B 178 -63.05 -23.19 37.56
N LEU B 179 -61.75 -22.92 37.71
CA LEU B 179 -61.12 -23.09 39.02
C LEU B 179 -61.77 -22.16 40.05
N LYS B 180 -61.98 -20.90 39.69
CA LYS B 180 -62.62 -19.96 40.60
C LYS B 180 -64.04 -20.39 40.95
N ASN B 181 -64.74 -21.02 40.01
CA ASN B 181 -66.12 -21.45 40.22
C ASN B 181 -66.23 -22.86 40.76
N GLY B 182 -65.10 -23.52 41.02
CA GLY B 182 -65.12 -24.88 41.54
C GLY B 182 -65.64 -25.91 40.56
N THR B 183 -65.60 -25.63 39.26
CA THR B 183 -66.12 -26.54 38.26
C THR B 183 -65.02 -27.24 37.46
N LEU B 184 -63.75 -26.98 37.78
CA LEU B 184 -62.65 -27.69 37.15
C LEU B 184 -62.46 -29.04 37.83
N LYS B 185 -62.38 -30.10 37.03
CA LYS B 185 -62.33 -31.46 37.59
C LYS B 185 -60.92 -31.99 37.77
N VAL B 186 -59.97 -31.56 36.95
CA VAL B 186 -58.61 -32.12 37.01
C VAL B 186 -57.61 -30.97 37.01
N PRO B 187 -56.39 -31.21 37.49
CA PRO B 187 -55.36 -30.18 37.42
C PRO B 187 -54.97 -29.87 35.99
N ALA B 188 -54.43 -28.67 35.82
CA ALA B 188 -54.01 -28.20 34.50
C ALA B 188 -52.68 -27.48 34.63
N ILE B 189 -51.92 -27.49 33.55
CA ILE B 189 -50.70 -26.70 33.46
C ILE B 189 -50.91 -25.61 32.43
N ASN B 190 -50.73 -24.37 32.86
CA ASN B 190 -50.71 -23.21 31.98
C ASN B 190 -49.42 -23.25 31.17
N VAL B 191 -49.46 -23.88 29.99
CA VAL B 191 -48.29 -23.92 29.12
C VAL B 191 -48.02 -22.53 28.54
N ASN B 192 -49.06 -21.71 28.39
CA ASN B 192 -48.92 -20.43 27.70
C ASN B 192 -47.89 -19.53 28.38
N ASP B 193 -47.81 -19.57 29.72
CA ASP B 193 -47.05 -18.57 30.45
C ASP B 193 -45.63 -19.00 30.78
N SER B 194 -45.12 -20.07 30.18
CA SER B 194 -43.67 -20.21 30.09
C SER B 194 -43.12 -19.06 29.27
N VAL B 195 -41.96 -18.53 29.66
CA VAL B 195 -41.37 -17.46 28.87
C VAL B 195 -41.01 -17.96 27.49
N THR B 196 -40.52 -19.21 27.40
CA THR B 196 -40.26 -19.82 26.10
C THR B 196 -41.53 -20.16 25.34
N LYS B 197 -42.70 -19.83 25.87
CA LYS B 197 -43.94 -19.89 25.10
C LYS B 197 -44.47 -18.47 24.84
N SER B 198 -45.03 -17.81 25.87
CA SER B 198 -45.70 -16.53 25.67
C SER B 198 -44.79 -15.51 25.01
N LYS B 199 -43.55 -15.38 25.49
CA LYS B 199 -42.63 -14.39 24.97
C LYS B 199 -41.83 -14.89 23.78
N ASN B 200 -42.27 -15.99 23.17
CA ASN B 200 -41.63 -16.55 21.97
C ASN B 200 -42.70 -16.79 20.92
N ASP B 201 -43.63 -17.69 21.25
CA ASP B 201 -44.74 -18.04 20.37
C ASP B 201 -45.66 -16.84 20.12
N ASN B 202 -46.27 -16.32 21.17
CA ASN B 202 -47.32 -15.29 21.01
C ASN B 202 -46.77 -14.04 20.34
N LYS B 203 -45.52 -13.68 20.63
CA LYS B 203 -44.96 -12.43 20.13
C LYS B 203 -44.19 -12.65 18.82
N TYR B 204 -43.09 -13.39 18.88
CA TYR B 204 -42.25 -13.53 17.70
C TYR B 204 -42.91 -14.39 16.63
N GLY B 205 -43.77 -15.34 17.03
CA GLY B 205 -44.49 -16.13 16.04
C GLY B 205 -45.40 -15.30 15.18
N CYS B 206 -46.18 -14.41 15.81
CA CYS B 206 -47.04 -13.52 15.06
C CYS B 206 -46.22 -12.50 14.26
N ARG B 207 -45.07 -12.10 14.78
CA ARG B 207 -44.18 -11.25 13.99
C ARG B 207 -43.80 -11.92 12.68
N HIS B 208 -43.47 -13.21 12.73
CA HIS B 208 -43.12 -13.95 11.52
C HIS B 208 -44.32 -14.14 10.60
N SER B 209 -45.48 -14.50 11.16
CA SER B 209 -46.54 -15.10 10.35
C SER B 209 -47.70 -14.15 10.02
N LEU B 210 -47.79 -12.97 10.65
CA LEU B 210 -48.89 -12.09 10.29
C LEU B 210 -48.70 -11.50 8.90
N ASN B 211 -47.57 -10.84 8.64
CA ASN B 211 -47.37 -10.31 7.30
CA ASN B 211 -47.31 -10.30 7.31
C ASN B 211 -47.25 -11.42 6.27
N ASP B 212 -46.76 -12.60 6.68
CA ASP B 212 -46.78 -13.78 5.82
C ASP B 212 -48.20 -14.06 5.32
N ALA B 213 -49.17 -14.10 6.24
CA ALA B 213 -50.54 -14.45 5.86
C ALA B 213 -51.18 -13.37 5.00
N ILE B 214 -50.92 -12.09 5.30
CA ILE B 214 -51.51 -11.03 4.50
C ILE B 214 -50.95 -11.06 3.08
N LYS B 215 -49.64 -11.33 2.95
CA LYS B 215 -49.03 -11.39 1.63
C LYS B 215 -49.61 -12.54 0.80
N ARG B 216 -49.71 -13.73 1.40
CA ARG B 216 -50.26 -14.86 0.64
C ARG B 216 -51.71 -14.60 0.25
N GLY B 217 -52.47 -13.96 1.14
CA GLY B 217 -53.88 -13.75 0.86
C GLY B 217 -54.13 -12.67 -0.19
N THR B 218 -53.39 -11.57 -0.11
CA THR B 218 -53.67 -10.40 -0.93
C THR B 218 -52.52 -9.97 -1.83
N ASP B 219 -51.28 -10.35 -1.52
CA ASP B 219 -50.10 -9.86 -2.23
C ASP B 219 -50.05 -8.34 -2.26
N HIS B 220 -50.68 -7.70 -1.26
CA HIS B 220 -50.67 -6.26 -1.12
C HIS B 220 -49.30 -5.78 -0.65
N LEU B 221 -48.80 -4.72 -1.29
CA LEU B 221 -47.71 -3.95 -0.68
C LEU B 221 -48.17 -3.41 0.67
N LEU B 222 -47.34 -3.58 1.69
CA LEU B 222 -47.67 -3.03 3.01
C LEU B 222 -46.93 -1.74 3.31
N SER B 223 -45.71 -1.58 2.78
CA SER B 223 -44.93 -0.37 3.01
C SER B 223 -45.70 0.87 2.59
N GLY B 224 -45.68 1.89 3.44
CA GLY B 224 -46.29 3.17 3.15
C GLY B 224 -47.76 3.28 3.51
N LYS B 225 -48.41 2.17 3.83
CA LYS B 225 -49.84 2.14 4.13
C LYS B 225 -50.09 2.23 5.64
N GLN B 226 -51.33 2.56 6.00
CA GLN B 226 -51.71 2.80 7.38
CA GLN B 226 -51.71 2.80 7.39
C GLN B 226 -52.39 1.55 7.97
N ALA B 227 -51.95 1.16 9.16
CA ALA B 227 -52.51 0.01 9.85
C ALA B 227 -52.94 0.39 11.27
N LEU B 228 -54.01 -0.25 11.73
CA LEU B 228 -54.48 -0.12 13.10
C LEU B 228 -54.49 -1.50 13.72
N VAL B 229 -53.66 -1.70 14.74
CA VAL B 229 -53.61 -2.93 15.51
C VAL B 229 -54.41 -2.72 16.79
N ILE B 230 -55.42 -3.56 17.01
CA ILE B 230 -56.25 -3.49 18.21
C ILE B 230 -55.65 -4.43 19.25
N GLY B 231 -55.11 -3.86 20.31
CA GLY B 231 -54.48 -4.65 21.37
C GLY B 231 -52.96 -4.61 21.27
N TYR B 232 -52.31 -4.66 22.44
CA TYR B 232 -50.85 -4.62 22.48
C TYR B 232 -50.33 -5.47 23.63
N GLY B 233 -50.94 -6.64 23.82
CA GLY B 233 -50.34 -7.70 24.62
C GLY B 233 -49.25 -8.39 23.82
N ASP B 234 -49.02 -9.66 24.13
CA ASP B 234 -47.95 -10.39 23.44
C ASP B 234 -48.27 -10.54 21.96
N VAL B 235 -49.50 -10.91 21.63
CA VAL B 235 -49.88 -11.03 20.23
C VAL B 235 -49.86 -9.65 19.55
N GLY B 236 -50.39 -8.64 20.24
CA GLY B 236 -50.41 -7.30 19.66
C GLY B 236 -49.01 -6.73 19.44
N LYS B 237 -48.09 -7.01 20.36
CA LYS B 237 -46.72 -6.54 20.20
C LYS B 237 -46.08 -7.16 18.97
N GLY B 238 -46.24 -8.48 18.77
CA GLY B 238 -45.62 -9.13 17.65
C GLY B 238 -46.29 -8.75 16.33
N SER B 239 -47.61 -8.58 16.35
CA SER B 239 -48.33 -8.16 15.15
C SER B 239 -47.91 -6.76 14.71
N SER B 240 -47.85 -5.82 15.66
CA SER B 240 -47.41 -4.47 15.34
C SER B 240 -46.03 -4.48 14.70
N GLN B 241 -45.12 -5.32 15.23
CA GLN B 241 -43.77 -5.37 14.68
C GLN B 241 -43.75 -6.03 13.31
N SER B 242 -44.56 -7.07 13.11
CA SER B 242 -44.70 -7.67 11.78
C SER B 242 -45.01 -6.61 10.72
N LEU B 243 -45.90 -5.69 11.03
CA LEU B 243 -46.30 -4.66 10.07
C LEU B 243 -45.29 -3.52 10.00
N ARG B 244 -44.79 -3.07 11.15
CA ARG B 244 -43.87 -1.94 11.19
C ARG B 244 -42.58 -2.26 10.44
N GLN B 245 -42.05 -3.48 10.60
CA GLN B 245 -40.82 -3.85 9.93
C GLN B 245 -40.99 -3.93 8.43
N GLU B 246 -42.22 -4.07 7.94
CA GLU B 246 -42.52 -4.01 6.51
C GLU B 246 -42.65 -2.59 6.00
N GLY B 247 -42.72 -1.60 6.89
CA GLY B 247 -42.85 -0.21 6.51
C GLY B 247 -44.24 0.38 6.64
N MET B 248 -45.17 -0.31 7.29
CA MET B 248 -46.46 0.27 7.56
C MET B 248 -46.35 1.38 8.60
N ILE B 249 -47.24 2.36 8.49
CA ILE B 249 -47.46 3.34 9.54
C ILE B 249 -48.48 2.75 10.49
N VAL B 250 -48.04 2.32 11.68
CA VAL B 250 -48.84 1.50 12.58
C VAL B 250 -49.34 2.34 13.74
N LYS B 251 -50.67 2.37 13.92
CA LYS B 251 -51.32 2.89 15.11
C LYS B 251 -51.83 1.74 15.96
N VAL B 252 -51.85 1.95 17.29
CA VAL B 252 -52.16 0.90 18.26
C VAL B 252 -53.28 1.38 19.17
N ALA B 253 -54.28 0.53 19.38
CA ALA B 253 -55.33 0.77 20.34
C ALA B 253 -55.19 -0.18 21.54
N GLU B 254 -55.51 0.33 22.74
CA GLU B 254 -55.43 -0.49 23.94
C GLU B 254 -56.42 -0.01 24.98
N VAL B 255 -56.87 -0.95 25.83
CA VAL B 255 -57.60 -0.61 27.05
C VAL B 255 -56.70 -0.63 28.27
N ASP B 256 -55.49 -1.19 28.17
CA ASP B 256 -54.58 -1.32 29.29
C ASP B 256 -53.55 -0.21 29.20
N PRO B 257 -53.52 0.74 30.15
CA PRO B 257 -52.60 1.87 30.01
C PRO B 257 -51.14 1.48 30.06
N ILE B 258 -50.80 0.38 30.74
CA ILE B 258 -49.42 -0.07 30.78
C ILE B 258 -48.96 -0.58 29.42
N CYS B 259 -49.79 -1.40 28.76
CA CYS B 259 -49.49 -1.82 27.41
C CYS B 259 -49.46 -0.63 26.45
N ALA B 260 -50.38 0.31 26.62
CA ALA B 260 -50.36 1.52 25.81
C ALA B 260 -49.05 2.28 25.98
N MET B 261 -48.56 2.36 27.22
N MET B 261 -48.55 2.36 27.22
CA MET B 261 -47.28 3.03 27.48
CA MET B 261 -47.28 3.03 27.48
C MET B 261 -46.16 2.37 26.68
C MET B 261 -46.16 2.37 26.68
N GLN B 262 -46.14 1.04 26.64
CA GLN B 262 -45.12 0.33 25.89
C GLN B 262 -45.21 0.64 24.40
N ALA B 263 -46.44 0.74 23.87
CA ALA B 263 -46.61 1.08 22.47
C ALA B 263 -46.03 2.46 22.17
N CYS B 264 -46.29 3.43 23.05
CA CYS B 264 -45.71 4.76 22.86
C CYS B 264 -44.19 4.69 22.82
N MET B 265 -43.58 4.04 23.81
CA MET B 265 -42.13 3.96 23.87
C MET B 265 -41.54 3.15 22.72
N ASP B 266 -42.29 2.18 22.21
CA ASP B 266 -41.86 1.38 21.06
C ASP B 266 -41.98 2.14 19.75
N GLY B 267 -42.49 3.37 19.77
CA GLY B 267 -42.55 4.18 18.59
C GLY B 267 -43.86 4.19 17.84
N PHE B 268 -44.96 3.77 18.47
CA PHE B 268 -46.26 3.79 17.82
C PHE B 268 -47.13 4.90 18.40
N GLU B 269 -48.03 5.40 17.56
CA GLU B 269 -49.05 6.33 17.98
C GLU B 269 -50.25 5.57 18.53
N VAL B 270 -50.71 5.93 19.72
CA VAL B 270 -51.77 5.20 20.41
C VAL B 270 -53.09 5.95 20.20
N VAL B 271 -54.06 5.26 19.61
CA VAL B 271 -55.34 5.86 19.23
C VAL B 271 -56.47 4.93 19.64
N SER B 272 -57.68 5.50 19.63
CA SER B 272 -58.90 4.77 19.89
C SER B 272 -59.84 4.85 18.69
N PRO B 273 -60.54 3.77 18.36
CA PRO B 273 -61.60 3.87 17.33
C PRO B 273 -62.68 4.86 17.71
N TYR B 274 -62.85 5.17 18.99
CA TYR B 274 -63.95 5.98 19.50
C TYR B 274 -63.43 7.31 19.99
N LYS B 275 -64.23 8.36 19.76
CA LYS B 275 -63.87 9.70 20.21
C LYS B 275 -63.67 9.73 21.71
N ASN B 276 -62.48 10.16 22.14
CA ASN B 276 -62.08 10.17 23.54
C ASN B 276 -62.14 8.77 24.16
N GLY B 277 -62.10 7.74 23.34
CA GLY B 277 -62.05 6.37 23.81
C GLY B 277 -63.33 5.80 24.36
N ILE B 278 -64.44 6.53 24.29
CA ILE B 278 -65.71 6.08 24.88
C ILE B 278 -66.55 5.40 23.80
N ASN B 279 -66.82 4.11 24.00
CA ASN B 279 -67.55 3.28 23.05
C ASN B 279 -69.01 3.22 23.50
N ASP B 280 -69.82 4.18 23.05
CA ASP B 280 -71.23 4.19 23.44
C ASP B 280 -72.13 3.48 22.43
N GLY B 281 -71.56 2.83 21.42
CA GLY B 281 -72.32 2.04 20.48
C GLY B 281 -72.94 2.80 19.33
N THR B 282 -72.76 4.11 19.25
CA THR B 282 -73.35 4.92 18.20
C THR B 282 -72.32 5.24 17.12
N GLU B 283 -72.83 5.51 15.91
CA GLU B 283 -71.95 5.95 14.82
C GLU B 283 -71.23 7.24 15.19
N ALA B 284 -71.88 8.11 15.96
CA ALA B 284 -71.28 9.39 16.32
C ALA B 284 -70.02 9.22 17.16
N SER B 285 -69.92 8.12 17.92
CA SER B 285 -68.74 7.89 18.73
C SER B 285 -67.52 7.49 17.90
N ILE B 286 -67.73 7.07 16.65
CA ILE B 286 -66.61 6.61 15.82
C ILE B 286 -65.77 7.79 15.38
N ASP B 287 -64.45 7.65 15.48
CA ASP B 287 -63.53 8.61 14.87
C ASP B 287 -63.47 8.30 13.38
N ALA B 288 -64.39 8.89 12.62
CA ALA B 288 -64.51 8.57 11.20
C ALA B 288 -63.29 9.04 10.41
N ALA B 289 -62.71 10.18 10.80
CA ALA B 289 -61.52 10.66 10.12
C ALA B 289 -60.35 9.68 10.30
N LEU B 290 -60.21 9.12 11.50
CA LEU B 290 -59.17 8.13 11.73
C LEU B 290 -59.43 6.84 10.96
N LEU B 291 -60.63 6.27 11.11
CA LEU B 291 -60.93 5.01 10.44
C LEU B 291 -60.90 5.16 8.93
N GLY B 292 -61.26 6.34 8.42
CA GLY B 292 -61.25 6.59 7.00
C GLY B 292 -59.87 6.60 6.37
N LYS B 293 -58.82 6.50 7.18
CA LYS B 293 -57.44 6.49 6.70
C LYS B 293 -56.79 5.13 6.81
N ILE B 294 -57.46 4.13 7.37
CA ILE B 294 -56.84 2.87 7.75
C ILE B 294 -56.92 1.90 6.58
N ASP B 295 -55.76 1.36 6.16
CA ASP B 295 -55.68 0.39 5.08
C ASP B 295 -55.78 -1.05 5.57
N LEU B 296 -55.53 -1.29 6.85
CA LEU B 296 -55.48 -2.64 7.40
C LEU B 296 -55.77 -2.57 8.89
N ILE B 297 -56.67 -3.43 9.37
CA ILE B 297 -56.96 -3.54 10.80
C ILE B 297 -56.76 -4.99 11.23
N VAL B 298 -56.09 -5.16 12.37
CA VAL B 298 -55.77 -6.48 12.92
C VAL B 298 -56.19 -6.49 14.38
N THR B 299 -57.06 -7.43 14.75
CA THR B 299 -57.48 -7.62 16.13
C THR B 299 -56.60 -8.66 16.82
N THR B 300 -56.18 -8.37 18.07
CA THR B 300 -55.21 -9.22 18.76
C THR B 300 -55.56 -9.41 20.24
N THR B 301 -56.84 -9.32 20.60
CA THR B 301 -57.21 -9.06 21.99
C THR B 301 -57.64 -10.29 22.78
N GLY B 302 -58.23 -11.30 22.14
CA GLY B 302 -58.92 -12.32 22.91
C GLY B 302 -60.21 -11.85 23.54
N ASN B 303 -60.68 -10.66 23.18
CA ASN B 303 -61.92 -10.08 23.67
C ASN B 303 -62.99 -10.18 22.58
N VAL B 304 -64.17 -9.63 22.86
CA VAL B 304 -65.33 -9.75 21.97
C VAL B 304 -65.62 -8.41 21.31
N ASN B 305 -65.80 -8.44 19.99
CA ASN B 305 -66.32 -7.30 19.21
C ASN B 305 -65.45 -6.06 19.37
N VAL B 306 -64.14 -6.21 19.14
CA VAL B 306 -63.24 -5.06 19.20
C VAL B 306 -63.02 -4.44 17.83
N CYS B 307 -63.63 -4.99 16.79
CA CYS B 307 -63.76 -4.34 15.49
C CYS B 307 -65.24 -4.48 15.17
N ASP B 308 -66.04 -3.49 15.59
CA ASP B 308 -67.48 -3.66 15.57
C ASP B 308 -68.08 -3.15 14.25
N ALA B 309 -69.41 -3.25 14.16
CA ALA B 309 -70.10 -2.88 12.93
C ALA B 309 -69.85 -1.43 12.55
N ASN B 310 -69.87 -0.53 13.53
CA ASN B 310 -69.69 0.89 13.25
C ASN B 310 -68.28 1.17 12.74
N MET B 311 -67.28 0.49 13.29
CA MET B 311 -65.93 0.60 12.77
C MET B 311 -65.86 0.09 11.33
N LEU B 312 -66.51 -1.04 11.06
CA LEU B 312 -66.48 -1.61 9.72
C LEU B 312 -67.12 -0.68 8.71
N LYS B 313 -68.18 0.03 9.11
CA LYS B 313 -68.81 0.98 8.20
C LYS B 313 -67.91 2.16 7.88
N ALA B 314 -67.08 2.58 8.84
CA ALA B 314 -66.28 3.78 8.69
C ALA B 314 -64.92 3.54 8.05
N LEU B 315 -64.49 2.27 7.93
CA LEU B 315 -63.18 1.97 7.37
C LEU B 315 -63.03 2.50 5.96
N LYS B 316 -61.81 2.91 5.63
CA LYS B 316 -61.45 3.31 4.28
C LYS B 316 -61.84 2.22 3.29
N LYS B 317 -62.33 2.64 2.12
CA LYS B 317 -62.65 1.69 1.07
C LYS B 317 -61.44 0.80 0.78
N ARG B 318 -61.70 -0.50 0.61
CA ARG B 318 -60.71 -1.50 0.21
C ARG B 318 -59.69 -1.81 1.30
N ALA B 319 -59.98 -1.44 2.55
CA ALA B 319 -59.14 -1.86 3.65
C ALA B 319 -59.23 -3.38 3.83
N VAL B 320 -58.16 -3.95 4.37
CA VAL B 320 -58.12 -5.36 4.74
C VAL B 320 -58.49 -5.48 6.21
N VAL B 321 -59.28 -6.50 6.55
CA VAL B 321 -59.73 -6.77 7.92
C VAL B 321 -59.35 -8.20 8.27
N CYS B 322 -58.66 -8.38 9.40
CA CYS B 322 -58.32 -9.74 9.82
C CYS B 322 -58.16 -9.81 11.32
N ASN B 323 -58.19 -11.05 11.83
CA ASN B 323 -58.07 -11.36 13.25
C ASN B 323 -56.99 -12.41 13.44
N ILE B 324 -56.16 -12.21 14.46
CA ILE B 324 -55.12 -13.15 14.83
C ILE B 324 -55.24 -13.62 16.27
N GLY B 325 -56.27 -13.17 16.99
CA GLY B 325 -56.67 -13.81 18.23
C GLY B 325 -57.35 -15.15 17.98
N HIS B 326 -57.66 -15.84 19.08
CA HIS B 326 -58.03 -17.25 18.95
C HIS B 326 -59.41 -17.43 18.32
N PHE B 327 -60.38 -16.60 18.67
CA PHE B 327 -61.76 -16.77 18.21
C PHE B 327 -62.14 -15.65 17.27
N ASP B 328 -63.08 -15.95 16.35
CA ASP B 328 -63.46 -15.00 15.31
C ASP B 328 -64.39 -13.91 15.79
N ASN B 329 -64.92 -14.00 17.00
CA ASN B 329 -65.86 -12.99 17.49
C ASN B 329 -65.18 -11.67 17.84
N GLU B 330 -63.88 -11.53 17.57
CA GLU B 330 -63.26 -10.21 17.72
C GLU B 330 -63.79 -9.23 16.68
N ILE B 331 -64.12 -9.73 15.49
CA ILE B 331 -64.71 -8.95 14.40
C ILE B 331 -66.19 -9.30 14.32
N ASP B 332 -67.05 -8.28 14.17
CA ASP B 332 -68.48 -8.53 14.01
C ASP B 332 -68.72 -8.97 12.57
N THR B 333 -68.42 -10.25 12.31
CA THR B 333 -68.71 -10.82 11.00
C THR B 333 -70.19 -11.13 10.81
N ALA B 334 -70.93 -11.33 11.91
CA ALA B 334 -72.37 -11.54 11.80
C ALA B 334 -73.03 -10.36 11.10
N PHE B 335 -72.68 -9.13 11.52
CA PHE B 335 -73.21 -7.95 10.85
C PHE B 335 -72.90 -7.96 9.36
N MET B 336 -71.67 -8.36 9.00
CA MET B 336 -71.28 -8.35 7.59
C MET B 336 -72.00 -9.43 6.80
N ARG B 337 -72.23 -10.60 7.40
CA ARG B 337 -72.98 -11.64 6.72
C ARG B 337 -74.43 -11.21 6.47
N LYS B 338 -75.00 -10.41 7.38
CA LYS B 338 -76.41 -10.06 7.26
C LYS B 338 -76.63 -8.97 6.22
N ASN B 339 -75.73 -8.00 6.12
CA ASN B 339 -76.01 -6.77 5.38
C ASN B 339 -75.20 -6.59 4.10
N TRP B 340 -74.06 -7.26 3.97
CA TRP B 340 -73.17 -7.02 2.85
C TRP B 340 -72.95 -8.30 2.06
N ALA B 341 -72.73 -8.14 0.75
CA ALA B 341 -72.55 -9.27 -0.15
C ALA B 341 -71.10 -9.74 -0.14
N TRP B 342 -70.91 -11.06 -0.09
CA TRP B 342 -69.58 -11.66 0.00
C TRP B 342 -69.19 -12.25 -1.36
N GLU B 343 -68.06 -11.78 -1.90
CA GLU B 343 -67.49 -12.30 -3.14
C GLU B 343 -66.20 -13.03 -2.80
N GLU B 344 -66.19 -14.35 -2.98
CA GLU B 344 -64.97 -15.11 -2.73
C GLU B 344 -63.95 -14.80 -3.83
N VAL B 345 -62.77 -14.33 -3.42
CA VAL B 345 -61.67 -14.16 -4.36
C VAL B 345 -60.98 -15.49 -4.60
N LYS B 346 -60.63 -16.14 -3.50
CA LYS B 346 -60.09 -17.50 -3.46
C LYS B 346 -60.30 -18.01 -2.05
N PRO B 347 -60.03 -19.29 -1.77
CA PRO B 347 -60.22 -19.80 -0.41
C PRO B 347 -59.64 -18.88 0.67
N GLN B 348 -60.47 -18.57 1.66
CA GLN B 348 -60.08 -17.76 2.81
C GLN B 348 -59.75 -16.32 2.44
N VAL B 349 -60.31 -15.83 1.33
CA VAL B 349 -60.18 -14.43 0.93
C VAL B 349 -61.50 -13.99 0.34
N HIS B 350 -62.17 -13.04 0.99
CA HIS B 350 -63.48 -12.57 0.53
C HIS B 350 -63.49 -11.05 0.44
N LYS B 351 -64.04 -10.55 -0.66
CA LYS B 351 -64.44 -9.15 -0.73
C LYS B 351 -65.83 -9.01 -0.14
N ILE B 352 -66.03 -8.00 0.71
CA ILE B 352 -67.30 -7.72 1.35
C ILE B 352 -67.82 -6.41 0.79
N HIS B 353 -68.88 -6.47 -0.01
CA HIS B 353 -69.38 -5.32 -0.75
C HIS B 353 -70.34 -4.53 0.14
N ARG B 354 -69.94 -3.32 0.53
CA ARG B 354 -70.71 -2.49 1.45
C ARG B 354 -71.85 -1.76 0.76
N THR B 355 -72.11 -2.07 -0.51
CA THR B 355 -73.25 -1.51 -1.22
C THR B 355 -74.56 -2.24 -0.91
N GLY B 356 -74.51 -3.40 -0.27
CA GLY B 356 -75.70 -4.10 0.16
C GLY B 356 -75.62 -5.57 -0.11
N LYS B 357 -76.74 -6.26 0.14
CA LYS B 357 -76.85 -7.69 -0.06
C LYS B 357 -77.40 -8.07 -1.42
N ASP B 358 -78.13 -7.17 -2.08
CA ASP B 358 -78.81 -7.49 -3.35
C ASP B 358 -77.77 -7.54 -4.49
N GLY B 359 -77.00 -8.62 -4.48
CA GLY B 359 -75.95 -8.79 -5.47
C GLY B 359 -74.87 -7.74 -5.31
N PHE B 360 -73.95 -7.74 -6.28
CA PHE B 360 -72.88 -6.76 -6.27
C PHE B 360 -72.39 -6.51 -7.69
N ASP B 361 -71.91 -5.30 -7.91
CA ASP B 361 -71.20 -4.94 -9.12
C ASP B 361 -69.77 -5.47 -9.02
N ALA B 362 -69.38 -6.35 -9.94
CA ALA B 362 -68.06 -6.94 -9.91
C ALA B 362 -66.95 -5.90 -9.98
N HIS B 363 -67.27 -4.67 -10.38
CA HIS B 363 -66.31 -3.57 -10.38
C HIS B 363 -66.60 -2.54 -9.31
N ASN B 364 -67.45 -2.88 -8.33
CA ASN B 364 -67.68 -2.00 -7.18
C ASN B 364 -66.35 -1.69 -6.50
N ASP B 365 -66.12 -0.42 -6.21
CA ASP B 365 -64.91 -0.02 -5.49
C ASP B 365 -65.11 0.01 -3.98
N ASP B 366 -66.34 -0.08 -3.49
CA ASP B 366 -66.63 0.06 -2.07
C ASP B 366 -66.77 -1.32 -1.45
N TYR B 367 -65.63 -1.92 -1.12
CA TYR B 367 -65.60 -3.23 -0.48
C TYR B 367 -64.48 -3.26 0.54
N LEU B 368 -64.53 -4.28 1.40
CA LEU B 368 -63.45 -4.63 2.30
C LEU B 368 -62.98 -6.05 1.97
N ILE B 369 -61.72 -6.34 2.25
CA ILE B 369 -61.19 -7.70 2.11
C ILE B 369 -61.05 -8.31 3.49
N LEU B 370 -61.81 -9.37 3.75
CA LEU B 370 -61.72 -10.15 4.98
C LEU B 370 -60.89 -11.41 4.73
N LEU B 371 -59.99 -11.72 5.66
CA LEU B 371 -59.15 -12.90 5.55
C LEU B 371 -59.63 -13.99 6.50
N ALA B 372 -59.65 -15.23 5.99
CA ALA B 372 -59.98 -16.42 6.77
C ALA B 372 -61.31 -16.28 7.51
N GLU B 373 -62.24 -15.50 6.95
CA GLU B 373 -63.57 -15.31 7.52
C GLU B 373 -63.51 -14.89 8.99
N GLY B 374 -62.47 -14.14 9.36
CA GLY B 374 -62.30 -13.71 10.73
C GLY B 374 -61.59 -14.69 11.64
N ARG B 375 -61.34 -15.92 11.18
CA ARG B 375 -60.59 -16.88 11.95
C ARG B 375 -59.12 -16.47 12.00
N LEU B 376 -58.36 -17.15 12.87
CA LEU B 376 -56.93 -16.86 13.03
C LEU B 376 -56.22 -16.78 11.69
N VAL B 377 -55.73 -15.59 11.33
CA VAL B 377 -55.32 -15.36 9.95
C VAL B 377 -53.96 -16.01 9.65
N ASN B 378 -53.04 -16.05 10.63
CA ASN B 378 -51.73 -16.62 10.33
C ASN B 378 -51.83 -18.10 9.99
N LEU B 379 -52.69 -18.83 10.70
CA LEU B 379 -52.91 -20.24 10.38
C LEU B 379 -53.91 -20.42 9.25
N GLY B 380 -54.83 -19.48 9.07
CA GLY B 380 -55.86 -19.63 8.05
C GLY B 380 -55.38 -19.33 6.64
N ASN B 381 -54.56 -18.30 6.48
CA ASN B 381 -54.07 -17.88 5.18
C ASN B 381 -52.60 -18.20 4.96
N ALA B 382 -51.92 -18.78 5.96
CA ALA B 382 -50.57 -19.27 5.74
C ALA B 382 -50.36 -20.55 6.55
N THR B 383 -49.25 -20.67 7.28
CA THR B 383 -48.97 -21.90 8.02
C THR B 383 -48.71 -21.63 9.50
N GLY B 384 -49.14 -20.49 10.02
CA GLY B 384 -48.90 -20.24 11.43
C GLY B 384 -47.42 -20.01 11.73
N HIS B 385 -47.06 -20.23 12.99
CA HIS B 385 -45.69 -19.99 13.42
C HIS B 385 -44.74 -21.00 12.77
N PRO B 386 -43.47 -20.63 12.61
CA PRO B 386 -42.48 -21.56 12.07
C PRO B 386 -42.00 -22.57 13.10
N SER B 387 -41.46 -23.67 12.59
CA SER B 387 -41.05 -24.79 13.44
C SER B 387 -40.11 -24.36 14.57
N ARG B 388 -39.11 -23.53 14.25
CA ARG B 388 -38.13 -23.19 15.28
C ARG B 388 -38.73 -22.35 16.40
N ILE B 389 -39.87 -21.69 16.17
CA ILE B 389 -40.57 -21.04 17.24
C ILE B 389 -41.47 -22.02 18.00
N MET B 390 -42.25 -22.83 17.26
CA MET B 390 -43.09 -23.84 17.90
C MET B 390 -42.27 -24.85 18.68
N ASP B 391 -40.98 -24.99 18.37
CA ASP B 391 -40.09 -25.83 19.16
C ASP B 391 -40.19 -25.48 20.64
N GLY B 392 -40.20 -24.19 20.96
CA GLY B 392 -40.29 -23.78 22.35
C GLY B 392 -41.62 -24.15 22.97
N SER B 393 -42.73 -23.82 22.30
CA SER B 393 -44.05 -24.10 22.83
C SER B 393 -44.23 -25.58 23.11
N PHE B 394 -43.87 -26.41 22.12
CA PHE B 394 -44.21 -27.83 22.19
C PHE B 394 -43.24 -28.64 23.05
N ALA B 395 -42.02 -28.14 23.26
CA ALA B 395 -41.18 -28.73 24.30
C ALA B 395 -41.82 -28.54 25.67
N ASN B 396 -42.36 -27.35 25.93
CA ASN B 396 -43.12 -27.12 27.16
C ASN B 396 -44.32 -28.06 27.25
N GLN B 397 -44.96 -28.35 26.11
CA GLN B 397 -46.12 -29.25 26.13
C GLN B 397 -45.71 -30.66 26.54
N VAL B 398 -44.61 -31.17 25.99
CA VAL B 398 -44.17 -32.51 26.34
C VAL B 398 -43.80 -32.59 27.81
N LEU B 399 -43.09 -31.58 28.31
CA LEU B 399 -42.72 -31.57 29.72
C LEU B 399 -43.95 -31.47 30.61
N ALA B 400 -44.95 -30.70 30.20
CA ALA B 400 -46.17 -30.58 30.99
C ALA B 400 -46.91 -31.91 31.05
N GLN B 401 -47.04 -32.59 29.90
CA GLN B 401 -47.64 -33.92 29.88
C GLN B 401 -46.91 -34.88 30.82
N ILE B 402 -45.57 -34.88 30.77
CA ILE B 402 -44.81 -35.78 31.63
C ILE B 402 -45.03 -35.42 33.10
N HIS B 403 -45.06 -34.13 33.42
CA HIS B 403 -45.23 -33.70 34.81
C HIS B 403 -46.58 -34.12 35.38
N LEU B 404 -47.65 -33.87 34.63
CA LEU B 404 -48.98 -34.23 35.13
C LEU B 404 -49.18 -35.74 35.10
N PHE B 405 -48.70 -36.40 34.05
CA PHE B 405 -48.88 -37.86 33.98
C PHE B 405 -48.15 -38.55 35.12
N GLU B 406 -46.91 -38.13 35.42
CA GLU B 406 -46.17 -38.79 36.48
C GLU B 406 -46.78 -38.53 37.85
N GLN B 407 -47.66 -37.54 37.97
CA GLN B 407 -48.32 -37.24 39.24
C GLN B 407 -49.54 -38.13 39.49
N LYS B 408 -50.21 -38.57 38.43
CA LYS B 408 -51.32 -39.53 38.50
C LYS B 408 -52.43 -39.03 39.43
N TYR B 409 -52.98 -37.86 39.11
CA TYR B 409 -54.00 -37.25 39.95
C TYR B 409 -55.23 -38.15 40.09
N ALA B 410 -55.62 -38.83 39.01
CA ALA B 410 -56.84 -39.63 39.04
C ALA B 410 -56.76 -40.82 39.99
N ASP B 411 -55.56 -41.26 40.35
CA ASP B 411 -55.38 -42.38 41.26
C ASP B 411 -55.22 -41.95 42.71
N LEU B 412 -55.15 -40.64 42.97
CA LEU B 412 -54.90 -40.16 44.33
C LEU B 412 -56.11 -40.42 45.23
N PRO B 413 -55.87 -40.70 46.52
CA PRO B 413 -56.97 -40.66 47.48
C PRO B 413 -57.61 -39.28 47.47
N ALA B 414 -58.94 -39.26 47.69
CA ALA B 414 -59.68 -38.01 47.60
C ALA B 414 -59.11 -36.96 48.55
N ALA B 415 -58.70 -37.38 49.75
CA ALA B 415 -58.15 -36.47 50.75
C ALA B 415 -56.82 -35.87 50.34
N GLU B 416 -56.25 -36.27 49.20
CA GLU B 416 -55.00 -35.72 48.69
C GLU B 416 -55.16 -34.96 47.39
N LYS B 417 -56.38 -34.91 46.82
CA LYS B 417 -56.57 -34.25 45.52
C LYS B 417 -56.59 -32.74 45.64
N ALA B 418 -57.17 -32.22 46.73
CA ALA B 418 -57.39 -30.77 46.83
C ALA B 418 -56.08 -30.00 46.76
N LYS B 419 -55.01 -30.54 47.37
CA LYS B 419 -53.71 -29.89 47.29
C LYS B 419 -53.23 -29.75 45.86
N ARG B 420 -53.60 -30.69 44.98
CA ARG B 420 -53.09 -30.72 43.62
C ARG B 420 -54.09 -30.23 42.58
N LEU B 421 -55.30 -29.86 42.96
CA LEU B 421 -56.28 -29.34 42.00
C LEU B 421 -55.99 -27.87 41.77
N SER B 422 -55.23 -27.57 40.72
CA SER B 422 -54.75 -26.22 40.50
C SER B 422 -54.46 -26.01 39.02
N VAL B 423 -54.15 -24.75 38.68
CA VAL B 423 -53.67 -24.36 37.37
C VAL B 423 -52.34 -23.67 37.59
N GLU B 424 -51.25 -24.30 37.15
CA GLU B 424 -49.91 -23.80 37.42
C GLU B 424 -49.08 -23.76 36.16
N VAL B 425 -48.03 -22.94 36.18
CA VAL B 425 -47.03 -22.91 35.12
C VAL B 425 -45.93 -23.90 35.48
N LEU B 426 -45.12 -24.25 34.47
CA LEU B 426 -43.95 -25.07 34.73
C LEU B 426 -42.92 -24.28 35.54
N PRO B 427 -42.10 -24.97 36.33
CA PRO B 427 -41.07 -24.25 37.09
C PRO B 427 -40.03 -23.65 36.17
N LYS B 428 -39.38 -22.59 36.67
CA LYS B 428 -38.46 -21.81 35.83
C LYS B 428 -37.30 -22.65 35.31
N LYS B 429 -36.90 -23.69 36.05
CA LYS B 429 -35.81 -24.55 35.61
C LYS B 429 -36.13 -25.21 34.28
N LEU B 430 -37.39 -25.64 34.10
CA LEU B 430 -37.79 -26.22 32.82
C LEU B 430 -37.83 -25.17 31.73
N ASP B 431 -38.37 -23.98 32.04
CA ASP B 431 -38.35 -22.86 31.11
C ASP B 431 -36.94 -22.60 30.60
N GLU B 432 -35.97 -22.54 31.53
CA GLU B 432 -34.58 -22.29 31.15
C GLU B 432 -34.02 -23.42 30.32
N GLU B 433 -34.34 -24.66 30.66
CA GLU B 433 -33.83 -25.80 29.91
C GLU B 433 -34.27 -25.76 28.45
N VAL B 434 -35.55 -25.42 28.22
CA VAL B 434 -36.05 -25.28 26.86
C VAL B 434 -35.32 -24.14 26.15
N ALA B 435 -35.16 -23.01 26.84
CA ALA B 435 -34.50 -21.85 26.24
C ALA B 435 -33.08 -22.18 25.80
N LEU B 436 -32.34 -22.94 26.60
CA LEU B 436 -30.95 -23.22 26.26
C LEU B 436 -30.85 -24.02 24.97
N GLU B 437 -31.73 -25.00 24.78
CA GLU B 437 -31.69 -25.77 23.54
C GLU B 437 -32.05 -24.90 22.34
N MET B 438 -32.99 -23.97 22.51
CA MET B 438 -33.29 -23.03 21.44
C MET B 438 -32.07 -22.19 21.09
N VAL B 439 -31.39 -21.65 22.11
CA VAL B 439 -30.21 -20.82 21.87
C VAL B 439 -29.13 -21.61 21.12
N LYS B 440 -28.90 -22.87 21.53
CA LYS B 440 -27.94 -23.71 20.81
C LYS B 440 -28.37 -23.93 19.36
N GLY B 441 -29.68 -24.02 19.11
CA GLY B 441 -30.15 -24.15 17.75
C GLY B 441 -29.72 -23.00 16.85
N PHE B 442 -29.58 -21.81 17.42
CA PHE B 442 -29.06 -20.66 16.69
C PHE B 442 -27.54 -20.61 16.68
N GLY B 443 -26.87 -21.57 17.29
CA GLY B 443 -25.43 -21.50 17.46
C GLY B 443 -24.96 -20.56 18.55
N GLY B 444 -25.85 -20.08 19.41
CA GLY B 444 -25.44 -19.18 20.48
C GLY B 444 -24.69 -19.91 21.57
N VAL B 445 -23.81 -19.17 22.25
CA VAL B 445 -22.99 -19.69 23.33
C VAL B 445 -23.34 -18.95 24.61
N VAL B 446 -23.90 -19.68 25.58
CA VAL B 446 -24.23 -19.11 26.88
C VAL B 446 -23.01 -19.16 27.79
N THR B 447 -22.77 -18.06 28.50
CA THR B 447 -21.63 -17.99 29.41
C THR B 447 -21.99 -18.65 30.74
N GLN B 448 -21.04 -19.35 31.32
CA GLN B 448 -21.21 -19.99 32.62
C GLN B 448 -20.66 -19.11 33.72
N LEU B 449 -21.46 -18.88 34.75
CA LEU B 449 -21.03 -18.06 35.88
C LEU B 449 -19.87 -18.73 36.61
N THR B 450 -18.95 -17.90 37.12
CA THR B 450 -17.99 -18.41 38.09
C THR B 450 -18.67 -18.54 39.45
N PRO B 451 -18.11 -19.36 40.35
CA PRO B 451 -18.71 -19.45 41.70
C PRO B 451 -18.85 -18.11 42.40
N LYS B 452 -17.85 -17.22 42.24
CA LYS B 452 -17.91 -15.92 42.88
C LYS B 452 -19.00 -15.05 42.28
N GLN B 453 -19.12 -15.05 40.95
CA GLN B 453 -20.19 -14.29 40.31
C GLN B 453 -21.56 -14.80 40.72
N ALA B 454 -21.73 -16.13 40.75
CA ALA B 454 -22.99 -16.70 41.20
C ALA B 454 -23.29 -16.27 42.63
N GLU B 455 -22.29 -16.33 43.51
CA GLU B 455 -22.49 -15.89 44.88
C GLU B 455 -22.81 -14.41 44.94
N TYR B 456 -22.17 -13.61 44.09
CA TYR B 456 -22.35 -12.16 44.13
C TYR B 456 -23.78 -11.76 43.81
N ILE B 457 -24.40 -12.40 42.82
CA ILE B 457 -25.80 -12.11 42.48
C ILE B 457 -26.76 -13.09 43.13
N GLY B 458 -26.26 -13.97 43.99
CA GLY B 458 -27.12 -14.84 44.78
C GLY B 458 -27.90 -15.88 44.01
N VAL B 459 -27.26 -16.55 43.06
CA VAL B 459 -27.89 -17.64 42.31
C VAL B 459 -26.92 -18.82 42.26
N SER B 460 -27.48 -19.98 41.93
CA SER B 460 -26.65 -21.14 41.60
C SER B 460 -26.06 -20.97 40.20
N VAL B 461 -24.90 -21.60 39.99
CA VAL B 461 -24.33 -21.64 38.65
C VAL B 461 -25.23 -22.41 37.70
N GLU B 462 -26.09 -23.29 38.23
CA GLU B 462 -27.04 -24.06 37.43
C GLU B 462 -28.35 -23.34 37.19
N GLY B 463 -28.61 -22.23 37.87
CA GLY B 463 -29.89 -21.59 37.80
C GLY B 463 -30.87 -22.20 38.79
N PRO B 464 -32.10 -21.68 38.83
CA PRO B 464 -32.63 -20.59 37.98
C PRO B 464 -31.92 -19.25 38.22
N PHE B 465 -31.90 -18.40 37.21
CA PHE B 465 -31.11 -17.18 37.23
C PHE B 465 -31.92 -15.94 37.59
N LYS B 466 -33.24 -16.05 37.65
CA LYS B 466 -34.13 -14.95 37.98
C LYS B 466 -35.13 -15.42 39.03
N PRO B 467 -35.63 -14.51 39.87
CA PRO B 467 -36.72 -14.88 40.78
C PRO B 467 -38.00 -15.10 40.00
N ASP B 468 -38.98 -15.72 40.65
CA ASP B 468 -40.25 -15.98 39.99
C ASP B 468 -41.01 -14.69 39.66
N THR B 469 -40.67 -13.58 40.32
CA THR B 469 -41.27 -12.29 40.01
C THR B 469 -40.77 -11.68 38.71
N TYR B 470 -39.68 -12.18 38.14
CA TYR B 470 -39.04 -11.51 37.02
C TYR B 470 -39.90 -11.58 35.76
N ARG B 471 -39.92 -10.48 35.00
CA ARG B 471 -40.81 -10.33 33.87
C ARG B 471 -40.13 -10.47 32.51
N TYR B 472 -38.79 -10.45 32.46
CA TYR B 472 -38.06 -10.50 31.19
C TYR B 472 -38.52 -9.41 30.23
N ALA C 11 -28.50 33.03 50.82
CA ALA C 11 -28.76 34.08 51.79
C ALA C 11 -29.12 33.50 53.16
N GLY C 12 -28.23 33.67 54.13
CA GLY C 12 -28.45 33.16 55.47
C GLY C 12 -28.37 31.65 55.58
N PHE C 13 -28.68 30.95 54.49
CA PHE C 13 -28.78 29.50 54.44
C PHE C 13 -27.47 28.91 53.92
N THR C 14 -26.81 28.10 54.76
CA THR C 14 -25.52 27.51 54.41
C THR C 14 -25.52 25.99 54.54
N ASP C 15 -26.71 25.37 54.62
CA ASP C 15 -26.83 23.94 54.91
C ASP C 15 -26.83 23.12 53.62
N TYR C 16 -25.70 23.17 52.91
CA TYR C 16 -25.56 22.49 51.62
C TYR C 16 -24.09 22.55 51.20
N LYS C 17 -23.76 21.79 50.16
CA LYS C 17 -22.47 21.95 49.48
C LYS C 17 -22.66 21.52 48.04
N VAL C 18 -22.57 22.49 47.12
CA VAL C 18 -22.69 22.24 45.70
C VAL C 18 -21.48 22.86 45.00
N ALA C 19 -21.33 22.54 43.72
CA ALA C 19 -20.16 23.01 42.98
C ALA C 19 -20.17 24.53 42.80
N ASP C 20 -21.35 25.10 42.53
CA ASP C 20 -21.45 26.50 42.16
C ASP C 20 -22.89 26.98 42.27
N ILE C 21 -23.21 27.68 43.37
CA ILE C 21 -24.59 28.12 43.60
C ILE C 21 -25.07 29.08 42.52
N THR C 22 -24.17 29.75 41.81
CA THR C 22 -24.58 30.72 40.80
C THR C 22 -25.13 30.09 39.54
N LEU C 23 -25.14 28.75 39.45
CA LEU C 23 -25.81 28.03 38.38
C LEU C 23 -27.29 27.80 38.67
N ALA C 24 -27.81 28.42 39.73
CA ALA C 24 -29.16 28.10 40.20
C ALA C 24 -30.23 28.58 39.23
N ALA C 25 -30.07 29.79 38.67
CA ALA C 25 -31.05 30.30 37.72
C ALA C 25 -31.14 29.42 36.48
N TRP C 26 -29.98 28.96 35.98
CA TRP C 26 -29.96 28.04 34.85
C TRP C 26 -30.68 26.75 35.19
N GLY C 27 -30.42 26.19 36.38
CA GLY C 27 -31.09 24.97 36.78
C GLY C 27 -32.59 25.14 36.95
N ARG C 28 -33.00 26.29 37.50
CA ARG C 28 -34.43 26.58 37.62
C ARG C 28 -35.09 26.64 36.24
N ARG C 29 -34.40 27.18 35.23
CA ARG C 29 -34.95 27.21 33.88
C ARG C 29 -35.17 25.80 33.34
N GLU C 30 -34.21 24.90 33.57
CA GLU C 30 -34.37 23.53 33.10
C GLU C 30 -35.38 22.76 33.94
N LEU C 31 -35.53 23.12 35.22
CA LEU C 31 -36.56 22.50 36.04
C LEU C 31 -37.95 22.81 35.49
N ILE C 32 -38.18 24.06 35.08
CA ILE C 32 -39.48 24.45 34.58
C ILE C 32 -39.79 23.73 33.26
N ILE C 33 -38.77 23.50 32.43
CA ILE C 33 -38.97 22.72 31.22
C ILE C 33 -39.30 21.27 31.57
N ALA C 34 -38.54 20.69 32.51
CA ALA C 34 -38.74 19.29 32.87
C ALA C 34 -40.15 19.05 33.42
N GLU C 35 -40.69 20.02 34.16
CA GLU C 35 -42.02 19.85 34.73
C GLU C 35 -43.06 19.67 33.63
N SER C 36 -42.89 20.34 32.48
CA SER C 36 -43.81 20.13 31.37
C SER C 36 -43.62 18.78 30.68
N GLU C 37 -42.50 18.10 30.95
CA GLU C 37 -42.22 16.78 30.41
C GLU C 37 -42.55 15.65 31.39
N MET C 38 -43.04 15.97 32.59
CA MET C 38 -43.28 14.96 33.62
C MET C 38 -44.73 15.02 34.09
N PRO C 39 -45.68 14.61 33.24
CA PRO C 39 -47.11 14.74 33.61
C PRO C 39 -47.53 13.90 34.80
N ALA C 40 -47.05 12.66 34.91
CA ALA C 40 -47.45 11.81 36.03
C ALA C 40 -46.96 12.38 37.35
N LEU C 41 -45.72 12.89 37.38
CA LEU C 41 -45.17 13.46 38.60
C LEU C 41 -45.87 14.77 38.96
N MET C 42 -46.08 15.63 37.96
N MET C 42 -46.12 15.63 37.98
CA MET C 42 -46.84 16.87 38.18
CA MET C 42 -46.82 16.87 38.29
C MET C 42 -48.26 16.58 38.60
C MET C 42 -48.30 16.63 38.55
N GLY C 43 -48.86 15.55 37.99
CA GLY C 43 -50.24 15.22 38.33
C GLY C 43 -50.41 14.87 39.78
N LEU C 44 -49.45 14.11 40.34
CA LEU C 44 -49.47 13.82 41.77
C LEU C 44 -49.29 15.08 42.59
N ARG C 45 -48.46 16.01 42.10
CA ARG C 45 -48.26 17.27 42.79
C ARG C 45 -49.58 18.02 42.94
N ARG C 46 -50.34 18.14 41.86
CA ARG C 46 -51.63 18.81 41.93
C ARG C 46 -52.63 18.03 42.79
N LYS C 47 -52.69 16.72 42.60
CA LYS C 47 -53.73 15.93 43.27
C LYS C 47 -53.58 15.97 44.79
N TYR C 48 -52.36 15.85 45.30
CA TYR C 48 -52.14 15.72 46.73
C TYR C 48 -51.67 17.00 47.40
N ALA C 49 -51.55 18.10 46.66
CA ALA C 49 -51.08 19.35 47.26
C ALA C 49 -51.98 19.81 48.40
N GLY C 50 -53.30 19.75 48.19
CA GLY C 50 -54.22 20.18 49.23
C GLY C 50 -54.17 19.30 50.47
N GLN C 51 -53.95 17.99 50.29
CA GLN C 51 -54.01 17.06 51.41
C GLN C 51 -52.73 17.05 52.23
N GLN C 52 -51.59 17.39 51.64
CA GLN C 52 -50.30 17.38 52.32
C GLN C 52 -50.02 16.01 52.96
N PRO C 53 -50.03 14.93 52.17
CA PRO C 53 -49.91 13.60 52.77
C PRO C 53 -48.54 13.33 53.38
N LEU C 54 -47.53 14.12 53.04
CA LEU C 54 -46.19 13.96 53.60
C LEU C 54 -45.90 14.97 54.70
N LYS C 55 -46.92 15.62 55.23
CA LYS C 55 -46.74 16.47 56.40
C LYS C 55 -46.16 15.66 57.54
N GLY C 56 -44.96 16.05 57.98
CA GLY C 56 -44.25 15.34 59.02
C GLY C 56 -43.17 14.39 58.53
N ALA C 57 -43.12 14.10 57.23
CA ALA C 57 -42.09 13.24 56.69
C ALA C 57 -40.74 13.96 56.69
N LYS C 58 -39.70 13.25 57.10
CA LYS C 58 -38.33 13.76 57.02
C LYS C 58 -37.51 12.71 56.28
N ILE C 59 -37.29 12.96 54.99
CA ILE C 59 -36.78 11.96 54.06
C ILE C 59 -35.28 12.16 53.86
N LEU C 60 -34.51 11.10 54.08
CA LEU C 60 -33.14 11.05 53.59
C LEU C 60 -33.18 10.49 52.17
N GLY C 61 -32.67 11.25 51.21
CA GLY C 61 -32.67 10.85 49.81
C GLY C 61 -31.25 10.73 49.29
N CYS C 62 -31.00 9.64 48.56
CA CYS C 62 -29.69 9.39 47.96
C CYS C 62 -29.92 8.86 46.54
N ILE C 63 -29.89 9.76 45.56
CA ILE C 63 -30.08 9.39 44.16
C ILE C 63 -29.56 10.52 43.30
N HIS C 64 -28.91 10.15 42.18
CA HIS C 64 -28.34 11.03 41.16
C HIS C 64 -29.00 12.41 41.15
N MET C 65 -28.22 13.45 41.49
CA MET C 65 -28.75 14.80 41.68
C MET C 65 -28.87 15.50 40.33
N THR C 66 -29.83 15.01 39.54
CA THR C 66 -30.11 15.49 38.19
C THR C 66 -31.28 16.48 38.21
N ILE C 67 -31.57 17.04 37.04
CA ILE C 67 -32.76 17.88 36.88
C ILE C 67 -34.02 17.08 37.19
N GLN C 68 -34.07 15.82 36.75
CA GLN C 68 -35.23 14.99 37.01
C GLN C 68 -35.41 14.75 38.50
N THR C 69 -34.30 14.47 39.21
CA THR C 69 -34.38 14.30 40.65
C THR C 69 -34.83 15.59 41.33
N GLY C 70 -34.45 16.74 40.78
CA GLY C 70 -34.94 18.00 41.32
C GLY C 70 -36.45 18.06 41.34
N VAL C 71 -37.09 17.65 40.24
CA VAL C 71 -38.55 17.66 40.19
C VAL C 71 -39.12 16.65 41.18
N LEU C 72 -38.47 15.50 41.34
CA LEU C 72 -38.86 14.57 42.39
C LEU C 72 -38.77 15.22 43.76
N ILE C 73 -37.64 15.87 44.05
CA ILE C 73 -37.42 16.49 45.36
C ILE C 73 -38.48 17.54 45.66
N GLU C 74 -38.81 18.38 44.68
CA GLU C 74 -39.75 19.47 44.93
C GLU C 74 -41.19 18.97 44.98
N THR C 75 -41.50 17.83 44.36
CA THR C 75 -42.81 17.23 44.57
C THR C 75 -42.97 16.75 46.00
N LEU C 76 -41.94 16.11 46.56
CA LEU C 76 -42.00 15.65 47.94
C LEU C 76 -42.16 16.83 48.90
N VAL C 77 -41.39 17.89 48.69
CA VAL C 77 -41.50 19.09 49.53
C VAL C 77 -42.88 19.72 49.36
N ALA C 78 -43.40 19.71 48.13
CA ALA C 78 -44.71 20.32 47.89
C ALA C 78 -45.83 19.55 48.58
N LEU C 79 -45.64 18.27 48.85
CA LEU C 79 -46.62 17.48 49.56
C LEU C 79 -46.38 17.47 51.08
N GLY C 80 -45.46 18.29 51.57
CA GLY C 80 -45.28 18.50 52.99
C GLY C 80 -43.98 17.96 53.57
N ALA C 81 -43.16 17.27 52.78
CA ALA C 81 -41.97 16.64 53.33
C ALA C 81 -40.84 17.64 53.52
N GLU C 82 -39.98 17.35 54.49
CA GLU C 82 -38.63 17.89 54.56
C GLU C 82 -37.65 16.81 54.10
N VAL C 83 -36.58 17.23 53.44
CA VAL C 83 -35.61 16.28 52.90
C VAL C 83 -34.19 16.77 53.14
N ARG C 84 -33.26 15.80 53.11
CA ARG C 84 -31.83 16.06 53.03
C ARG C 84 -31.26 15.09 52.01
N TRP C 85 -30.56 15.61 51.01
CA TRP C 85 -30.30 14.86 49.79
C TRP C 85 -28.82 14.79 49.46
N SER C 86 -28.44 13.67 48.84
CA SER C 86 -27.13 13.48 48.26
C SER C 86 -27.29 12.65 46.99
N SER C 87 -26.23 12.58 46.19
CA SER C 87 -26.27 11.74 44.99
C SER C 87 -25.72 10.36 45.31
N CYS C 88 -26.20 9.36 44.57
CA CYS C 88 -25.75 7.99 44.73
C CYS C 88 -24.60 7.63 43.79
N ASN C 89 -23.97 8.62 43.15
CA ASN C 89 -22.82 8.35 42.29
C ASN C 89 -21.96 9.61 42.18
N ILE C 90 -20.64 9.39 42.05
CA ILE C 90 -19.71 10.52 42.08
C ILE C 90 -19.72 11.36 40.81
N PHE C 91 -20.24 10.85 39.69
CA PHE C 91 -20.21 11.57 38.42
C PHE C 91 -21.59 11.94 37.88
N SER C 92 -22.67 11.61 38.59
CA SER C 92 -24.00 11.71 37.99
C SER C 92 -24.72 13.02 38.26
N THR C 93 -24.26 13.81 39.22
CA THR C 93 -24.89 15.09 39.52
C THR C 93 -24.81 16.05 38.33
N GLN C 94 -25.92 16.72 38.06
CA GLN C 94 -25.92 17.91 37.22
C GLN C 94 -25.78 19.12 38.14
N ASP C 95 -24.68 19.87 38.00
CA ASP C 95 -24.36 20.92 38.96
C ASP C 95 -25.41 22.03 38.98
N GLN C 96 -26.05 22.31 37.84
CA GLN C 96 -27.06 23.36 37.82
C GLN C 96 -28.33 22.90 38.55
N ALA C 97 -28.61 21.60 38.54
CA ALA C 97 -29.74 21.08 39.28
C ALA C 97 -29.50 21.16 40.78
N ALA C 98 -28.33 20.69 41.23
CA ALA C 98 -27.98 20.80 42.64
C ALA C 98 -28.06 22.24 43.12
N ALA C 99 -27.57 23.18 42.31
CA ALA C 99 -27.56 24.58 42.70
C ALA C 99 -28.98 25.12 42.85
N ALA C 100 -29.88 24.76 41.93
CA ALA C 100 -31.26 25.23 42.04
C ALA C 100 -31.95 24.68 43.27
N ILE C 101 -31.60 23.46 43.68
CA ILE C 101 -32.21 22.88 44.88
C ILE C 101 -31.71 23.56 46.13
N ALA C 102 -30.38 23.71 46.25
CA ALA C 102 -29.80 24.43 47.39
C ALA C 102 -30.33 25.85 47.47
N ALA C 103 -30.46 26.52 46.31
CA ALA C 103 -30.98 27.89 46.29
C ALA C 103 -32.44 27.96 46.68
N ALA C 104 -33.17 26.85 46.60
CA ALA C 104 -34.54 26.79 47.07
C ALA C 104 -34.65 26.58 48.57
N GLY C 105 -33.52 26.55 49.29
CA GLY C 105 -33.53 26.31 50.71
C GLY C 105 -33.56 24.85 51.11
N ILE C 106 -33.19 23.95 50.22
CA ILE C 106 -33.25 22.51 50.47
C ILE C 106 -31.84 21.99 50.64
N PRO C 107 -31.53 21.30 51.74
CA PRO C 107 -30.17 20.79 51.96
C PRO C 107 -29.81 19.72 50.95
N VAL C 108 -28.75 19.96 50.19
CA VAL C 108 -28.27 19.03 49.17
C VAL C 108 -26.74 19.07 49.18
N PHE C 109 -26.13 17.89 49.14
CA PHE C 109 -24.67 17.76 49.16
C PHE C 109 -24.29 16.85 47.99
N ALA C 110 -23.89 17.47 46.87
CA ALA C 110 -23.66 16.70 45.66
C ALA C 110 -23.03 17.60 44.61
N TRP C 111 -22.02 17.07 43.91
CA TRP C 111 -21.45 17.75 42.76
C TRP C 111 -20.85 16.72 41.82
N LYS C 112 -20.80 17.07 40.54
CA LYS C 112 -20.20 16.19 39.54
C LYS C 112 -18.69 16.14 39.76
N GLY C 113 -18.16 14.92 39.88
CA GLY C 113 -16.73 14.76 40.04
C GLY C 113 -16.24 14.67 41.47
N GLU C 114 -17.04 14.10 42.38
CA GLU C 114 -16.61 13.86 43.74
C GLU C 114 -15.50 12.81 43.77
N THR C 115 -14.70 12.84 44.83
CA THR C 115 -13.86 11.72 45.19
C THR C 115 -14.64 10.75 46.07
N GLU C 116 -14.08 9.57 46.27
CA GLU C 116 -14.77 8.56 47.08
C GLU C 116 -14.95 9.02 48.52
N GLU C 117 -13.96 9.73 49.07
CA GLU C 117 -14.14 10.28 50.41
C GLU C 117 -15.22 11.34 50.43
N GLU C 118 -15.26 12.20 49.41
CA GLU C 118 -16.29 13.22 49.35
C GLU C 118 -17.68 12.61 49.18
N TYR C 119 -17.78 11.53 48.40
CA TYR C 119 -19.05 10.82 48.24
C TYR C 119 -19.59 10.37 49.59
N GLU C 120 -18.73 9.75 50.41
CA GLU C 120 -19.18 9.29 51.72
C GLU C 120 -19.55 10.46 52.62
N TRP C 121 -18.77 11.55 52.56
CA TRP C 121 -19.04 12.73 53.37
C TRP C 121 -20.39 13.33 53.05
N CYS C 122 -20.77 13.35 51.77
CA CYS C 122 -22.07 13.91 51.39
C CYS C 122 -23.22 13.12 52.00
N ILE C 123 -23.17 11.79 51.89
CA ILE C 123 -24.20 10.96 52.51
C ILE C 123 -24.26 11.22 54.01
N GLU C 124 -23.10 11.45 54.64
CA GLU C 124 -23.07 11.71 56.07
CA GLU C 124 -23.07 11.70 56.07
C GLU C 124 -23.68 13.06 56.41
N GLN C 125 -23.58 14.03 55.52
CA GLN C 125 -24.17 15.35 55.80
C GLN C 125 -25.69 15.32 55.72
N THR C 126 -26.26 14.39 54.95
CA THR C 126 -27.71 14.19 55.02
C THR C 126 -28.09 13.55 56.35
N ILE C 127 -27.33 12.53 56.77
CA ILE C 127 -27.64 11.80 57.99
C ILE C 127 -27.52 12.70 59.22
N LEU C 128 -26.48 13.53 59.25
CA LEU C 128 -26.18 14.37 60.42
C LEU C 128 -26.61 15.80 60.17
N LYS C 129 -27.31 16.39 61.14
CA LYS C 129 -27.59 17.82 61.14
C LYS C 129 -27.02 18.42 62.42
N ASP C 130 -26.06 19.32 62.27
CA ASP C 130 -25.38 19.96 63.40
C ASP C 130 -24.67 18.92 64.27
N GLY C 131 -23.97 17.99 63.62
CA GLY C 131 -23.19 16.99 64.31
C GLY C 131 -23.96 15.88 64.97
N GLN C 132 -25.29 15.93 64.97
CA GLN C 132 -26.14 14.92 65.55
C GLN C 132 -27.01 14.30 64.47
N PRO C 133 -27.50 13.07 64.67
CA PRO C 133 -28.41 12.47 63.69
C PRO C 133 -29.67 13.30 63.52
N TRP C 134 -30.02 13.56 62.26
CA TRP C 134 -31.31 14.14 61.92
C TRP C 134 -32.43 13.23 62.41
N ASP C 135 -33.59 13.83 62.72
CA ASP C 135 -34.76 13.03 63.08
C ASP C 135 -35.51 12.58 61.80
N ALA C 136 -34.81 11.77 61.01
CA ALA C 136 -35.41 11.20 59.82
C ALA C 136 -36.44 10.15 60.18
N ASN C 137 -37.40 9.95 59.28
CA ASN C 137 -38.39 8.89 59.45
C ASN C 137 -38.74 8.21 58.12
N MET C 138 -38.08 8.58 57.03
CA MET C 138 -38.31 8.02 55.70
C MET C 138 -37.00 8.00 54.93
N VAL C 139 -36.83 7.00 54.07
CA VAL C 139 -35.61 6.84 53.28
C VAL C 139 -35.96 6.61 51.81
N LEU C 140 -35.29 7.36 50.93
CA LEU C 140 -35.36 7.13 49.49
C LEU C 140 -33.94 6.84 49.01
N ASP C 141 -33.74 5.67 48.40
CA ASP C 141 -32.41 5.19 48.06
C ASP C 141 -32.38 4.65 46.64
N ASP C 142 -31.19 4.74 46.02
CA ASP C 142 -30.94 4.23 44.66
C ASP C 142 -29.61 3.48 44.75
N GLY C 143 -29.69 2.15 44.95
CA GLY C 143 -28.53 1.30 45.00
C GLY C 143 -28.19 0.75 46.37
N GLY C 144 -28.72 1.32 47.44
CA GLY C 144 -28.56 0.76 48.77
C GLY C 144 -27.43 1.31 49.61
N ASP C 145 -26.65 2.26 49.10
CA ASP C 145 -25.52 2.79 49.86
C ASP C 145 -25.99 3.49 51.12
N LEU C 146 -27.01 4.36 51.01
CA LEU C 146 -27.57 5.01 52.18
C LEU C 146 -28.17 3.99 53.14
N THR C 147 -28.96 3.05 52.61
CA THR C 147 -29.52 1.98 53.43
C THR C 147 -28.43 1.24 54.20
N GLU C 148 -27.33 0.91 53.52
CA GLU C 148 -26.25 0.18 54.15
C GLU C 148 -25.60 0.99 55.27
N ILE C 149 -25.41 2.29 55.05
CA ILE C 149 -24.76 3.12 56.05
C ILE C 149 -25.63 3.24 57.29
N LEU C 150 -26.95 3.35 57.11
CA LEU C 150 -27.85 3.44 58.26
C LEU C 150 -27.85 2.14 59.06
N HIS C 151 -27.88 0.99 58.37
CA HIS C 151 -27.94 -0.28 59.08
C HIS C 151 -26.63 -0.58 59.81
N LYS C 152 -25.49 -0.21 59.21
CA LYS C 152 -24.20 -0.56 59.80
C LYS C 152 -23.70 0.47 60.82
N LYS C 153 -23.93 1.76 60.55
CA LYS C 153 -23.30 2.82 61.33
C LYS C 153 -24.27 3.64 62.17
N TYR C 154 -25.56 3.67 61.80
CA TYR C 154 -26.56 4.44 62.56
C TYR C 154 -27.82 3.61 62.82
N PRO C 155 -27.68 2.37 63.30
CA PRO C 155 -28.86 1.51 63.45
C PRO C 155 -29.92 2.09 64.37
N GLN C 156 -29.55 2.97 65.31
CA GLN C 156 -30.54 3.58 66.19
C GLN C 156 -31.49 4.49 65.41
N MET C 157 -31.03 5.12 64.34
CA MET C 157 -31.91 5.96 63.54
C MET C 157 -33.03 5.16 62.89
N LEU C 158 -32.77 3.90 62.57
CA LEU C 158 -33.78 3.09 61.88
C LEU C 158 -34.97 2.78 62.79
N GLU C 159 -34.80 2.93 64.11
CA GLU C 159 -35.92 2.71 65.04
C GLU C 159 -37.07 3.67 64.76
N ARG C 160 -36.79 4.84 64.21
CA ARG C 160 -37.81 5.87 63.96
C ARG C 160 -38.15 6.03 62.48
N ILE C 161 -37.62 5.18 61.61
CA ILE C 161 -37.84 5.30 60.18
C ILE C 161 -38.93 4.32 59.77
N HIS C 162 -39.88 4.79 58.95
CA HIS C 162 -41.06 4.01 58.61
C HIS C 162 -40.90 3.15 57.36
N GLY C 163 -39.94 3.46 56.49
CA GLY C 163 -39.79 2.67 55.29
C GLY C 163 -38.68 3.19 54.40
N ILE C 164 -38.31 2.33 53.45
CA ILE C 164 -37.31 2.63 52.43
C ILE C 164 -38.00 2.45 51.07
N THR C 165 -37.79 3.39 50.15
CA THR C 165 -38.29 3.24 48.79
C THR C 165 -37.06 3.16 47.88
N GLU C 166 -36.80 1.97 47.34
CA GLU C 166 -35.56 1.67 46.64
C GLU C 166 -35.76 1.65 45.13
N GLU C 167 -34.88 2.37 44.42
CA GLU C 167 -35.09 2.71 43.02
C GLU C 167 -34.71 1.58 42.07
N THR C 168 -33.61 0.88 42.34
CA THR C 168 -32.94 0.15 41.26
C THR C 168 -32.66 -1.30 41.64
N THR C 169 -32.44 -2.11 40.60
CA THR C 169 -32.35 -3.57 40.74
C THR C 169 -31.30 -3.98 41.76
N THR C 170 -30.11 -3.36 41.71
CA THR C 170 -29.04 -3.70 42.63
C THR C 170 -29.43 -3.43 44.08
N GLY C 171 -30.08 -2.30 44.34
CA GLY C 171 -30.52 -2.00 45.70
C GLY C 171 -31.61 -2.94 46.19
N VAL C 172 -32.49 -3.39 45.30
CA VAL C 172 -33.52 -4.36 45.70
C VAL C 172 -32.88 -5.68 46.08
N HIS C 173 -31.85 -6.10 45.35
CA HIS C 173 -31.16 -7.34 45.69
C HIS C 173 -30.55 -7.26 47.09
N ARG C 174 -29.92 -6.14 47.42
CA ARG C 174 -29.32 -5.99 48.74
C ARG C 174 -30.39 -6.01 49.83
N LEU C 175 -31.57 -5.46 49.55
CA LEU C 175 -32.66 -5.49 50.51
C LEU C 175 -33.15 -6.92 50.76
N LEU C 176 -33.27 -7.72 49.70
CA LEU C 176 -33.81 -9.07 49.84
C LEU C 176 -32.85 -9.99 50.57
N ASP C 177 -31.54 -9.76 50.44
CA ASP C 177 -30.58 -10.54 51.24
C ASP C 177 -30.71 -10.19 52.72
N MET C 178 -30.87 -8.91 53.04
CA MET C 178 -31.06 -8.52 54.42
C MET C 178 -32.37 -9.07 54.98
N LEU C 179 -33.42 -9.06 54.17
CA LEU C 179 -34.69 -9.63 54.61
C LEU C 179 -34.53 -11.09 54.96
N LYS C 180 -33.93 -11.88 54.06
CA LYS C 180 -33.72 -13.31 54.33
C LYS C 180 -32.92 -13.51 55.61
N ASN C 181 -31.87 -12.70 55.82
CA ASN C 181 -31.02 -12.84 56.99
C ASN C 181 -31.66 -12.34 58.27
N GLY C 182 -32.75 -11.59 58.18
CA GLY C 182 -33.32 -10.97 59.36
C GLY C 182 -32.60 -9.74 59.85
N THR C 183 -31.83 -9.09 58.97
CA THR C 183 -31.09 -7.89 59.36
C THR C 183 -31.72 -6.60 58.83
N LEU C 184 -32.78 -6.70 58.02
CA LEU C 184 -33.48 -5.51 57.54
C LEU C 184 -34.39 -4.96 58.64
N LYS C 185 -34.22 -3.68 58.97
CA LYS C 185 -34.86 -3.09 60.15
C LYS C 185 -36.21 -2.45 59.86
N VAL C 186 -36.47 -2.03 58.63
CA VAL C 186 -37.73 -1.36 58.29
C VAL C 186 -38.21 -1.86 56.94
N PRO C 187 -39.52 -1.82 56.70
CA PRO C 187 -40.06 -2.32 55.44
C PRO C 187 -39.64 -1.47 54.25
N ALA C 188 -39.74 -2.06 53.08
CA ALA C 188 -39.31 -1.40 51.86
C ALA C 188 -40.33 -1.61 50.76
N ILE C 189 -40.40 -0.65 49.84
CA ILE C 189 -41.10 -0.82 48.58
C ILE C 189 -40.06 -0.96 47.48
N ASN C 190 -40.17 -2.04 46.70
CA ASN C 190 -39.39 -2.26 45.49
C ASN C 190 -40.01 -1.40 44.39
N VAL C 191 -39.50 -0.18 44.24
CA VAL C 191 -39.99 0.71 43.19
C VAL C 191 -39.54 0.22 41.83
N ASN C 192 -38.37 -0.43 41.77
CA ASN C 192 -37.81 -0.88 40.50
C ASN C 192 -38.79 -1.74 39.71
N ASP C 193 -39.56 -2.59 40.40
CA ASP C 193 -40.35 -3.61 39.71
C ASP C 193 -41.79 -3.19 39.41
N SER C 194 -42.13 -1.90 39.53
CA SER C 194 -43.29 -1.39 38.82
C SER C 194 -43.05 -1.51 37.32
N VAL C 195 -44.08 -1.84 36.55
CA VAL C 195 -43.86 -1.92 35.11
C VAL C 195 -43.53 -0.55 34.54
N THR C 196 -44.10 0.52 35.11
CA THR C 196 -43.76 1.86 34.67
C THR C 196 -42.41 2.32 35.18
N LYS C 197 -41.65 1.44 35.85
CA LYS C 197 -40.25 1.70 36.16
C LYS C 197 -39.37 0.73 35.38
N SER C 198 -39.35 -0.55 35.77
CA SER C 198 -38.43 -1.53 35.17
C SER C 198 -38.53 -1.57 33.64
N LYS C 199 -39.75 -1.56 33.11
CA LYS C 199 -39.99 -1.70 31.68
C LYS C 199 -40.03 -0.36 30.96
N ASN C 200 -39.64 0.71 31.63
CA ASN C 200 -39.65 2.05 31.09
C ASN C 200 -38.26 2.64 31.28
N ASP C 201 -37.94 2.93 32.53
CA ASP C 201 -36.63 3.38 32.99
C ASP C 201 -35.51 2.48 32.50
N ASN C 202 -35.46 1.24 33.01
CA ASN C 202 -34.27 0.41 32.84
C ASN C 202 -34.01 0.10 31.36
N LYS C 203 -35.07 -0.09 30.58
CA LYS C 203 -34.94 -0.45 29.16
C LYS C 203 -34.89 0.79 28.28
N TYR C 204 -36.02 1.51 28.19
CA TYR C 204 -36.11 2.66 27.29
C TYR C 204 -35.17 3.78 27.71
N GLY C 205 -34.94 3.96 29.00
CA GLY C 205 -33.98 4.97 29.44
C GLY C 205 -32.61 4.76 28.84
N CYS C 206 -32.09 3.53 28.97
CA CYS C 206 -30.76 3.23 28.44
C CYS C 206 -30.74 3.28 26.92
N ARG C 207 -31.87 2.96 26.28
CA ARG C 207 -31.96 3.12 24.83
C ARG C 207 -31.69 4.58 24.43
N HIS C 208 -32.24 5.52 25.19
CA HIS C 208 -32.06 6.94 24.89
C HIS C 208 -30.64 7.40 25.22
N SER C 209 -30.13 7.03 26.39
CA SER C 209 -28.97 7.70 26.94
C SER C 209 -27.65 6.96 26.77
N LEU C 210 -27.66 5.69 26.33
CA LEU C 210 -26.39 5.00 26.12
C LEU C 210 -25.65 5.60 24.92
N ASN C 211 -26.27 5.62 23.73
CA ASN C 211 -25.58 6.21 22.59
CA ASN C 211 -25.59 6.22 22.58
C ASN C 211 -25.40 7.71 22.78
N ASP C 212 -26.28 8.34 23.57
CA ASP C 212 -26.11 9.75 23.92
C ASP C 212 -24.77 9.97 24.62
N ALA C 213 -24.47 9.15 25.63
CA ALA C 213 -23.24 9.32 26.40
C ALA C 213 -22.01 8.99 25.56
N ILE C 214 -22.07 7.94 24.73
CA ILE C 214 -20.92 7.57 23.91
C ILE C 214 -20.59 8.68 22.92
N LYS C 215 -21.62 9.30 22.33
CA LYS C 215 -21.39 10.39 21.39
C LYS C 215 -20.77 11.61 22.07
N ARG C 216 -21.30 12.00 23.24
CA ARG C 216 -20.75 13.17 23.94
C ARG C 216 -19.29 12.95 24.33
N GLY C 217 -18.93 11.72 24.71
CA GLY C 217 -17.60 11.43 25.20
C GLY C 217 -16.54 11.31 24.11
N THR C 218 -16.90 10.64 23.00
CA THR C 218 -15.96 10.33 21.94
C THR C 218 -16.30 10.94 20.59
N ASP C 219 -17.58 11.28 20.35
CA ASP C 219 -18.07 11.67 19.03
C ASP C 219 -17.72 10.63 17.97
N HIS C 220 -17.64 9.35 18.37
CA HIS C 220 -17.37 8.27 17.44
C HIS C 220 -18.61 7.94 16.61
N LEU C 221 -18.40 7.73 15.31
CA LEU C 221 -19.42 7.07 14.50
C LEU C 221 -19.65 5.67 15.05
N LEU C 222 -20.92 5.28 15.17
CA LEU C 222 -21.25 3.93 15.63
C LEU C 222 -21.71 3.02 14.51
N SER C 223 -22.30 3.57 13.45
CA SER C 223 -22.77 2.79 12.32
C SER C 223 -21.63 1.96 11.72
N GLY C 224 -21.90 0.68 11.48
CA GLY C 224 -20.96 -0.19 10.82
C GLY C 224 -19.87 -0.78 11.68
N LYS C 225 -19.79 -0.39 12.95
CA LYS C 225 -18.78 -0.91 13.86
C LYS C 225 -19.35 -2.04 14.73
N GLN C 226 -18.44 -2.75 15.38
CA GLN C 226 -18.77 -3.96 16.15
C GLN C 226 -18.86 -3.67 17.64
N ALA C 227 -19.99 -4.02 18.24
CA ALA C 227 -20.20 -3.85 19.67
C ALA C 227 -20.50 -5.19 20.32
N LEU C 228 -20.11 -5.31 21.58
CA LEU C 228 -20.42 -6.48 22.42
C LEU C 228 -21.11 -5.99 23.69
N VAL C 229 -22.34 -6.42 23.90
CA VAL C 229 -23.10 -6.05 25.10
C VAL C 229 -23.10 -7.25 26.04
N ILE C 230 -22.59 -7.04 27.25
CA ILE C 230 -22.61 -8.07 28.29
C ILE C 230 -23.89 -7.92 29.08
N GLY C 231 -24.79 -8.88 28.95
CA GLY C 231 -26.04 -8.86 29.68
C GLY C 231 -27.20 -8.52 28.75
N TYR C 232 -28.35 -9.16 28.98
CA TYR C 232 -29.54 -8.89 28.20
C TYR C 232 -30.77 -8.87 29.10
N GLY C 233 -30.62 -8.32 30.30
CA GLY C 233 -31.75 -7.96 31.13
C GLY C 233 -32.42 -6.71 30.60
N ASP C 234 -33.12 -5.96 31.45
CA ASP C 234 -33.79 -4.76 30.98
C ASP C 234 -32.78 -3.72 30.50
N VAL C 235 -31.69 -3.54 31.25
CA VAL C 235 -30.65 -2.59 30.86
C VAL C 235 -29.94 -3.07 29.60
N GLY C 236 -29.63 -4.37 29.54
CA GLY C 236 -28.99 -4.91 28.35
C GLY C 236 -29.86 -4.87 27.12
N LYS C 237 -31.17 -5.13 27.29
CA LYS C 237 -32.10 -5.00 26.17
C LYS C 237 -32.10 -3.59 25.62
N GLY C 238 -32.26 -2.59 26.50
CA GLY C 238 -32.27 -1.21 26.04
C GLY C 238 -30.92 -0.78 25.47
N SER C 239 -29.83 -1.24 26.09
CA SER C 239 -28.49 -0.90 25.60
C SER C 239 -28.24 -1.47 24.20
N SER C 240 -28.64 -2.72 23.98
CA SER C 240 -28.45 -3.32 22.66
C SER C 240 -29.22 -2.57 21.60
N GLN C 241 -30.44 -2.13 21.93
CA GLN C 241 -31.25 -1.38 20.98
C GLN C 241 -30.65 0.00 20.72
N SER C 242 -30.15 0.64 21.78
CA SER C 242 -29.48 1.94 21.62
C SER C 242 -28.38 1.87 20.56
N LEU C 243 -27.61 0.79 20.58
CA LEU C 243 -26.50 0.66 19.63
C LEU C 243 -26.99 0.16 18.27
N ARG C 244 -27.92 -0.80 18.27
CA ARG C 244 -28.38 -1.38 17.00
C ARG C 244 -29.13 -0.37 16.15
N GLN C 245 -29.93 0.50 16.76
CA GLN C 245 -30.66 1.50 15.99
C GLN C 245 -29.73 2.52 15.36
N GLU C 246 -28.51 2.63 15.86
CA GLU C 246 -27.48 3.48 15.26
C GLU C 246 -26.71 2.79 14.14
N GLY C 247 -26.98 1.53 13.87
CA GLY C 247 -26.28 0.81 12.83
C GLY C 247 -25.09 -0.01 13.28
N MET C 248 -24.91 -0.20 14.59
CA MET C 248 -23.86 -1.09 15.05
C MET C 248 -24.23 -2.54 14.76
N ILE C 249 -23.21 -3.38 14.56
CA ILE C 249 -23.39 -4.83 14.56
C ILE C 249 -23.20 -5.30 15.99
N VAL C 250 -24.28 -5.74 16.62
CA VAL C 250 -24.31 -5.95 18.07
C VAL C 250 -24.30 -7.45 18.35
N LYS C 251 -23.34 -7.88 19.16
CA LYS C 251 -23.31 -9.22 19.73
C LYS C 251 -23.64 -9.13 21.21
N VAL C 252 -24.26 -10.19 21.75
CA VAL C 252 -24.80 -10.20 23.11
C VAL C 252 -24.27 -11.41 23.87
N ALA C 253 -23.81 -11.19 25.09
CA ALA C 253 -23.42 -12.27 26.00
C ALA C 253 -24.42 -12.37 27.14
N GLU C 254 -24.71 -13.60 27.58
CA GLU C 254 -25.64 -13.82 28.69
C GLU C 254 -25.29 -15.12 29.41
N VAL C 255 -25.67 -15.17 30.68
CA VAL C 255 -25.67 -16.41 31.44
C VAL C 255 -27.07 -16.98 31.58
N ASP C 256 -28.12 -16.18 31.34
CA ASP C 256 -29.48 -16.64 31.48
C ASP C 256 -29.96 -17.10 30.11
N PRO C 257 -30.26 -18.39 29.92
CA PRO C 257 -30.63 -18.86 28.57
C PRO C 257 -31.93 -18.28 28.07
N ILE C 258 -32.85 -17.89 28.96
CA ILE C 258 -34.09 -17.26 28.53
C ILE C 258 -33.82 -15.89 27.94
N CYS C 259 -33.04 -15.07 28.66
CA CYS C 259 -32.63 -13.79 28.10
C CYS C 259 -31.82 -13.99 26.82
N ALA C 260 -30.96 -15.02 26.79
CA ALA C 260 -30.22 -15.34 25.58
C ALA C 260 -31.17 -15.66 24.42
N MET C 261 -32.21 -16.45 24.69
N MET C 261 -32.20 -16.45 24.69
CA MET C 261 -33.20 -16.75 23.65
CA MET C 261 -33.20 -16.76 23.66
C MET C 261 -33.82 -15.47 23.11
C MET C 261 -33.83 -15.47 23.12
N GLN C 262 -34.09 -14.50 23.99
CA GLN C 262 -34.69 -13.24 23.55
C GLN C 262 -33.74 -12.46 22.66
N ALA C 263 -32.44 -12.50 22.97
CA ALA C 263 -31.46 -11.81 22.13
C ALA C 263 -31.43 -12.41 20.73
N CYS C 264 -31.55 -13.74 20.63
CA CYS C 264 -31.57 -14.39 19.33
C CYS C 264 -32.78 -13.97 18.52
N MET C 265 -33.98 -14.06 19.12
CA MET C 265 -35.20 -13.69 18.43
C MET C 265 -35.22 -12.22 18.07
N ASP C 266 -34.56 -11.37 18.86
CA ASP C 266 -34.49 -9.96 18.57
C ASP C 266 -33.49 -9.61 17.47
N GLY C 267 -32.81 -10.61 16.91
CA GLY C 267 -31.91 -10.38 15.79
C GLY C 267 -30.45 -10.22 16.15
N PHE C 268 -30.02 -10.70 17.31
CA PHE C 268 -28.65 -10.59 17.74
C PHE C 268 -27.96 -11.95 17.75
N GLU C 269 -26.65 -11.93 17.50
CA GLU C 269 -25.80 -13.10 17.65
C GLU C 269 -25.33 -13.19 19.10
N VAL C 270 -25.53 -14.35 19.72
CA VAL C 270 -25.21 -14.53 21.14
C VAL C 270 -23.87 -15.24 21.24
N VAL C 271 -22.89 -14.58 21.86
CA VAL C 271 -21.53 -15.09 21.95
C VAL C 271 -21.06 -15.03 23.40
N SER C 272 -19.97 -15.75 23.68
CA SER C 272 -19.34 -15.66 24.98
C SER C 272 -17.90 -15.17 24.83
N PRO C 273 -17.43 -14.32 25.75
CA PRO C 273 -16.00 -13.95 25.73
C PRO C 273 -15.08 -15.13 25.93
N TYR C 274 -15.59 -16.25 26.43
CA TYR C 274 -14.78 -17.41 26.76
C TYR C 274 -15.14 -18.57 25.83
N LYS C 275 -14.13 -19.35 25.45
CA LYS C 275 -14.36 -20.51 24.60
C LYS C 275 -15.32 -21.46 25.30
N ASN C 276 -16.43 -21.78 24.63
CA ASN C 276 -17.49 -22.63 25.17
C ASN C 276 -18.11 -22.05 26.44
N GLY C 277 -17.93 -20.76 26.67
CA GLY C 277 -18.49 -20.11 27.84
C GLY C 277 -17.82 -20.45 29.16
N ILE C 278 -16.65 -21.08 29.14
CA ILE C 278 -15.99 -21.53 30.37
C ILE C 278 -14.99 -20.45 30.79
N ASN C 279 -15.31 -19.72 31.86
CA ASN C 279 -14.46 -18.68 32.42
C ASN C 279 -13.62 -19.31 33.52
N ASP C 280 -12.48 -19.90 33.13
CA ASP C 280 -11.61 -20.59 34.08
C ASP C 280 -10.46 -19.72 34.58
N GLY C 281 -10.43 -18.44 34.22
CA GLY C 281 -9.44 -17.53 34.76
C GLY C 281 -8.08 -17.57 34.11
N THR C 282 -7.93 -18.26 32.98
CA THR C 282 -6.67 -18.30 32.24
C THR C 282 -6.79 -17.49 30.97
N GLU C 283 -5.65 -16.97 30.49
CA GLU C 283 -5.64 -16.25 29.22
C GLU C 283 -6.09 -17.14 28.07
N ALA C 284 -5.85 -18.45 28.16
CA ALA C 284 -6.21 -19.35 27.07
C ALA C 284 -7.71 -19.50 26.91
N SER C 285 -8.51 -19.14 27.92
CA SER C 285 -9.95 -19.26 27.83
C SER C 285 -10.57 -18.14 27.00
N ILE C 286 -9.84 -17.04 26.78
CA ILE C 286 -10.38 -15.91 26.05
C ILE C 286 -10.49 -16.25 24.58
N ASP C 287 -11.67 -16.02 24.00
CA ASP C 287 -11.83 -16.03 22.56
C ASP C 287 -11.16 -14.79 22.00
N ALA C 288 -9.85 -14.88 21.74
CA ALA C 288 -9.10 -13.71 21.29
C ALA C 288 -9.57 -13.24 19.92
N ALA C 289 -10.00 -14.17 19.06
CA ALA C 289 -10.49 -13.79 17.73
C ALA C 289 -11.71 -12.90 17.84
N LEU C 290 -12.69 -13.30 18.64
CA LEU C 290 -13.89 -12.49 18.82
C LEU C 290 -13.55 -11.12 19.40
N LEU C 291 -12.78 -11.11 20.50
CA LEU C 291 -12.51 -9.84 21.18
C LEU C 291 -11.66 -8.91 20.33
N GLY C 292 -10.76 -9.47 19.51
CA GLY C 292 -9.96 -8.65 18.61
C GLY C 292 -10.76 -7.92 17.54
N LYS C 293 -12.06 -8.20 17.43
CA LYS C 293 -12.94 -7.56 16.44
C LYS C 293 -13.92 -6.56 17.04
N ILE C 294 -13.91 -6.35 18.35
CA ILE C 294 -14.93 -5.54 19.02
C ILE C 294 -14.45 -4.10 19.11
N ASP C 295 -15.28 -3.15 18.64
CA ASP C 295 -14.98 -1.73 18.77
C ASP C 295 -15.53 -1.11 20.05
N LEU C 296 -16.51 -1.76 20.67
CA LEU C 296 -17.21 -1.16 21.81
C LEU C 296 -17.77 -2.28 22.69
N ILE C 297 -17.44 -2.24 23.97
CA ILE C 297 -17.97 -3.18 24.93
C ILE C 297 -18.70 -2.40 26.02
N VAL C 298 -19.89 -2.89 26.39
CA VAL C 298 -20.75 -2.26 27.37
C VAL C 298 -21.20 -3.33 28.36
N THR C 299 -21.03 -3.07 29.65
CA THR C 299 -21.49 -4.00 30.67
C THR C 299 -22.80 -3.50 31.28
N THR C 300 -23.73 -4.43 31.51
CA THR C 300 -25.10 -4.08 31.92
C THR C 300 -25.67 -5.03 32.98
N THR C 301 -24.81 -5.71 33.76
CA THR C 301 -25.22 -6.93 34.45
C THR C 301 -25.62 -6.74 35.92
N GLY C 302 -25.03 -5.79 36.62
CA GLY C 302 -25.16 -5.80 38.06
C GLY C 302 -24.35 -6.87 38.75
N ASN C 303 -23.50 -7.57 38.01
CA ASN C 303 -22.61 -8.58 38.54
C ASN C 303 -21.20 -7.98 38.65
N VAL C 304 -20.22 -8.81 38.99
CA VAL C 304 -18.86 -8.36 39.26
C VAL C 304 -17.91 -8.96 38.25
N ASN C 305 -17.02 -8.13 37.70
CA ASN C 305 -15.92 -8.58 36.86
C ASN C 305 -16.42 -9.35 35.63
N VAL C 306 -17.42 -8.79 34.95
CA VAL C 306 -17.90 -9.39 33.71
C VAL C 306 -17.14 -8.88 32.49
N CYS C 307 -16.25 -7.91 32.67
CA CYS C 307 -15.28 -7.48 31.66
C CYS C 307 -13.92 -7.49 32.35
N ASP C 308 -13.28 -8.66 32.38
CA ASP C 308 -12.14 -8.89 33.25
C ASP C 308 -10.82 -8.45 32.61
N ALA C 309 -9.72 -8.68 33.33
CA ALA C 309 -8.40 -8.25 32.86
C ALA C 309 -8.02 -8.91 31.55
N ASN C 310 -8.29 -10.22 31.42
CA ASN C 310 -7.91 -10.93 30.21
C ASN C 310 -8.74 -10.48 29.01
N MET C 311 -9.99 -10.10 29.21
CA MET C 311 -10.78 -9.53 28.13
C MET C 311 -10.20 -8.19 27.68
N LEU C 312 -9.79 -7.35 28.64
CA LEU C 312 -9.24 -6.04 28.30
C LEU C 312 -7.94 -6.18 27.53
N LYS C 313 -7.10 -7.15 27.90
CA LYS C 313 -5.87 -7.39 27.15
C LYS C 313 -6.16 -7.85 25.73
N ALA C 314 -7.31 -8.48 25.51
CA ALA C 314 -7.62 -9.08 24.21
C ALA C 314 -8.43 -8.16 23.30
N LEU C 315 -8.94 -7.04 23.80
CA LEU C 315 -9.78 -6.18 22.99
C LEU C 315 -9.00 -5.54 21.85
N LYS C 316 -9.71 -5.30 20.74
CA LYS C 316 -9.17 -4.57 19.61
C LYS C 316 -8.58 -3.22 20.05
N LYS C 317 -7.49 -2.82 19.40
CA LYS C 317 -6.90 -1.53 19.69
C LYS C 317 -7.90 -0.41 19.49
N ARG C 318 -7.96 0.50 20.48
CA ARG C 318 -8.77 1.71 20.46
C ARG C 318 -10.26 1.44 20.62
N ALA C 319 -10.61 0.25 21.10
CA ALA C 319 -11.99 -0.03 21.48
C ALA C 319 -12.42 0.87 22.64
N VAL C 320 -13.72 1.17 22.69
CA VAL C 320 -14.32 1.90 23.79
C VAL C 320 -14.85 0.91 24.82
N VAL C 321 -14.61 1.20 26.09
CA VAL C 321 -15.02 0.36 27.21
C VAL C 321 -15.86 1.21 28.15
N CYS C 322 -17.08 0.74 28.44
CA CYS C 322 -17.92 1.47 29.39
C CYS C 322 -18.86 0.51 30.09
N ASN C 323 -19.44 1.02 31.18
CA ASN C 323 -20.38 0.29 32.02
C ASN C 323 -21.61 1.14 32.25
N ILE C 324 -22.79 0.52 32.15
CA ILE C 324 -24.04 1.19 32.44
C ILE C 324 -24.82 0.48 33.56
N GLY C 325 -24.23 -0.52 34.18
CA GLY C 325 -24.75 -1.04 35.43
C GLY C 325 -24.46 -0.09 36.59
N HIS C 326 -24.97 -0.44 37.78
CA HIS C 326 -24.94 0.53 38.88
C HIS C 326 -23.54 0.78 39.41
N PHE C 327 -22.74 -0.28 39.59
CA PHE C 327 -21.42 -0.13 40.19
C PHE C 327 -20.33 -0.34 39.14
N ASP C 328 -19.15 0.21 39.42
CA ASP C 328 -18.05 0.18 38.45
C ASP C 328 -17.27 -1.12 38.46
N ASN C 329 -17.49 -2.00 39.43
CA ASN C 329 -16.73 -3.25 39.47
C ASN C 329 -17.16 -4.26 38.41
N GLU C 330 -18.09 -3.90 37.52
CA GLU C 330 -18.38 -4.77 36.38
C GLU C 330 -17.17 -4.87 35.46
N ILE C 331 -16.35 -3.82 35.42
CA ILE C 331 -15.11 -3.79 34.64
C ILE C 331 -13.96 -3.80 35.63
N ASP C 332 -12.89 -4.53 35.29
CA ASP C 332 -11.72 -4.62 36.17
C ASP C 332 -10.82 -3.40 35.92
N THR C 333 -11.30 -2.24 36.36
CA THR C 333 -10.51 -1.02 36.25
C THR C 333 -9.36 -1.00 37.24
N ALA C 334 -9.45 -1.76 38.34
CA ALA C 334 -8.32 -1.87 39.26
C ALA C 334 -7.09 -2.41 38.54
N PHE C 335 -7.29 -3.48 37.75
CA PHE C 335 -6.18 -4.00 36.95
C PHE C 335 -5.59 -2.93 36.04
N MET C 336 -6.44 -2.10 35.44
CA MET C 336 -5.95 -1.09 34.51
C MET C 336 -5.17 0.00 35.25
N ARG C 337 -5.66 0.43 36.42
CA ARG C 337 -4.90 1.40 37.21
C ARG C 337 -3.55 0.84 37.64
N LYS C 338 -3.47 -0.47 37.87
CA LYS C 338 -2.24 -1.07 38.37
C LYS C 338 -1.18 -1.23 37.28
N ASN C 339 -1.60 -1.44 36.02
CA ASN C 339 -0.67 -1.86 34.98
C ASN C 339 -0.53 -0.91 33.81
N TRP C 340 -1.49 -0.03 33.54
CA TRP C 340 -1.49 0.76 32.32
C TRP C 340 -1.56 2.25 32.64
N ALA C 341 -1.03 3.06 31.72
CA ALA C 341 -0.94 4.50 31.90
C ALA C 341 -2.23 5.17 31.42
N TRP C 342 -2.76 6.06 32.23
CA TRP C 342 -4.01 6.75 31.96
C TRP C 342 -3.76 8.15 31.43
N GLU C 343 -4.36 8.48 30.30
CA GLU C 343 -4.25 9.80 29.69
C GLU C 343 -5.65 10.40 29.58
N GLU C 344 -5.86 11.54 30.23
CA GLU C 344 -7.16 12.18 30.20
C GLU C 344 -7.32 12.94 28.88
N VAL C 345 -8.28 12.49 28.06
CA VAL C 345 -8.71 13.30 26.94
C VAL C 345 -9.44 14.54 27.44
N LYS C 346 -10.46 14.31 28.27
CA LYS C 346 -11.25 15.37 28.89
C LYS C 346 -11.98 14.72 30.06
N PRO C 347 -12.65 15.50 30.92
CA PRO C 347 -13.34 14.91 32.07
C PRO C 347 -14.18 13.70 31.68
N GLN C 348 -13.97 12.60 32.41
CA GLN C 348 -14.66 11.32 32.23
C GLN C 348 -14.31 10.63 30.92
N VAL C 349 -13.21 11.00 30.27
CA VAL C 349 -12.74 10.33 29.07
C VAL C 349 -11.24 10.12 29.23
N HIS C 350 -10.82 8.85 29.35
CA HIS C 350 -9.41 8.50 29.51
C HIS C 350 -8.99 7.51 28.43
N LYS C 351 -7.85 7.78 27.80
CA LYS C 351 -7.15 6.76 27.03
C LYS C 351 -6.29 5.94 27.98
N ILE C 352 -6.40 4.63 27.90
CA ILE C 352 -5.64 3.73 28.77
C ILE C 352 -4.63 3.01 27.90
N HIS C 353 -3.36 3.38 28.05
CA HIS C 353 -2.30 2.92 27.17
C HIS C 353 -1.75 1.59 27.66
N ARG C 354 -1.92 0.54 26.88
CA ARG C 354 -1.54 -0.81 27.28
C ARG C 354 -0.06 -1.10 27.07
N THR C 355 0.76 -0.09 26.82
CA THR C 355 2.19 -0.28 26.64
C THR C 355 2.99 -0.09 27.93
N GLY C 356 2.32 -0.03 29.09
CA GLY C 356 3.05 0.09 30.34
C GLY C 356 2.38 0.99 31.37
N LYS C 357 2.94 1.00 32.59
CA LYS C 357 2.33 1.67 33.73
C LYS C 357 2.80 3.11 33.88
N ASP C 358 4.04 3.42 33.54
CA ASP C 358 4.63 4.74 33.77
C ASP C 358 4.93 5.39 32.42
N GLY C 359 4.25 6.50 32.15
CA GLY C 359 4.47 7.24 30.93
C GLY C 359 3.79 6.60 29.73
N PHE C 360 3.66 7.39 28.67
CA PHE C 360 3.02 6.93 27.44
C PHE C 360 3.46 7.83 26.30
N ASP C 361 3.54 7.26 25.11
CA ASP C 361 3.75 8.05 23.91
C ASP C 361 2.44 8.73 23.53
N ALA C 362 2.49 10.03 23.30
CA ALA C 362 1.28 10.77 22.94
C ALA C 362 0.66 10.26 21.65
N HIS C 363 1.45 9.61 20.79
CA HIS C 363 0.97 9.09 19.52
C HIS C 363 0.91 7.56 19.51
N ASN C 364 0.84 6.95 20.68
CA ASN C 364 0.65 5.51 20.80
C ASN C 364 -0.72 5.13 20.23
N ASP C 365 -0.77 3.99 19.53
CA ASP C 365 -2.03 3.51 18.99
C ASP C 365 -2.62 2.34 19.78
N ASP C 366 -1.86 1.73 20.69
CA ASP C 366 -2.36 0.62 21.50
C ASP C 366 -2.92 1.19 22.80
N TYR C 367 -4.17 1.64 22.73
CA TYR C 367 -4.86 2.18 23.89
C TYR C 367 -6.34 1.82 23.82
N LEU C 368 -7.00 1.88 24.98
CA LEU C 368 -8.44 1.79 25.06
C LEU C 368 -8.99 3.12 25.56
N ILE C 369 -10.24 3.40 25.23
CA ILE C 369 -10.92 4.59 25.74
C ILE C 369 -11.95 4.14 26.76
N LEU C 370 -11.73 4.53 28.01
CA LEU C 370 -12.65 4.23 29.10
C LEU C 370 -13.50 5.47 29.36
N LEU C 371 -14.81 5.27 29.48
CA LEU C 371 -15.74 6.36 29.77
C LEU C 371 -16.14 6.32 31.24
N ALA C 372 -16.21 7.51 31.85
CA ALA C 372 -16.67 7.72 33.23
C ALA C 372 -15.87 6.91 34.25
N GLU C 373 -14.63 6.54 33.92
CA GLU C 373 -13.79 5.70 34.79
C GLU C 373 -14.56 4.46 35.26
N GLY C 374 -15.43 3.94 34.39
CA GLY C 374 -16.19 2.74 34.68
C GLY C 374 -17.50 2.96 35.41
N ARG C 375 -17.78 4.18 35.86
CA ARG C 375 -19.05 4.48 36.49
C ARG C 375 -20.16 4.55 35.44
N LEU C 376 -21.42 4.53 35.91
CA LEU C 376 -22.58 4.53 35.01
C LEU C 376 -22.41 5.55 33.91
N VAL C 377 -22.30 5.08 32.67
CA VAL C 377 -21.84 5.94 31.60
C VAL C 377 -22.92 6.93 31.16
N ASN C 378 -24.20 6.55 31.19
CA ASN C 378 -25.24 7.45 30.72
C ASN C 378 -25.31 8.70 31.59
N LEU C 379 -25.19 8.54 32.90
CA LEU C 379 -25.15 9.69 33.78
C LEU C 379 -23.76 10.34 33.81
N GLY C 380 -22.70 9.55 33.66
CA GLY C 380 -21.36 10.10 33.80
C GLY C 380 -20.92 10.96 32.63
N ASN C 381 -21.27 10.54 31.40
CA ASN C 381 -20.85 11.26 30.20
C ASN C 381 -21.99 12.01 29.51
N ALA C 382 -23.23 11.84 29.96
CA ALA C 382 -24.33 12.65 29.46
C ALA C 382 -25.22 13.03 30.65
N THR C 383 -26.54 12.96 30.50
CA THR C 383 -27.44 13.37 31.57
C THR C 383 -28.42 12.28 32.00
N GLY C 384 -28.08 11.01 31.75
CA GLY C 384 -28.99 9.96 32.18
C GLY C 384 -30.28 9.92 31.37
N HIS C 385 -31.32 9.36 31.98
CA HIS C 385 -32.59 9.19 31.29
C HIS C 385 -33.30 10.54 31.12
N PRO C 386 -34.14 10.67 30.10
CA PRO C 386 -34.86 11.93 29.90
C PRO C 386 -36.05 12.06 30.83
N SER C 387 -36.43 13.33 31.05
CA SER C 387 -37.49 13.67 32.00
C SER C 387 -38.75 12.84 31.79
N ARG C 388 -39.19 12.70 30.54
CA ARG C 388 -40.47 12.01 30.30
C ARG C 388 -40.39 10.53 30.66
N ILE C 389 -39.19 9.95 30.70
CA ILE C 389 -39.04 8.58 31.17
C ILE C 389 -38.94 8.53 32.69
N MET C 390 -38.10 9.39 33.28
CA MET C 390 -37.99 9.42 34.74
C MET C 390 -39.30 9.82 35.42
N ASP C 391 -40.20 10.46 34.67
CA ASP C 391 -41.56 10.73 35.16
C ASP C 391 -42.20 9.47 35.76
N GLY C 392 -42.11 8.35 35.05
CA GLY C 392 -42.74 7.13 35.54
C GLY C 392 -42.08 6.61 36.81
N SER C 393 -40.75 6.53 36.80
CA SER C 393 -40.03 6.06 37.98
C SER C 393 -40.34 6.93 39.19
N PHE C 394 -40.41 8.24 39.00
CA PHE C 394 -40.50 9.15 40.13
C PHE C 394 -41.93 9.35 40.61
N ALA C 395 -42.93 9.09 39.77
CA ALA C 395 -44.30 9.01 40.27
C ALA C 395 -44.47 7.80 41.17
N ASN C 396 -43.86 6.67 40.78
CA ASN C 396 -43.84 5.49 41.66
C ASN C 396 -43.17 5.80 42.99
N GLN C 397 -42.06 6.56 42.97
CA GLN C 397 -41.38 6.90 44.21
C GLN C 397 -42.28 7.72 45.13
N VAL C 398 -43.04 8.67 44.57
CA VAL C 398 -43.90 9.50 45.42
C VAL C 398 -45.02 8.67 46.01
N LEU C 399 -45.67 7.85 45.19
CA LEU C 399 -46.71 6.96 45.70
C LEU C 399 -46.16 6.03 46.78
N ALA C 400 -44.91 5.56 46.60
CA ALA C 400 -44.30 4.65 47.56
C ALA C 400 -44.04 5.35 48.88
N GLN C 401 -43.45 6.56 48.82
CA GLN C 401 -43.22 7.33 50.05
C GLN C 401 -44.53 7.61 50.77
N ILE C 402 -45.59 7.95 50.04
CA ILE C 402 -46.88 8.22 50.66
C ILE C 402 -47.38 6.98 51.40
N HIS C 403 -47.29 5.82 50.75
CA HIS C 403 -47.84 4.60 51.35
C HIS C 403 -47.09 4.22 52.63
N LEU C 404 -45.77 4.24 52.58
CA LEU C 404 -45.00 3.81 53.75
C LEU C 404 -45.01 4.85 54.88
N PHE C 405 -45.07 6.14 54.55
CA PHE C 405 -45.17 7.15 55.61
C PHE C 405 -46.50 7.05 56.33
N GLU C 406 -47.58 6.77 55.59
CA GLU C 406 -48.89 6.68 56.22
C GLU C 406 -49.04 5.37 56.99
N GLN C 407 -48.29 4.32 56.61
CA GLN C 407 -48.36 3.07 57.34
C GLN C 407 -47.78 3.20 58.75
N LYS C 408 -46.78 4.07 58.94
CA LYS C 408 -46.19 4.36 60.25
C LYS C 408 -45.66 3.10 60.92
N TYR C 409 -44.87 2.32 60.17
CA TYR C 409 -44.33 1.06 60.67
C TYR C 409 -43.70 1.21 62.06
N ALA C 410 -42.84 2.22 62.23
CA ALA C 410 -42.07 2.34 63.46
C ALA C 410 -42.94 2.53 64.70
N ASP C 411 -44.21 2.91 64.51
CA ASP C 411 -45.13 3.12 65.62
C ASP C 411 -46.05 1.93 65.87
N LEU C 412 -45.94 0.87 65.09
CA LEU C 412 -46.87 -0.25 65.15
C LEU C 412 -46.48 -1.23 66.26
N PRO C 413 -47.46 -1.95 66.81
CA PRO C 413 -47.14 -3.00 67.77
C PRO C 413 -46.27 -4.08 67.13
N ALA C 414 -45.58 -4.83 68.00
CA ALA C 414 -44.61 -5.81 67.53
C ALA C 414 -45.24 -6.81 66.57
N ALA C 415 -46.42 -7.34 66.93
CA ALA C 415 -47.08 -8.31 66.06
C ALA C 415 -47.43 -7.71 64.71
N GLU C 416 -47.79 -6.42 64.69
CA GLU C 416 -48.05 -5.75 63.41
C GLU C 416 -46.77 -5.54 62.63
N LYS C 417 -45.70 -5.12 63.31
CA LYS C 417 -44.40 -4.96 62.66
C LYS C 417 -43.99 -6.24 61.94
N ALA C 418 -44.16 -7.39 62.61
CA ALA C 418 -43.75 -8.66 62.04
C ALA C 418 -44.50 -8.95 60.74
N LYS C 419 -45.79 -8.62 60.68
CA LYS C 419 -46.58 -8.89 59.49
C LYS C 419 -46.28 -7.94 58.35
N ARG C 420 -45.72 -6.77 58.63
CA ARG C 420 -45.48 -5.76 57.60
C ARG C 420 -44.01 -5.58 57.25
N LEU C 421 -43.10 -6.30 57.92
CA LEU C 421 -41.67 -6.21 57.61
C LEU C 421 -41.41 -7.03 56.35
N SER C 422 -41.42 -6.37 55.21
CA SER C 422 -41.34 -7.07 53.93
C SER C 422 -40.80 -6.12 52.86
N VAL C 423 -40.47 -6.68 51.71
CA VAL C 423 -40.11 -5.94 50.51
C VAL C 423 -41.22 -6.18 49.49
N GLU C 424 -41.95 -5.13 49.13
CA GLU C 424 -43.15 -5.26 48.31
C GLU C 424 -43.13 -4.25 47.16
N VAL C 425 -43.99 -4.51 46.18
CA VAL C 425 -44.19 -3.60 45.05
C VAL C 425 -45.54 -2.93 45.19
N LEU C 426 -45.69 -1.80 44.50
CA LEU C 426 -46.95 -1.07 44.54
C LEU C 426 -48.05 -1.89 43.87
N PRO C 427 -49.31 -1.69 44.29
CA PRO C 427 -50.41 -2.44 43.65
C PRO C 427 -50.50 -2.11 42.17
N LYS C 428 -50.97 -3.10 41.39
CA LYS C 428 -51.02 -2.94 39.94
C LYS C 428 -51.89 -1.75 39.55
N LYS C 429 -52.97 -1.51 40.30
CA LYS C 429 -53.85 -0.39 39.99
C LYS C 429 -53.07 0.93 39.94
N LEU C 430 -52.14 1.13 40.87
CA LEU C 430 -51.35 2.36 40.87
C LEU C 430 -50.36 2.39 39.71
N ASP C 431 -49.77 1.23 39.39
CA ASP C 431 -48.92 1.10 38.21
C ASP C 431 -49.66 1.57 36.96
N GLU C 432 -50.92 1.15 36.81
CA GLU C 432 -51.71 1.53 35.64
C GLU C 432 -52.01 3.03 35.64
N GLU C 433 -52.25 3.62 36.82
CA GLU C 433 -52.59 5.04 36.88
C GLU C 433 -51.40 5.91 36.52
N VAL C 434 -50.19 5.49 36.89
CA VAL C 434 -48.98 6.18 36.43
C VAL C 434 -48.87 6.08 34.91
N ALA C 435 -49.09 4.88 34.38
CA ALA C 435 -48.96 4.67 32.93
C ALA C 435 -49.96 5.51 32.16
N LEU C 436 -51.18 5.65 32.69
CA LEU C 436 -52.21 6.39 31.97
C LEU C 436 -51.81 7.86 31.83
N GLU C 437 -51.15 8.42 32.84
CA GLU C 437 -50.72 9.81 32.73
C GLU C 437 -49.54 9.95 31.76
N MET C 438 -48.66 8.94 31.72
CA MET C 438 -47.60 8.95 30.72
C MET C 438 -48.16 8.92 29.31
N VAL C 439 -49.14 8.04 29.07
CA VAL C 439 -49.73 7.92 27.74
C VAL C 439 -50.38 9.23 27.30
N LYS C 440 -51.16 9.85 28.19
CA LYS C 440 -51.76 11.13 27.87
C LYS C 440 -50.69 12.18 27.57
N GLY C 441 -49.53 12.07 28.23
CA GLY C 441 -48.43 12.98 27.94
C GLY C 441 -47.99 12.92 26.49
N PHE C 442 -48.08 11.75 25.87
CA PHE C 442 -47.77 11.59 24.45
C PHE C 442 -48.92 11.99 23.54
N GLY C 443 -50.07 12.36 24.10
CA GLY C 443 -51.26 12.52 23.30
C GLY C 443 -51.98 11.23 22.96
N GLY C 444 -51.59 10.11 23.55
CA GLY C 444 -52.28 8.86 23.31
C GLY C 444 -53.67 8.84 23.92
N VAL C 445 -54.54 8.02 23.33
CA VAL C 445 -55.92 7.87 23.79
C VAL C 445 -56.17 6.40 24.10
N VAL C 446 -56.40 6.11 25.38
CA VAL C 446 -56.69 4.76 25.84
C VAL C 446 -58.18 4.50 25.71
N THR C 447 -58.54 3.30 25.24
CA THR C 447 -59.92 2.93 25.02
C THR C 447 -60.54 2.39 26.30
N GLN C 448 -61.82 2.70 26.52
CA GLN C 448 -62.58 2.23 27.66
C GLN C 448 -63.37 0.99 27.27
N LEU C 449 -63.26 -0.06 28.08
CA LEU C 449 -64.04 -1.28 27.86
C LEU C 449 -65.53 -1.01 28.07
N THR C 450 -66.36 -1.67 27.26
CA THR C 450 -67.78 -1.73 27.58
C THR C 450 -67.99 -2.67 28.76
N PRO C 451 -69.09 -2.52 29.49
CA PRO C 451 -69.38 -3.49 30.55
C PRO C 451 -69.38 -4.92 30.06
N LYS C 452 -69.91 -5.17 28.85
CA LYS C 452 -69.88 -6.53 28.32
C LYS C 452 -68.46 -6.99 28.05
N GLN C 453 -67.62 -6.13 27.47
CA GLN C 453 -66.24 -6.52 27.19
C GLN C 453 -65.47 -6.78 28.47
N ALA C 454 -65.67 -5.94 29.49
CA ALA C 454 -64.99 -6.14 30.77
C ALA C 454 -65.39 -7.46 31.42
N GLU C 455 -66.69 -7.77 31.38
CA GLU C 455 -67.15 -9.04 31.93
C GLU C 455 -66.58 -10.22 31.17
N TYR C 456 -66.42 -10.07 29.85
CA TYR C 456 -65.97 -11.17 29.02
C TYR C 456 -64.54 -11.60 29.35
N ILE C 457 -63.66 -10.66 29.66
CA ILE C 457 -62.29 -10.98 30.05
C ILE C 457 -62.10 -10.93 31.56
N GLY C 458 -63.18 -10.75 32.33
CA GLY C 458 -63.13 -10.82 33.78
C GLY C 458 -62.33 -9.73 34.47
N VAL C 459 -62.57 -8.46 34.10
CA VAL C 459 -61.90 -7.33 34.73
C VAL C 459 -62.93 -6.24 35.01
N SER C 460 -62.60 -5.39 35.98
CA SER C 460 -63.34 -4.16 36.15
C SER C 460 -63.07 -3.22 34.98
N VAL C 461 -64.09 -2.44 34.61
CA VAL C 461 -63.89 -1.42 33.58
C VAL C 461 -62.79 -0.45 34.00
N GLU C 462 -62.65 -0.23 35.31
CA GLU C 462 -61.61 0.65 35.84
C GLU C 462 -60.24 -0.01 35.90
N GLY C 463 -60.16 -1.33 35.71
CA GLY C 463 -58.94 -2.06 35.96
C GLY C 463 -58.89 -2.54 37.40
N PRO C 464 -57.81 -3.26 37.78
CA PRO C 464 -56.63 -3.67 37.00
C PRO C 464 -57.00 -4.59 35.84
N PHE C 465 -56.19 -4.55 34.77
CA PHE C 465 -56.56 -5.24 33.54
C PHE C 465 -55.83 -6.57 33.34
N LYS C 466 -54.86 -6.89 34.19
CA LYS C 466 -54.05 -8.10 34.04
C LYS C 466 -53.88 -8.77 35.40
N PRO C 467 -53.75 -10.09 35.43
CA PRO C 467 -53.39 -10.76 36.68
C PRO C 467 -51.98 -10.37 37.10
N ASP C 468 -51.71 -10.52 38.40
CA ASP C 468 -50.38 -10.17 38.91
C ASP C 468 -49.28 -11.00 38.28
N THR C 469 -49.61 -12.16 37.70
CA THR C 469 -48.64 -13.01 37.02
C THR C 469 -48.15 -12.42 35.70
N TYR C 470 -48.79 -11.38 35.18
CA TYR C 470 -48.57 -10.95 33.80
C TYR C 470 -47.22 -10.26 33.64
N ARG C 471 -46.48 -10.64 32.58
CA ARG C 471 -45.11 -10.17 32.37
C ARG C 471 -45.00 -8.99 31.41
N TYR C 472 -46.06 -8.64 30.68
CA TYR C 472 -46.03 -7.57 29.68
C TYR C 472 -44.90 -7.75 28.67
N PRO D 10 4.47 28.65 17.91
CA PRO D 10 5.84 29.15 17.93
C PRO D 10 5.96 30.56 18.52
N ALA D 11 7.20 31.03 18.65
CA ALA D 11 7.46 32.32 19.28
C ALA D 11 7.21 33.44 18.28
N GLY D 12 6.34 34.39 18.66
CA GLY D 12 6.06 35.55 17.86
C GLY D 12 4.81 35.47 17.00
N PHE D 13 4.24 34.28 16.83
CA PHE D 13 3.09 34.11 15.95
C PHE D 13 1.83 34.65 16.63
N THR D 14 1.20 35.64 15.98
CA THR D 14 -0.02 36.25 16.50
C THR D 14 -1.08 36.43 15.42
N ASP D 15 -0.91 35.77 14.26
CA ASP D 15 -1.78 35.98 13.10
C ASP D 15 -2.95 35.01 13.17
N TYR D 16 -3.82 35.23 14.16
CA TYR D 16 -4.98 34.39 14.38
C TYR D 16 -5.94 35.13 15.31
N LYS D 17 -7.12 34.55 15.50
CA LYS D 17 -8.09 35.06 16.48
C LYS D 17 -9.01 33.91 16.87
N VAL D 18 -8.84 33.39 18.09
CA VAL D 18 -9.62 32.27 18.58
C VAL D 18 -10.11 32.62 19.99
N ALA D 19 -11.03 31.80 20.50
CA ALA D 19 -11.64 32.11 21.79
C ALA D 19 -10.63 32.00 22.92
N ASP D 20 -9.84 30.93 22.95
CA ASP D 20 -9.02 30.62 24.13
C ASP D 20 -7.88 29.70 23.68
N ILE D 21 -6.68 30.27 23.52
CA ILE D 21 -5.54 29.52 23.01
C ILE D 21 -5.13 28.39 23.95
N THR D 22 -5.45 28.49 25.24
CA THR D 22 -5.09 27.44 26.19
C THR D 22 -5.83 26.15 25.95
N LEU D 23 -6.84 26.15 25.07
CA LEU D 23 -7.56 24.93 24.69
C LEU D 23 -6.78 24.06 23.71
N ALA D 24 -5.56 24.45 23.34
CA ALA D 24 -4.86 23.78 22.24
C ALA D 24 -4.49 22.35 22.60
N ALA D 25 -4.04 22.11 23.83
CA ALA D 25 -3.60 20.77 24.22
C ALA D 25 -4.76 19.79 24.16
N TRP D 26 -5.92 20.19 24.69
CA TRP D 26 -7.13 19.38 24.53
C TRP D 26 -7.44 19.13 23.06
N GLY D 27 -7.42 20.19 22.25
CA GLY D 27 -7.68 20.02 20.82
C GLY D 27 -6.72 19.07 20.14
N ARG D 28 -5.44 19.12 20.51
CA ARG D 28 -4.46 18.22 19.92
C ARG D 28 -4.77 16.77 20.28
N ARG D 29 -5.16 16.50 21.54
CA ARG D 29 -5.55 15.15 21.94
C ARG D 29 -6.69 14.64 21.08
N GLU D 30 -7.69 15.49 20.80
CA GLU D 30 -8.82 15.02 20.00
C GLU D 30 -8.48 14.93 18.51
N LEU D 31 -7.53 15.74 18.02
CA LEU D 31 -7.09 15.58 16.64
C LEU D 31 -6.35 14.26 16.47
N ILE D 32 -5.60 13.83 17.48
CA ILE D 32 -4.86 12.58 17.41
C ILE D 32 -5.81 11.39 17.39
N ILE D 33 -6.90 11.47 18.17
CA ILE D 33 -7.95 10.45 18.06
C ILE D 33 -8.59 10.49 16.68
N ALA D 34 -8.91 11.70 16.20
CA ALA D 34 -9.62 11.83 14.94
C ALA D 34 -8.82 11.28 13.76
N GLU D 35 -7.49 11.39 13.81
CA GLU D 35 -6.66 10.81 12.76
C GLU D 35 -6.84 9.29 12.70
N SER D 36 -7.03 8.65 13.85
CA SER D 36 -7.28 7.21 13.85
C SER D 36 -8.66 6.85 13.29
N GLU D 37 -9.56 7.82 13.15
CA GLU D 37 -10.90 7.61 12.63
C GLU D 37 -11.07 8.03 11.18
N MET D 38 -10.00 8.52 10.54
CA MET D 38 -10.08 9.07 9.18
C MET D 38 -9.03 8.41 8.29
N PRO D 39 -9.22 7.13 7.96
CA PRO D 39 -8.18 6.42 7.19
C PRO D 39 -8.04 6.91 5.75
N ALA D 40 -9.13 7.31 5.11
CA ALA D 40 -9.03 7.80 3.72
C ALA D 40 -8.22 9.08 3.67
N LEU D 41 -8.51 10.03 4.58
CA LEU D 41 -7.78 11.28 4.59
C LEU D 41 -6.33 11.08 5.00
N MET D 42 -6.10 10.32 6.08
N MET D 42 -6.09 10.30 6.06
CA MET D 42 -4.74 10.01 6.53
CA MET D 42 -4.71 10.08 6.48
C MET D 42 -3.96 9.30 5.43
C MET D 42 -3.92 9.26 5.47
N GLY D 43 -4.59 8.36 4.75
CA GLY D 43 -3.91 7.63 3.69
C GLY D 43 -3.44 8.54 2.56
N LEU D 44 -4.23 9.59 2.27
CA LEU D 44 -3.80 10.59 1.29
C LEU D 44 -2.64 11.42 1.84
N ARG D 45 -2.67 11.74 3.13
CA ARG D 45 -1.56 12.45 3.74
C ARG D 45 -0.27 11.65 3.60
N ARG D 46 -0.33 10.35 3.93
CA ARG D 46 0.86 9.50 3.82
C ARG D 46 1.24 9.24 2.37
N LYS D 47 0.25 9.12 1.48
CA LYS D 47 0.56 8.82 0.08
C LYS D 47 1.31 9.96 -0.57
N TYR D 48 0.86 11.19 -0.35
CA TYR D 48 1.35 12.36 -1.06
C TYR D 48 2.40 13.13 -0.29
N ALA D 49 2.76 12.70 0.93
CA ALA D 49 3.71 13.44 1.74
C ALA D 49 5.03 13.64 1.01
N GLY D 50 5.60 12.54 0.47
CA GLY D 50 6.89 12.64 -0.19
C GLY D 50 6.89 13.57 -1.40
N GLN D 51 5.77 13.62 -2.13
CA GLN D 51 5.75 14.40 -3.37
C GLN D 51 5.53 15.88 -3.13
N GLN D 52 4.75 16.25 -2.10
CA GLN D 52 4.37 17.64 -1.84
C GLN D 52 3.60 18.21 -3.02
N PRO D 53 2.44 17.64 -3.38
CA PRO D 53 1.73 18.11 -4.58
C PRO D 53 1.16 19.50 -4.44
N LEU D 54 1.11 20.06 -3.23
CA LEU D 54 0.55 21.39 -3.00
C LEU D 54 1.62 22.41 -2.61
N LYS D 55 2.90 22.09 -2.79
CA LYS D 55 3.95 23.08 -2.59
C LYS D 55 3.70 24.28 -3.49
N GLY D 56 3.62 25.46 -2.88
CA GLY D 56 3.25 26.65 -3.61
C GLY D 56 1.77 26.98 -3.58
N ALA D 57 0.93 26.05 -3.12
CA ALA D 57 -0.49 26.37 -2.96
C ALA D 57 -0.68 27.31 -1.78
N LYS D 58 -1.53 28.31 -1.97
CA LYS D 58 -1.88 29.28 -0.94
C LYS D 58 -3.41 29.34 -0.92
N ILE D 59 -4.02 28.72 0.09
CA ILE D 59 -5.43 28.36 0.05
C ILE D 59 -6.21 29.23 1.03
N LEU D 60 -7.23 29.91 0.52
N LEU D 60 -7.23 29.91 0.52
CA LEU D 60 -8.26 30.50 1.36
CA LEU D 60 -8.24 30.54 1.37
C LEU D 60 -9.25 29.40 1.73
C LEU D 60 -9.30 29.50 1.70
N GLY D 61 -9.45 29.17 3.02
N GLY D 61 -9.44 29.16 2.97
CA GLY D 61 -10.36 28.13 3.46
CA GLY D 61 -10.38 28.14 3.42
C GLY D 61 -11.47 28.66 4.36
C GLY D 61 -11.48 28.74 4.30
N CYS D 62 -12.72 28.32 4.03
CA CYS D 62 -13.87 28.78 4.80
C CYS D 62 -14.80 27.58 5.02
N ILE D 63 -14.67 26.93 6.17
CA ILE D 63 -15.50 25.79 6.50
C ILE D 63 -15.44 25.58 8.01
N HIS D 64 -16.56 25.11 8.57
CA HIS D 64 -16.75 24.83 10.00
C HIS D 64 -15.47 24.37 10.68
N MET D 65 -14.95 25.20 11.58
CA MET D 65 -13.66 24.94 12.24
C MET D 65 -13.86 23.91 13.36
N THR D 66 -14.10 22.68 12.94
CA THR D 66 -14.24 21.53 13.82
C THR D 66 -12.93 20.76 13.91
N ILE D 67 -12.91 19.76 14.79
CA ILE D 67 -11.78 18.84 14.86
C ILE D 67 -11.55 18.18 13.50
N GLN D 68 -12.63 17.83 12.79
CA GLN D 68 -12.50 17.17 11.51
C GLN D 68 -11.87 18.09 10.47
N THR D 69 -12.25 19.37 10.47
CA THR D 69 -11.58 20.34 9.62
C THR D 69 -10.12 20.53 10.02
N GLY D 70 -9.81 20.41 11.32
CA GLY D 70 -8.42 20.44 11.73
C GLY D 70 -7.58 19.41 11.00
N VAL D 71 -8.10 18.18 10.89
CA VAL D 71 -7.37 17.12 10.22
C VAL D 71 -7.21 17.43 8.73
N LEU D 72 -8.25 18.00 8.11
CA LEU D 72 -8.16 18.42 6.71
C LEU D 72 -7.11 19.51 6.53
N ILE D 73 -7.12 20.51 7.42
CA ILE D 73 -6.17 21.63 7.31
C ILE D 73 -4.74 21.12 7.39
N GLU D 74 -4.44 20.28 8.39
CA GLU D 74 -3.07 19.82 8.57
C GLU D 74 -2.64 18.84 7.48
N THR D 75 -3.59 18.14 6.85
CA THR D 75 -3.25 17.34 5.68
C THR D 75 -2.79 18.24 4.53
N LEU D 76 -3.55 19.30 4.26
CA LEU D 76 -3.16 20.24 3.19
C LEU D 76 -1.78 20.83 3.45
N VAL D 77 -1.53 21.24 4.71
CA VAL D 77 -0.21 21.79 5.05
C VAL D 77 0.86 20.72 4.93
N ALA D 78 0.54 19.49 5.31
CA ALA D 78 1.51 18.40 5.16
C ALA D 78 1.88 18.13 3.72
N LEU D 79 1.03 18.53 2.76
CA LEU D 79 1.30 18.35 1.35
C LEU D 79 1.87 19.60 0.70
N GLY D 80 2.23 20.62 1.47
CA GLY D 80 2.96 21.77 0.99
C GLY D 80 2.20 23.08 0.99
N ALA D 81 0.91 23.07 1.30
CA ALA D 81 0.11 24.29 1.19
C ALA D 81 0.37 25.23 2.36
N GLU D 82 0.18 26.52 2.10
CA GLU D 82 -0.09 27.53 3.12
C GLU D 82 -1.58 27.82 3.09
N VAL D 83 -2.17 28.07 4.26
CA VAL D 83 -3.61 28.33 4.34
C VAL D 83 -3.87 29.48 5.31
N ARG D 84 -5.00 30.15 5.09
CA ARG D 84 -5.60 31.11 6.02
C ARG D 84 -7.07 30.75 6.13
N TRP D 85 -7.55 30.55 7.36
CA TRP D 85 -8.81 29.84 7.57
C TRP D 85 -9.83 30.65 8.35
N SER D 86 -11.10 30.37 8.08
CA SER D 86 -12.23 30.87 8.86
C SER D 86 -13.34 29.82 8.81
N SER D 87 -14.28 29.93 9.75
CA SER D 87 -15.45 29.06 9.73
C SER D 87 -16.51 29.65 8.79
N CYS D 88 -17.40 28.78 8.32
CA CYS D 88 -18.49 29.22 7.45
C CYS D 88 -19.83 29.32 8.19
N ASN D 89 -19.82 29.25 9.52
CA ASN D 89 -21.02 29.49 10.31
C ASN D 89 -20.61 30.05 11.67
N ILE D 90 -21.49 30.88 12.24
CA ILE D 90 -21.16 31.56 13.49
C ILE D 90 -21.16 30.63 14.70
N PHE D 91 -21.84 29.49 14.64
CA PHE D 91 -21.97 28.62 15.81
C PHE D 91 -21.26 27.27 15.65
N SER D 92 -20.59 27.03 14.52
CA SER D 92 -20.10 25.69 14.22
C SER D 92 -18.68 25.41 14.68
N THR D 93 -17.90 26.45 15.00
CA THR D 93 -16.52 26.25 15.45
C THR D 93 -16.47 25.46 16.75
N GLN D 94 -15.51 24.54 16.83
CA GLN D 94 -15.10 23.93 18.10
C GLN D 94 -13.86 24.67 18.58
N ASP D 95 -13.97 25.38 19.70
CA ASP D 95 -12.90 26.27 20.11
C ASP D 95 -11.59 25.55 20.38
N GLN D 96 -11.65 24.28 20.80
CA GLN D 96 -10.39 23.55 21.02
C GLN D 96 -9.74 23.19 19.69
N ALA D 97 -10.53 22.97 18.65
CA ALA D 97 -9.96 22.74 17.32
C ALA D 97 -9.29 23.99 16.78
N ALA D 98 -9.97 25.14 16.87
CA ALA D 98 -9.38 26.40 16.43
C ALA D 98 -8.10 26.70 17.21
N ALA D 99 -8.10 26.41 18.51
CA ALA D 99 -6.91 26.67 19.32
C ALA D 99 -5.74 25.80 18.89
N ALA D 100 -5.98 24.52 18.63
CA ALA D 100 -4.90 23.63 18.23
C ALA D 100 -4.28 24.08 16.91
N ILE D 101 -5.10 24.59 16.00
CA ILE D 101 -4.63 25.01 14.68
C ILE D 101 -3.80 26.29 14.79
N ALA D 102 -4.31 27.27 15.55
CA ALA D 102 -3.55 28.49 15.78
C ALA D 102 -2.22 28.18 16.46
N ALA D 103 -2.23 27.29 17.46
CA ALA D 103 -1.00 26.96 18.18
C ALA D 103 0.03 26.28 17.29
N ALA D 104 -0.41 25.63 16.21
CA ALA D 104 0.49 25.04 15.23
C ALA D 104 1.10 26.08 14.30
N GLY D 105 0.79 27.36 14.49
CA GLY D 105 1.31 28.40 13.62
C GLY D 105 0.50 28.64 12.36
N ILE D 106 -0.73 28.19 12.32
CA ILE D 106 -1.59 28.31 11.14
C ILE D 106 -2.60 29.43 11.39
N PRO D 107 -2.73 30.40 10.48
CA PRO D 107 -3.69 31.49 10.67
C PRO D 107 -5.12 30.99 10.58
N VAL D 108 -5.90 31.22 11.64
CA VAL D 108 -7.31 30.86 11.69
C VAL D 108 -8.05 31.91 12.49
N PHE D 109 -9.23 32.29 12.01
CA PHE D 109 -10.07 33.31 12.64
C PHE D 109 -11.45 32.70 12.81
N ALA D 110 -11.72 32.18 14.01
CA ALA D 110 -12.92 31.38 14.25
C ALA D 110 -13.13 31.15 15.75
N TRP D 111 -14.37 31.34 16.20
CA TRP D 111 -14.76 30.97 17.55
C TRP D 111 -16.25 30.70 17.54
N LYS D 112 -16.72 29.92 18.53
CA LYS D 112 -18.13 29.58 18.61
C LYS D 112 -18.91 30.75 19.19
N GLY D 113 -19.96 31.18 18.46
CA GLY D 113 -20.78 32.28 18.93
C GLY D 113 -20.36 33.64 18.40
N GLU D 114 -19.98 33.69 17.13
CA GLU D 114 -19.65 34.96 16.50
C GLU D 114 -20.92 35.78 16.25
N THR D 115 -20.75 37.10 16.22
CA THR D 115 -21.78 37.95 15.64
C THR D 115 -21.65 37.94 14.12
N GLU D 116 -22.67 38.47 13.43
CA GLU D 116 -22.58 38.58 11.98
C GLU D 116 -21.41 39.48 11.57
N GLU D 117 -21.16 40.54 12.34
CA GLU D 117 -20.03 41.42 12.08
C GLU D 117 -18.71 40.68 12.27
N GLU D 118 -18.60 39.91 13.35
CA GLU D 118 -17.37 39.15 13.60
C GLU D 118 -17.17 38.08 12.52
N TYR D 119 -18.25 37.45 12.07
CA TYR D 119 -18.15 36.45 11.03
C TYR D 119 -17.52 37.03 9.77
N GLU D 120 -18.05 38.14 9.27
CA GLU D 120 -17.49 38.77 8.08
C GLU D 120 -16.08 39.28 8.32
N TRP D 121 -15.80 39.76 9.53
CA TRP D 121 -14.43 40.16 9.88
C TRP D 121 -13.45 38.99 9.73
N CYS D 122 -13.88 37.79 10.10
CA CYS D 122 -12.98 36.64 10.07
C CYS D 122 -12.63 36.25 8.64
N ILE D 123 -13.60 36.29 7.72
CA ILE D 123 -13.32 35.99 6.32
C ILE D 123 -12.35 37.00 5.74
N GLU D 124 -12.53 38.28 6.09
CA GLU D 124 -11.64 39.32 5.58
C GLU D 124 -10.22 39.16 6.13
N GLN D 125 -10.07 38.61 7.34
CA GLN D 125 -8.74 38.39 7.88
C GLN D 125 -8.01 37.28 7.16
N THR D 126 -8.73 36.33 6.57
CA THR D 126 -8.08 35.37 5.68
C THR D 126 -7.70 36.03 4.37
N ILE D 127 -8.59 36.87 3.83
CA ILE D 127 -8.38 37.50 2.53
C ILE D 127 -7.21 38.48 2.59
N LEU D 128 -7.12 39.25 3.67
CA LEU D 128 -6.10 40.28 3.82
C LEU D 128 -5.01 39.82 4.78
N LYS D 129 -3.76 40.09 4.40
CA LYS D 129 -2.60 39.82 5.25
C LYS D 129 -1.76 41.09 5.29
N ASP D 130 -1.51 41.60 6.49
CA ASP D 130 -0.80 42.86 6.69
C ASP D 130 -1.41 43.98 5.86
N GLY D 131 -2.74 44.05 5.87
CA GLY D 131 -3.46 45.14 5.25
C GLY D 131 -3.60 45.09 3.74
N GLN D 132 -3.00 44.10 3.07
CA GLN D 132 -3.10 43.97 1.63
C GLN D 132 -3.65 42.60 1.28
N PRO D 133 -4.28 42.46 0.09
CA PRO D 133 -4.73 41.14 -0.34
C PRO D 133 -3.59 40.13 -0.31
N TRP D 134 -3.83 39.00 0.34
CA TRP D 134 -2.89 37.89 0.29
C TRP D 134 -2.78 37.39 -1.14
N ASP D 135 -1.59 36.90 -1.51
CA ASP D 135 -1.40 36.33 -2.85
C ASP D 135 -1.89 34.88 -2.89
N ALA D 136 -3.17 34.72 -2.57
CA ALA D 136 -3.78 33.40 -2.58
C ALA D 136 -3.97 32.90 -4.01
N ASN D 137 -3.94 31.57 -4.17
CA ASN D 137 -4.14 30.98 -5.49
C ASN D 137 -5.09 29.79 -5.47
N MET D 138 -5.74 29.50 -4.35
CA MET D 138 -6.72 28.41 -4.26
C MET D 138 -7.80 28.79 -3.28
N VAL D 139 -8.98 28.19 -3.45
CA VAL D 139 -10.13 28.45 -2.58
C VAL D 139 -10.79 27.12 -2.22
N LEU D 140 -10.98 26.90 -0.91
CA LEU D 140 -11.81 25.81 -0.41
C LEU D 140 -12.95 26.44 0.37
N ASP D 141 -14.19 26.13 -0.03
CA ASP D 141 -15.36 26.85 0.47
C ASP D 141 -16.46 25.87 0.87
N ASP D 142 -17.29 26.28 1.82
CA ASP D 142 -18.45 25.51 2.26
C ASP D 142 -19.61 26.49 2.39
N GLY D 143 -20.44 26.57 1.35
CA GLY D 143 -21.60 27.44 1.34
C GLY D 143 -21.53 28.56 0.32
N GLY D 144 -20.33 28.92 -0.13
CA GLY D 144 -20.17 29.94 -1.14
C GLY D 144 -19.99 31.36 -0.62
N ASP D 145 -19.82 31.54 0.69
CA ASP D 145 -19.70 32.90 1.23
C ASP D 145 -18.35 33.52 0.89
N LEU D 146 -17.27 32.76 1.04
CA LEU D 146 -15.96 33.25 0.62
C LEU D 146 -15.94 33.51 -0.87
N THR D 147 -16.49 32.56 -1.65
CA THR D 147 -16.57 32.73 -3.10
C THR D 147 -17.33 34.00 -3.48
N GLU D 148 -18.43 34.29 -2.77
CA GLU D 148 -19.20 35.48 -3.08
C GLU D 148 -18.41 36.75 -2.77
N ILE D 149 -17.74 36.79 -1.63
CA ILE D 149 -16.97 37.98 -1.24
C ILE D 149 -15.86 38.24 -2.24
N LEU D 150 -15.17 37.19 -2.67
CA LEU D 150 -14.10 37.35 -3.65
C LEU D 150 -14.62 37.95 -4.95
N HIS D 151 -15.68 37.38 -5.51
CA HIS D 151 -16.20 37.87 -6.78
C HIS D 151 -16.76 39.28 -6.66
N LYS D 152 -17.32 39.64 -5.51
CA LYS D 152 -17.98 40.94 -5.38
C LYS D 152 -17.06 42.03 -4.83
N LYS D 153 -16.18 41.68 -3.89
CA LYS D 153 -15.36 42.68 -3.21
C LYS D 153 -13.89 42.66 -3.63
N TYR D 154 -13.35 41.51 -4.03
CA TYR D 154 -11.93 41.41 -4.38
C TYR D 154 -11.72 40.72 -5.72
N PRO D 155 -12.41 41.18 -6.77
CA PRO D 155 -12.35 40.43 -8.05
C PRO D 155 -10.95 40.31 -8.62
N GLN D 156 -10.09 41.30 -8.36
CA GLN D 156 -8.73 41.26 -8.90
C GLN D 156 -7.94 40.09 -8.32
N MET D 157 -8.29 39.64 -7.12
CA MET D 157 -7.62 38.47 -6.54
C MET D 157 -7.93 37.20 -7.33
N LEU D 158 -9.11 37.14 -7.95
CA LEU D 158 -9.49 35.95 -8.72
C LEU D 158 -8.62 35.76 -9.95
N GLU D 159 -7.87 36.78 -10.37
CA GLU D 159 -6.97 36.66 -11.50
C GLU D 159 -5.79 35.74 -11.20
N ARG D 160 -5.50 35.47 -9.93
CA ARG D 160 -4.37 34.63 -9.53
C ARG D 160 -4.80 33.27 -8.99
N ILE D 161 -6.10 33.01 -8.90
CA ILE D 161 -6.63 31.81 -8.26
C ILE D 161 -6.92 30.76 -9.33
N HIS D 162 -6.47 29.53 -9.09
CA HIS D 162 -6.62 28.45 -10.06
C HIS D 162 -7.94 27.69 -9.92
N GLY D 163 -8.65 27.83 -8.81
CA GLY D 163 -9.90 27.09 -8.69
C GLY D 163 -10.50 27.18 -7.30
N ILE D 164 -11.76 26.75 -7.24
CA ILE D 164 -12.54 26.63 -6.01
C ILE D 164 -12.97 25.18 -5.84
N THR D 165 -12.85 24.66 -4.63
CA THR D 165 -13.39 23.33 -4.31
C THR D 165 -14.49 23.53 -3.28
N GLU D 166 -15.74 23.34 -3.71
CA GLU D 166 -16.91 23.67 -2.90
C GLU D 166 -17.49 22.41 -2.26
N GLU D 167 -17.83 22.52 -0.97
CA GLU D 167 -18.19 21.36 -0.14
C GLU D 167 -19.67 20.97 -0.23
N THR D 168 -20.61 21.90 -0.28
CA THR D 168 -21.99 21.54 0.02
C THR D 168 -22.96 21.97 -1.07
N THR D 169 -24.15 21.36 -1.01
CA THR D 169 -25.18 21.54 -2.03
C THR D 169 -25.46 23.01 -2.31
N THR D 170 -25.72 23.78 -1.26
CA THR D 170 -26.05 25.20 -1.43
C THR D 170 -24.94 25.96 -2.14
N GLY D 171 -23.69 25.68 -1.80
CA GLY D 171 -22.58 26.33 -2.47
C GLY D 171 -22.51 25.97 -3.95
N VAL D 172 -22.80 24.71 -4.28
CA VAL D 172 -22.73 24.28 -5.68
C VAL D 172 -23.81 24.95 -6.50
N HIS D 173 -25.02 25.06 -5.96
CA HIS D 173 -26.08 25.79 -6.65
C HIS D 173 -25.66 27.22 -6.96
N ARG D 174 -25.02 27.89 -5.99
CA ARG D 174 -24.55 29.25 -6.23
C ARG D 174 -23.51 29.30 -7.35
N LEU D 175 -22.62 28.31 -7.41
CA LEU D 175 -21.61 28.26 -8.47
C LEU D 175 -22.25 28.08 -9.83
N LEU D 176 -23.21 27.15 -9.95
CA LEU D 176 -23.87 26.91 -11.23
C LEU D 176 -24.66 28.14 -11.68
N ASP D 177 -25.20 28.91 -10.73
CA ASP D 177 -25.88 30.14 -11.10
C ASP D 177 -24.90 31.14 -11.71
N MET D 178 -23.71 31.27 -11.14
CA MET D 178 -22.71 32.17 -11.69
C MET D 178 -22.22 31.69 -13.05
N LEU D 179 -22.03 30.38 -13.21
CA LEU D 179 -21.66 29.86 -14.52
C LEU D 179 -22.72 30.19 -15.56
N LYS D 180 -23.99 30.02 -15.21
CA LYS D 180 -25.07 30.25 -16.17
C LYS D 180 -25.14 31.72 -16.58
N ASN D 181 -24.73 32.63 -15.70
CA ASN D 181 -24.77 34.06 -15.99
C ASN D 181 -23.43 34.60 -16.46
N GLY D 182 -22.43 33.74 -16.66
CA GLY D 182 -21.11 34.17 -17.07
C GLY D 182 -20.32 34.96 -16.05
N THR D 183 -20.74 34.92 -14.77
CA THR D 183 -20.08 35.70 -13.72
C THR D 183 -19.08 34.89 -12.91
N LEU D 184 -18.92 33.60 -13.18
CA LEU D 184 -17.93 32.79 -12.49
C LEU D 184 -16.56 33.04 -13.11
N LYS D 185 -15.57 33.40 -12.29
CA LYS D 185 -14.28 33.82 -12.81
C LYS D 185 -13.22 32.71 -12.80
N VAL D 186 -13.41 31.65 -12.03
CA VAL D 186 -12.45 30.54 -11.97
C VAL D 186 -13.20 29.22 -11.95
N PRO D 187 -12.54 28.14 -12.33
CA PRO D 187 -13.21 26.83 -12.34
C PRO D 187 -13.37 26.28 -10.94
N ALA D 188 -14.28 25.31 -10.82
CA ALA D 188 -14.62 24.73 -9.54
C ALA D 188 -14.77 23.22 -9.67
N ILE D 189 -14.49 22.51 -8.57
CA ILE D 189 -14.87 21.12 -8.42
C ILE D 189 -16.03 21.04 -7.42
N ASN D 190 -17.12 20.43 -7.86
CA ASN D 190 -18.25 20.06 -7.03
C ASN D 190 -17.88 18.88 -6.15
N VAL D 191 -17.38 19.16 -4.94
CA VAL D 191 -17.04 18.07 -4.03
C VAL D 191 -18.28 17.37 -3.52
N ASN D 192 -19.41 18.10 -3.48
CA ASN D 192 -20.61 17.56 -2.85
C ASN D 192 -21.10 16.29 -3.52
N ASP D 193 -20.98 16.20 -4.85
CA ASP D 193 -21.67 15.14 -5.57
C ASP D 193 -20.81 13.90 -5.84
N SER D 194 -19.62 13.80 -5.25
CA SER D 194 -19.02 12.49 -5.07
C SER D 194 -19.96 11.62 -4.24
N VAL D 195 -20.02 10.32 -4.55
CA VAL D 195 -20.91 9.46 -3.79
C VAL D 195 -20.42 9.34 -2.35
N THR D 196 -19.09 9.29 -2.15
CA THR D 196 -18.51 9.25 -0.82
C THR D 196 -18.61 10.59 -0.10
N LYS D 197 -19.22 11.59 -0.74
CA LYS D 197 -19.61 12.79 -0.03
C LYS D 197 -21.13 12.79 0.14
N SER D 198 -21.85 13.09 -0.94
CA SER D 198 -23.30 13.31 -0.87
C SER D 198 -24.02 12.17 -0.16
N LYS D 199 -23.76 10.93 -0.57
CA LYS D 199 -24.50 9.81 -0.02
C LYS D 199 -23.82 9.21 1.22
N ASN D 200 -23.01 10.01 1.91
CA ASN D 200 -22.32 9.60 3.12
C ASN D 200 -22.44 10.74 4.13
N ASP D 201 -21.73 11.84 3.85
CA ASP D 201 -21.84 13.07 4.63
C ASP D 201 -23.29 13.53 4.77
N ASN D 202 -23.95 13.85 3.66
CA ASN D 202 -25.23 14.52 3.71
C ASN D 202 -26.31 13.66 4.37
N LYS D 203 -26.28 12.35 4.13
CA LYS D 203 -27.33 11.47 4.64
C LYS D 203 -26.94 10.85 5.98
N TYR D 204 -25.88 10.02 5.98
CA TYR D 204 -25.50 9.33 7.22
C TYR D 204 -24.97 10.29 8.28
N GLY D 205 -24.32 11.38 7.87
CA GLY D 205 -23.85 12.34 8.84
C GLY D 205 -25.00 12.94 9.64
N CYS D 206 -26.07 13.33 8.95
CA CYS D 206 -27.24 13.88 9.62
C CYS D 206 -27.96 12.83 10.45
N ARG D 207 -27.95 11.57 10.01
CA ARG D 207 -28.50 10.49 10.82
C ARG D 207 -27.79 10.41 12.17
N HIS D 208 -26.47 10.53 12.17
CA HIS D 208 -25.71 10.48 13.42
C HIS D 208 -25.97 11.71 14.27
N SER D 209 -25.93 12.90 13.66
CA SER D 209 -25.76 14.12 14.44
C SER D 209 -27.03 14.91 14.71
N LEU D 210 -28.14 14.64 14.01
CA LEU D 210 -29.37 15.38 14.29
C LEU D 210 -29.93 15.04 15.66
N ASN D 211 -30.19 13.76 15.93
CA ASN D 211 -30.70 13.42 17.26
CA ASN D 211 -30.69 13.39 17.26
C ASN D 211 -29.65 13.69 18.34
N ASP D 212 -28.37 13.65 17.98
CA ASP D 212 -27.30 14.07 18.88
C ASP D 212 -27.51 15.50 19.34
N ALA D 213 -27.72 16.42 18.39
CA ALA D 213 -27.86 17.83 18.73
C ALA D 213 -29.14 18.11 19.50
N ILE D 214 -30.23 17.40 19.20
CA ILE D 214 -31.48 17.66 19.92
C ILE D 214 -31.36 17.20 21.38
N LYS D 215 -30.73 16.05 21.60
CA LYS D 215 -30.55 15.57 22.97
C LYS D 215 -29.65 16.51 23.77
N ARG D 216 -28.55 16.98 23.17
CA ARG D 216 -27.65 17.89 23.89
C ARG D 216 -28.35 19.21 24.23
N GLY D 217 -29.18 19.71 23.33
CA GLY D 217 -29.85 20.98 23.54
C GLY D 217 -31.02 20.95 24.53
N THR D 218 -31.85 19.90 24.46
CA THR D 218 -33.08 19.83 25.24
C THR D 218 -33.15 18.65 26.18
N ASP D 219 -32.37 17.59 25.94
CA ASP D 219 -32.47 16.33 26.69
C ASP D 219 -33.90 15.78 26.70
N HIS D 220 -34.65 16.08 25.63
CA HIS D 220 -36.01 15.58 25.46
C HIS D 220 -36.01 14.12 25.05
N LEU D 221 -36.93 13.34 25.64
CA LEU D 221 -37.24 12.04 25.06
C LEU D 221 -37.81 12.25 23.68
N LEU D 222 -37.31 11.50 22.70
CA LEU D 222 -37.85 11.57 21.35
C LEU D 222 -38.85 10.47 21.06
N SER D 223 -38.67 9.29 21.65
CA SER D 223 -39.52 8.15 21.36
C SER D 223 -40.98 8.45 21.68
N GLY D 224 -41.87 8.11 20.75
CA GLY D 224 -43.29 8.30 20.95
C GLY D 224 -43.82 9.67 20.58
N LYS D 225 -42.95 10.61 20.26
CA LYS D 225 -43.37 11.97 19.91
C LYS D 225 -43.46 12.12 18.39
N GLN D 226 -44.11 13.21 17.97
CA GLN D 226 -44.45 13.47 16.58
C GLN D 226 -43.48 14.47 15.96
N ALA D 227 -42.90 14.11 14.83
CA ALA D 227 -41.94 14.95 14.12
C ALA D 227 -42.45 15.26 12.73
N LEU D 228 -42.13 16.46 12.25
CA LEU D 228 -42.35 16.84 10.86
C LEU D 228 -41.00 17.26 10.29
N VAL D 229 -40.54 16.53 9.27
CA VAL D 229 -39.30 16.84 8.58
C VAL D 229 -39.67 17.47 7.25
N ILE D 230 -39.15 18.66 6.98
CA ILE D 230 -39.42 19.37 5.73
C ILE D 230 -38.29 19.06 4.77
N GLY D 231 -38.61 18.31 3.72
CA GLY D 231 -37.62 17.93 2.72
C GLY D 231 -37.19 16.48 2.88
N TYR D 232 -36.94 15.82 1.76
CA TYR D 232 -36.49 14.43 1.79
C TYR D 232 -35.41 14.21 0.75
N GLY D 233 -34.51 15.18 0.62
CA GLY D 233 -33.28 14.99 -0.09
C GLY D 233 -32.33 14.14 0.73
N ASP D 234 -31.04 14.27 0.45
CA ASP D 234 -30.07 13.48 1.21
C ASP D 234 -30.10 13.85 2.70
N VAL D 235 -30.14 15.15 3.00
CA VAL D 235 -30.20 15.57 4.40
C VAL D 235 -31.52 15.18 5.04
N GLY D 236 -32.64 15.33 4.31
CA GLY D 236 -33.93 14.95 4.85
C GLY D 236 -34.08 13.44 5.05
N LYS D 237 -33.49 12.66 4.14
CA LYS D 237 -33.46 11.21 4.32
C LYS D 237 -32.72 10.85 5.61
N GLY D 238 -31.52 11.41 5.80
CA GLY D 238 -30.76 11.10 7.00
C GLY D 238 -31.39 11.66 8.26
N SER D 239 -31.99 12.84 8.17
CA SER D 239 -32.67 13.43 9.32
C SER D 239 -33.88 12.60 9.74
N SER D 240 -34.66 12.13 8.76
CA SER D 240 -35.83 11.31 9.08
C SER D 240 -35.43 10.01 9.77
N GLN D 241 -34.31 9.41 9.33
CA GLN D 241 -33.83 8.19 9.98
C GLN D 241 -33.31 8.47 11.37
N SER D 242 -32.63 9.61 11.56
CA SER D 242 -32.15 9.99 12.88
C SER D 242 -33.28 10.01 13.88
N LEU D 243 -34.45 10.49 13.47
CA LEU D 243 -35.59 10.60 14.36
C LEU D 243 -36.36 9.27 14.45
N ARG D 244 -36.60 8.61 13.31
CA ARG D 244 -37.38 7.38 13.32
C ARG D 244 -36.70 6.26 14.09
N GLN D 245 -35.36 6.16 13.95
CA GLN D 245 -34.63 5.12 14.68
C GLN D 245 -34.68 5.35 16.19
N GLU D 246 -35.01 6.55 16.63
CA GLU D 246 -35.22 6.84 18.05
C GLU D 246 -36.64 6.56 18.51
N GLY D 247 -37.52 6.14 17.61
CA GLY D 247 -38.89 5.88 17.95
C GLY D 247 -39.86 7.03 17.77
N MET D 248 -39.42 8.12 17.15
CA MET D 248 -40.37 9.17 16.81
C MET D 248 -41.33 8.69 15.73
N ILE D 249 -42.52 9.29 15.71
CA ILE D 249 -43.47 9.12 14.61
C ILE D 249 -43.22 10.25 13.63
N VAL D 250 -42.64 9.92 12.48
CA VAL D 250 -42.09 10.91 11.55
C VAL D 250 -43.01 11.06 10.35
N LYS D 251 -43.43 12.30 10.09
CA LYS D 251 -44.09 12.67 8.84
C LYS D 251 -43.15 13.53 8.02
N VAL D 252 -43.32 13.50 6.69
CA VAL D 252 -42.36 14.08 5.76
C VAL D 252 -43.10 14.98 4.79
N ALA D 253 -42.57 16.17 4.55
CA ALA D 253 -43.08 17.09 3.55
C ALA D 253 -42.11 17.21 2.38
N GLU D 254 -42.64 17.29 1.16
CA GLU D 254 -41.80 17.39 -0.02
C GLU D 254 -42.53 18.15 -1.12
N VAL D 255 -41.76 18.85 -1.95
CA VAL D 255 -42.25 19.37 -3.23
C VAL D 255 -41.87 18.47 -4.40
N ASP D 256 -40.94 17.54 -4.20
CA ASP D 256 -40.48 16.65 -5.25
C ASP D 256 -41.20 15.32 -5.08
N PRO D 257 -42.05 14.92 -6.03
CA PRO D 257 -42.80 13.66 -5.86
C PRO D 257 -41.94 12.41 -5.93
N ILE D 258 -40.77 12.45 -6.57
CA ILE D 258 -39.89 11.29 -6.54
C ILE D 258 -39.34 11.08 -5.13
N CYS D 259 -38.83 12.15 -4.50
CA CYS D 259 -38.40 12.05 -3.11
C CYS D 259 -39.58 11.71 -2.19
N ALA D 260 -40.75 12.24 -2.49
CA ALA D 260 -41.94 11.88 -1.72
C ALA D 260 -42.25 10.40 -1.85
N MET D 261 -42.12 9.85 -3.07
N MET D 261 -42.14 9.86 -3.07
CA MET D 261 -42.35 8.43 -3.27
CA MET D 261 -42.34 8.42 -3.28
C MET D 261 -41.39 7.60 -2.42
C MET D 261 -41.40 7.61 -2.39
N GLN D 262 -40.13 8.02 -2.31
CA GLN D 262 -39.17 7.32 -1.47
C GLN D 262 -39.59 7.37 0.00
N ALA D 263 -40.08 8.53 0.45
CA ALA D 263 -40.53 8.67 1.83
C ALA D 263 -41.64 7.68 2.14
N CYS D 264 -42.61 7.54 1.22
CA CYS D 264 -43.69 6.57 1.42
C CYS D 264 -43.12 5.16 1.51
N MET D 265 -42.33 4.76 0.51
CA MET D 265 -41.77 3.40 0.50
C MET D 265 -40.87 3.15 1.69
N ASP D 266 -40.20 4.18 2.21
CA ASP D 266 -39.39 4.04 3.42
C ASP D 266 -40.24 3.96 4.70
N GLY D 267 -41.56 4.08 4.59
CA GLY D 267 -42.44 3.93 5.73
C GLY D 267 -42.87 5.19 6.43
N PHE D 268 -42.82 6.34 5.76
CA PHE D 268 -43.25 7.60 6.33
C PHE D 268 -44.53 8.08 5.66
N GLU D 269 -45.37 8.74 6.46
CA GLU D 269 -46.56 9.42 5.96
C GLU D 269 -46.16 10.79 5.42
N VAL D 270 -46.55 11.09 4.18
CA VAL D 270 -46.16 12.31 3.48
C VAL D 270 -47.30 13.32 3.59
N VAL D 271 -47.00 14.50 4.16
CA VAL D 271 -48.02 15.50 4.47
C VAL D 271 -47.51 16.88 4.10
N SER D 272 -48.45 17.82 4.00
CA SER D 272 -48.08 19.20 3.76
C SER D 272 -48.52 20.09 4.92
N PRO D 273 -47.73 21.12 5.26
CA PRO D 273 -48.20 22.12 6.22
C PRO D 273 -49.43 22.87 5.75
N TYR D 274 -49.70 22.88 4.44
CA TYR D 274 -50.80 23.65 3.87
C TYR D 274 -51.87 22.72 3.34
N LYS D 275 -53.13 23.13 3.49
CA LYS D 275 -54.25 22.35 2.96
C LYS D 275 -54.06 22.12 1.47
N ASN D 276 -54.10 20.84 1.06
CA ASN D 276 -53.88 20.40 -0.31
C ASN D 276 -52.52 20.83 -0.85
N GLY D 277 -51.56 21.10 0.03
CA GLY D 277 -50.24 21.51 -0.40
C GLY D 277 -50.15 22.89 -1.03
N ILE D 278 -51.17 23.73 -0.87
CA ILE D 278 -51.22 25.02 -1.54
C ILE D 278 -50.92 26.13 -0.52
N ASN D 279 -49.78 26.79 -0.72
CA ASN D 279 -49.24 27.78 0.20
C ASN D 279 -49.54 29.16 -0.37
N ASP D 280 -50.74 29.66 -0.08
CA ASP D 280 -51.17 30.96 -0.62
C ASP D 280 -50.83 32.13 0.31
N GLY D 281 -50.13 31.86 1.41
CA GLY D 281 -49.73 32.91 2.33
C GLY D 281 -50.74 33.23 3.42
N THR D 282 -51.96 32.74 3.33
CA THR D 282 -52.99 33.04 4.31
C THR D 282 -52.94 32.07 5.48
N GLU D 283 -53.44 32.55 6.63
CA GLU D 283 -53.56 31.68 7.80
C GLU D 283 -54.52 30.53 7.54
N ALA D 284 -55.58 30.78 6.77
CA ALA D 284 -56.57 29.75 6.49
C ALA D 284 -55.96 28.55 5.78
N SER D 285 -54.85 28.74 5.06
CA SER D 285 -54.26 27.64 4.30
C SER D 285 -53.45 26.69 5.18
N ILE D 286 -53.16 27.05 6.42
CA ILE D 286 -52.38 26.19 7.30
C ILE D 286 -53.25 25.04 7.80
N ASP D 287 -52.73 23.82 7.68
CA ASP D 287 -53.37 22.68 8.31
C ASP D 287 -53.14 22.77 9.81
N ALA D 288 -54.01 23.50 10.50
CA ALA D 288 -53.80 23.79 11.92
C ALA D 288 -53.93 22.53 12.77
N ALA D 289 -54.83 21.61 12.38
CA ALA D 289 -54.94 20.35 13.11
C ALA D 289 -53.65 19.55 13.04
N LEU D 290 -53.02 19.51 11.86
CA LEU D 290 -51.77 18.77 11.72
C LEU D 290 -50.65 19.40 12.54
N LEU D 291 -50.39 20.69 12.33
CA LEU D 291 -49.29 21.33 13.02
C LEU D 291 -49.52 21.41 14.53
N GLY D 292 -50.79 21.37 14.96
CA GLY D 292 -51.09 21.33 16.38
C GLY D 292 -50.70 20.05 17.08
N LYS D 293 -50.28 19.03 16.33
CA LYS D 293 -49.85 17.75 16.90
C LYS D 293 -48.35 17.51 16.78
N ILE D 294 -47.59 18.46 16.26
CA ILE D 294 -46.18 18.24 15.95
C ILE D 294 -45.34 18.69 17.13
N ASP D 295 -44.49 17.79 17.64
CA ASP D 295 -43.61 18.09 18.76
C ASP D 295 -42.24 18.59 18.32
N LEU D 296 -41.86 18.35 17.07
CA LEU D 296 -40.54 18.69 16.56
C LEU D 296 -40.65 18.90 15.06
N ILE D 297 -40.20 20.06 14.59
CA ILE D 297 -40.10 20.32 13.15
C ILE D 297 -38.64 20.56 12.80
N VAL D 298 -38.20 19.98 11.69
CA VAL D 298 -36.82 20.05 11.23
C VAL D 298 -36.84 20.42 9.75
N THR D 299 -36.15 21.50 9.38
CA THR D 299 -36.05 21.92 7.99
C THR D 299 -34.74 21.41 7.40
N THR D 300 -34.81 20.89 6.15
CA THR D 300 -33.67 20.24 5.52
C THR D 300 -33.51 20.57 4.04
N THR D 301 -34.03 21.71 3.57
CA THR D 301 -34.31 21.89 2.15
C THR D 301 -33.25 22.66 1.37
N GLY D 302 -32.51 23.57 2.00
CA GLY D 302 -31.73 24.51 1.24
C GLY D 302 -32.55 25.58 0.55
N ASN D 303 -33.84 25.65 0.85
CA ASN D 303 -34.79 26.61 0.27
C ASN D 303 -35.09 27.69 1.30
N VAL D 304 -35.95 28.64 0.94
CA VAL D 304 -36.22 29.82 1.76
C VAL D 304 -37.63 29.73 2.33
N ASN D 305 -37.74 29.95 3.64
CA ASN D 305 -39.03 30.12 4.33
C ASN D 305 -39.92 28.88 4.18
N VAL D 306 -39.35 27.70 4.48
CA VAL D 306 -40.12 26.46 4.46
C VAL D 306 -40.77 26.16 5.81
N CYS D 307 -40.45 26.91 6.86
CA CYS D 307 -41.16 26.88 8.14
C CYS D 307 -41.53 28.34 8.42
N ASP D 308 -42.69 28.75 7.94
CA ASP D 308 -43.00 30.17 7.86
C ASP D 308 -43.69 30.66 9.13
N ALA D 309 -44.01 31.94 9.15
CA ALA D 309 -44.59 32.57 10.34
C ALA D 309 -45.94 31.95 10.70
N ASN D 310 -46.77 31.66 9.68
CA ASN D 310 -48.08 31.07 9.96
C ASN D 310 -47.94 29.64 10.49
N MET D 311 -46.97 28.89 9.99
CA MET D 311 -46.70 27.57 10.55
C MET D 311 -46.27 27.68 12.00
N LEU D 312 -45.38 28.62 12.32
CA LEU D 312 -44.90 28.80 13.68
C LEU D 312 -46.01 29.22 14.63
N LYS D 313 -46.99 29.98 14.13
CA LYS D 313 -48.12 30.37 14.96
C LYS D 313 -49.03 29.19 15.27
N ALA D 314 -49.05 28.18 14.40
CA ALA D 314 -49.95 27.05 14.54
C ALA D 314 -49.34 25.86 15.27
N LEU D 315 -48.02 25.86 15.49
CA LEU D 315 -47.35 24.72 16.09
C LEU D 315 -47.87 24.43 17.49
N LYS D 316 -47.90 23.15 17.83
CA LYS D 316 -48.18 22.70 19.19
C LYS D 316 -47.32 23.46 20.20
N LYS D 317 -47.90 23.76 21.36
CA LYS D 317 -47.15 24.43 22.41
C LYS D 317 -45.94 23.60 22.82
N ARG D 318 -44.80 24.27 23.01
CA ARG D 318 -43.55 23.70 23.47
C ARG D 318 -42.88 22.78 22.44
N ALA D 319 -43.28 22.87 21.18
CA ALA D 319 -42.58 22.16 20.13
C ALA D 319 -41.15 22.67 19.99
N VAL D 320 -40.27 21.81 19.49
CA VAL D 320 -38.90 22.19 19.19
C VAL D 320 -38.81 22.53 17.71
N VAL D 321 -38.11 23.63 17.40
CA VAL D 321 -37.93 24.12 16.03
C VAL D 321 -36.44 24.19 15.74
N CYS D 322 -36.01 23.55 14.66
CA CYS D 322 -34.60 23.60 14.29
C CYS D 322 -34.44 23.43 12.78
N ASN D 323 -33.26 23.84 12.31
CA ASN D 323 -32.88 23.79 10.90
C ASN D 323 -31.55 23.07 10.78
N ILE D 324 -31.44 22.18 9.80
CA ILE D 324 -30.18 21.49 9.51
C ILE D 324 -29.73 21.72 8.07
N GLY D 325 -30.45 22.54 7.31
CA GLY D 325 -29.91 23.08 6.07
C GLY D 325 -28.86 24.14 6.34
N HIS D 326 -28.24 24.63 5.27
CA HIS D 326 -27.02 25.41 5.44
C HIS D 326 -27.27 26.81 6.01
N PHE D 327 -28.39 27.45 5.67
CA PHE D 327 -28.65 28.82 6.11
C PHE D 327 -29.90 28.87 6.98
N ASP D 328 -29.95 29.87 7.87
CA ASP D 328 -31.05 29.97 8.82
C ASP D 328 -32.35 30.49 8.20
N ASN D 329 -32.32 31.06 7.01
CA ASN D 329 -33.57 31.56 6.41
C ASN D 329 -34.54 30.43 6.01
N GLU D 330 -34.27 29.15 6.34
CA GLU D 330 -35.29 28.13 6.19
C GLU D 330 -36.45 28.35 7.15
N ILE D 331 -36.16 28.91 8.33
CA ILE D 331 -37.16 29.27 9.33
C ILE D 331 -37.29 30.78 9.35
N ASP D 332 -38.52 31.27 9.48
CA ASP D 332 -38.75 32.72 9.57
C ASP D 332 -38.47 33.18 11.01
N THR D 333 -37.19 33.14 11.38
CA THR D 333 -36.81 33.63 12.70
C THR D 333 -36.94 35.14 12.82
N ALA D 334 -36.95 35.86 11.71
CA ALA D 334 -37.11 37.31 11.76
C ALA D 334 -38.48 37.69 12.30
N PHE D 335 -39.52 36.95 11.90
CA PHE D 335 -40.85 37.18 12.46
C PHE D 335 -40.85 36.97 13.97
N MET D 336 -40.16 35.93 14.44
CA MET D 336 -40.14 35.64 15.87
C MET D 336 -39.37 36.71 16.64
N ARG D 337 -38.26 37.19 16.08
CA ARG D 337 -37.52 38.29 16.74
C ARG D 337 -38.38 39.54 16.85
N LYS D 338 -39.25 39.79 15.87
CA LYS D 338 -40.03 41.01 15.83
C LYS D 338 -41.25 40.95 16.74
N ASN D 339 -41.80 39.77 16.99
CA ASN D 339 -43.10 39.66 17.65
C ASN D 339 -43.08 38.94 19.00
N TRP D 340 -42.14 38.04 19.23
CA TRP D 340 -42.16 37.20 20.41
C TRP D 340 -40.91 37.41 21.25
N ALA D 341 -41.05 37.19 22.56
CA ALA D 341 -39.96 37.42 23.51
C ALA D 341 -39.06 36.20 23.60
N TRP D 342 -37.75 36.44 23.61
CA TRP D 342 -36.77 35.36 23.61
C TRP D 342 -36.18 35.18 25.01
N GLU D 343 -36.27 33.96 25.52
CA GLU D 343 -35.71 33.58 26.82
C GLU D 343 -34.62 32.55 26.59
N GLU D 344 -33.37 32.92 26.86
CA GLU D 344 -32.27 31.99 26.69
C GLU D 344 -32.29 30.97 27.83
N VAL D 345 -32.37 29.69 27.47
CA VAL D 345 -32.17 28.61 28.44
C VAL D 345 -30.68 28.45 28.74
N LYS D 346 -29.91 28.20 27.69
CA LYS D 346 -28.46 28.12 27.72
C LYS D 346 -27.98 28.46 26.31
N PRO D 347 -26.67 28.62 26.09
CA PRO D 347 -26.20 28.97 24.74
C PRO D 347 -26.78 28.06 23.68
N GLN D 348 -27.31 28.69 22.62
CA GLN D 348 -27.93 28.04 21.46
C GLN D 348 -29.21 27.30 21.80
N VAL D 349 -29.90 27.68 22.88
CA VAL D 349 -31.21 27.14 23.21
C VAL D 349 -32.07 28.29 23.72
N HIS D 350 -33.15 28.60 22.99
CA HIS D 350 -34.03 29.70 23.37
C HIS D 350 -35.48 29.22 23.44
N LYS D 351 -36.19 29.70 24.47
CA LYS D 351 -37.63 29.60 24.52
C LYS D 351 -38.22 30.87 23.90
N ILE D 352 -39.11 30.70 22.94
CA ILE D 352 -39.74 31.80 22.21
C ILE D 352 -41.18 31.89 22.71
N HIS D 353 -41.49 32.95 23.45
CA HIS D 353 -42.78 33.10 24.10
C HIS D 353 -43.75 33.81 23.17
N ARG D 354 -44.81 33.10 22.75
CA ARG D 354 -45.77 33.60 21.77
C ARG D 354 -46.83 34.51 22.37
N THR D 355 -46.65 34.93 23.62
CA THR D 355 -47.59 35.79 24.31
C THR D 355 -47.33 37.27 24.08
N GLY D 356 -46.28 37.64 23.34
CA GLY D 356 -46.01 39.03 23.04
C GLY D 356 -44.53 39.36 22.99
N LYS D 357 -44.22 40.59 22.58
CA LYS D 357 -42.83 41.01 22.41
C LYS D 357 -42.19 41.42 23.73
N ASP D 358 -42.85 42.30 24.47
CA ASP D 358 -42.25 42.97 25.62
C ASP D 358 -42.48 42.13 26.87
N GLY D 359 -41.45 41.39 27.27
CA GLY D 359 -41.51 40.60 28.48
C GLY D 359 -42.24 39.28 28.30
N PHE D 360 -42.06 38.40 29.27
CA PHE D 360 -42.68 37.09 29.28
C PHE D 360 -42.83 36.64 30.73
N ASP D 361 -43.82 35.78 30.97
CA ASP D 361 -43.96 35.14 32.26
C ASP D 361 -43.05 33.91 32.30
N ALA D 362 -42.27 33.78 33.38
CA ALA D 362 -41.31 32.68 33.48
C ALA D 362 -41.99 31.33 33.48
N HIS D 363 -43.26 31.25 33.89
CA HIS D 363 -44.01 30.01 33.90
C HIS D 363 -45.04 29.94 32.77
N ASN D 364 -44.92 30.82 31.77
CA ASN D 364 -45.76 30.72 30.59
C ASN D 364 -45.59 29.36 29.92
N ASP D 365 -46.71 28.78 29.48
CA ASP D 365 -46.66 27.50 28.80
C ASP D 365 -46.73 27.62 27.28
N ASP D 366 -46.99 28.80 26.73
CA ASP D 366 -47.14 28.98 25.28
C ASP D 366 -45.82 29.49 24.72
N TYR D 367 -44.87 28.56 24.52
CA TYR D 367 -43.60 28.90 23.92
C TYR D 367 -43.17 27.80 22.96
N LEU D 368 -42.21 28.14 22.10
CA LEU D 368 -41.49 27.19 21.28
C LEU D 368 -40.02 27.17 21.69
N ILE D 369 -39.36 26.04 21.47
CA ILE D 369 -37.93 25.93 21.73
C ILE D 369 -37.19 25.94 20.39
N LEU D 370 -36.39 26.98 20.17
CA LEU D 370 -35.59 27.13 18.96
C LEU D 370 -34.14 26.77 19.27
N LEU D 371 -33.53 25.98 18.40
CA LEU D 371 -32.16 25.53 18.57
C LEU D 371 -31.22 26.31 17.65
N ALA D 372 -30.08 26.73 18.21
CA ALA D 372 -29.02 27.39 17.46
C ALA D 372 -29.51 28.62 16.70
N GLU D 373 -30.55 29.26 17.23
CA GLU D 373 -31.14 30.46 16.61
C GLU D 373 -31.44 30.23 15.12
N GLY D 374 -31.75 28.99 14.75
CA GLY D 374 -32.06 28.65 13.37
C GLY D 374 -30.88 28.21 12.53
N ARG D 375 -29.66 28.28 13.04
CA ARG D 375 -28.48 27.86 12.29
C ARG D 375 -28.36 26.34 12.34
N LEU D 376 -27.52 25.77 11.45
CA LEU D 376 -27.42 24.32 11.31
C LEU D 376 -27.28 23.67 12.68
N VAL D 377 -28.27 22.86 13.03
CA VAL D 377 -28.42 22.47 14.43
C VAL D 377 -27.40 21.42 14.82
N ASN D 378 -26.97 20.56 13.89
CA ASN D 378 -26.01 19.52 14.26
C ASN D 378 -24.67 20.12 14.65
N LEU D 379 -24.21 21.13 13.93
CA LEU D 379 -22.98 21.81 14.30
C LEU D 379 -23.18 22.84 15.41
N GLY D 380 -24.40 23.39 15.52
CA GLY D 380 -24.64 24.45 16.50
C GLY D 380 -24.79 23.92 17.90
N ASN D 381 -25.55 22.84 18.07
CA ASN D 381 -25.82 22.27 19.38
C ASN D 381 -25.03 21.00 19.66
N ALA D 382 -24.31 20.47 18.68
CA ALA D 382 -23.42 19.34 18.93
C ALA D 382 -22.09 19.57 18.22
N THR D 383 -21.54 18.53 17.58
CA THR D 383 -20.24 18.65 16.91
C THR D 383 -20.31 18.31 15.43
N GLY D 384 -21.49 18.35 14.82
CA GLY D 384 -21.58 18.00 13.42
C GLY D 384 -21.35 16.51 13.18
N HIS D 385 -21.01 16.20 11.93
CA HIS D 385 -20.79 14.81 11.54
C HIS D 385 -19.55 14.25 12.27
N PRO D 386 -19.50 12.94 12.47
CA PRO D 386 -18.32 12.35 13.12
C PRO D 386 -17.16 12.17 12.15
N SER D 387 -15.97 12.01 12.75
CA SER D 387 -14.73 11.94 11.97
C SER D 387 -14.79 10.88 10.89
N ARG D 388 -15.32 9.69 11.20
CA ARG D 388 -15.27 8.60 10.23
C ARG D 388 -16.17 8.86 9.03
N ILE D 389 -17.15 9.75 9.15
CA ILE D 389 -17.94 10.17 8.01
C ILE D 389 -17.27 11.32 7.26
N MET D 390 -16.77 12.32 7.98
CA MET D 390 -16.10 13.45 7.33
C MET D 390 -14.84 13.00 6.59
N ASP D 391 -14.26 11.87 7.01
CA ASP D 391 -13.16 11.25 6.28
C ASP D 391 -13.39 11.24 4.77
N GLY D 392 -14.59 10.82 4.35
CA GLY D 392 -14.86 10.73 2.92
C GLY D 392 -14.93 12.08 2.25
N SER D 393 -15.70 13.00 2.83
CA SER D 393 -15.84 14.35 2.25
C SER D 393 -14.48 15.03 2.10
N PHE D 394 -13.61 14.88 3.09
CA PHE D 394 -12.36 15.63 3.12
C PHE D 394 -11.26 14.97 2.31
N ALA D 395 -11.26 13.65 2.20
CA ALA D 395 -10.40 13.00 1.20
C ALA D 395 -10.71 13.54 -0.19
N ASN D 396 -12.01 13.68 -0.51
CA ASN D 396 -12.40 14.29 -1.78
C ASN D 396 -11.87 15.72 -1.89
N GLN D 397 -11.99 16.51 -0.81
CA GLN D 397 -11.50 17.88 -0.84
C GLN D 397 -10.01 17.92 -1.19
N VAL D 398 -9.22 17.01 -0.60
CA VAL D 398 -7.78 17.00 -0.85
C VAL D 398 -7.49 16.67 -2.32
N LEU D 399 -8.14 15.62 -2.84
CA LEU D 399 -7.95 15.29 -4.24
C LEU D 399 -8.36 16.44 -5.15
N ALA D 400 -9.47 17.10 -4.82
CA ALA D 400 -9.95 18.21 -5.63
C ALA D 400 -8.95 19.37 -5.62
N GLN D 401 -8.34 19.65 -4.47
CA GLN D 401 -7.36 20.74 -4.39
C GLN D 401 -6.13 20.42 -5.24
N ILE D 402 -5.62 19.20 -5.13
CA ILE D 402 -4.46 18.80 -5.92
C ILE D 402 -4.74 18.96 -7.40
N HIS D 403 -5.91 18.53 -7.85
CA HIS D 403 -6.23 18.57 -9.28
C HIS D 403 -6.26 19.99 -9.81
N LEU D 404 -7.02 20.87 -9.16
CA LEU D 404 -7.16 22.23 -9.66
C LEU D 404 -5.86 23.01 -9.53
N PHE D 405 -5.10 22.77 -8.45
CA PHE D 405 -3.83 23.46 -8.32
C PHE D 405 -2.86 23.03 -9.42
N GLU D 406 -2.81 21.74 -9.71
CA GLU D 406 -1.91 21.25 -10.75
C GLU D 406 -2.37 21.68 -12.14
N GLN D 407 -3.68 21.90 -12.34
CA GLN D 407 -4.16 22.37 -13.64
C GLN D 407 -3.68 23.79 -13.93
N LYS D 408 -3.47 24.60 -12.90
CA LYS D 408 -2.84 25.93 -13.02
C LYS D 408 -3.65 26.86 -13.92
N TYR D 409 -4.97 26.84 -13.75
CA TYR D 409 -5.88 27.65 -14.57
C TYR D 409 -5.40 29.08 -14.76
N ALA D 410 -5.02 29.75 -13.66
CA ALA D 410 -4.64 31.16 -13.73
C ALA D 410 -3.43 31.40 -14.63
N ASP D 411 -2.64 30.37 -14.93
CA ASP D 411 -1.46 30.53 -15.77
C ASP D 411 -1.72 30.19 -17.23
N LEU D 412 -2.98 29.88 -17.61
CA LEU D 412 -3.26 29.41 -18.95
C LEU D 412 -3.59 30.57 -19.89
N PRO D 413 -3.28 30.44 -21.18
CA PRO D 413 -3.77 31.44 -22.15
C PRO D 413 -5.29 31.42 -22.23
N ALA D 414 -5.84 32.54 -22.71
CA ALA D 414 -7.28 32.76 -22.65
C ALA D 414 -8.06 31.61 -23.30
N ALA D 415 -7.57 31.11 -24.42
CA ALA D 415 -8.28 30.05 -25.12
C ALA D 415 -8.27 28.76 -24.32
N GLU D 416 -7.16 28.46 -23.64
CA GLU D 416 -7.12 27.27 -22.80
C GLU D 416 -8.02 27.44 -21.57
N LYS D 417 -8.14 28.67 -21.05
CA LYS D 417 -9.05 28.92 -19.94
C LYS D 417 -10.50 28.66 -20.34
N ALA D 418 -10.88 29.09 -21.54
CA ALA D 418 -12.27 28.94 -21.98
C ALA D 418 -12.69 27.48 -21.97
N LYS D 419 -11.79 26.57 -22.35
CA LYS D 419 -12.10 25.15 -22.31
C LYS D 419 -12.24 24.62 -20.87
N ARG D 420 -11.63 25.28 -19.88
CA ARG D 420 -11.59 24.77 -18.51
C ARG D 420 -12.55 25.46 -17.56
N LEU D 421 -13.25 26.51 -17.98
CA LEU D 421 -14.10 27.29 -17.07
C LEU D 421 -15.42 26.55 -16.88
N SER D 422 -15.48 25.71 -15.85
CA SER D 422 -16.62 24.84 -15.64
C SER D 422 -16.71 24.45 -14.17
N VAL D 423 -17.78 23.73 -13.84
CA VAL D 423 -17.97 23.12 -12.53
C VAL D 423 -18.06 21.62 -12.76
N GLU D 424 -17.08 20.88 -12.24
CA GLU D 424 -16.97 19.44 -12.47
C GLU D 424 -16.98 18.67 -11.16
N VAL D 425 -17.15 17.35 -11.28
CA VAL D 425 -16.99 16.43 -10.17
C VAL D 425 -15.76 15.59 -10.40
N LEU D 426 -15.30 14.93 -9.34
CA LEU D 426 -14.16 14.03 -9.45
C LEU D 426 -14.53 12.78 -10.25
N PRO D 427 -13.55 12.16 -10.92
CA PRO D 427 -13.83 10.92 -11.65
C PRO D 427 -14.27 9.80 -10.71
N LYS D 428 -15.12 8.91 -11.23
CA LYS D 428 -15.63 7.82 -10.42
C LYS D 428 -14.51 6.97 -9.82
N LYS D 429 -13.40 6.80 -10.54
CA LYS D 429 -12.32 5.95 -10.05
C LYS D 429 -11.74 6.47 -8.73
N LEU D 430 -11.68 7.80 -8.58
CA LEU D 430 -11.22 8.36 -7.30
C LEU D 430 -12.30 8.23 -6.23
N ASP D 431 -13.55 8.47 -6.60
CA ASP D 431 -14.69 8.18 -5.71
C ASP D 431 -14.56 6.76 -5.14
N GLU D 432 -14.26 5.79 -6.01
CA GLU D 432 -14.15 4.40 -5.59
C GLU D 432 -12.95 4.17 -4.68
N GLU D 433 -11.83 4.86 -4.94
CA GLU D 433 -10.65 4.64 -4.12
C GLU D 433 -10.84 5.22 -2.72
N VAL D 434 -11.59 6.31 -2.59
CA VAL D 434 -11.94 6.82 -1.26
C VAL D 434 -12.82 5.82 -0.53
N ALA D 435 -13.88 5.33 -1.20
CA ALA D 435 -14.79 4.39 -0.55
C ALA D 435 -14.04 3.16 -0.05
N LEU D 436 -13.06 2.69 -0.84
CA LEU D 436 -12.33 1.48 -0.46
C LEU D 436 -11.60 1.65 0.86
N GLU D 437 -10.94 2.79 1.05
CA GLU D 437 -10.25 3.03 2.32
C GLU D 437 -11.25 3.12 3.47
N MET D 438 -12.41 3.73 3.22
CA MET D 438 -13.45 3.77 4.24
C MET D 438 -13.89 2.36 4.64
N VAL D 439 -14.13 1.49 3.65
CA VAL D 439 -14.55 0.12 3.93
C VAL D 439 -13.50 -0.60 4.75
N LYS D 440 -12.22 -0.45 4.38
CA LYS D 440 -11.15 -1.07 5.16
C LYS D 440 -11.12 -0.57 6.61
N GLY D 441 -11.48 0.70 6.82
CA GLY D 441 -11.55 1.22 8.17
C GLY D 441 -12.56 0.51 9.05
N PHE D 442 -13.60 -0.06 8.45
CA PHE D 442 -14.58 -0.87 9.16
C PHE D 442 -14.16 -2.32 9.29
N GLY D 443 -13.02 -2.71 8.74
CA GLY D 443 -12.69 -4.11 8.63
C GLY D 443 -13.39 -4.84 7.50
N GLY D 444 -14.09 -4.10 6.63
CA GLY D 444 -14.74 -4.75 5.50
C GLY D 444 -13.73 -5.33 4.53
N VAL D 445 -14.15 -6.42 3.88
CA VAL D 445 -13.31 -7.11 2.90
C VAL D 445 -14.07 -7.09 1.57
N VAL D 446 -13.52 -6.37 0.61
CA VAL D 446 -14.10 -6.26 -0.73
C VAL D 446 -13.59 -7.42 -1.58
N THR D 447 -14.50 -8.00 -2.38
CA THR D 447 -14.16 -9.13 -3.24
C THR D 447 -13.59 -8.64 -4.56
N GLN D 448 -12.62 -9.38 -5.08
CA GLN D 448 -12.04 -9.10 -6.39
C GLN D 448 -12.69 -9.97 -7.46
N LEU D 449 -13.08 -9.34 -8.56
CA LEU D 449 -13.62 -10.07 -9.70
C LEU D 449 -12.58 -11.01 -10.29
N THR D 450 -13.05 -12.17 -10.77
CA THR D 450 -12.22 -12.96 -11.66
C THR D 450 -12.18 -12.30 -13.03
N PRO D 451 -11.11 -12.53 -13.81
CA PRO D 451 -11.10 -12.02 -15.19
C PRO D 451 -12.37 -12.35 -15.96
N LYS D 452 -12.87 -13.57 -15.80
CA LYS D 452 -14.08 -14.00 -16.49
C LYS D 452 -15.29 -13.20 -16.01
N GLN D 453 -15.38 -12.92 -14.71
CA GLN D 453 -16.49 -12.13 -14.19
C GLN D 453 -16.41 -10.69 -14.69
N ALA D 454 -15.21 -10.09 -14.63
CA ALA D 454 -15.06 -8.72 -15.11
C ALA D 454 -15.45 -8.60 -16.58
N GLU D 455 -15.11 -9.63 -17.37
CA GLU D 455 -15.52 -9.64 -18.77
C GLU D 455 -17.02 -9.86 -18.92
N TYR D 456 -17.62 -10.66 -18.03
CA TYR D 456 -19.04 -10.95 -18.12
C TYR D 456 -19.88 -9.69 -17.96
N ILE D 457 -19.51 -8.80 -17.04
CA ILE D 457 -20.27 -7.57 -16.83
C ILE D 457 -19.63 -6.37 -17.51
N GLY D 458 -18.50 -6.55 -18.20
CA GLY D 458 -17.92 -5.48 -19.00
C GLY D 458 -17.22 -4.39 -18.22
N VAL D 459 -16.41 -4.76 -17.21
CA VAL D 459 -15.64 -3.80 -16.45
C VAL D 459 -14.22 -4.32 -16.31
N SER D 460 -13.32 -3.42 -15.93
CA SER D 460 -11.99 -3.82 -15.52
C SER D 460 -12.01 -4.37 -14.10
N VAL D 461 -11.09 -5.30 -13.82
CA VAL D 461 -10.96 -5.84 -12.47
C VAL D 461 -10.70 -4.73 -11.46
N GLU D 462 -10.06 -3.64 -11.90
CA GLU D 462 -9.72 -2.51 -11.06
C GLU D 462 -10.82 -1.47 -10.95
N GLY D 463 -11.90 -1.59 -11.72
CA GLY D 463 -12.89 -0.55 -11.79
C GLY D 463 -12.52 0.49 -12.84
N PRO D 464 -13.39 1.48 -13.05
CA PRO D 464 -14.65 1.75 -12.34
C PRO D 464 -15.68 0.63 -12.56
N PHE D 465 -16.55 0.41 -11.60
CA PHE D 465 -17.45 -0.74 -11.62
C PHE D 465 -18.85 -0.39 -12.11
N LYS D 466 -19.18 0.89 -12.24
CA LYS D 466 -20.50 1.34 -12.64
C LYS D 466 -20.37 2.40 -13.72
N PRO D 467 -21.36 2.52 -14.61
CA PRO D 467 -21.39 3.65 -15.52
C PRO D 467 -21.64 4.94 -14.77
N ASP D 468 -21.27 6.06 -15.40
CA ASP D 468 -21.47 7.37 -14.76
C ASP D 468 -22.93 7.66 -14.47
N THR D 469 -23.87 7.00 -15.15
CA THR D 469 -25.29 7.22 -14.92
C THR D 469 -25.77 6.61 -13.60
N TYR D 470 -25.00 5.73 -12.99
CA TYR D 470 -25.49 4.95 -11.85
C TYR D 470 -25.78 5.87 -10.66
N ARG D 471 -26.87 5.57 -9.96
CA ARG D 471 -27.31 6.43 -8.87
C ARG D 471 -27.04 5.87 -7.47
N TYR D 472 -26.65 4.60 -7.37
CA TYR D 472 -26.37 3.97 -6.08
C TYR D 472 -27.59 4.07 -5.15
N GLY E 12 30.02 41.08 24.63
CA GLY E 12 31.32 40.71 25.16
C GLY E 12 31.42 39.23 25.51
N PHE E 13 31.34 38.37 24.49
CA PHE E 13 31.38 36.94 24.68
C PHE E 13 32.83 36.46 24.74
N THR E 14 33.21 35.79 25.83
CA THR E 14 34.58 35.29 25.99
C THR E 14 34.64 33.81 26.35
N ASP E 15 33.50 33.10 26.37
CA ASP E 15 33.45 31.73 26.87
C ASP E 15 33.72 30.74 25.73
N TYR E 16 34.98 30.73 25.30
CA TYR E 16 35.42 29.87 24.19
C TYR E 16 36.95 29.91 24.15
N LYS E 17 37.51 29.07 23.29
CA LYS E 17 38.95 29.09 23.02
C LYS E 17 39.17 28.44 21.66
N VAL E 18 39.64 29.23 20.68
CA VAL E 18 39.91 28.77 19.33
C VAL E 18 41.25 29.35 18.88
N ALA E 19 41.68 28.95 17.67
CA ALA E 19 42.98 29.38 17.18
C ALA E 19 42.99 30.85 16.81
N ASP E 20 41.96 31.32 16.10
CA ASP E 20 41.98 32.65 15.50
C ASP E 20 40.53 33.05 15.23
N ILE E 21 40.00 33.94 16.07
CA ILE E 21 38.61 34.35 15.95
C ILE E 21 38.34 35.11 14.66
N THR E 22 39.38 35.69 14.04
CA THR E 22 39.19 36.42 12.79
C THR E 22 38.97 35.51 11.59
N LEU E 23 39.03 34.19 11.76
CA LEU E 23 38.62 33.29 10.68
C LEU E 23 37.12 33.10 10.62
N ALA E 24 36.35 33.79 11.48
CA ALA E 24 34.93 33.49 11.63
C ALA E 24 34.15 33.78 10.36
N ALA E 25 34.42 34.91 9.70
CA ALA E 25 33.69 35.26 8.49
C ALA E 25 33.93 34.24 7.39
N TRP E 26 35.17 33.76 7.27
CA TRP E 26 35.47 32.68 6.33
C TRP E 26 34.66 31.44 6.68
N GLY E 27 34.66 31.04 7.95
CA GLY E 27 33.90 29.86 8.35
C GLY E 27 32.41 30.02 8.09
N ARG E 28 31.88 31.24 8.25
CA ARG E 28 30.46 31.46 8.02
C ARG E 28 30.11 31.30 6.54
N ARG E 29 30.98 31.78 5.64
CA ARG E 29 30.76 31.56 4.21
C ARG E 29 30.68 30.08 3.91
N GLU E 30 31.58 29.27 4.49
CA GLU E 30 31.58 27.85 4.24
C GLU E 30 30.42 27.13 4.93
N LEU E 31 29.87 27.69 6.00
CA LEU E 31 28.68 27.10 6.62
C LEU E 31 27.46 27.30 5.74
N ILE E 32 27.32 28.49 5.17
CA ILE E 32 26.20 28.77 4.26
C ILE E 32 26.22 27.82 3.07
N ILE E 33 27.42 27.52 2.57
CA ILE E 33 27.55 26.56 1.47
C ILE E 33 27.15 25.16 1.96
N ALA E 34 27.66 24.75 3.12
CA ALA E 34 27.37 23.41 3.62
C ALA E 34 25.89 23.20 3.88
N GLU E 35 25.18 24.27 4.27
CA GLU E 35 23.74 24.16 4.46
C GLU E 35 23.04 23.73 3.17
N SER E 36 23.48 24.27 2.03
CA SER E 36 22.89 23.85 0.76
C SER E 36 23.27 22.42 0.40
N GLU E 37 24.27 21.84 1.06
CA GLU E 37 24.70 20.48 0.78
C GLU E 37 24.13 19.45 1.76
N MET E 38 23.32 19.89 2.74
CA MET E 38 22.83 19.01 3.80
C MET E 38 21.31 19.13 3.93
N PRO E 39 20.56 18.58 2.97
CA PRO E 39 19.11 18.79 2.98
C PRO E 39 18.37 18.07 4.09
N ALA E 40 18.81 16.87 4.49
CA ALA E 40 18.14 16.17 5.58
C ALA E 40 18.24 16.96 6.88
N LEU E 41 19.45 17.41 7.21
CA LEU E 41 19.65 18.19 8.43
C LEU E 41 18.89 19.50 8.37
N MET E 42 18.99 20.21 7.23
N MET E 42 18.93 20.19 7.23
CA MET E 42 18.22 21.45 7.04
CA MET E 42 18.21 21.46 7.15
C MET E 42 16.73 21.20 7.18
C MET E 42 16.70 21.26 7.10
N GLY E 43 16.24 20.11 6.58
CA GLY E 43 14.82 19.80 6.67
C GLY E 43 14.35 19.63 8.11
N LEU E 44 15.16 18.95 8.93
CA LEU E 44 14.85 18.84 10.36
C LEU E 44 14.81 20.21 11.01
N ARG E 45 15.77 21.07 10.68
CA ARG E 45 15.80 22.42 11.24
C ARG E 45 14.53 23.19 10.89
N ARG E 46 14.08 23.09 9.64
CA ARG E 46 12.85 23.78 9.25
C ARG E 46 11.62 23.09 9.87
N LYS E 47 11.61 21.77 9.93
CA LYS E 47 10.43 21.06 10.42
C LYS E 47 10.17 21.35 11.89
N TYR E 48 11.23 21.40 12.71
CA TYR E 48 11.08 21.36 14.16
C TYR E 48 11.31 22.70 14.84
N ALA E 49 11.72 23.74 14.10
CA ALA E 49 12.16 24.97 14.75
C ALA E 49 11.03 25.65 15.51
N GLY E 50 9.82 25.63 14.97
CA GLY E 50 8.70 26.28 15.63
C GLY E 50 8.22 25.54 16.87
N GLN E 51 8.43 24.23 16.90
CA GLN E 51 8.05 23.42 18.05
C GLN E 51 9.10 23.46 19.16
N GLN E 52 10.34 23.81 18.84
CA GLN E 52 11.43 23.89 19.81
C GLN E 52 11.56 22.64 20.67
N PRO E 53 11.74 21.46 20.04
CA PRO E 53 11.75 20.22 20.83
C PRO E 53 12.95 20.08 21.76
N LEU E 54 13.99 20.89 21.59
CA LEU E 54 15.16 20.85 22.47
C LEU E 54 15.21 22.04 23.41
N LYS E 55 14.10 22.73 23.63
CA LYS E 55 14.07 23.82 24.60
C LYS E 55 14.28 23.24 25.99
N GLY E 56 15.32 23.72 26.67
CA GLY E 56 15.71 23.18 27.95
C GLY E 56 16.85 22.18 27.89
N ALA E 57 17.17 21.66 26.72
CA ALA E 57 18.28 20.72 26.60
C ALA E 57 19.61 21.46 26.78
N LYS E 58 20.54 20.83 27.48
CA LYS E 58 21.88 21.37 27.69
C LYS E 58 22.87 20.29 27.31
N ILE E 59 23.40 20.38 26.10
CA ILE E 59 24.13 19.29 25.45
C ILE E 59 25.63 19.52 25.59
N LEU E 60 26.33 18.56 26.18
CA LEU E 60 27.78 18.47 26.07
C LEU E 60 28.11 17.70 24.80
N GLY E 61 28.82 18.34 23.87
CA GLY E 61 29.15 17.69 22.62
C GLY E 61 30.65 17.53 22.41
N CYS E 62 31.07 16.33 21.98
CA CYS E 62 32.48 16.05 21.72
C CYS E 62 32.59 15.33 20.38
N ILE E 63 32.86 16.08 19.31
CA ILE E 63 33.01 15.50 17.99
C ILE E 63 33.76 16.52 17.13
N HIS E 64 34.58 16.01 16.20
CA HIS E 64 35.39 16.80 15.28
C HIS E 64 34.75 18.13 14.91
N MET E 65 35.45 19.23 15.21
CA MET E 65 34.88 20.57 15.06
C MET E 65 35.12 21.07 13.64
N THR E 66 34.45 20.38 12.70
CA THR E 66 34.45 20.69 11.28
C THR E 66 33.30 21.61 10.91
N ILE E 67 33.32 22.08 9.66
CA ILE E 67 32.20 22.82 9.08
C ILE E 67 30.92 22.01 9.21
N GLN E 68 30.99 20.70 8.95
CA GLN E 68 29.81 19.84 9.02
C GLN E 68 29.27 19.76 10.44
N THR E 69 30.16 19.63 11.44
CA THR E 69 29.73 19.70 12.83
C THR E 69 29.09 21.03 13.16
N GLY E 70 29.55 22.11 12.51
CA GLY E 70 28.97 23.41 12.75
C GLY E 70 27.51 23.49 12.35
N VAL E 71 27.15 22.90 11.22
CA VAL E 71 25.74 22.85 10.82
C VAL E 71 24.93 22.01 11.80
N LEU E 72 25.52 20.91 12.29
CA LEU E 72 24.86 20.12 13.33
C LEU E 72 24.63 20.96 14.58
N ILE E 73 25.68 21.63 15.06
CA ILE E 73 25.58 22.43 16.27
C ILE E 73 24.48 23.47 16.14
N GLU E 74 24.49 24.22 15.04
CA GLU E 74 23.51 25.28 14.88
C GLU E 74 22.11 24.73 14.67
N THR E 75 21.98 23.47 14.21
CA THR E 75 20.67 22.84 14.15
C THR E 75 20.13 22.56 15.55
N LEU E 76 20.97 22.00 16.43
CA LEU E 76 20.56 21.75 17.81
C LEU E 76 20.15 23.05 18.50
N VAL E 77 20.95 24.12 18.32
CA VAL E 77 20.60 25.41 18.91
C VAL E 77 19.29 25.92 18.34
N ALA E 78 19.12 25.80 17.01
CA ALA E 78 17.91 26.30 16.37
C ALA E 78 16.66 25.61 16.89
N LEU E 79 16.79 24.38 17.37
CA LEU E 79 15.66 23.67 17.95
C LEU E 79 15.51 23.92 19.45
N GLY E 80 16.33 24.78 20.03
CA GLY E 80 16.14 25.23 21.41
C GLY E 80 17.27 24.89 22.36
N ALA E 81 18.28 24.13 21.96
CA ALA E 81 19.28 23.65 22.90
C ALA E 81 20.34 24.71 23.18
N GLU E 82 20.91 24.62 24.39
CA GLU E 82 22.21 25.22 24.70
C GLU E 82 23.26 24.12 24.66
N VAL E 83 24.46 24.44 24.17
CA VAL E 83 25.52 23.45 24.02
C VAL E 83 26.84 24.02 24.51
N ARG E 84 27.75 23.10 24.86
CA ARG E 84 29.16 23.40 25.09
C ARG E 84 29.95 22.32 24.38
N TRP E 85 30.90 22.73 23.53
CA TRP E 85 31.43 21.85 22.51
C TRP E 85 32.95 21.73 22.57
N SER E 86 33.44 20.54 22.21
CA SER E 86 34.85 20.28 22.00
C SER E 86 34.99 19.29 20.85
N SER E 87 36.21 19.17 20.33
CA SER E 87 36.49 18.17 19.30
C SER E 87 36.94 16.88 19.95
N CYS E 88 36.73 15.76 19.25
CA CYS E 88 37.13 14.46 19.76
C CYS E 88 38.46 13.98 19.17
N ASN E 89 39.23 14.89 18.57
CA ASN E 89 40.55 14.53 18.06
C ASN E 89 41.40 15.78 17.98
N ILE E 90 42.70 15.63 18.26
CA ILE E 90 43.58 16.80 18.35
C ILE E 90 43.87 17.43 16.99
N PHE E 91 43.62 16.73 15.88
CA PHE E 91 43.97 17.26 14.57
C PHE E 91 42.79 17.52 13.65
N SER E 92 41.55 17.21 14.08
CA SER E 92 40.43 17.18 13.16
C SER E 92 39.68 18.51 13.04
N THR E 93 39.89 19.45 13.95
CA THR E 93 39.18 20.72 13.87
C THR E 93 39.55 21.49 12.60
N GLN E 94 38.55 22.13 12.00
CA GLN E 94 38.79 23.19 11.02
C GLN E 94 38.68 24.53 11.76
N ASP E 95 39.79 25.25 11.85
CA ASP E 95 39.81 26.45 12.69
C ASP E 95 38.79 27.50 12.25
N GLN E 96 38.48 27.59 10.96
CA GLN E 96 37.48 28.56 10.54
C GLN E 96 36.09 28.15 10.99
N ALA E 97 35.83 26.85 11.16
CA ALA E 97 34.55 26.39 11.65
C ALA E 97 34.39 26.70 13.13
N ALA E 98 35.42 26.38 13.93
CA ALA E 98 35.41 26.72 15.34
C ALA E 98 35.23 28.22 15.55
N ALA E 99 35.93 29.03 14.74
CA ALA E 99 35.82 30.47 14.88
C ALA E 99 34.40 30.95 14.62
N ALA E 100 33.75 30.42 13.59
CA ALA E 100 32.38 30.82 13.28
C ALA E 100 31.42 30.45 14.41
N ILE E 101 31.64 29.31 15.06
CA ILE E 101 30.75 28.89 16.14
C ILE E 101 30.97 29.79 17.36
N ALA E 102 32.23 30.05 17.72
CA ALA E 102 32.51 30.96 18.83
C ALA E 102 31.96 32.35 18.55
N ALA E 103 32.14 32.86 17.33
CA ALA E 103 31.63 34.19 16.98
C ALA E 103 30.11 34.24 17.03
N ALA E 104 29.43 33.11 16.89
CA ALA E 104 27.99 33.05 17.06
C ALA E 104 27.57 33.06 18.52
N GLY E 105 28.54 33.11 19.45
CA GLY E 105 28.21 33.12 20.86
C GLY E 105 27.95 31.76 21.45
N ILE E 106 28.57 30.72 20.90
CA ILE E 106 28.41 29.34 21.37
C ILE E 106 29.73 28.88 21.97
N PRO E 107 29.75 28.39 23.21
CA PRO E 107 31.01 27.93 23.81
C PRO E 107 31.58 26.75 23.04
N VAL E 108 32.79 26.94 22.51
CA VAL E 108 33.54 25.88 21.83
C VAL E 108 35.00 26.00 22.24
N PHE E 109 35.64 24.85 22.42
CA PHE E 109 37.04 24.79 22.83
C PHE E 109 37.72 23.76 21.92
N ALA E 110 38.37 24.24 20.86
CA ALA E 110 38.84 23.36 19.80
C ALA E 110 39.77 24.10 18.86
N TRP E 111 40.87 23.46 18.50
CA TRP E 111 41.75 23.98 17.47
C TRP E 111 42.54 22.82 16.88
N LYS E 112 43.03 23.02 15.66
CA LYS E 112 43.81 22.00 14.97
C LYS E 112 45.21 21.95 15.54
N GLY E 113 45.66 20.76 15.92
CA GLY E 113 46.99 20.62 16.47
C GLY E 113 47.06 20.83 17.97
N GLU E 114 46.05 20.34 18.70
CA GLU E 114 46.11 20.36 20.15
C GLU E 114 47.16 19.36 20.65
N THR E 115 47.70 19.63 21.84
CA THR E 115 48.41 18.60 22.56
C THR E 115 47.40 17.71 23.29
N GLU E 116 47.88 16.55 23.76
CA GLU E 116 47.01 15.69 24.56
C GLU E 116 46.49 16.44 25.78
N GLU E 117 47.36 17.18 26.45
CA GLU E 117 46.95 17.95 27.62
C GLU E 117 45.90 18.98 27.24
N GLU E 118 46.11 19.69 26.13
CA GLU E 118 45.11 20.66 25.66
C GLU E 118 43.80 19.97 25.28
N TYR E 119 43.90 18.76 24.73
CA TYR E 119 42.71 17.99 24.37
C TYR E 119 41.82 17.74 25.59
N GLU E 120 42.41 17.24 26.68
CA GLU E 120 41.63 16.99 27.89
C GLU E 120 41.12 18.29 28.50
N TRP E 121 41.93 19.34 28.46
CA TRP E 121 41.49 20.64 28.97
C TRP E 121 40.24 21.13 28.25
N CYS E 122 40.19 20.94 26.92
CA CYS E 122 39.04 21.40 26.16
C CYS E 122 37.76 20.66 26.56
N ILE E 123 37.84 19.35 26.75
CA ILE E 123 36.67 18.60 27.21
C ILE E 123 36.22 19.13 28.58
N GLU E 124 37.16 19.38 29.48
CA GLU E 124 36.80 19.86 30.81
C GLU E 124 36.20 21.25 30.78
N GLN E 125 36.57 22.07 29.79
CA GLN E 125 35.95 23.39 29.66
C GLN E 125 34.50 23.27 29.21
N THR E 126 34.13 22.19 28.50
CA THR E 126 32.71 21.99 28.22
C THR E 126 31.97 21.53 29.46
N ILE E 127 32.60 20.63 30.23
CA ILE E 127 31.97 20.07 31.43
C ILE E 127 31.80 21.14 32.51
N LEU E 128 32.77 22.05 32.63
CA LEU E 128 32.78 23.06 33.67
C LEU E 128 32.43 24.42 33.09
N LYS E 129 31.53 25.14 33.75
CA LYS E 129 31.27 26.54 33.46
C LYS E 129 31.59 27.34 34.71
N ASP E 130 32.49 28.31 34.59
CA ASP E 130 32.91 29.15 35.72
C ASP E 130 33.42 28.30 36.88
N GLY E 131 34.23 27.29 36.56
CA GLY E 131 34.85 26.45 37.57
C GLY E 131 33.94 25.46 38.25
N GLN E 132 32.67 25.38 37.86
CA GLN E 132 31.68 24.51 38.47
C GLN E 132 31.02 23.65 37.40
N PRO E 133 30.58 22.43 37.73
CA PRO E 133 29.86 21.60 36.74
C PRO E 133 28.67 22.31 36.13
N TRP E 134 28.68 22.42 34.80
CA TRP E 134 27.51 22.89 34.07
C TRP E 134 26.31 22.00 34.36
N ASP E 135 25.12 22.58 34.32
CA ASP E 135 23.89 21.82 34.53
C ASP E 135 23.48 21.10 33.24
N ALA E 136 24.40 20.28 32.74
CA ALA E 136 24.18 19.54 31.50
C ALA E 136 23.08 18.49 31.70
N ASN E 137 22.36 18.18 30.62
CA ASN E 137 21.38 17.10 30.69
C ASN E 137 21.35 16.22 29.43
N MET E 138 22.28 16.42 28.49
CA MET E 138 22.36 15.56 27.31
C MET E 138 23.82 15.45 26.89
N VAL E 139 24.17 14.34 26.24
CA VAL E 139 25.53 14.10 25.78
C VAL E 139 25.50 13.64 24.32
N LEU E 140 26.31 14.29 23.49
CA LEU E 140 26.58 13.84 22.12
C LEU E 140 28.07 13.55 22.03
N ASP E 141 28.42 12.31 21.67
CA ASP E 141 29.79 11.84 21.72
C ASP E 141 30.18 11.17 20.41
N ASP E 142 31.47 11.24 20.08
CA ASP E 142 32.05 10.53 18.95
C ASP E 142 33.31 9.84 19.46
N GLY E 143 33.21 8.56 19.81
CA GLY E 143 34.34 7.78 20.26
C GLY E 143 34.35 7.47 21.75
N GLY E 144 33.51 8.12 22.54
CA GLY E 144 33.36 7.75 23.94
C GLY E 144 34.32 8.39 24.93
N ASP E 145 35.13 9.38 24.51
CA ASP E 145 36.04 10.03 25.44
C ASP E 145 35.28 10.89 26.45
N LEU E 146 34.30 11.67 25.98
CA LEU E 146 33.49 12.48 26.90
C LEU E 146 32.65 11.60 27.81
N THR E 147 32.03 10.56 27.24
CA THR E 147 31.29 9.58 28.02
C THR E 147 32.14 8.99 29.12
N GLU E 148 33.40 8.69 28.81
CA GLU E 148 34.28 8.05 29.78
C GLU E 148 34.66 9.01 30.91
N ILE E 149 34.98 10.26 30.58
CA ILE E 149 35.35 11.24 31.60
C ILE E 149 34.18 11.51 32.55
N LEU E 150 32.97 11.63 32.01
CA LEU E 150 31.79 11.84 32.85
C LEU E 150 31.60 10.69 33.83
N HIS E 151 31.72 9.45 33.36
CA HIS E 151 31.53 8.30 34.24
C HIS E 151 32.66 8.19 35.25
N LYS E 152 33.89 8.50 34.84
CA LYS E 152 35.05 8.29 35.70
C LYS E 152 35.22 9.44 36.70
N LYS E 153 35.08 10.68 36.23
CA LYS E 153 35.44 11.83 37.04
C LYS E 153 34.26 12.65 37.53
N TYR E 154 33.10 12.58 36.86
CA TYR E 154 31.95 13.43 37.22
C TYR E 154 30.65 12.63 37.34
N PRO E 155 30.65 11.50 38.06
CA PRO E 155 29.42 10.69 38.09
C PRO E 155 28.20 11.43 38.60
N GLN E 156 28.37 12.46 39.43
CA GLN E 156 27.21 13.21 39.92
C GLN E 156 26.47 13.93 38.80
N MET E 157 27.21 14.39 37.78
CA MET E 157 26.55 15.07 36.66
C MET E 157 25.65 14.13 35.88
N LEU E 158 25.99 12.83 35.85
CA LEU E 158 25.18 11.86 35.12
C LEU E 158 23.80 11.67 35.73
N GLU E 159 23.62 12.02 37.01
CA GLU E 159 22.32 11.91 37.64
C GLU E 159 21.27 12.78 36.98
N ARG E 160 21.68 13.83 36.26
CA ARG E 160 20.76 14.76 35.62
C ARG E 160 20.75 14.65 34.10
N ILE E 161 21.49 13.68 33.55
CA ILE E 161 21.65 13.56 32.11
C ILE E 161 20.67 12.52 31.60
N HIS E 162 19.89 12.89 30.58
CA HIS E 162 18.84 12.03 30.08
C HIS E 162 19.33 10.98 29.08
N GLY E 163 20.50 11.18 28.48
CA GLY E 163 20.99 10.17 27.57
C GLY E 163 22.22 10.61 26.81
N ILE E 164 22.79 9.63 26.09
CA ILE E 164 23.96 9.80 25.24
C ILE E 164 23.60 9.37 23.82
N THR E 165 24.00 10.16 22.84
CA THR E 165 23.89 9.75 21.43
C THR E 165 25.31 9.62 20.88
N GLU E 166 25.69 8.39 20.52
CA GLU E 166 27.07 8.05 20.20
C GLU E 166 27.24 7.82 18.71
N GLU E 167 28.29 8.41 18.14
CA GLU E 167 28.41 8.54 16.69
C GLU E 167 29.08 7.35 16.01
N THR E 168 30.05 6.69 16.64
CA THR E 168 30.94 5.85 15.86
C THR E 168 31.13 4.47 16.50
N THR E 169 31.59 3.54 15.65
CA THR E 169 31.69 2.12 16.02
C THR E 169 32.46 1.93 17.31
N THR E 170 33.63 2.56 17.41
CA THR E 170 34.47 2.42 18.61
C THR E 170 33.73 2.92 19.85
N GLY E 171 32.99 4.02 19.73
CA GLY E 171 32.23 4.53 20.88
C GLY E 171 31.12 3.59 21.29
N VAL E 172 30.43 2.99 20.32
CA VAL E 172 29.35 2.06 20.62
C VAL E 172 29.89 0.83 21.33
N HIS E 173 31.09 0.38 20.94
CA HIS E 173 31.70 -0.77 21.61
C HIS E 173 31.96 -0.45 23.08
N ARG E 174 32.49 0.74 23.36
CA ARG E 174 32.75 1.11 24.74
C ARG E 174 31.44 1.18 25.54
N LEU E 175 30.36 1.63 24.90
CA LEU E 175 29.07 1.70 25.58
C LEU E 175 28.55 0.31 25.91
N LEU E 176 28.66 -0.63 24.97
CA LEU E 176 28.16 -1.98 25.21
C LEU E 176 29.00 -2.69 26.28
N ASP E 177 30.29 -2.38 26.36
CA ASP E 177 31.11 -2.88 27.45
C ASP E 177 30.58 -2.41 28.80
N MET E 178 30.31 -1.11 28.92
CA MET E 178 29.82 -0.59 30.19
C MET E 178 28.45 -1.17 30.54
N LEU E 179 27.59 -1.36 29.53
CA LEU E 179 26.27 -1.91 29.80
C LEU E 179 26.38 -3.32 30.36
N LYS E 180 27.30 -4.13 29.83
CA LYS E 180 27.41 -5.50 30.31
C LYS E 180 28.07 -5.56 31.68
N ASN E 181 29.00 -4.65 31.98
CA ASN E 181 29.63 -4.58 33.29
C ASN E 181 28.79 -3.85 34.32
N GLY E 182 27.60 -3.38 33.95
CA GLY E 182 26.75 -2.66 34.90
C GLY E 182 27.26 -1.30 35.32
N THR E 183 28.14 -0.69 34.52
CA THR E 183 28.70 0.61 34.86
C THR E 183 28.10 1.77 34.08
N LEU E 184 27.28 1.49 33.06
CA LEU E 184 26.62 2.56 32.31
C LEU E 184 25.51 3.18 33.14
N LYS E 185 25.49 4.51 33.23
CA LYS E 185 24.58 5.23 34.11
C LYS E 185 23.34 5.79 33.43
N VAL E 186 23.40 6.06 32.13
CA VAL E 186 22.26 6.63 31.41
C VAL E 186 22.07 5.89 30.10
N PRO E 187 20.86 5.91 29.54
CA PRO E 187 20.61 5.20 28.27
C PRO E 187 21.30 5.88 27.11
N ALA E 188 21.46 5.12 26.04
CA ALA E 188 22.19 5.58 24.87
C ALA E 188 21.46 5.18 23.60
N ILE E 189 21.65 5.98 22.56
CA ILE E 189 21.26 5.61 21.20
C ILE E 189 22.53 5.44 20.38
N ASN E 190 22.65 4.27 19.76
CA ASN E 190 23.68 3.92 18.79
C ASN E 190 23.33 4.60 17.47
N VAL E 191 23.93 5.75 17.19
CA VAL E 191 23.70 6.43 15.91
C VAL E 191 24.45 5.73 14.78
N ASN E 192 25.56 5.06 15.10
CA ASN E 192 26.40 4.47 14.06
C ASN E 192 25.62 3.47 13.22
N ASP E 193 24.72 2.71 13.83
CA ASP E 193 24.13 1.55 13.16
C ASP E 193 22.84 1.87 12.39
N SER E 194 22.48 3.14 12.23
CA SER E 194 21.53 3.46 11.16
C SER E 194 22.18 3.15 9.81
N VAL E 195 21.37 2.75 8.84
CA VAL E 195 21.95 2.52 7.52
C VAL E 195 22.40 3.84 6.89
N THR E 196 21.65 4.91 7.12
CA THR E 196 22.05 6.22 6.61
C THR E 196 23.24 6.80 7.37
N LYS E 197 23.77 6.10 8.36
CA LYS E 197 25.05 6.45 8.97
C LYS E 197 26.10 5.43 8.57
N SER E 198 26.00 4.19 9.08
CA SER E 198 27.06 3.20 8.89
C SER E 198 27.39 2.96 7.43
N LYS E 199 26.37 2.70 6.60
CA LYS E 199 26.58 2.35 5.21
C LYS E 199 26.58 3.57 4.30
N ASN E 200 26.89 4.73 4.86
CA ASN E 200 26.96 6.00 4.13
C ASN E 200 28.21 6.73 4.57
N ASP E 201 28.22 7.14 5.84
CA ASP E 201 29.37 7.74 6.51
C ASP E 201 30.58 6.80 6.51
N ASN E 202 30.48 5.67 7.20
CA ASN E 202 31.66 4.83 7.43
C ASN E 202 32.27 4.37 6.11
N LYS E 203 31.45 4.09 5.10
CA LYS E 203 31.97 3.53 3.87
C LYS E 203 32.20 4.60 2.80
N TYR E 204 31.13 5.25 2.34
CA TYR E 204 31.27 6.23 1.27
C TYR E 204 32.08 7.43 1.71
N GLY E 205 32.02 7.81 2.99
CA GLY E 205 32.81 8.94 3.45
C GLY E 205 34.31 8.69 3.32
N CYS E 206 34.76 7.48 3.68
CA CYS E 206 36.17 7.17 3.56
C CYS E 206 36.59 7.02 2.11
N ARG E 207 35.67 6.57 1.25
CA ARG E 207 35.92 6.56 -0.18
C ARG E 207 36.29 7.95 -0.68
N HIS E 208 35.53 8.96 -0.28
CA HIS E 208 35.80 10.33 -0.71
C HIS E 208 37.08 10.89 -0.09
N SER E 209 37.28 10.68 1.22
CA SER E 209 38.26 11.46 1.94
C SER E 209 39.61 10.76 2.15
N LEU E 210 39.72 9.45 1.92
CA LEU E 210 41.01 8.80 2.14
C LEU E 210 42.04 9.22 1.11
N ASN E 211 41.75 9.03 -0.19
CA ASN E 211 42.70 9.48 -1.21
CA ASN E 211 42.70 9.48 -1.21
C ASN E 211 42.86 10.99 -1.16
N ASP E 212 41.81 11.70 -0.74
CA ASP E 212 41.89 13.15 -0.55
C ASP E 212 43.04 13.52 0.38
N ALA E 213 43.06 12.92 1.58
CA ALA E 213 44.07 13.25 2.57
C ALA E 213 45.46 12.85 2.12
N ILE E 214 45.58 11.68 1.48
CA ILE E 214 46.90 11.24 1.02
C ILE E 214 47.45 12.19 -0.02
N LYS E 215 46.60 12.69 -0.93
CA LYS E 215 47.06 13.65 -1.93
C LYS E 215 47.48 14.97 -1.28
N ARG E 216 46.70 15.47 -0.32
CA ARG E 216 47.05 16.72 0.34
C ARG E 216 48.32 16.58 1.14
N GLY E 217 48.53 15.43 1.77
CA GLY E 217 49.72 15.24 2.59
C GLY E 217 50.98 15.01 1.77
N THR E 218 50.91 14.20 0.71
CA THR E 218 52.09 13.77 -0.03
C THR E 218 52.12 14.18 -1.50
N ASP E 219 50.97 14.44 -2.12
CA ASP E 219 50.88 14.69 -3.57
C ASP E 219 51.48 13.54 -4.38
N HIS E 220 51.49 12.34 -3.79
CA HIS E 220 51.98 11.15 -4.47
C HIS E 220 50.96 10.66 -5.49
N LEU E 221 51.45 10.36 -6.70
CA LEU E 221 50.69 9.52 -7.61
C LEU E 221 50.36 8.20 -6.91
N LEU E 222 49.11 7.77 -7.05
CA LEU E 222 48.69 6.49 -6.50
C LEU E 222 48.55 5.41 -7.56
N SER E 223 48.13 5.78 -8.77
CA SER E 223 47.96 4.81 -9.85
C SER E 223 49.23 4.00 -10.07
N GLY E 224 49.06 2.68 -10.17
CA GLY E 224 50.16 1.78 -10.45
C GLY E 224 50.95 1.32 -9.24
N LYS E 225 50.68 1.85 -8.05
CA LYS E 225 51.42 1.52 -6.84
C LYS E 225 50.66 0.49 -6.01
N GLN E 226 51.38 -0.08 -5.04
CA GLN E 226 50.87 -1.19 -4.25
C GLN E 226 50.36 -0.69 -2.90
N ALA E 227 49.12 -1.04 -2.57
CA ALA E 227 48.53 -0.68 -1.29
C ALA E 227 48.13 -1.93 -0.52
N LEU E 228 48.25 -1.85 0.81
CA LEU E 228 47.76 -2.88 1.71
C LEU E 228 46.80 -2.24 2.70
N VAL E 229 45.55 -2.67 2.69
CA VAL E 229 44.53 -2.16 3.59
C VAL E 229 44.29 -3.21 4.65
N ILE E 230 44.46 -2.83 5.92
CA ILE E 230 44.20 -3.74 7.03
C ILE E 230 42.76 -3.52 7.46
N GLY E 231 41.91 -4.51 7.20
CA GLY E 231 40.50 -4.44 7.55
C GLY E 231 39.62 -4.27 6.33
N TYR E 232 38.45 -4.88 6.37
CA TYR E 232 37.48 -4.76 5.29
C TYR E 232 36.07 -4.70 5.86
N GLY E 233 35.90 -4.00 6.98
CA GLY E 233 34.59 -3.61 7.45
C GLY E 233 34.10 -2.44 6.62
N ASP E 234 33.21 -1.61 7.17
CA ASP E 234 32.69 -0.49 6.39
C ASP E 234 33.80 0.49 6.02
N VAL E 235 34.65 0.84 6.99
CA VAL E 235 35.75 1.77 6.72
C VAL E 235 36.76 1.14 5.77
N GLY E 236 37.07 -0.14 5.96
CA GLY E 236 38.00 -0.80 5.06
C GLY E 236 37.46 -0.94 3.65
N LYS E 237 36.15 -1.18 3.52
CA LYS E 237 35.54 -1.25 2.20
C LYS E 237 35.64 0.08 1.47
N GLY E 238 35.29 1.18 2.15
CA GLY E 238 35.39 2.49 1.53
C GLY E 238 36.82 2.88 1.23
N SER E 239 37.74 2.55 2.13
CA SER E 239 39.15 2.89 1.93
C SER E 239 39.73 2.15 0.74
N SER E 240 39.47 0.85 0.65
CA SER E 240 39.96 0.06 -0.48
C SER E 240 39.47 0.64 -1.82
N GLN E 241 38.20 1.03 -1.86
CA GLN E 241 37.64 1.61 -3.07
C GLN E 241 38.25 2.97 -3.37
N SER E 242 38.51 3.77 -2.32
CA SER E 242 39.18 5.05 -2.48
C SER E 242 40.50 4.89 -3.23
N LEU E 243 41.25 3.84 -2.91
CA LEU E 243 42.55 3.61 -3.52
C LEU E 243 42.43 2.91 -4.87
N ARG E 244 41.55 1.90 -4.96
CA ARG E 244 41.41 1.14 -6.19
C ARG E 244 40.93 2.03 -7.34
N GLN E 245 39.97 2.92 -7.07
CA GLN E 245 39.45 3.77 -8.14
C GLN E 245 40.51 4.74 -8.66
N GLU E 246 41.56 4.99 -7.88
CA GLU E 246 42.70 5.77 -8.34
C GLU E 246 43.70 4.93 -9.12
N GLY E 247 43.48 3.63 -9.26
CA GLY E 247 44.38 2.77 -9.99
C GLY E 247 45.45 2.07 -9.16
N MET E 248 45.34 2.08 -7.84
CA MET E 248 46.28 1.32 -7.04
C MET E 248 46.00 -0.17 -7.21
N ILE E 249 47.05 -0.97 -7.03
CA ILE E 249 46.90 -2.42 -6.88
C ILE E 249 46.71 -2.67 -5.39
N VAL E 250 45.50 -3.05 -4.98
CA VAL E 250 45.11 -3.09 -3.58
C VAL E 250 45.05 -4.52 -3.10
N LYS E 251 45.76 -4.81 -2.00
CA LYS E 251 45.65 -6.06 -1.26
C LYS E 251 44.99 -5.79 0.08
N VAL E 252 44.21 -6.74 0.58
CA VAL E 252 43.40 -6.57 1.78
C VAL E 252 43.73 -7.65 2.79
N ALA E 253 43.87 -7.26 4.06
CA ALA E 253 43.99 -8.19 5.17
C ALA E 253 42.72 -8.16 6.01
N GLU E 254 42.37 -9.31 6.58
CA GLU E 254 41.20 -9.41 7.44
C GLU E 254 41.37 -10.55 8.43
N VAL E 255 40.70 -10.45 9.58
CA VAL E 255 40.52 -11.60 10.47
C VAL E 255 39.14 -12.22 10.34
N ASP E 256 38.19 -11.56 9.67
CA ASP E 256 36.83 -12.04 9.55
C ASP E 256 36.65 -12.72 8.19
N PRO E 257 36.44 -14.03 8.14
CA PRO E 257 36.37 -14.70 6.82
C PRO E 257 35.24 -14.22 5.94
N ILE E 258 34.15 -13.72 6.52
CA ILE E 258 33.05 -13.20 5.69
C ILE E 258 33.46 -11.91 5.00
N CYS E 259 34.12 -11.01 5.74
CA CYS E 259 34.62 -9.79 5.13
C CYS E 259 35.73 -10.10 4.12
N ALA E 260 36.56 -11.10 4.41
CA ALA E 260 37.56 -11.53 3.43
C ALA E 260 36.90 -12.03 2.15
N MET E 261 35.84 -12.82 2.28
N MET E 261 35.84 -12.82 2.28
CA MET E 261 35.12 -13.30 1.11
CA MET E 261 35.11 -13.30 1.11
C MET E 261 34.62 -12.14 0.24
C MET E 261 34.64 -12.13 0.24
N GLN E 262 34.06 -11.11 0.87
CA GLN E 262 33.63 -9.93 0.12
C GLN E 262 34.79 -9.27 -0.60
N ALA E 263 35.96 -9.21 0.04
CA ALA E 263 37.12 -8.60 -0.59
C ALA E 263 37.50 -9.36 -1.87
N CYS E 264 37.52 -10.69 -1.81
CA CYS E 264 37.82 -11.49 -2.99
C CYS E 264 36.82 -11.22 -4.12
N MET E 265 35.53 -11.32 -3.82
CA MET E 265 34.50 -11.10 -4.83
C MET E 265 34.52 -9.68 -5.35
N ASP E 266 35.02 -8.73 -4.57
CA ASP E 266 35.14 -7.35 -5.03
C ASP E 266 36.39 -7.13 -5.89
N GLY E 267 37.21 -8.16 -6.10
CA GLY E 267 38.36 -8.06 -6.97
C GLY E 267 39.67 -7.75 -6.29
N PHE E 268 39.80 -8.02 -5.00
CA PHE E 268 41.02 -7.78 -4.24
C PHE E 268 41.67 -9.10 -3.86
N GLU E 269 43.00 -9.08 -3.80
CA GLU E 269 43.77 -10.21 -3.30
C GLU E 269 43.88 -10.10 -1.79
N VAL E 270 43.53 -11.18 -1.08
CA VAL E 270 43.48 -11.17 0.38
C VAL E 270 44.77 -11.79 0.90
N VAL E 271 45.53 -11.02 1.69
CA VAL E 271 46.84 -11.42 2.18
C VAL E 271 46.94 -11.11 3.66
N SER E 272 47.90 -11.77 4.31
CA SER E 272 48.20 -11.47 5.70
C SER E 272 49.62 -10.94 5.83
N PRO E 273 49.85 -9.94 6.69
CA PRO E 273 51.23 -9.51 6.98
C PRO E 273 52.08 -10.62 7.57
N TYR E 274 51.47 -11.71 8.04
CA TYR E 274 52.16 -12.79 8.73
C TYR E 274 52.08 -14.07 7.91
N LYS E 275 53.17 -14.84 7.94
CA LYS E 275 53.22 -16.12 7.25
C LYS E 275 52.12 -17.03 7.77
N ASN E 276 51.24 -17.48 6.87
CA ASN E 276 50.09 -18.32 7.21
C ASN E 276 49.14 -17.63 8.18
N GLY E 277 49.21 -16.30 8.26
CA GLY E 277 48.31 -15.52 9.09
C GLY E 277 48.57 -15.56 10.58
N ILE E 278 49.69 -16.15 11.01
CA ILE E 278 49.94 -16.42 12.42
C ILE E 278 50.90 -15.39 12.98
N ASN E 279 50.42 -14.59 13.92
CA ASN E 279 51.12 -13.43 14.49
C ASN E 279 51.65 -13.84 15.85
N ASP E 280 52.86 -14.41 15.87
CA ASP E 280 53.49 -14.90 17.09
C ASP E 280 54.43 -13.89 17.74
N GLY E 281 54.50 -12.68 17.23
CA GLY E 281 55.32 -11.63 17.81
C GLY E 281 56.77 -11.57 17.36
N THR E 282 57.20 -12.51 16.51
CA THR E 282 58.60 -12.56 16.08
C THR E 282 58.78 -11.96 14.69
N GLU E 283 60.00 -11.49 14.43
CA GLU E 283 60.34 -11.01 13.10
C GLU E 283 60.18 -12.10 12.05
N ALA E 284 60.44 -13.35 12.43
CA ALA E 284 60.38 -14.45 11.47
C ALA E 284 58.96 -14.68 10.94
N SER E 285 57.94 -14.25 11.67
CA SER E 285 56.57 -14.45 11.20
C SER E 285 56.15 -13.43 10.15
N ILE E 286 56.92 -12.36 9.96
CA ILE E 286 56.57 -11.32 8.99
C ILE E 286 56.81 -11.83 7.58
N ASP E 287 55.84 -11.62 6.69
CA ASP E 287 56.04 -11.89 5.27
C ASP E 287 56.84 -10.71 4.71
N ALA E 288 58.17 -10.82 4.79
CA ALA E 288 59.05 -9.74 4.38
C ALA E 288 58.95 -9.47 2.88
N ALA E 289 58.77 -10.52 2.09
CA ALA E 289 58.64 -10.34 0.64
C ALA E 289 57.40 -9.51 0.30
N LEU E 290 56.28 -9.80 0.96
CA LEU E 290 55.06 -9.04 0.70
C LEU E 290 55.21 -7.59 1.16
N LEU E 291 55.64 -7.38 2.40
CA LEU E 291 55.72 -6.03 2.93
C LEU E 291 56.78 -5.20 2.22
N GLY E 292 57.80 -5.86 1.68
CA GLY E 292 58.82 -5.17 0.91
C GLY E 292 58.35 -4.61 -0.41
N LYS E 293 57.12 -4.95 -0.83
CA LYS E 293 56.56 -4.45 -2.09
C LYS E 293 55.47 -3.40 -1.88
N ILE E 294 55.16 -3.03 -0.64
CA ILE E 294 54.01 -2.20 -0.34
C ILE E 294 54.42 -0.73 -0.32
N ASP E 295 53.70 0.10 -1.07
CA ASP E 295 53.94 1.55 -1.12
C ASP E 295 53.10 2.34 -0.13
N LEU E 296 52.04 1.73 0.40
CA LEU E 296 51.05 2.45 1.19
C LEU E 296 50.31 1.42 2.03
N ILE E 297 50.28 1.63 3.34
CA ILE E 297 49.51 0.78 4.24
C ILE E 297 48.53 1.67 5.00
N VAL E 298 47.28 1.21 5.11
CA VAL E 298 46.20 1.91 5.76
C VAL E 298 45.53 0.96 6.74
N THR E 299 45.38 1.39 8.00
CA THR E 299 44.69 0.60 9.01
C THR E 299 43.25 1.11 9.19
N THR E 300 42.30 0.17 9.28
CA THR E 300 40.88 0.53 9.29
C THR E 300 40.07 -0.27 10.31
N THR E 301 40.70 -0.81 11.35
CA THR E 301 40.11 -1.91 12.11
C THR E 301 39.38 -1.49 13.37
N GLY E 302 39.78 -0.40 14.02
CA GLY E 302 39.32 -0.18 15.39
C GLY E 302 39.96 -1.10 16.40
N ASN E 303 40.99 -1.83 16.01
CA ASN E 303 41.70 -2.77 16.86
C ASN E 303 43.04 -2.17 17.27
N VAL E 304 43.84 -2.94 17.98
CA VAL E 304 45.11 -2.46 18.54
C VAL E 304 46.27 -3.14 17.84
N ASN E 305 47.26 -2.34 17.44
CA ASN E 305 48.55 -2.82 16.93
C ASN E 305 48.38 -3.73 15.70
N VAL E 306 47.58 -3.26 14.73
CA VAL E 306 47.40 -4.03 13.50
C VAL E 306 48.44 -3.68 12.45
N CYS E 307 49.21 -2.61 12.63
CA CYS E 307 50.44 -2.36 11.87
C CYS E 307 51.55 -2.26 12.92
N ASP E 308 52.17 -3.39 13.26
CA ASP E 308 53.03 -3.47 14.41
C ASP E 308 54.48 -3.13 14.05
N ALA E 309 55.35 -3.20 15.06
CA ALA E 309 56.73 -2.75 14.89
C ALA E 309 57.49 -3.61 13.90
N ASN E 310 57.25 -4.92 13.90
CA ASN E 310 57.92 -5.79 12.94
C ASN E 310 57.46 -5.53 11.51
N MET E 311 56.19 -5.18 11.32
CA MET E 311 55.71 -4.78 9.99
C MET E 311 56.36 -3.49 9.55
N LEU E 312 56.49 -2.52 10.46
CA LEU E 312 57.09 -1.25 10.12
C LEU E 312 58.56 -1.42 9.73
N LYS E 313 59.26 -2.33 10.40
CA LYS E 313 60.66 -2.60 10.04
C LYS E 313 60.77 -3.17 8.63
N ALA E 314 59.79 -3.96 8.20
CA ALA E 314 59.87 -4.70 6.95
C ALA E 314 59.34 -3.94 5.75
N LEU E 315 58.58 -2.86 5.96
CA LEU E 315 57.96 -2.14 4.86
C LEU E 315 58.99 -1.62 3.86
N LYS E 316 58.55 -1.54 2.60
CA LYS E 316 59.35 -0.93 1.54
C LYS E 316 59.81 0.47 1.93
N LYS E 317 61.05 0.79 1.60
CA LYS E 317 61.55 2.14 1.84
C LYS E 317 60.63 3.18 1.21
N ARG E 318 60.38 4.25 1.95
CA ARG E 318 59.60 5.41 1.52
C ARG E 318 58.12 5.10 1.37
N ALA E 319 57.66 3.97 1.90
CA ALA E 319 56.22 3.71 1.99
C ALA E 319 55.53 4.76 2.85
N VAL E 320 54.27 5.00 2.54
CA VAL E 320 53.40 5.86 3.36
C VAL E 320 52.66 4.97 4.35
N VAL E 321 52.52 5.45 5.59
CA VAL E 321 51.84 4.74 6.67
C VAL E 321 50.75 5.67 7.23
N CYS E 322 49.51 5.20 7.28
CA CYS E 322 48.45 6.03 7.85
C CYS E 322 47.35 5.15 8.43
N ASN E 323 46.50 5.79 9.24
CA ASN E 323 45.43 5.14 9.97
C ASN E 323 44.16 5.95 9.79
N ILE E 324 43.05 5.26 9.50
CA ILE E 324 41.75 5.91 9.36
C ILE E 324 40.73 5.35 10.35
N GLY E 325 41.16 4.46 11.26
CA GLY E 325 40.34 4.11 12.40
C GLY E 325 40.35 5.21 13.45
N HIS E 326 39.53 5.03 14.49
CA HIS E 326 39.28 6.15 15.41
C HIS E 326 40.52 6.54 16.21
N PHE E 327 41.28 5.55 16.69
CA PHE E 327 42.38 5.81 17.61
C PHE E 327 43.72 5.45 16.96
N ASP E 328 44.77 6.19 17.34
CA ASP E 328 46.09 6.02 16.75
C ASP E 328 46.81 4.75 17.18
N ASN E 329 46.30 3.99 18.15
CA ASN E 329 47.05 2.81 18.54
C ASN E 329 46.92 1.67 17.52
N GLU E 330 46.21 1.87 16.41
CA GLU E 330 46.23 0.86 15.35
C GLU E 330 47.65 0.62 14.84
N ILE E 331 48.48 1.66 14.85
CA ILE E 331 49.86 1.61 14.42
C ILE E 331 50.75 1.75 15.64
N ASP E 332 51.86 1.00 15.67
CA ASP E 332 52.80 1.12 16.79
C ASP E 332 53.72 2.32 16.57
N THR E 333 53.14 3.52 16.73
CA THR E 333 53.93 4.73 16.61
C THR E 333 54.82 4.96 17.82
N ALA E 334 54.48 4.38 18.97
CA ALA E 334 55.36 4.50 20.14
C ALA E 334 56.71 3.85 19.88
N PHE E 335 56.70 2.66 19.28
CA PHE E 335 57.94 2.05 18.83
C PHE E 335 58.75 3.00 17.96
N MET E 336 58.08 3.69 17.04
CA MET E 336 58.80 4.59 16.13
C MET E 336 59.34 5.81 16.88
N ARG E 337 58.60 6.32 17.87
CA ARG E 337 59.11 7.42 18.68
C ARG E 337 60.31 6.99 19.50
N LYS E 338 60.32 5.75 19.98
CA LYS E 338 61.41 5.31 20.85
C LYS E 338 62.69 5.04 20.06
N ASN E 339 62.58 4.65 18.78
CA ASN E 339 63.70 4.07 18.06
C ASN E 339 64.17 4.84 16.84
N TRP E 340 63.31 5.63 16.20
CA TRP E 340 63.63 6.24 14.92
C TRP E 340 63.47 7.75 15.02
N ALA E 341 64.20 8.46 14.15
CA ALA E 341 64.25 9.92 14.18
C ALA E 341 63.18 10.49 13.25
N TRP E 342 62.43 11.46 13.77
CA TRP E 342 61.31 12.06 13.06
C TRP E 342 61.73 13.39 12.43
N GLU E 343 61.41 13.56 11.15
CA GLU E 343 61.64 14.80 10.44
C GLU E 343 60.30 15.31 9.93
N GLU E 344 59.91 16.49 10.41
CA GLU E 344 58.67 17.08 9.91
C GLU E 344 58.88 17.62 8.50
N VAL E 345 58.07 17.15 7.56
CA VAL E 345 58.02 17.76 6.24
C VAL E 345 57.16 19.02 6.28
N LYS E 346 55.97 18.90 6.84
CA LYS E 346 55.04 19.99 7.06
C LYS E 346 54.06 19.48 8.12
N PRO E 347 53.14 20.31 8.63
CA PRO E 347 52.26 19.84 9.71
C PRO E 347 51.48 18.59 9.30
N GLN E 348 51.46 17.61 10.21
CA GLN E 348 50.83 16.31 10.03
C GLN E 348 51.48 15.47 8.92
N VAL E 349 52.73 15.75 8.55
CA VAL E 349 53.47 14.89 7.65
C VAL E 349 54.90 14.75 8.19
N HIS E 350 55.30 13.51 8.51
CA HIS E 350 56.62 13.25 9.07
C HIS E 350 57.31 12.13 8.32
N LYS E 351 58.58 12.36 7.98
CA LYS E 351 59.46 11.27 7.57
C LYS E 351 60.07 10.66 8.82
N ILE E 352 60.04 9.33 8.89
CA ILE E 352 60.57 8.61 10.05
C ILE E 352 61.75 7.78 9.58
N HIS E 353 62.95 8.14 10.03
CA HIS E 353 64.19 7.61 9.50
C HIS E 353 64.61 6.36 10.28
N ARG E 354 64.63 5.22 9.60
CA ARG E 354 64.91 3.94 10.23
C ARG E 354 66.40 3.69 10.42
N THR E 355 67.24 4.72 10.27
CA THR E 355 68.67 4.61 10.44
C THR E 355 69.15 4.83 11.86
N GLY E 356 68.28 5.25 12.77
CA GLY E 356 68.66 5.50 14.14
C GLY E 356 67.77 6.54 14.78
N LYS E 357 67.96 6.72 16.09
CA LYS E 357 67.15 7.65 16.86
C LYS E 357 67.77 9.03 16.96
N ASP E 358 69.09 9.12 17.04
CA ASP E 358 69.79 10.39 17.26
C ASP E 358 70.20 10.97 15.92
N GLY E 359 69.41 11.91 15.42
CA GLY E 359 69.73 12.60 14.18
C GLY E 359 69.48 11.76 12.95
N PHE E 360 69.43 12.44 11.79
CA PHE E 360 69.25 11.77 10.51
C PHE E 360 70.07 12.50 9.46
N ASP E 361 70.39 11.77 8.39
CA ASP E 361 70.92 12.38 7.18
C ASP E 361 69.76 12.94 6.38
N ALA E 362 69.85 14.22 5.98
CA ALA E 362 68.75 14.84 5.25
C ALA E 362 68.50 14.19 3.90
N HIS E 363 69.45 13.41 3.40
CA HIS E 363 69.30 12.70 2.13
C HIS E 363 69.19 11.19 2.29
N ASN E 364 69.02 10.72 3.53
CA ASN E 364 68.75 9.30 3.78
C ASN E 364 67.60 8.81 2.92
N ASP E 365 67.74 7.62 2.36
CA ASP E 365 66.69 7.04 1.53
C ASP E 365 65.83 6.02 2.28
N ASP E 366 66.19 5.67 3.52
CA ASP E 366 65.50 4.64 4.28
C ASP E 366 64.61 5.32 5.33
N TYR E 367 63.42 5.72 4.92
CA TYR E 367 62.46 6.36 5.80
C TYR E 367 61.06 5.91 5.42
N LEU E 368 60.11 6.15 6.33
CA LEU E 368 58.69 6.04 6.04
C LEU E 368 58.06 7.41 6.20
N ILE E 369 56.92 7.62 5.55
CA ILE E 369 56.15 8.86 5.70
C ILE E 369 54.89 8.54 6.47
N LEU E 370 54.75 9.15 7.65
CA LEU E 370 53.58 8.98 8.51
C LEU E 370 52.71 10.22 8.42
N LEU E 371 51.42 10.01 8.25
CA LEU E 371 50.45 11.10 8.15
C LEU E 371 49.69 11.26 9.45
N ALA E 372 49.53 12.51 9.90
CA ALA E 372 48.75 12.85 11.09
C ALA E 372 49.22 12.10 12.33
N GLU E 373 50.51 11.76 12.37
CA GLU E 373 51.12 11.05 13.49
C GLU E 373 50.28 9.84 13.92
N GLY E 374 49.67 9.17 12.93
CA GLY E 374 48.87 8.00 13.18
C GLY E 374 47.42 8.25 13.56
N ARG E 375 47.03 9.51 13.74
CA ARG E 375 45.64 9.86 14.01
C ARG E 375 44.83 9.80 12.71
N LEU E 376 43.49 9.77 12.86
CA LEU E 376 42.54 9.68 11.74
C LEU E 376 43.00 10.52 10.56
N VAL E 377 43.41 9.86 9.48
CA VAL E 377 44.15 10.56 8.44
C VAL E 377 43.23 11.47 7.62
N ASN E 378 41.98 11.05 7.38
CA ASN E 378 41.09 11.84 6.53
C ASN E 378 40.77 13.19 7.17
N LEU E 379 40.57 13.21 8.50
CA LEU E 379 40.34 14.47 9.19
C LEU E 379 41.66 15.18 9.52
N GLY E 380 42.74 14.42 9.67
CA GLY E 380 44.01 15.03 10.04
C GLY E 380 44.67 15.77 8.89
N ASN E 381 44.69 15.16 7.70
CA ASN E 381 45.40 15.71 6.56
C ASN E 381 44.47 16.31 5.50
N ALA E 382 43.16 16.21 5.67
CA ALA E 382 42.23 16.91 4.80
C ALA E 382 41.08 17.46 5.64
N THR E 383 39.82 17.25 5.21
CA THR E 383 38.68 17.80 5.94
C THR E 383 37.63 16.75 6.29
N GLY E 384 38.01 15.48 6.34
CA GLY E 384 37.02 14.46 6.65
C GLY E 384 35.97 14.28 5.55
N HIS E 385 34.85 13.67 5.94
CA HIS E 385 33.77 13.41 5.01
C HIS E 385 33.17 14.72 4.50
N PRO E 386 32.61 14.73 3.29
CA PRO E 386 31.96 15.94 2.77
C PRO E 386 30.57 16.13 3.34
N SER E 387 30.10 17.38 3.26
CA SER E 387 28.82 17.76 3.87
C SER E 387 27.68 16.85 3.46
N ARG E 388 27.57 16.52 2.16
CA ARG E 388 26.39 15.79 1.72
C ARG E 388 26.33 14.38 2.30
N ILE E 389 27.48 13.83 2.69
CA ILE E 389 27.48 12.52 3.36
C ILE E 389 27.18 12.69 4.85
N MET E 390 27.86 13.64 5.51
CA MET E 390 27.60 13.88 6.93
C MET E 390 26.17 14.29 7.20
N ASP E 391 25.45 14.75 6.17
CA ASP E 391 24.04 15.08 6.29
C ASP E 391 23.25 13.91 6.88
N GLY E 392 23.55 12.69 6.42
CA GLY E 392 22.84 11.53 6.94
C GLY E 392 23.16 11.25 8.39
N SER E 393 24.46 11.26 8.74
CA SER E 393 24.86 10.98 10.12
C SER E 393 24.26 11.99 11.08
N PHE E 394 24.27 13.27 10.71
CA PHE E 394 23.90 14.33 11.63
C PHE E 394 22.40 14.56 11.69
N ALA E 395 21.65 14.19 10.66
CA ALA E 395 20.21 14.09 10.79
C ALA E 395 19.85 13.03 11.82
N ASN E 396 20.52 11.88 11.77
CA ASN E 396 20.30 10.85 12.78
C ASN E 396 20.63 11.37 14.18
N GLN E 397 21.73 12.10 14.32
CA GLN E 397 22.10 12.65 15.63
C GLN E 397 21.00 13.55 16.17
N VAL E 398 20.44 14.42 15.33
CA VAL E 398 19.39 15.34 15.78
C VAL E 398 18.16 14.56 16.20
N LEU E 399 17.74 13.59 15.38
CA LEU E 399 16.59 12.77 15.75
C LEU E 399 16.83 12.04 17.07
N ALA E 400 18.04 11.51 17.26
CA ALA E 400 18.34 10.77 18.49
C ALA E 400 18.33 11.68 19.71
N GLN E 401 18.93 12.88 19.59
CA GLN E 401 18.90 13.82 20.71
C GLN E 401 17.47 14.15 21.12
N ILE E 402 16.60 14.40 20.12
CA ILE E 402 15.22 14.75 20.43
C ILE E 402 14.53 13.61 21.17
N HIS E 403 14.74 12.38 20.73
CA HIS E 403 14.06 11.24 21.36
C HIS E 403 14.48 11.09 22.81
N LEU E 404 15.79 11.09 23.08
CA LEU E 404 16.27 10.84 24.43
C LEU E 404 15.92 11.99 25.37
N PHE E 405 16.01 13.23 24.89
CA PHE E 405 15.65 14.37 25.72
C PHE E 405 14.18 14.34 26.08
N GLU E 406 13.33 13.93 25.13
CA GLU E 406 11.89 13.91 25.40
C GLU E 406 11.50 12.76 26.32
N GLN E 407 12.28 11.68 26.35
CA GLN E 407 11.97 10.58 27.27
C GLN E 407 12.30 10.92 28.72
N LYS E 408 13.18 11.90 28.96
CA LYS E 408 13.44 12.44 30.29
C LYS E 408 13.83 11.33 31.30
N TYR E 409 14.82 10.52 30.91
CA TYR E 409 15.23 9.39 31.74
C TYR E 409 15.62 9.82 33.16
N ALA E 410 16.31 10.94 33.28
CA ALA E 410 16.86 11.32 34.58
C ALA E 410 15.79 11.68 35.61
N ASP E 411 14.57 11.98 35.15
CA ASP E 411 13.50 12.37 36.06
C ASP E 411 12.68 11.18 36.57
N LEU E 412 13.06 9.96 36.20
CA LEU E 412 12.36 8.77 36.68
C LEU E 412 12.81 8.43 38.10
N PRO E 413 12.01 7.64 38.81
CA PRO E 413 12.48 7.10 40.10
C PRO E 413 13.41 5.93 39.85
N ALA E 414 14.28 5.69 40.84
CA ALA E 414 15.32 4.67 40.74
C ALA E 414 14.81 3.38 40.11
N ALA E 415 13.63 2.92 40.54
CA ALA E 415 13.05 1.69 39.99
C ALA E 415 12.80 1.81 38.49
N GLU E 416 12.32 2.97 38.03
CA GLU E 416 11.99 3.12 36.62
C GLU E 416 13.22 3.31 35.75
N LYS E 417 14.26 3.95 36.28
CA LYS E 417 15.52 4.06 35.55
C LYS E 417 16.04 2.68 35.15
N ALA E 418 15.98 1.72 36.07
CA ALA E 418 16.56 0.40 35.83
C ALA E 418 15.90 -0.30 34.66
N LYS E 419 14.63 0.00 34.39
CA LYS E 419 13.91 -0.67 33.31
C LYS E 419 14.13 -0.04 31.95
N ARG E 420 14.64 1.20 31.89
CA ARG E 420 14.88 1.88 30.63
C ARG E 420 16.37 2.06 30.32
N LEU E 421 17.25 1.41 31.08
CA LEU E 421 18.69 1.55 30.85
C LEU E 421 19.11 0.63 29.71
N SER E 422 19.43 1.20 28.56
CA SER E 422 19.70 0.37 27.39
C SER E 422 20.43 1.19 26.33
N VAL E 423 20.99 0.45 25.36
CA VAL E 423 21.55 1.01 24.14
C VAL E 423 20.66 0.56 22.99
N GLU E 424 20.11 1.51 22.24
CA GLU E 424 19.14 1.24 21.20
C GLU E 424 19.51 1.97 19.91
N VAL E 425 18.84 1.59 18.83
CA VAL E 425 19.01 2.24 17.54
C VAL E 425 17.70 2.93 17.15
N LEU E 426 17.80 3.85 16.19
CA LEU E 426 16.61 4.50 15.67
C LEU E 426 15.79 3.51 14.85
N PRO E 427 14.47 3.63 14.86
CA PRO E 427 13.63 2.71 14.08
C PRO E 427 13.84 2.91 12.59
N LYS E 428 13.52 1.85 11.83
CA LYS E 428 13.77 1.86 10.40
C LYS E 428 12.98 2.96 9.68
N LYS E 429 11.80 3.31 10.20
CA LYS E 429 11.01 4.36 9.56
C LYS E 429 11.78 5.67 9.49
N LEU E 430 12.46 6.05 10.58
CA LEU E 430 13.24 7.29 10.58
C LEU E 430 14.43 7.18 9.65
N ASP E 431 15.13 6.04 9.68
CA ASP E 431 16.22 5.75 8.76
C ASP E 431 15.79 5.99 7.31
N GLU E 432 14.62 5.45 6.93
CA GLU E 432 14.12 5.64 5.57
C GLU E 432 13.82 7.11 5.28
N GLU E 433 13.29 7.83 6.27
CA GLU E 433 12.93 9.22 6.04
C GLU E 433 14.17 10.09 5.87
N VAL E 434 15.26 9.77 6.57
CA VAL E 434 16.52 10.46 6.30
C VAL E 434 17.00 10.15 4.89
N ALA E 435 16.91 8.88 4.49
CA ALA E 435 17.42 8.48 3.18
C ALA E 435 16.67 9.17 2.04
N LEU E 436 15.34 9.34 2.21
CA LEU E 436 14.56 9.98 1.16
C LEU E 436 15.02 11.41 0.94
N GLU E 437 15.28 12.15 2.02
CA GLU E 437 15.77 13.52 1.86
C GLU E 437 17.15 13.55 1.22
N MET E 438 18.00 12.57 1.54
CA MET E 438 19.29 12.46 0.87
C MET E 438 19.10 12.21 -0.63
N VAL E 439 18.21 11.28 -0.99
CA VAL E 439 17.98 10.97 -2.40
C VAL E 439 17.49 12.20 -3.15
N LYS E 440 16.52 12.92 -2.56
CA LYS E 440 16.04 14.15 -3.18
C LYS E 440 17.16 15.16 -3.39
N GLY E 441 18.13 15.21 -2.47
CA GLY E 441 19.24 16.11 -2.64
C GLY E 441 20.05 15.83 -3.89
N PHE E 442 20.03 14.59 -4.37
CA PHE E 442 20.67 14.22 -5.63
C PHE E 442 19.76 14.42 -6.85
N GLY E 443 18.51 14.83 -6.64
CA GLY E 443 17.57 14.87 -7.73
C GLY E 443 16.92 13.55 -8.04
N GLY E 444 17.15 12.52 -7.22
CA GLY E 444 16.57 11.22 -7.47
C GLY E 444 15.08 11.21 -7.21
N VAL E 445 14.39 10.28 -7.88
CA VAL E 445 12.93 10.16 -7.80
C VAL E 445 12.60 8.74 -7.37
N VAL E 446 12.12 8.59 -6.14
CA VAL E 446 11.73 7.29 -5.61
C VAL E 446 10.36 6.91 -6.17
N THR E 447 10.22 5.66 -6.58
CA THR E 447 8.94 5.16 -7.06
C THR E 447 8.04 4.82 -5.88
N GLN E 448 6.74 5.00 -6.08
CA GLN E 448 5.73 4.66 -5.07
C GLN E 448 5.00 3.38 -5.46
N LEU E 449 4.85 2.48 -4.49
CA LEU E 449 4.14 1.24 -4.72
C LEU E 449 2.65 1.49 -4.95
N THR E 450 2.05 0.71 -5.86
CA THR E 450 0.60 0.63 -5.89
C THR E 450 0.14 -0.19 -4.70
N PRO E 451 -1.12 0.00 -4.26
CA PRO E 451 -1.61 -0.82 -3.14
C PRO E 451 -1.47 -2.31 -3.37
N LYS E 452 -1.73 -2.79 -4.59
CA LYS E 452 -1.60 -4.22 -4.85
C LYS E 452 -0.14 -4.66 -4.84
N GLN E 453 0.78 -3.78 -5.27
CA GLN E 453 2.19 -4.10 -5.17
C GLN E 453 2.63 -4.17 -3.71
N ALA E 454 2.19 -3.21 -2.89
CA ALA E 454 2.50 -3.24 -1.46
C ALA E 454 1.98 -4.50 -0.81
N GLU E 455 0.72 -4.86 -1.09
CA GLU E 455 0.16 -6.10 -0.55
C GLU E 455 0.95 -7.31 -1.02
N TYR E 456 1.43 -7.30 -2.28
CA TYR E 456 2.08 -8.47 -2.85
C TYR E 456 3.36 -8.81 -2.10
N ILE E 457 4.11 -7.80 -1.65
CA ILE E 457 5.34 -8.04 -0.90
C ILE E 457 5.17 -7.83 0.60
N GLY E 458 3.96 -7.49 1.06
CA GLY E 458 3.69 -7.44 2.48
C GLY E 458 4.22 -6.22 3.21
N VAL E 459 4.21 -5.05 2.56
CA VAL E 459 4.65 -3.82 3.21
C VAL E 459 3.55 -2.78 3.09
N SER E 460 3.67 -1.73 3.89
CA SER E 460 2.85 -0.54 3.71
C SER E 460 3.39 0.30 2.58
N VAL E 461 2.49 1.03 1.91
CA VAL E 461 2.88 1.87 0.78
C VAL E 461 3.91 2.91 1.22
N GLU E 462 3.82 3.39 2.46
CA GLU E 462 4.77 4.38 2.95
C GLU E 462 5.95 3.76 3.70
N GLY E 463 6.03 2.43 3.76
CA GLY E 463 7.12 1.77 4.46
C GLY E 463 6.81 1.52 5.92
N PRO E 464 7.75 0.92 6.65
CA PRO E 464 9.08 0.44 6.24
C PRO E 464 9.04 -0.67 5.20
N PHE E 465 10.03 -0.70 4.32
CA PHE E 465 10.01 -1.60 3.17
C PHE E 465 10.76 -2.90 3.39
N LYS E 466 11.55 -3.00 4.46
CA LYS E 466 12.38 -4.16 4.76
C LYS E 466 12.20 -4.57 6.21
N PRO E 467 12.30 -5.86 6.52
CA PRO E 467 12.30 -6.27 7.92
C PRO E 467 13.58 -5.83 8.62
N ASP E 468 13.56 -5.89 9.95
CA ASP E 468 14.70 -5.39 10.71
C ASP E 468 15.96 -6.22 10.50
N THR E 469 15.83 -7.46 10.03
CA THR E 469 16.99 -8.30 9.76
C THR E 469 17.69 -7.99 8.44
N TYR E 470 17.10 -7.15 7.58
CA TYR E 470 17.67 -6.91 6.26
C TYR E 470 19.00 -6.17 6.37
N ARG E 471 19.97 -6.56 5.53
CA ARG E 471 21.34 -6.06 5.64
C ARG E 471 21.73 -5.03 4.59
N TYR E 472 20.98 -4.91 3.50
CA TYR E 472 21.28 -3.96 2.43
C TYR E 472 22.65 -4.26 1.82
N GLY F 12 75.52 37.42 -0.92
CA GLY F 12 74.33 38.26 -0.98
C GLY F 12 73.58 38.20 -2.30
N PHE F 13 72.86 37.10 -2.52
CA PHE F 13 72.09 36.91 -3.75
C PHE F 13 70.77 37.65 -3.63
N THR F 14 70.46 38.50 -4.63
CA THR F 14 69.25 39.30 -4.63
C THR F 14 68.50 39.27 -5.96
N ASP F 15 68.87 38.39 -6.88
CA ASP F 15 68.34 38.40 -8.24
C ASP F 15 67.15 37.44 -8.34
N TYR F 16 66.05 37.85 -7.73
CA TYR F 16 64.84 37.02 -7.65
C TYR F 16 63.73 37.82 -6.97
N LYS F 17 62.51 37.30 -7.08
CA LYS F 17 61.39 37.81 -6.29
C LYS F 17 60.38 36.69 -6.09
N VAL F 18 60.10 36.36 -4.84
CA VAL F 18 59.18 35.29 -4.47
C VAL F 18 58.30 35.79 -3.32
N ALA F 19 57.32 34.98 -2.94
CA ALA F 19 56.40 35.40 -1.89
C ALA F 19 57.08 35.50 -0.54
N ASP F 20 57.88 34.48 -0.17
CA ASP F 20 58.45 34.41 1.17
C ASP F 20 59.66 33.47 1.10
N ILE F 21 60.85 34.05 1.15
CA ILE F 21 62.07 33.27 1.06
C ILE F 21 62.21 32.30 2.23
N THR F 22 61.59 32.60 3.37
CA THR F 22 61.73 31.70 4.52
C THR F 22 61.01 30.36 4.31
N LEU F 23 60.31 30.17 3.18
CA LEU F 23 59.70 28.90 2.85
C LEU F 23 60.67 27.92 2.20
N ALA F 24 61.95 28.31 2.07
CA ALA F 24 62.88 27.53 1.26
C ALA F 24 63.17 26.16 1.86
N ALA F 25 63.37 26.09 3.18
CA ALA F 25 63.65 24.81 3.83
C ALA F 25 62.51 23.83 3.62
N TRP F 26 61.27 24.30 3.74
CA TRP F 26 60.12 23.45 3.44
C TRP F 26 60.16 23.00 1.98
N GLY F 27 60.45 23.92 1.07
CA GLY F 27 60.57 23.55 -0.33
C GLY F 27 61.66 22.52 -0.56
N ARG F 28 62.81 22.70 0.10
CA ARG F 28 63.91 21.75 -0.07
C ARG F 28 63.53 20.36 0.41
N ARG F 29 62.74 20.27 1.48
CA ARG F 29 62.26 18.97 1.95
C ARG F 29 61.37 18.30 0.91
N GLU F 30 60.48 19.07 0.27
CA GLU F 30 59.60 18.46 -0.72
C GLU F 30 60.33 18.17 -2.01
N LEU F 31 61.35 18.96 -2.35
CA LEU F 31 62.17 18.66 -3.52
C LEU F 31 62.87 17.32 -3.36
N ILE F 32 63.39 17.03 -2.16
CA ILE F 32 64.13 15.79 -1.95
C ILE F 32 63.20 14.58 -2.03
N ILE F 33 61.96 14.72 -1.56
CA ILE F 33 60.97 13.66 -1.78
C ILE F 33 60.67 13.51 -3.26
N ALA F 34 60.46 14.62 -3.95
CA ALA F 34 60.12 14.58 -5.37
C ALA F 34 61.20 13.87 -6.18
N GLU F 35 62.46 14.02 -5.78
CA GLU F 35 63.54 13.35 -6.50
C GLU F 35 63.38 11.84 -6.44
N SER F 36 62.95 11.32 -5.30
CA SER F 36 62.70 9.87 -5.20
C SER F 36 61.48 9.44 -6.01
N GLU F 37 60.64 10.37 -6.44
CA GLU F 37 59.47 10.07 -7.25
C GLU F 37 59.70 10.30 -8.74
N MET F 38 60.89 10.73 -9.15
CA MET F 38 61.15 11.12 -10.54
C MET F 38 62.40 10.41 -11.06
N PRO F 39 62.32 9.09 -11.25
CA PRO F 39 63.53 8.33 -11.62
C PRO F 39 64.04 8.59 -13.04
N ALA F 40 63.16 8.87 -14.00
CA ALA F 40 63.65 9.17 -15.36
C ALA F 40 64.47 10.46 -15.36
N LEU F 41 63.98 11.48 -14.66
CA LEU F 41 64.71 12.75 -14.60
C LEU F 41 66.01 12.59 -13.82
N MET F 42 65.95 11.94 -12.65
CA MET F 42 67.15 11.72 -11.87
C MET F 42 68.13 10.80 -12.60
N GLY F 43 67.62 9.87 -13.40
CA GLY F 43 68.50 9.05 -14.23
C GLY F 43 69.27 9.88 -15.25
N LEU F 44 68.66 10.95 -15.78
CA LEU F 44 69.37 11.81 -16.71
C LEU F 44 70.53 12.52 -16.03
N ARG F 45 70.34 12.95 -14.77
CA ARG F 45 71.45 13.54 -14.03
C ARG F 45 72.66 12.61 -13.97
N ARG F 46 72.42 11.30 -13.78
CA ARG F 46 73.52 10.36 -13.67
C ARG F 46 74.17 10.10 -15.03
N LYS F 47 73.35 9.94 -16.08
CA LYS F 47 73.90 9.60 -17.39
C LYS F 47 74.77 10.71 -17.95
N TYR F 48 74.37 11.97 -17.71
CA TYR F 48 75.00 13.11 -18.37
C TYR F 48 75.84 13.98 -17.44
N ALA F 49 75.95 13.63 -16.15
CA ALA F 49 76.68 14.48 -15.22
C ALA F 49 78.10 14.76 -15.71
N GLY F 50 78.86 13.70 -15.98
CA GLY F 50 80.25 13.87 -16.38
C GLY F 50 80.39 14.67 -17.65
N GLN F 51 79.55 14.41 -18.64
CA GLN F 51 79.68 15.03 -19.95
C GLN F 51 79.29 16.50 -19.95
N GLN F 52 78.44 16.94 -19.02
CA GLN F 52 78.01 18.32 -18.90
C GLN F 52 77.46 18.89 -20.22
N PRO F 53 76.45 18.25 -20.82
CA PRO F 53 76.02 18.66 -22.17
C PRO F 53 75.47 20.07 -22.25
N LEU F 54 75.07 20.67 -21.14
CA LEU F 54 74.48 22.01 -21.15
C LEU F 54 75.44 23.08 -20.65
N LYS F 55 76.73 22.77 -20.54
CA LYS F 55 77.69 23.80 -20.18
C LYS F 55 77.69 24.91 -21.22
N GLY F 56 77.43 26.13 -20.79
CA GLY F 56 77.32 27.27 -21.67
C GLY F 56 75.90 27.60 -22.09
N ALA F 57 74.93 26.79 -21.69
CA ALA F 57 73.53 27.08 -22.00
C ALA F 57 73.00 28.14 -21.05
N LYS F 58 72.22 29.07 -21.59
CA LYS F 58 71.59 30.12 -20.81
C LYS F 58 70.10 30.11 -21.15
N ILE F 59 69.30 29.53 -20.28
CA ILE F 59 67.93 29.13 -20.58
C ILE F 59 66.95 30.10 -19.95
N LEU F 60 66.12 30.72 -20.77
CA LEU F 60 64.93 31.41 -20.31
C LEU F 60 63.81 30.38 -20.18
N GLY F 61 63.29 30.22 -18.97
CA GLY F 61 62.25 29.23 -18.72
C GLY F 61 60.98 29.83 -18.16
N CYS F 62 59.84 29.48 -18.75
CA CYS F 62 58.54 29.97 -18.32
C CYS F 62 57.59 28.78 -18.23
N ILE F 63 57.40 28.27 -17.01
CA ILE F 63 56.46 27.17 -16.76
C ILE F 63 56.18 27.14 -15.27
N HIS F 64 54.94 26.75 -14.92
CA HIS F 64 54.44 26.61 -13.56
C HIS F 64 55.51 26.32 -12.52
N MET F 65 55.76 27.27 -11.62
CA MET F 65 56.86 27.15 -10.65
C MET F 65 56.42 26.27 -9.48
N THR F 66 56.32 24.98 -9.78
CA THR F 66 55.96 23.94 -8.82
C THR F 66 57.20 23.20 -8.33
N ILE F 67 57.00 22.33 -7.35
CA ILE F 67 58.07 21.46 -6.86
C ILE F 67 58.63 20.63 -8.02
N GLN F 68 57.75 20.16 -8.90
CA GLN F 68 58.19 19.35 -10.05
C GLN F 68 59.09 20.17 -10.97
N THR F 69 58.66 21.38 -11.31
CA THR F 69 59.51 22.26 -12.10
C THR F 69 60.84 22.53 -11.39
N GLY F 70 60.84 22.57 -10.06
CA GLY F 70 62.08 22.72 -9.34
C GLY F 70 63.09 21.63 -9.64
N VAL F 71 62.63 20.38 -9.69
CA VAL F 71 63.53 19.27 -10.02
C VAL F 71 64.01 19.38 -11.47
N LEU F 72 63.12 19.80 -12.37
CA LEU F 72 63.55 20.10 -13.74
C LEU F 72 64.64 21.16 -13.75
N ILE F 73 64.40 22.28 -13.07
CA ILE F 73 65.37 23.37 -13.05
C ILE F 73 66.73 22.88 -12.57
N GLU F 74 66.76 22.14 -11.46
CA GLU F 74 68.02 21.70 -10.89
C GLU F 74 68.66 20.56 -11.70
N THR F 75 67.88 19.86 -12.53
CA THR F 75 68.50 18.93 -13.46
C THR F 75 69.23 19.67 -14.58
N LEU F 76 68.61 20.73 -15.11
CA LEU F 76 69.26 21.53 -16.14
C LEU F 76 70.55 22.17 -15.61
N VAL F 77 70.54 22.64 -14.36
CA VAL F 77 71.73 23.26 -13.77
C VAL F 77 72.79 22.20 -13.48
N ALA F 78 72.38 21.00 -13.07
CA ALA F 78 73.33 19.92 -12.83
C ALA F 78 74.03 19.46 -14.09
N LEU F 79 73.42 19.68 -15.26
CA LEU F 79 74.05 19.35 -16.53
C LEU F 79 74.79 20.53 -17.14
N GLY F 80 74.84 21.67 -16.44
CA GLY F 80 75.72 22.77 -16.82
C GLY F 80 75.03 24.07 -17.17
N ALA F 81 73.71 24.17 -17.18
CA ALA F 81 73.07 25.38 -17.66
C ALA F 81 72.99 26.46 -16.57
N GLU F 82 72.92 27.71 -17.02
CA GLU F 82 72.37 28.81 -16.26
C GLU F 82 70.93 29.04 -16.70
N VAL F 83 70.07 29.44 -15.75
CA VAL F 83 68.67 29.66 -16.06
C VAL F 83 68.17 30.93 -15.38
N ARG F 84 67.10 31.49 -15.95
CA ARG F 84 66.29 32.53 -15.34
C ARG F 84 64.83 32.14 -15.57
N TRP F 85 64.04 32.11 -14.50
CA TRP F 85 62.77 31.38 -14.52
C TRP F 85 61.60 32.24 -14.08
N SER F 86 60.45 31.98 -14.70
CA SER F 86 59.17 32.56 -14.32
C SER F 86 58.10 31.48 -14.47
N SER F 87 56.92 31.76 -13.91
CA SER F 87 55.78 30.89 -14.09
C SER F 87 55.02 31.28 -15.35
N CYS F 88 54.29 30.31 -15.92
CA CYS F 88 53.41 30.57 -17.05
C CYS F 88 51.95 30.71 -16.64
N ASN F 89 51.67 30.84 -15.34
CA ASN F 89 50.31 31.11 -14.89
C ASN F 89 50.34 31.83 -13.55
N ILE F 90 49.42 32.78 -13.37
CA ILE F 90 49.41 33.62 -12.17
C ILE F 90 49.12 32.84 -10.89
N PHE F 91 48.50 31.66 -10.99
CA PHE F 91 48.04 30.93 -9.82
C PHE F 91 48.78 29.62 -9.57
N SER F 92 49.69 29.21 -10.45
CA SER F 92 50.21 27.85 -10.42
C SER F 92 51.47 27.68 -9.57
N THR F 93 52.13 28.75 -9.17
CA THR F 93 53.36 28.63 -8.41
C THR F 93 53.09 28.02 -7.03
N GLN F 94 54.00 27.16 -6.59
CA GLN F 94 54.07 26.73 -5.20
C GLN F 94 55.14 27.60 -4.53
N ASP F 95 54.71 28.47 -3.61
CA ASP F 95 55.63 29.46 -3.07
C ASP F 95 56.85 28.83 -2.40
N GLN F 96 56.71 27.62 -1.83
CA GLN F 96 57.86 26.98 -1.23
C GLN F 96 58.81 26.40 -2.29
N ALA F 97 58.29 26.04 -3.46
CA ALA F 97 59.18 25.66 -4.56
C ALA F 97 59.99 26.85 -5.02
N ALA F 98 59.33 27.99 -5.27
CA ALA F 98 60.03 29.19 -5.71
C ALA F 98 61.11 29.59 -4.70
N ALA F 99 60.78 29.57 -3.41
CA ALA F 99 61.75 29.95 -2.38
C ALA F 99 62.93 28.99 -2.34
N ALA F 100 62.67 27.69 -2.50
CA ALA F 100 63.76 26.73 -2.55
C ALA F 100 64.72 27.04 -3.68
N ILE F 101 64.19 27.37 -4.86
CA ILE F 101 65.02 27.64 -6.03
C ILE F 101 65.79 28.95 -5.83
N ALA F 102 65.12 29.99 -5.35
CA ALA F 102 65.80 31.26 -5.11
C ALA F 102 66.91 31.11 -4.08
N ALA F 103 66.66 30.34 -3.01
CA ALA F 103 67.67 30.14 -1.98
C ALA F 103 68.89 29.43 -2.54
N ALA F 104 68.71 28.65 -3.61
CA ALA F 104 69.83 27.97 -4.26
C ALA F 104 70.65 28.90 -5.13
N GLY F 105 70.35 30.20 -5.17
CA GLY F 105 71.10 31.12 -5.99
C GLY F 105 70.67 31.12 -7.44
N ILE F 106 69.43 30.76 -7.73
CA ILE F 106 68.91 30.64 -9.08
C ILE F 106 67.87 31.75 -9.29
N PRO F 107 67.99 32.56 -10.34
CA PRO F 107 67.03 33.65 -10.54
C PRO F 107 65.66 33.12 -10.91
N VAL F 108 64.67 33.43 -10.07
CA VAL F 108 63.30 33.02 -10.29
C VAL F 108 62.38 34.16 -9.87
N PHE F 109 61.36 34.41 -10.68
CA PHE F 109 60.40 35.48 -10.46
C PHE F 109 58.99 34.87 -10.56
N ALA F 110 58.44 34.45 -9.42
CA ALA F 110 57.20 33.69 -9.42
C ALA F 110 56.61 33.66 -8.01
N TRP F 111 55.29 33.84 -7.92
CA TRP F 111 54.56 33.65 -6.68
C TRP F 111 53.11 33.33 -7.00
N LYS F 112 52.44 32.63 -6.08
CA LYS F 112 51.04 32.29 -6.27
C LYS F 112 50.17 33.52 -6.04
N GLY F 113 49.30 33.81 -7.00
CA GLY F 113 48.41 34.95 -6.88
C GLY F 113 48.90 36.23 -7.50
N GLU F 114 49.63 36.15 -8.61
CA GLU F 114 50.09 37.35 -9.31
C GLU F 114 48.94 38.08 -9.97
N THR F 115 49.08 39.38 -10.13
CA THR F 115 48.23 40.10 -11.07
C THR F 115 48.74 39.87 -12.49
N GLU F 116 47.95 40.34 -13.47
CA GLU F 116 48.40 40.25 -14.86
C GLU F 116 49.62 41.11 -15.11
N GLU F 117 49.65 42.31 -14.51
CA GLU F 117 50.84 43.16 -14.65
C GLU F 117 52.07 42.48 -14.05
N GLU F 118 51.94 41.95 -12.83
CA GLU F 118 53.05 41.25 -12.20
C GLU F 118 53.48 40.02 -13.00
N TYR F 119 52.53 39.34 -13.64
CA TYR F 119 52.85 38.20 -14.50
C TYR F 119 53.80 38.62 -15.62
N GLU F 120 53.41 39.64 -16.39
CA GLU F 120 54.27 40.11 -17.47
C GLU F 120 55.59 40.65 -16.94
N TRP F 121 55.54 41.33 -15.79
CA TRP F 121 56.75 41.83 -15.16
C TRP F 121 57.72 40.70 -14.83
N CYS F 122 57.21 39.56 -14.37
CA CYS F 122 58.07 38.44 -14.02
C CYS F 122 58.78 37.86 -15.23
N ILE F 123 58.06 37.71 -16.36
CA ILE F 123 58.72 37.22 -17.57
C ILE F 123 59.81 38.19 -18.01
N GLU F 124 59.57 39.49 -17.86
CA GLU F 124 60.54 40.48 -18.26
C GLU F 124 61.78 40.46 -17.37
N GLN F 125 61.61 40.08 -16.10
CA GLN F 125 62.77 39.98 -15.21
C GLN F 125 63.67 38.80 -15.57
N THR F 126 63.13 37.77 -16.23
CA THR F 126 64.00 36.72 -16.73
C THR F 126 64.76 37.21 -17.97
N ILE F 127 64.09 37.98 -18.82
CA ILE F 127 64.69 38.42 -20.07
C ILE F 127 65.79 39.45 -19.82
N LEU F 128 65.56 40.39 -18.90
CA LEU F 128 66.51 41.45 -18.58
C LEU F 128 67.32 41.08 -17.35
N LYS F 129 68.64 41.29 -17.41
CA LYS F 129 69.50 41.19 -16.24
C LYS F 129 70.27 42.49 -16.12
N ASP F 130 70.14 43.14 -14.96
CA ASP F 130 70.73 44.45 -14.71
C ASP F 130 70.29 45.47 -15.77
N GLY F 131 69.02 45.36 -16.18
CA GLY F 131 68.41 46.34 -17.06
C GLY F 131 68.70 46.17 -18.54
N GLN F 132 69.56 45.24 -18.93
CA GLN F 132 69.85 44.95 -20.32
C GLN F 132 69.46 43.52 -20.64
N PRO F 133 69.23 43.20 -21.91
CA PRO F 133 68.92 41.81 -22.26
C PRO F 133 69.99 40.85 -21.75
N TRP F 134 69.54 39.74 -21.17
CA TRP F 134 70.45 38.66 -20.83
C TRP F 134 70.96 38.03 -22.12
N ASP F 135 72.19 37.50 -22.07
CA ASP F 135 72.74 36.80 -23.23
C ASP F 135 72.19 35.35 -23.27
N ALA F 136 70.86 35.27 -23.32
CA ALA F 136 70.20 33.99 -23.40
C ALA F 136 70.47 33.32 -24.74
N ASN F 137 70.39 32.00 -24.74
CA ASN F 137 70.59 31.21 -25.96
C ASN F 137 69.69 29.99 -26.05
N MET F 138 68.82 29.75 -25.06
CA MET F 138 67.86 28.64 -25.09
C MET F 138 66.56 29.12 -24.46
N VAL F 139 65.46 28.51 -24.85
CA VAL F 139 64.14 28.83 -24.32
C VAL F 139 63.39 27.54 -23.98
N LEU F 140 62.75 27.54 -22.81
CA LEU F 140 61.83 26.48 -22.41
C LEU F 140 60.51 27.14 -22.05
N ASP F 141 59.44 26.75 -22.72
CA ASP F 141 58.16 27.45 -22.62
C ASP F 141 57.02 26.46 -22.44
N ASP F 142 55.96 26.94 -21.79
CA ASP F 142 54.73 26.16 -21.58
C ASP F 142 53.56 27.11 -21.84
N GLY F 143 53.09 27.14 -23.09
CA GLY F 143 51.98 27.97 -23.49
C GLY F 143 52.31 29.02 -24.54
N GLY F 144 53.59 29.33 -24.74
CA GLY F 144 53.99 30.24 -25.78
C GLY F 144 54.06 31.71 -25.38
N ASP F 145 53.78 32.04 -24.12
CA ASP F 145 53.83 33.45 -23.71
C ASP F 145 55.23 34.01 -23.82
N LEU F 146 56.23 33.27 -23.34
CA LEU F 146 57.61 33.74 -23.43
C LEU F 146 58.09 33.81 -24.88
N THR F 147 57.76 32.78 -25.67
CA THR F 147 58.06 32.78 -27.10
C THR F 147 57.49 34.01 -27.78
N GLU F 148 56.22 34.34 -27.48
CA GLU F 148 55.55 35.47 -28.11
C GLU F 148 56.25 36.78 -27.77
N ILE F 149 56.54 37.00 -26.49
CA ILE F 149 57.17 38.26 -26.06
C ILE F 149 58.53 38.42 -26.71
N LEU F 150 59.27 37.32 -26.86
CA LEU F 150 60.57 37.39 -27.52
C LEU F 150 60.43 37.79 -28.98
N HIS F 151 59.55 37.10 -29.73
CA HIS F 151 59.40 37.44 -31.14
C HIS F 151 58.82 38.83 -31.32
N LYS F 152 57.92 39.24 -30.43
CA LYS F 152 57.20 40.49 -30.62
C LYS F 152 57.99 41.69 -30.10
N LYS F 153 58.73 41.52 -29.00
CA LYS F 153 59.32 42.65 -28.30
C LYS F 153 60.84 42.59 -28.17
N TYR F 154 61.47 41.43 -28.27
CA TYR F 154 62.93 41.32 -28.24
C TYR F 154 63.41 40.43 -29.39
N PRO F 155 63.09 40.77 -30.64
CA PRO F 155 63.55 39.92 -31.75
C PRO F 155 65.06 39.83 -31.86
N GLN F 156 65.79 40.87 -31.42
CA GLN F 156 67.25 40.84 -31.48
C GLN F 156 67.83 39.71 -30.63
N MET F 157 67.17 39.38 -29.51
CA MET F 157 67.67 38.30 -28.67
C MET F 157 67.59 36.95 -29.37
N LEU F 158 66.57 36.75 -30.21
CA LEU F 158 66.44 35.49 -30.92
C LEU F 158 67.60 35.25 -31.89
N GLU F 159 68.35 36.31 -32.23
CA GLU F 159 69.54 36.14 -33.05
C GLU F 159 70.57 35.22 -32.39
N ARG F 160 70.54 35.12 -31.05
CA ARG F 160 71.53 34.36 -30.31
C ARG F 160 70.96 33.11 -29.64
N ILE F 161 69.71 32.76 -29.92
CA ILE F 161 69.03 31.65 -29.26
C ILE F 161 68.98 30.45 -30.20
N HIS F 162 69.36 29.29 -29.69
CA HIS F 162 69.49 28.09 -30.52
C HIS F 162 68.18 27.32 -30.68
N GLY F 163 67.20 27.53 -29.83
CA GLY F 163 65.96 26.79 -29.98
C GLY F 163 65.00 26.98 -28.83
N ILE F 164 63.80 26.45 -29.04
CA ILE F 164 62.68 26.50 -28.10
C ILE F 164 62.23 25.07 -27.86
N THR F 165 61.98 24.74 -26.59
CA THR F 165 61.31 23.49 -26.25
C THR F 165 59.98 23.84 -25.58
N GLU F 166 58.87 23.49 -26.23
CA GLU F 166 57.54 23.88 -25.80
C GLU F 166 56.81 22.70 -25.20
N GLU F 167 56.14 22.93 -24.07
CA GLU F 167 55.62 21.87 -23.22
C GLU F 167 54.24 21.38 -23.66
N THR F 168 53.34 22.28 -24.08
CA THR F 168 51.92 21.96 -24.07
C THR F 168 51.27 22.20 -25.42
N THR F 169 50.05 21.65 -25.54
CA THR F 169 49.36 21.59 -26.83
C THR F 169 49.06 22.99 -27.37
N THR F 170 48.54 23.88 -26.52
CA THR F 170 48.28 25.25 -26.96
C THR F 170 49.55 25.93 -27.45
N GLY F 171 50.67 25.69 -26.77
CA GLY F 171 51.93 26.29 -27.20
C GLY F 171 52.41 25.78 -28.54
N VAL F 172 52.24 24.47 -28.79
CA VAL F 172 52.66 23.91 -30.07
C VAL F 172 51.85 24.48 -31.21
N HIS F 173 50.54 24.59 -31.03
CA HIS F 173 49.68 25.22 -32.02
C HIS F 173 50.19 26.61 -32.39
N ARG F 174 50.53 27.41 -31.37
CA ARG F 174 51.04 28.75 -31.63
C ARG F 174 52.35 28.71 -32.42
N LEU F 175 53.23 27.75 -32.10
CA LEU F 175 54.46 27.60 -32.86
C LEU F 175 54.17 27.25 -34.31
N LEU F 176 53.23 26.32 -34.55
CA LEU F 176 52.92 25.90 -35.90
C LEU F 176 52.33 27.05 -36.73
N ASP F 177 51.54 27.92 -36.08
CA ASP F 177 51.02 29.08 -36.78
C ASP F 177 52.13 30.03 -37.19
N MET F 178 53.08 30.28 -36.28
CA MET F 178 54.24 31.11 -36.62
C MET F 178 55.01 30.52 -37.79
N LEU F 179 55.30 29.22 -37.72
CA LEU F 179 55.99 28.54 -38.82
C LEU F 179 55.22 28.71 -40.13
N LYS F 180 53.90 28.55 -40.08
CA LYS F 180 53.09 28.70 -41.29
C LYS F 180 53.23 30.10 -41.88
N ASN F 181 53.36 31.11 -41.02
CA ASN F 181 53.44 32.51 -41.44
C ASN F 181 54.87 32.99 -41.67
N GLY F 182 55.87 32.12 -41.50
CA GLY F 182 57.24 32.56 -41.67
C GLY F 182 57.72 33.52 -40.60
N THR F 183 57.07 33.57 -39.44
CA THR F 183 57.46 34.47 -38.37
C THR F 183 58.19 33.78 -37.23
N LEU F 184 58.45 32.48 -37.34
CA LEU F 184 59.24 31.77 -36.34
C LEU F 184 60.73 31.93 -36.65
N LYS F 185 61.52 32.30 -35.64
CA LYS F 185 62.91 32.67 -35.89
C LYS F 185 63.92 31.61 -35.44
N VAL F 186 63.55 30.69 -34.56
CA VAL F 186 64.47 29.64 -34.14
C VAL F 186 63.72 28.31 -34.19
N PRO F 187 64.45 27.19 -34.32
CA PRO F 187 63.78 25.89 -34.35
C PRO F 187 63.25 25.51 -32.99
N ALA F 188 62.26 24.61 -32.99
CA ALA F 188 61.56 24.25 -31.78
C ALA F 188 61.34 22.75 -31.73
N ILE F 189 61.27 22.21 -30.52
CA ILE F 189 60.93 20.82 -30.31
C ILE F 189 59.59 20.76 -29.61
N ASN F 190 58.62 20.12 -30.26
CA ASN F 190 57.32 19.80 -29.70
C ASN F 190 57.49 18.70 -28.65
N VAL F 191 57.64 19.09 -27.39
CA VAL F 191 57.78 18.13 -26.31
C VAL F 191 56.43 17.46 -26.02
N ASN F 192 55.33 18.16 -26.28
CA ASN F 192 54.01 17.64 -25.92
C ASN F 192 53.74 16.27 -26.55
N ASP F 193 54.13 16.08 -27.81
CA ASP F 193 53.66 14.92 -28.56
C ASP F 193 54.50 13.67 -28.37
N SER F 194 55.50 13.68 -27.48
CA SER F 194 56.04 12.42 -26.99
C SER F 194 54.92 11.64 -26.30
N VAL F 195 54.90 10.32 -26.49
CA VAL F 195 53.88 9.53 -25.81
C VAL F 195 54.06 9.62 -24.29
N THR F 196 55.31 9.61 -23.82
CA THR F 196 55.54 9.75 -22.38
C THR F 196 55.20 11.14 -21.86
N LYS F 197 54.70 12.03 -22.70
CA LYS F 197 54.17 13.32 -22.24
C LYS F 197 52.67 13.38 -22.49
N SER F 198 52.24 13.40 -23.76
CA SER F 198 50.84 13.62 -24.09
C SER F 198 49.93 12.58 -23.45
N LYS F 199 50.27 11.30 -23.60
CA LYS F 199 49.45 10.22 -23.09
C LYS F 199 49.79 9.83 -21.66
N ASN F 200 50.47 10.72 -20.94
CA ASN F 200 50.81 10.48 -19.54
C ASN F 200 50.47 11.73 -18.75
N ASP F 201 51.13 12.84 -19.08
CA ASP F 201 50.86 14.14 -18.47
C ASP F 201 49.42 14.59 -18.74
N ASN F 202 49.06 14.72 -20.02
CA ASN F 202 47.78 15.33 -20.37
C ASN F 202 46.59 14.51 -19.89
N LYS F 203 46.70 13.18 -19.97
CA LYS F 203 45.58 12.29 -19.61
C LYS F 203 45.67 11.89 -18.14
N TYR F 204 46.70 11.13 -17.77
CA TYR F 204 46.79 10.62 -16.41
C TYR F 204 47.00 11.72 -15.38
N GLY F 205 47.70 12.79 -15.75
CA GLY F 205 47.90 13.88 -14.80
C GLY F 205 46.58 14.52 -14.39
N CYS F 206 45.72 14.80 -15.37
CA CYS F 206 44.42 15.40 -15.06
C CYS F 206 43.50 14.43 -14.34
N ARG F 207 43.60 13.13 -14.65
CA ARG F 207 42.86 12.15 -13.87
C ARG F 207 43.21 12.26 -12.38
N HIS F 208 44.51 12.40 -12.08
CA HIS F 208 44.93 12.53 -10.69
C HIS F 208 44.46 13.84 -10.07
N SER F 209 44.58 14.95 -10.79
CA SER F 209 44.57 16.26 -10.17
C SER F 209 43.28 17.05 -10.33
N LEU F 210 42.37 16.65 -11.24
CA LEU F 210 41.11 17.38 -11.37
C LEU F 210 40.24 17.22 -10.13
N ASN F 211 39.91 15.98 -9.77
CA ASN F 211 39.08 15.79 -8.58
C ASN F 211 39.81 16.26 -7.32
N ASP F 212 41.15 16.19 -7.33
CA ASP F 212 41.97 16.77 -6.27
C ASP F 212 41.65 18.25 -6.07
N ALA F 213 41.71 19.03 -7.16
CA ALA F 213 41.50 20.47 -7.08
C ALA F 213 40.05 20.80 -6.71
N ILE F 214 39.09 20.01 -7.19
CA ILE F 214 37.70 20.29 -6.84
C ILE F 214 37.45 20.04 -5.36
N LYS F 215 38.00 18.94 -4.83
CA LYS F 215 37.85 18.65 -3.41
C LYS F 215 38.48 19.73 -2.55
N ARG F 216 39.71 20.13 -2.87
CA ARG F 216 40.37 21.17 -2.07
C ARG F 216 39.58 22.47 -2.12
N GLY F 217 39.03 22.81 -3.29
CA GLY F 217 38.35 24.09 -3.42
C GLY F 217 36.97 24.13 -2.76
N THR F 218 36.22 23.03 -2.86
CA THR F 218 34.83 23.01 -2.42
C THR F 218 34.52 21.97 -1.35
N ASP F 219 35.34 20.93 -1.22
CA ASP F 219 35.04 19.77 -0.36
C ASP F 219 33.66 19.17 -0.68
N HIS F 220 33.23 19.32 -1.93
CA HIS F 220 31.95 18.78 -2.36
C HIS F 220 32.02 17.28 -2.55
N LEU F 221 31.00 16.57 -2.08
CA LEU F 221 30.82 15.19 -2.53
C LEU F 221 30.60 15.20 -4.05
N LEU F 222 31.27 14.29 -4.75
CA LEU F 222 31.10 14.17 -6.20
C LEU F 222 30.23 12.99 -6.60
N SER F 223 30.27 11.90 -5.82
CA SER F 223 29.51 10.70 -6.13
C SER F 223 28.02 11.02 -6.29
N GLY F 224 27.42 10.52 -7.36
CA GLY F 224 26.00 10.66 -7.58
C GLY F 224 25.57 11.98 -8.18
N LYS F 225 26.48 12.92 -8.39
CA LYS F 225 26.13 14.19 -9.01
C LYS F 225 26.42 14.15 -10.51
N GLN F 226 25.90 15.15 -11.21
CA GLN F 226 25.97 15.20 -12.67
C GLN F 226 27.09 16.15 -13.11
N ALA F 227 27.92 15.68 -14.03
CA ALA F 227 29.01 16.48 -14.58
C ALA F 227 28.92 16.53 -16.10
N LEU F 228 29.32 17.68 -16.65
CA LEU F 228 29.46 17.87 -18.09
C LEU F 228 30.90 18.24 -18.37
N VAL F 229 31.61 17.38 -19.09
CA VAL F 229 32.98 17.67 -19.52
C VAL F 229 32.92 18.13 -20.97
N ILE F 230 33.41 19.33 -21.24
CA ILE F 230 33.48 19.85 -22.60
C ILE F 230 34.85 19.46 -23.18
N GLY F 231 34.84 18.54 -24.14
CA GLY F 231 36.06 18.08 -24.76
C GLY F 231 36.43 16.68 -24.32
N TYR F 232 37.00 15.91 -25.25
CA TYR F 232 37.41 14.54 -24.97
C TYR F 232 38.69 14.20 -25.72
N GLY F 233 39.61 15.17 -25.78
CA GLY F 233 40.99 14.89 -26.15
C GLY F 233 41.70 14.26 -24.97
N ASP F 234 43.02 14.45 -24.90
CA ASP F 234 43.77 13.83 -23.81
C ASP F 234 43.34 14.38 -22.45
N VAL F 235 43.27 15.71 -22.34
CA VAL F 235 42.83 16.33 -21.09
C VAL F 235 41.40 15.95 -20.77
N GLY F 236 40.54 15.92 -21.79
CA GLY F 236 39.14 15.55 -21.56
C GLY F 236 38.97 14.09 -21.18
N LYS F 237 39.79 13.21 -21.75
CA LYS F 237 39.74 11.80 -21.35
C LYS F 237 40.18 11.62 -19.91
N GLY F 238 41.26 12.30 -19.51
CA GLY F 238 41.71 12.19 -18.12
C GLY F 238 40.74 12.83 -17.14
N SER F 239 40.16 13.97 -17.52
CA SER F 239 39.23 14.67 -16.65
C SER F 239 37.95 13.86 -16.46
N SER F 240 37.41 13.31 -17.54
CA SER F 240 36.20 12.50 -17.44
C SER F 240 36.42 11.30 -16.51
N GLN F 241 37.59 10.66 -16.61
CA GLN F 241 37.91 9.55 -15.74
C GLN F 241 38.09 10.00 -14.28
N SER F 242 38.71 11.16 -14.08
CA SER F 242 38.85 11.71 -12.73
C SER F 242 37.50 11.80 -12.02
N LEU F 243 36.46 12.19 -12.75
CA LEU F 243 35.14 12.37 -12.15
C LEU F 243 34.36 11.06 -12.08
N ARG F 244 34.43 10.24 -13.12
CA ARG F 244 33.67 8.99 -13.15
C ARG F 244 34.14 8.01 -12.07
N GLN F 245 35.45 7.93 -11.85
CA GLN F 245 35.97 7.04 -10.80
C GLN F 245 35.52 7.48 -9.41
N GLU F 246 35.14 8.74 -9.24
CA GLU F 246 34.55 9.21 -7.99
C GLU F 246 33.05 8.93 -7.89
N GLY F 247 32.44 8.44 -8.97
CA GLY F 247 31.02 8.13 -8.95
C GLY F 247 30.11 9.19 -9.55
N MET F 248 30.65 10.21 -10.19
CA MET F 248 29.81 11.15 -10.90
C MET F 248 29.19 10.49 -12.14
N ILE F 249 28.01 10.97 -12.50
CA ILE F 249 27.39 10.65 -13.77
C ILE F 249 27.89 11.68 -14.79
N VAL F 250 28.75 11.26 -15.69
CA VAL F 250 29.52 12.16 -16.55
C VAL F 250 28.93 12.15 -17.95
N LYS F 251 28.67 13.33 -18.48
CA LYS F 251 28.32 13.52 -19.88
C LYS F 251 29.45 14.28 -20.56
N VAL F 252 29.59 14.06 -21.88
CA VAL F 252 30.74 14.55 -22.64
C VAL F 252 30.24 15.25 -23.90
N ALA F 253 30.79 16.44 -24.16
CA ALA F 253 30.56 17.17 -25.41
C ALA F 253 31.83 17.16 -26.25
N GLU F 254 31.65 17.08 -27.58
CA GLU F 254 32.78 17.08 -28.50
C GLU F 254 32.35 17.65 -29.85
N VAL F 255 33.32 18.24 -30.56
CA VAL F 255 33.15 18.56 -31.97
C VAL F 255 33.85 17.56 -32.88
N ASP F 256 34.72 16.71 -32.33
CA ASP F 256 35.41 15.69 -33.09
C ASP F 256 34.66 14.38 -32.94
N PRO F 257 34.03 13.86 -34.01
CA PRO F 257 33.25 12.62 -33.86
C PRO F 257 34.08 11.39 -33.54
N ILE F 258 35.39 11.39 -33.86
CA ILE F 258 36.24 10.29 -33.45
C ILE F 258 36.39 10.27 -31.93
N CYS F 259 36.70 11.44 -31.35
CA CYS F 259 36.79 11.53 -29.89
C CYS F 259 35.45 11.22 -29.24
N ALA F 260 34.34 11.63 -29.87
CA ALA F 260 33.02 11.33 -29.32
C ALA F 260 32.73 9.84 -29.37
N MET F 261 33.18 9.16 -30.44
N MET F 261 33.17 9.16 -30.44
CA MET F 261 33.06 7.71 -30.52
CA MET F 261 33.03 7.70 -30.49
C MET F 261 33.77 7.04 -29.35
C MET F 261 33.75 7.04 -29.33
N GLN F 262 34.98 7.50 -29.03
CA GLN F 262 35.71 6.97 -27.89
C GLN F 262 34.94 7.18 -26.59
N ALA F 263 34.32 8.35 -26.43
CA ALA F 263 33.56 8.62 -25.21
C ALA F 263 32.37 7.67 -25.07
N CYS F 264 31.66 7.41 -26.17
CA CYS F 264 30.57 6.44 -26.12
C CYS F 264 31.08 5.08 -25.67
N MET F 265 32.11 4.56 -26.34
CA MET F 265 32.63 3.25 -26.02
C MET F 265 33.22 3.17 -24.62
N ASP F 266 33.74 4.29 -24.11
CA ASP F 266 34.22 4.36 -22.73
C ASP F 266 33.10 4.40 -21.70
N GLY F 267 31.85 4.44 -22.13
CA GLY F 267 30.73 4.38 -21.22
C GLY F 267 30.10 5.69 -20.81
N PHE F 268 30.30 6.75 -21.57
CA PHE F 268 29.71 8.04 -21.29
C PHE F 268 28.63 8.35 -22.31
N GLU F 269 27.67 9.16 -21.89
CA GLU F 269 26.64 9.70 -22.77
C GLU F 269 27.17 10.99 -23.39
N VAL F 270 27.09 11.09 -24.71
CA VAL F 270 27.63 12.23 -25.44
C VAL F 270 26.49 13.18 -25.78
N VAL F 271 26.64 14.44 -25.36
CA VAL F 271 25.57 15.43 -25.47
C VAL F 271 26.18 16.73 -26.00
N SER F 272 25.29 17.62 -26.45
CA SER F 272 25.68 18.97 -26.81
C SER F 272 24.96 19.96 -25.93
N PRO F 273 25.61 21.07 -25.55
CA PRO F 273 24.87 22.15 -24.86
C PRO F 273 23.80 22.78 -25.73
N TYR F 274 23.81 22.52 -27.04
CA TYR F 274 22.94 23.20 -27.98
C TYR F 274 22.03 22.21 -28.68
N LYS F 275 20.79 22.64 -28.91
CA LYS F 275 19.85 21.86 -29.70
C LYS F 275 20.42 21.60 -31.09
N ASN F 276 20.33 20.34 -31.54
CA ASN F 276 20.91 19.86 -32.78
C ASN F 276 22.43 20.04 -32.84
N GLY F 277 23.06 20.39 -31.72
CA GLY F 277 24.46 20.72 -31.72
C GLY F 277 24.82 22.01 -32.42
N ILE F 278 23.85 22.87 -32.71
CA ILE F 278 24.07 24.10 -33.48
C ILE F 278 24.20 25.26 -32.49
N ASN F 279 25.41 25.83 -32.44
CA ASN F 279 25.75 26.91 -31.51
C ASN F 279 25.54 28.24 -32.22
N ASP F 280 24.27 28.64 -32.35
CA ASP F 280 23.93 29.85 -33.09
C ASP F 280 23.96 31.12 -32.25
N GLY F 281 24.34 31.03 -30.97
CA GLY F 281 24.50 32.19 -30.14
C GLY F 281 23.27 32.62 -29.35
N THR F 282 22.12 32.00 -29.57
CA THR F 282 20.88 32.43 -28.95
C THR F 282 20.59 31.64 -27.68
N GLU F 283 19.77 32.24 -26.81
CA GLU F 283 19.27 31.52 -25.65
C GLU F 283 18.43 30.32 -26.07
N ALA F 284 17.69 30.46 -27.17
CA ALA F 284 16.82 29.39 -27.63
C ALA F 284 17.61 28.12 -27.98
N SER F 285 18.89 28.28 -28.33
CA SER F 285 19.69 27.12 -28.72
C SER F 285 20.06 26.24 -27.54
N ILE F 286 20.05 26.78 -26.32
CA ILE F 286 20.54 26.05 -25.16
C ILE F 286 19.55 24.94 -24.80
N ASP F 287 20.06 23.73 -24.61
CA ASP F 287 19.27 22.68 -23.97
C ASP F 287 19.13 23.04 -22.49
N ALA F 288 18.05 23.75 -22.15
CA ALA F 288 17.88 24.23 -20.78
C ALA F 288 17.65 23.08 -19.81
N ALA F 289 16.98 22.02 -20.26
CA ALA F 289 16.77 20.86 -19.40
C ALA F 289 18.10 20.22 -19.01
N LEU F 290 19.00 20.07 -19.99
CA LEU F 290 20.30 19.46 -19.70
C LEU F 290 21.12 20.35 -18.78
N LEU F 291 21.23 21.64 -19.10
CA LEU F 291 22.06 22.54 -18.29
C LEU F 291 21.51 22.69 -16.89
N GLY F 292 20.18 22.69 -16.74
CA GLY F 292 19.57 22.79 -15.42
C GLY F 292 19.77 21.58 -14.52
N LYS F 293 20.39 20.50 -15.02
CA LYS F 293 20.68 19.31 -14.25
C LYS F 293 22.15 19.14 -13.91
N ILE F 294 23.03 19.97 -14.46
CA ILE F 294 24.47 19.78 -14.33
C ILE F 294 24.95 20.40 -13.03
N ASP F 295 25.69 19.60 -12.23
CA ASP F 295 26.25 20.06 -10.96
C ASP F 295 27.67 20.59 -11.12
N LEU F 296 28.33 20.27 -12.22
CA LEU F 296 29.74 20.56 -12.41
C LEU F 296 30.04 20.53 -13.91
N ILE F 297 30.65 21.61 -14.42
CA ILE F 297 31.08 21.68 -15.81
C ILE F 297 32.57 21.95 -15.84
N VAL F 298 33.29 21.23 -16.70
CA VAL F 298 34.75 21.31 -16.82
C VAL F 298 35.10 21.47 -18.29
N THR F 299 35.82 22.55 -18.64
CA THR F 299 36.28 22.75 -20.02
C THR F 299 37.70 22.21 -20.19
N THR F 300 37.93 21.48 -21.28
CA THR F 300 39.20 20.81 -21.52
C THR F 300 39.71 21.00 -22.95
N THR F 301 39.28 22.05 -23.65
CA THR F 301 39.38 22.05 -25.11
C THR F 301 40.62 22.74 -25.66
N GLY F 302 41.16 23.74 -24.98
CA GLY F 302 42.13 24.59 -25.65
C GLY F 302 41.51 25.52 -26.68
N ASN F 303 40.19 25.62 -26.71
CA ASN F 303 39.44 26.48 -27.62
C ASN F 303 38.87 27.66 -26.85
N VAL F 304 38.10 28.50 -27.54
CA VAL F 304 37.63 29.76 -27.00
C VAL F 304 36.12 29.69 -26.79
N ASN F 305 35.66 30.09 -25.60
CA ASN F 305 34.25 30.30 -25.30
C ASN F 305 33.42 29.03 -25.50
N VAL F 306 33.88 27.93 -24.91
CA VAL F 306 33.13 26.67 -25.00
C VAL F 306 32.20 26.46 -23.82
N CYS F 307 32.29 27.29 -22.79
CA CYS F 307 31.28 27.41 -21.73
C CYS F 307 30.85 28.86 -21.76
N ASP F 308 29.83 29.17 -22.57
CA ASP F 308 29.54 30.57 -22.90
C ASP F 308 28.51 31.17 -21.95
N ALA F 309 28.13 32.42 -22.24
CA ALA F 309 27.26 33.18 -21.34
C ALA F 309 25.88 32.56 -21.23
N ASN F 310 25.34 32.08 -22.35
CA ASN F 310 24.02 31.45 -22.32
C ASN F 310 24.05 30.15 -21.53
N MET F 311 25.15 29.40 -21.64
CA MET F 311 25.30 28.20 -20.82
C MET F 311 25.38 28.55 -19.34
N LEU F 312 26.13 29.60 -19.00
CA LEU F 312 26.25 30.01 -17.60
C LEU F 312 24.91 30.50 -17.05
N LYS F 313 24.08 31.14 -17.89
CA LYS F 313 22.75 31.55 -17.46
C LYS F 313 21.85 30.35 -17.19
N ALA F 314 22.05 29.25 -17.92
CA ALA F 314 21.15 28.10 -17.84
C ALA F 314 21.58 27.06 -16.82
N LEU F 315 22.80 27.16 -16.28
CA LEU F 315 23.31 26.15 -15.36
C LEU F 315 22.45 26.05 -14.11
N LYS F 316 22.33 24.83 -13.59
CA LYS F 316 21.67 24.59 -12.31
C LYS F 316 22.27 25.49 -11.23
N LYS F 317 21.40 26.00 -10.36
CA LYS F 317 21.86 26.81 -9.24
C LYS F 317 22.94 26.08 -8.45
N ARG F 318 23.98 26.82 -8.07
CA ARG F 318 25.06 26.37 -7.21
C ARG F 318 25.97 25.34 -7.89
N ALA F 319 25.94 25.27 -9.22
CA ALA F 319 26.87 24.43 -9.95
C ALA F 319 28.29 24.97 -9.85
N VAL F 320 29.26 24.06 -9.94
CA VAL F 320 30.67 24.42 -9.97
C VAL F 320 31.14 24.53 -11.41
N VAL F 321 31.92 25.58 -11.70
CA VAL F 321 32.43 25.86 -13.03
C VAL F 321 33.94 25.95 -12.95
N CYS F 322 34.64 25.19 -13.79
CA CYS F 322 36.09 25.28 -13.78
C CYS F 322 36.66 24.91 -15.15
N ASN F 323 37.91 25.32 -15.36
CA ASN F 323 38.63 25.12 -16.60
C ASN F 323 39.98 24.48 -16.30
N ILE F 324 40.34 23.45 -17.06
CA ILE F 324 41.63 22.79 -16.96
C ILE F 324 42.42 22.86 -18.26
N GLY F 325 41.89 23.51 -19.29
CA GLY F 325 42.69 23.90 -20.43
C GLY F 325 43.67 25.00 -20.04
N HIS F 326 44.50 25.40 -21.01
CA HIS F 326 45.64 26.24 -20.67
C HIS F 326 45.25 27.70 -20.38
N PHE F 327 44.28 28.25 -21.12
CA PHE F 327 43.91 29.65 -20.98
C PHE F 327 42.49 29.79 -20.46
N ASP F 328 42.23 30.91 -19.77
CA ASP F 328 40.99 31.12 -19.06
C ASP F 328 39.84 31.60 -19.95
N ASN F 329 40.05 31.76 -21.25
CA ASN F 329 38.97 32.19 -22.13
C ASN F 329 38.10 31.03 -22.62
N GLU F 330 38.32 29.81 -22.11
CA GLU F 330 37.40 28.72 -22.41
C GLU F 330 36.04 28.97 -21.79
N ILE F 331 36.01 29.65 -20.65
CA ILE F 331 34.79 30.11 -20.00
C ILE F 331 34.68 31.61 -20.21
N ASP F 332 33.46 32.09 -20.45
CA ASP F 332 33.24 33.53 -20.63
C ASP F 332 33.17 34.20 -19.25
N THR F 333 34.35 34.32 -18.63
CA THR F 333 34.41 35.00 -17.35
C THR F 333 34.21 36.50 -17.50
N ALA F 334 34.55 37.05 -18.67
CA ALA F 334 34.33 38.48 -18.90
C ALA F 334 32.86 38.83 -18.77
N PHE F 335 31.97 37.98 -19.29
CA PHE F 335 30.54 38.20 -19.12
C PHE F 335 30.15 38.19 -17.65
N MET F 336 30.75 37.31 -16.87
CA MET F 336 30.40 37.23 -15.45
C MET F 336 30.96 38.41 -14.67
N ARG F 337 32.14 38.91 -15.05
CA ARG F 337 32.67 40.11 -14.41
C ARG F 337 31.79 41.31 -14.67
N LYS F 338 31.22 41.41 -15.89
CA LYS F 338 30.45 42.59 -16.26
C LYS F 338 29.07 42.59 -15.60
N ASN F 339 28.45 41.42 -15.45
CA ASN F 339 27.03 41.36 -15.11
C ASN F 339 26.71 40.87 -13.71
N TRP F 340 27.59 40.08 -13.08
CA TRP F 340 27.25 39.43 -11.82
C TRP F 340 28.24 39.82 -10.72
N ALA F 341 27.78 39.69 -9.48
CA ALA F 341 28.59 40.06 -8.31
C ALA F 341 29.40 38.86 -7.82
N TRP F 342 30.67 39.09 -7.51
CA TRP F 342 31.60 38.05 -7.11
C TRP F 342 31.84 38.14 -5.61
N GLU F 343 31.61 37.02 -4.91
CA GLU F 343 31.89 36.89 -3.49
C GLU F 343 33.02 35.89 -3.32
N GLU F 344 34.17 36.35 -2.80
CA GLU F 344 35.26 35.43 -2.55
C GLU F 344 34.93 34.55 -1.35
N VAL F 345 34.99 33.23 -1.55
CA VAL F 345 34.88 32.32 -0.42
C VAL F 345 36.21 32.22 0.31
N LYS F 346 37.27 32.02 -0.45
CA LYS F 346 38.66 31.91 -0.01
C LYS F 346 39.49 32.04 -1.28
N PRO F 347 40.82 32.12 -1.23
CA PRO F 347 41.58 32.32 -2.46
C PRO F 347 41.26 31.28 -3.53
N GLN F 348 41.01 31.78 -4.74
CA GLN F 348 40.73 30.96 -5.93
C GLN F 348 39.42 30.19 -5.80
N VAL F 349 38.47 30.71 -5.01
CA VAL F 349 37.11 30.18 -4.93
C VAL F 349 36.17 31.36 -4.82
N HIS F 350 35.33 31.56 -5.83
CA HIS F 350 34.39 32.68 -5.86
C HIS F 350 32.97 32.18 -6.12
N LYS F 351 32.01 32.69 -5.34
CA LYS F 351 30.61 32.55 -5.67
C LYS F 351 30.22 33.69 -6.60
N ILE F 352 29.52 33.35 -7.69
CA ILE F 352 29.12 34.31 -8.71
C ILE F 352 27.60 34.44 -8.63
N HIS F 353 27.13 35.58 -8.11
CA HIS F 353 25.71 35.76 -7.83
C HIS F 353 25.00 36.27 -9.07
N ARG F 354 24.10 35.45 -9.62
CA ARG F 354 23.39 35.76 -10.86
C ARG F 354 22.21 36.68 -10.65
N THR F 355 22.06 37.25 -9.45
CA THR F 355 20.97 38.18 -9.15
C THR F 355 21.24 39.60 -9.64
N GLY F 356 22.46 39.89 -10.09
CA GLY F 356 22.80 41.22 -10.53
C GLY F 356 24.23 41.64 -10.23
N LYS F 357 24.61 42.83 -10.69
CA LYS F 357 25.96 43.36 -10.49
C LYS F 357 26.11 44.08 -9.15
N ASP F 358 25.09 44.82 -8.74
CA ASP F 358 25.21 45.79 -7.65
C ASP F 358 25.01 45.09 -6.30
N GLY F 359 26.08 44.46 -5.83
CA GLY F 359 26.05 43.77 -4.55
C GLY F 359 25.31 42.46 -4.63
N PHE F 360 25.29 41.76 -3.48
CA PHE F 360 24.66 40.45 -3.39
C PHE F 360 24.15 40.22 -1.97
N ASP F 361 23.07 39.46 -1.86
CA ASP F 361 22.62 38.93 -0.59
C ASP F 361 23.51 37.77 -0.17
N ALA F 362 23.99 37.81 1.09
CA ALA F 362 24.87 36.77 1.58
C ALA F 362 24.18 35.40 1.62
N HIS F 363 22.85 35.37 1.63
CA HIS F 363 22.12 34.10 1.64
C HIS F 363 21.40 33.83 0.33
N ASN F 364 21.71 34.58 -0.72
CA ASN F 364 21.20 34.27 -2.06
C ASN F 364 21.53 32.82 -2.43
N ASP F 365 20.55 32.12 -3.00
CA ASP F 365 20.77 30.74 -3.44
C ASP F 365 21.10 30.62 -4.92
N ASP F 366 20.98 31.71 -5.67
CA ASP F 366 21.20 31.68 -7.12
C ASP F 366 22.63 32.15 -7.41
N TYR F 367 23.58 31.24 -7.24
CA TYR F 367 24.97 31.54 -7.55
C TYR F 367 25.61 30.34 -8.22
N LEU F 368 26.77 30.58 -8.83
CA LEU F 368 27.65 29.53 -9.31
C LEU F 368 28.97 29.64 -8.55
N ILE F 369 29.68 28.53 -8.43
CA ILE F 369 31.00 28.53 -7.80
C ILE F 369 32.04 28.38 -8.90
N LEU F 370 32.90 29.38 -9.04
CA LEU F 370 33.96 29.39 -10.04
C LEU F 370 35.30 29.16 -9.34
N LEU F 371 36.11 28.26 -9.89
CA LEU F 371 37.39 27.91 -9.32
C LEU F 371 38.52 28.57 -10.09
N ALA F 372 39.52 29.07 -9.33
CA ALA F 372 40.75 29.66 -9.89
C ALA F 372 40.45 30.79 -10.87
N GLU F 373 39.29 31.42 -10.73
CA GLU F 373 38.85 32.49 -11.63
C GLU F 373 38.93 32.05 -13.09
N GLY F 374 38.71 30.75 -13.36
CA GLY F 374 38.75 30.23 -14.69
C GLY F 374 40.11 29.82 -15.20
N ARG F 375 41.16 30.05 -14.42
CA ARG F 375 42.53 29.61 -14.81
C ARG F 375 42.66 28.11 -14.55
N LEU F 376 43.68 27.48 -15.15
CA LEU F 376 43.84 26.00 -15.01
C LEU F 376 43.66 25.51 -13.57
N VAL F 377 42.57 24.78 -13.35
CA VAL F 377 42.12 24.41 -11.97
C VAL F 377 43.08 23.49 -11.21
N ASN F 378 43.66 22.50 -11.88
CA ASN F 378 44.48 21.56 -11.13
C ASN F 378 45.67 22.27 -10.50
N LEU F 379 46.22 23.27 -11.18
CA LEU F 379 47.31 24.03 -10.61
C LEU F 379 46.82 25.20 -9.75
N GLY F 380 45.63 25.73 -10.02
CA GLY F 380 45.15 26.87 -9.27
C GLY F 380 44.64 26.50 -7.88
N ASN F 381 43.88 25.41 -7.79
CA ASN F 381 43.28 25.01 -6.53
C ASN F 381 43.98 23.82 -5.87
N ALA F 382 44.92 23.18 -6.56
CA ALA F 382 45.74 22.15 -5.92
C ALA F 382 47.20 22.33 -6.34
N THR F 383 47.88 21.23 -6.69
CA THR F 383 49.31 21.31 -7.00
C THR F 383 49.64 20.74 -8.37
N GLY F 384 48.66 20.67 -9.28
CA GLY F 384 48.95 20.10 -10.59
C GLY F 384 49.24 18.60 -10.53
N HIS F 385 49.90 18.11 -11.58
CA HIS F 385 50.20 16.70 -11.70
C HIS F 385 51.21 16.28 -10.64
N PRO F 386 51.20 15.01 -10.23
CA PRO F 386 52.18 14.54 -9.25
C PRO F 386 53.56 14.32 -9.87
N SER F 387 54.56 14.22 -9.00
CA SER F 387 55.94 14.16 -9.45
C SER F 387 56.17 12.99 -10.40
N ARG F 388 55.61 11.82 -10.09
CA ARG F 388 55.93 10.63 -10.88
C ARG F 388 55.38 10.75 -12.30
N ILE F 389 54.34 11.56 -12.50
CA ILE F 389 53.86 11.80 -13.86
C ILE F 389 54.71 12.85 -14.56
N MET F 390 55.00 13.96 -13.87
CA MET F 390 55.80 15.03 -14.47
C MET F 390 57.20 14.57 -14.81
N ASP F 391 57.70 13.53 -14.14
CA ASP F 391 58.96 12.86 -14.50
C ASP F 391 59.04 12.63 -16.01
N GLY F 392 57.95 12.14 -16.60
CA GLY F 392 57.97 11.85 -18.02
C GLY F 392 58.10 13.09 -18.86
N SER F 393 57.26 14.10 -18.57
CA SER F 393 57.30 15.34 -19.33
C SER F 393 58.66 16.00 -19.25
N PHE F 394 59.23 16.07 -18.04
CA PHE F 394 60.43 16.85 -17.85
C PHE F 394 61.69 16.10 -18.25
N ALA F 395 61.63 14.77 -18.30
CA ALA F 395 62.72 14.02 -18.92
C ALA F 395 62.78 14.33 -20.41
N ASN F 396 61.62 14.40 -21.07
CA ASN F 396 61.57 14.84 -22.45
C ASN F 396 62.10 16.26 -22.60
N GLN F 397 61.76 17.15 -21.66
CA GLN F 397 62.23 18.53 -21.74
C GLN F 397 63.75 18.60 -21.72
N VAL F 398 64.38 17.83 -20.82
CA VAL F 398 65.84 17.86 -20.72
C VAL F 398 66.49 17.32 -21.99
N LEU F 399 65.99 16.20 -22.48
CA LEU F 399 66.53 15.63 -23.71
C LEU F 399 66.39 16.59 -24.87
N ALA F 400 65.27 17.33 -24.93
CA ALA F 400 65.07 18.30 -26.00
C ALA F 400 66.05 19.46 -25.88
N GLN F 401 66.21 20.01 -24.68
CA GLN F 401 67.18 21.07 -24.45
C GLN F 401 68.58 20.63 -24.87
N ILE F 402 68.96 19.40 -24.51
CA ILE F 402 70.27 18.89 -24.88
C ILE F 402 70.44 18.91 -26.40
N HIS F 403 69.46 18.36 -27.11
CA HIS F 403 69.59 18.23 -28.56
C HIS F 403 69.66 19.58 -29.25
N LEU F 404 68.78 20.51 -28.89
CA LEU F 404 68.76 21.82 -29.56
C LEU F 404 69.96 22.67 -29.18
N PHE F 405 70.44 22.56 -27.93
CA PHE F 405 71.63 23.32 -27.56
C PHE F 405 72.85 22.83 -28.31
N GLU F 406 72.98 21.52 -28.51
CA GLU F 406 74.15 20.99 -29.18
C GLU F 406 74.08 21.14 -30.70
N GLN F 407 72.90 21.38 -31.25
CA GLN F 407 72.78 21.67 -32.68
C GLN F 407 73.36 23.05 -33.01
N LYS F 408 73.31 23.99 -32.07
CA LYS F 408 73.92 25.33 -32.22
C LYS F 408 73.36 26.05 -33.45
N TYR F 409 72.04 26.19 -33.50
CA TYR F 409 71.38 26.80 -34.65
C TYR F 409 71.88 28.23 -34.87
N ALA F 410 71.95 29.02 -33.79
CA ALA F 410 72.28 30.44 -33.93
C ALA F 410 73.67 30.68 -34.53
N ASP F 411 74.54 29.66 -34.51
CA ASP F 411 75.89 29.77 -35.08
C ASP F 411 75.98 29.24 -36.50
N LEU F 412 74.90 28.74 -37.07
CA LEU F 412 74.94 28.14 -38.39
C LEU F 412 74.97 29.21 -39.47
N PRO F 413 75.51 28.88 -40.65
CA PRO F 413 75.33 29.75 -41.82
C PRO F 413 73.85 29.84 -42.18
N ALA F 414 73.49 30.95 -42.83
CA ALA F 414 72.08 31.25 -43.05
C ALA F 414 71.41 30.22 -43.96
N ALA F 415 72.17 29.59 -44.86
CA ALA F 415 71.59 28.58 -45.73
C ALA F 415 71.31 27.29 -44.97
N GLU F 416 72.14 26.96 -43.98
CA GLU F 416 71.84 25.82 -43.12
C GLU F 416 70.74 26.18 -42.13
N LYS F 417 70.72 27.42 -41.65
CA LYS F 417 69.65 27.87 -40.77
C LYS F 417 68.28 27.64 -41.41
N ALA F 418 68.13 28.04 -42.67
CA ALA F 418 66.86 27.88 -43.36
C ALA F 418 66.47 26.41 -43.50
N LYS F 419 67.47 25.52 -43.65
CA LYS F 419 67.18 24.10 -43.73
C LYS F 419 66.81 23.51 -42.36
N ARG F 420 67.21 24.16 -41.28
CA ARG F 420 67.03 23.61 -39.94
C ARG F 420 65.87 24.25 -39.18
N LEU F 421 65.20 25.25 -39.75
CA LEU F 421 64.12 25.95 -39.06
C LEU F 421 62.85 25.10 -39.17
N SER F 422 62.53 24.38 -38.10
CA SER F 422 61.38 23.48 -38.12
C SER F 422 60.88 23.25 -36.70
N VAL F 423 59.74 22.59 -36.60
CA VAL F 423 59.15 22.13 -35.34
C VAL F 423 59.12 20.60 -35.39
N GLU F 424 59.82 19.97 -34.45
CA GLU F 424 59.99 18.52 -34.48
C GLU F 424 59.66 17.91 -33.13
N VAL F 425 59.46 16.60 -33.14
CA VAL F 425 59.26 15.82 -31.93
C VAL F 425 60.49 14.96 -31.72
N LEU F 426 60.62 14.42 -30.50
CA LEU F 426 61.74 13.55 -30.20
C LEU F 426 61.55 12.20 -30.87
N PRO F 427 62.66 11.54 -31.25
CA PRO F 427 62.55 10.21 -31.86
C PRO F 427 61.98 9.19 -30.89
N LYS F 428 61.36 8.15 -31.45
CA LYS F 428 60.66 7.16 -30.63
C LYS F 428 61.60 6.50 -29.62
N LYS F 429 62.86 6.28 -30.02
CA LYS F 429 63.81 5.62 -29.12
C LYS F 429 63.94 6.36 -27.79
N LEU F 430 64.01 7.69 -27.83
CA LEU F 430 64.09 8.45 -26.58
C LEU F 430 62.79 8.34 -25.80
N ASP F 431 61.65 8.38 -26.49
CA ASP F 431 60.36 8.18 -25.86
C ASP F 431 60.32 6.86 -25.11
N GLU F 432 60.82 5.79 -25.75
CA GLU F 432 60.84 4.49 -25.09
C GLU F 432 61.82 4.44 -23.94
N GLU F 433 62.92 5.20 -24.02
CA GLU F 433 63.91 5.18 -22.94
C GLU F 433 63.38 5.89 -21.70
N VAL F 434 62.63 6.98 -21.90
CA VAL F 434 61.93 7.60 -20.78
C VAL F 434 60.92 6.64 -20.18
N ALA F 435 60.15 5.95 -21.04
CA ALA F 435 59.12 5.05 -20.55
C ALA F 435 59.70 3.92 -19.72
N LEU F 436 60.87 3.40 -20.13
CA LEU F 436 61.46 2.29 -19.40
C LEU F 436 61.84 2.69 -17.97
N GLU F 437 62.38 3.91 -17.79
CA GLU F 437 62.69 4.37 -16.44
C GLU F 437 61.43 4.61 -15.64
N MET F 438 60.35 5.06 -16.28
CA MET F 438 59.07 5.19 -15.58
C MET F 438 58.56 3.83 -15.11
N VAL F 439 58.60 2.82 -15.99
CA VAL F 439 58.13 1.49 -15.63
C VAL F 439 58.93 0.93 -14.45
N LYS F 440 60.25 1.09 -14.49
CA LYS F 440 61.08 0.59 -13.39
C LYS F 440 60.75 1.29 -12.08
N GLY F 441 60.39 2.57 -12.13
CA GLY F 441 59.98 3.27 -10.92
C GLY F 441 58.80 2.61 -10.23
N PHE F 442 57.91 1.98 -11.00
CA PHE F 442 56.80 1.21 -10.44
C PHE F 442 57.20 -0.21 -10.04
N GLY F 443 58.45 -0.61 -10.24
CA GLY F 443 58.82 -2.00 -10.07
C GLY F 443 58.40 -2.92 -11.19
N GLY F 444 57.99 -2.39 -12.34
CA GLY F 444 57.60 -3.24 -13.45
C GLY F 444 58.81 -3.87 -14.13
N VAL F 445 58.60 -5.05 -14.72
CA VAL F 445 59.65 -5.81 -15.39
C VAL F 445 59.26 -5.97 -16.86
N VAL F 446 59.98 -5.30 -17.74
CA VAL F 446 59.77 -5.42 -19.18
C VAL F 446 60.48 -6.67 -19.70
N THR F 447 59.81 -7.40 -20.59
CA THR F 447 60.36 -8.63 -21.16
C THR F 447 61.22 -8.31 -22.38
N GLN F 448 62.30 -9.09 -22.54
CA GLN F 448 63.22 -8.92 -23.66
C GLN F 448 62.87 -9.93 -24.75
N LEU F 449 62.68 -9.43 -25.98
CA LEU F 449 62.43 -10.31 -27.13
C LEU F 449 63.62 -11.24 -27.38
N THR F 450 63.33 -12.49 -27.73
CA THR F 450 64.35 -13.35 -28.30
C THR F 450 64.68 -12.87 -29.71
N PRO F 451 65.85 -13.22 -30.23
CA PRO F 451 66.16 -12.84 -31.62
C PRO F 451 65.14 -13.35 -32.63
N LYS F 452 64.66 -14.59 -32.45
CA LYS F 452 63.65 -15.12 -33.38
C LYS F 452 62.35 -14.34 -33.27
N GLN F 453 61.97 -13.93 -32.06
CA GLN F 453 60.75 -13.14 -31.90
C GLN F 453 60.90 -11.77 -32.56
N ALA F 454 62.01 -11.09 -32.30
CA ALA F 454 62.26 -9.79 -32.92
C ALA F 454 62.26 -9.88 -34.44
N GLU F 455 62.91 -10.91 -34.99
CA GLU F 455 62.84 -11.14 -36.44
C GLU F 455 61.39 -11.37 -36.89
N TYR F 456 60.61 -12.11 -36.08
CA TYR F 456 59.26 -12.48 -36.48
C TYR F 456 58.37 -11.25 -36.65
N ILE F 457 58.44 -10.30 -35.72
CA ILE F 457 57.62 -9.09 -35.83
C ILE F 457 58.37 -7.94 -36.49
N GLY F 458 59.62 -8.16 -36.89
CA GLY F 458 60.34 -7.17 -37.69
C GLY F 458 60.88 -5.98 -36.95
N VAL F 459 61.37 -6.17 -35.72
CA VAL F 459 61.94 -5.09 -34.92
C VAL F 459 63.28 -5.54 -34.35
N SER F 460 64.08 -4.57 -33.96
CA SER F 460 65.30 -4.85 -33.22
C SER F 460 64.97 -5.23 -31.78
N VAL F 461 65.81 -6.07 -31.18
CA VAL F 461 65.61 -6.45 -29.78
C VAL F 461 65.65 -5.22 -28.88
N GLU F 462 66.37 -4.19 -29.29
CA GLU F 462 66.50 -2.96 -28.53
C GLU F 462 65.49 -1.89 -28.94
N GLY F 463 64.57 -2.22 -29.85
CA GLY F 463 63.62 -1.24 -30.31
C GLY F 463 64.20 -0.31 -31.36
N PRO F 464 63.40 0.67 -31.83
CA PRO F 464 62.02 0.93 -31.37
C PRO F 464 61.07 -0.20 -31.78
N PHE F 465 60.00 -0.37 -31.02
CA PHE F 465 59.13 -1.53 -31.15
C PHE F 465 57.88 -1.25 -31.97
N LYS F 466 57.62 0.01 -32.33
CA LYS F 466 56.45 0.38 -33.11
C LYS F 466 56.86 1.28 -34.27
N PRO F 467 56.12 1.27 -35.37
CA PRO F 467 56.35 2.26 -36.42
C PRO F 467 55.92 3.65 -35.94
N ASP F 468 56.47 4.67 -36.60
CA ASP F 468 56.13 6.04 -36.21
C ASP F 468 54.65 6.35 -36.34
N THR F 469 53.92 5.57 -37.16
CA THR F 469 52.48 5.77 -37.31
C THR F 469 51.67 5.28 -36.11
N TYR F 470 52.28 4.54 -35.19
CA TYR F 470 51.52 3.86 -34.15
C TYR F 470 50.94 4.85 -33.14
N ARG F 471 49.69 4.61 -32.75
CA ARG F 471 48.96 5.56 -31.93
C ARG F 471 48.90 5.17 -30.45
N TYR F 472 49.25 3.94 -30.10
CA TYR F 472 49.18 3.47 -28.70
C TYR F 472 47.78 3.63 -28.14
N GLY G 12 18.50 -22.66 -59.16
CA GLY G 12 19.36 -23.83 -59.05
C GLY G 12 20.78 -23.50 -58.63
N PHE G 13 20.91 -22.74 -57.54
CA PHE G 13 22.21 -22.26 -57.08
C PHE G 13 22.89 -23.32 -56.24
N THR G 14 24.10 -23.73 -56.65
CA THR G 14 24.86 -24.76 -55.96
C THR G 14 26.30 -24.36 -55.63
N ASP G 15 26.70 -23.12 -55.94
CA ASP G 15 28.09 -22.70 -55.87
C ASP G 15 28.48 -22.28 -54.45
N TYR G 16 28.42 -23.24 -53.52
CA TYR G 16 28.71 -22.94 -52.12
C TYR G 16 29.01 -24.24 -51.37
N LYS G 17 29.50 -24.09 -50.15
CA LYS G 17 29.57 -25.22 -49.23
C LYS G 17 29.50 -24.70 -47.80
N VAL G 18 28.44 -25.08 -47.10
CA VAL G 18 28.22 -24.68 -45.72
C VAL G 18 27.86 -25.92 -44.90
N ALA G 19 27.75 -25.72 -43.59
CA ALA G 19 27.43 -26.84 -42.70
C ALA G 19 26.02 -27.34 -42.94
N ASP G 20 25.05 -26.42 -43.00
CA ASP G 20 23.64 -26.80 -42.98
C ASP G 20 22.85 -25.65 -43.60
N ILE G 21 22.38 -25.84 -44.83
CA ILE G 21 21.65 -24.78 -45.53
C ILE G 21 20.35 -24.43 -44.83
N THR G 22 19.79 -25.35 -44.04
CA THR G 22 18.50 -25.09 -43.40
C THR G 22 18.59 -24.09 -42.26
N LEU G 23 19.80 -23.72 -41.84
CA LEU G 23 19.98 -22.65 -40.86
C LEU G 23 19.84 -21.26 -41.47
N ALA G 24 19.51 -21.19 -42.77
CA ALA G 24 19.50 -19.90 -43.47
C ALA G 24 18.48 -18.94 -42.88
N ALA G 25 17.29 -19.42 -42.54
CA ALA G 25 16.23 -18.53 -42.06
C ALA G 25 16.59 -17.92 -40.71
N TRP G 26 17.14 -18.72 -39.80
CA TRP G 26 17.66 -18.20 -38.55
C TRP G 26 18.74 -17.14 -38.82
N GLY G 27 19.62 -17.39 -39.79
CA GLY G 27 20.64 -16.42 -40.11
C GLY G 27 20.06 -15.12 -40.65
N ARG G 28 19.04 -15.22 -41.51
CA ARG G 28 18.38 -14.01 -42.01
C ARG G 28 17.77 -13.21 -40.87
N ARG G 29 17.17 -13.89 -39.87
CA ARG G 29 16.61 -13.17 -38.74
C ARG G 29 17.68 -12.39 -37.99
N GLU G 30 18.85 -12.99 -37.79
CA GLU G 30 19.92 -12.29 -37.07
C GLU G 30 20.55 -11.21 -37.93
N LEU G 31 20.63 -11.42 -39.26
CA LEU G 31 21.10 -10.36 -40.15
C LEU G 31 20.21 -9.12 -40.04
N ILE G 32 18.89 -9.32 -39.99
CA ILE G 32 17.97 -8.19 -39.94
C ILE G 32 18.16 -7.40 -38.64
N ILE G 33 18.46 -8.10 -37.54
CA ILE G 33 18.77 -7.44 -36.29
C ILE G 33 20.11 -6.70 -36.39
N ALA G 34 21.13 -7.40 -36.88
CA ALA G 34 22.46 -6.78 -37.00
C ALA G 34 22.43 -5.53 -37.87
N GLU G 35 21.56 -5.50 -38.88
CA GLU G 35 21.44 -4.30 -39.71
C GLU G 35 21.04 -3.09 -38.86
N SER G 36 20.14 -3.29 -37.90
CA SER G 36 19.76 -2.17 -37.03
C SER G 36 20.89 -1.76 -36.08
N GLU G 37 21.91 -2.61 -35.91
CA GLU G 37 23.03 -2.31 -35.05
C GLU G 37 24.22 -1.71 -35.79
N MET G 38 24.12 -1.53 -37.11
CA MET G 38 25.25 -1.13 -37.94
C MET G 38 24.89 0.08 -38.79
N PRO G 39 24.68 1.25 -38.15
CA PRO G 39 24.21 2.42 -38.91
C PRO G 39 25.24 2.99 -39.88
N ALA G 40 26.54 2.92 -39.57
CA ALA G 40 27.53 3.39 -40.52
C ALA G 40 27.52 2.53 -41.77
N LEU G 41 27.46 1.21 -41.58
CA LEU G 41 27.43 0.29 -42.72
C LEU G 41 26.18 0.49 -43.57
N MET G 42 25.02 0.54 -42.91
N MET G 42 25.02 0.55 -42.93
CA MET G 42 23.75 0.74 -43.61
CA MET G 42 23.79 0.70 -43.71
C MET G 42 23.72 2.09 -44.32
C MET G 42 23.64 2.11 -44.28
N GLY G 43 24.27 3.11 -43.68
CA GLY G 43 24.24 4.44 -44.29
C GLY G 43 24.98 4.49 -45.61
N LEU G 44 26.13 3.81 -45.69
CA LEU G 44 26.83 3.66 -46.96
C LEU G 44 25.96 2.92 -47.97
N ARG G 45 25.26 1.88 -47.50
CA ARG G 45 24.37 1.12 -48.38
C ARG G 45 23.33 2.03 -49.01
N ARG G 46 22.63 2.81 -48.19
CA ARG G 46 21.62 3.74 -48.72
C ARG G 46 22.26 4.84 -49.56
N LYS G 47 23.45 5.31 -49.16
CA LYS G 47 24.06 6.44 -49.85
C LYS G 47 24.46 6.07 -51.27
N TYR G 48 24.98 4.85 -51.47
CA TYR G 48 25.66 4.48 -52.69
C TYR G 48 24.89 3.52 -53.60
N ALA G 49 23.75 3.00 -53.15
CA ALA G 49 23.02 2.01 -53.96
C ALA G 49 22.65 2.58 -55.33
N GLY G 50 22.13 3.81 -55.36
CA GLY G 50 21.75 4.41 -56.63
C GLY G 50 22.92 4.58 -57.58
N GLN G 51 24.13 4.75 -57.04
CA GLN G 51 25.30 4.95 -57.89
C GLN G 51 25.89 3.64 -58.39
N GLN G 52 25.73 2.55 -57.64
CA GLN G 52 26.32 1.26 -57.96
C GLN G 52 27.83 1.38 -58.19
N PRO G 53 28.58 1.92 -57.22
CA PRO G 53 30.01 2.19 -57.46
C PRO G 53 30.85 0.94 -57.58
N LEU G 54 30.33 -0.23 -57.22
CA LEU G 54 31.05 -1.49 -57.31
C LEU G 54 30.57 -2.34 -58.48
N LYS G 55 29.83 -1.74 -59.41
CA LYS G 55 29.42 -2.45 -60.62
C LYS G 55 30.65 -2.90 -61.38
N GLY G 56 30.69 -4.19 -61.71
CA GLY G 56 31.85 -4.78 -62.35
C GLY G 56 32.93 -5.27 -61.41
N ALA G 57 32.88 -4.89 -60.13
CA ALA G 57 33.84 -5.40 -59.16
C ALA G 57 33.60 -6.87 -58.91
N LYS G 58 34.69 -7.63 -58.79
CA LYS G 58 34.64 -9.07 -58.54
C LYS G 58 35.62 -9.35 -57.41
N ILE G 59 35.09 -9.51 -56.19
CA ILE G 59 35.86 -9.44 -54.96
C ILE G 59 36.06 -10.84 -54.41
N LEU G 60 37.32 -11.22 -54.21
CA LEU G 60 37.66 -12.41 -53.42
C LEU G 60 37.75 -12.00 -51.96
N GLY G 61 36.90 -12.58 -51.12
CA GLY G 61 36.85 -12.19 -49.72
C GLY G 61 37.19 -13.32 -48.75
N CYS G 62 38.05 -13.02 -47.77
CA CYS G 62 38.50 -14.01 -46.78
C CYS G 62 38.49 -13.34 -45.41
N ILE G 63 37.40 -13.53 -44.67
CA ILE G 63 37.27 -12.98 -43.33
C ILE G 63 36.19 -13.77 -42.60
N HIS G 64 36.45 -14.06 -41.32
CA HIS G 64 35.53 -14.73 -40.40
C HIS G 64 34.07 -14.62 -40.84
N MET G 65 33.45 -15.76 -41.20
CA MET G 65 32.11 -15.76 -41.77
C MET G 65 31.06 -15.67 -40.66
N THR G 66 31.00 -14.50 -40.04
CA THR G 66 30.06 -14.21 -38.95
C THR G 66 28.81 -13.53 -39.49
N ILE G 67 27.86 -13.27 -38.58
CA ILE G 67 26.69 -12.46 -38.93
C ILE G 67 27.12 -11.07 -39.38
N GLN G 68 28.14 -10.50 -38.72
CA GLN G 68 28.59 -9.16 -39.07
C GLN G 68 29.21 -9.14 -40.46
N THR G 69 30.00 -10.17 -40.79
CA THR G 69 30.53 -10.28 -42.15
C THR G 69 29.42 -10.43 -43.18
N GLY G 70 28.29 -11.05 -42.78
CA GLY G 70 27.16 -11.13 -43.68
C GLY G 70 26.65 -9.77 -44.11
N VAL G 71 26.56 -8.82 -43.17
CA VAL G 71 26.10 -7.48 -43.51
C VAL G 71 27.12 -6.76 -44.38
N LEU G 72 28.42 -7.02 -44.14
CA LEU G 72 29.46 -6.51 -45.03
C LEU G 72 29.28 -7.05 -46.44
N ILE G 73 29.07 -8.37 -46.57
CA ILE G 73 28.97 -8.99 -47.89
C ILE G 73 27.81 -8.41 -48.67
N GLU G 74 26.63 -8.31 -48.03
CA GLU G 74 25.45 -7.84 -48.74
C GLU G 74 25.50 -6.35 -49.03
N THR G 75 26.30 -5.58 -48.28
CA THR G 75 26.50 -4.19 -48.65
C THR G 75 27.32 -4.08 -49.93
N LEU G 76 28.40 -4.87 -50.03
CA LEU G 76 29.19 -4.89 -51.27
C LEU G 76 28.34 -5.33 -52.46
N VAL G 77 27.51 -6.35 -52.28
CA VAL G 77 26.62 -6.79 -53.36
C VAL G 77 25.61 -5.70 -53.67
N ALA G 78 25.04 -5.06 -52.64
CA ALA G 78 24.06 -4.00 -52.85
C ALA G 78 24.66 -2.82 -53.61
N LEU G 79 25.97 -2.63 -53.53
CA LEU G 79 26.63 -1.57 -54.29
C LEU G 79 27.11 -2.04 -55.66
N GLY G 80 26.81 -3.27 -56.05
CA GLY G 80 27.03 -3.74 -57.41
C GLY G 80 28.07 -4.82 -57.58
N ALA G 81 28.74 -5.24 -56.51
CA ALA G 81 29.83 -6.20 -56.65
C ALA G 81 29.31 -7.64 -56.74
N GLU G 82 30.13 -8.49 -57.34
CA GLU G 82 30.04 -9.95 -57.17
C GLU G 82 31.18 -10.39 -56.26
N VAL G 83 30.93 -11.38 -55.42
CA VAL G 83 31.93 -11.85 -54.47
C VAL G 83 31.97 -13.38 -54.46
N ARG G 84 33.08 -13.91 -53.93
CA ARG G 84 33.21 -15.31 -53.55
C ARG G 84 33.95 -15.35 -52.23
N TRP G 85 33.35 -15.99 -51.22
CA TRP G 85 33.74 -15.75 -49.84
C TRP G 85 34.21 -17.01 -49.12
N SER G 86 35.17 -16.83 -48.21
CA SER G 86 35.60 -17.88 -47.29
C SER G 86 35.96 -17.24 -45.95
N SER G 87 36.05 -18.07 -44.93
CA SER G 87 36.48 -17.62 -43.61
C SER G 87 38.00 -17.62 -43.52
N CYS G 88 38.54 -16.76 -42.65
CA CYS G 88 39.97 -16.68 -42.42
C CYS G 88 40.40 -17.42 -41.15
N ASN G 89 39.51 -18.20 -40.54
CA ASN G 89 39.87 -19.03 -39.39
C ASN G 89 38.95 -20.24 -39.37
N ILE G 90 39.48 -21.37 -38.89
CA ILE G 90 38.73 -22.62 -38.95
C ILE G 90 37.60 -22.70 -37.93
N PHE G 91 37.61 -21.87 -36.90
CA PHE G 91 36.61 -21.94 -35.84
C PHE G 91 35.68 -20.73 -35.78
N SER G 92 35.87 -19.74 -36.66
CA SER G 92 35.24 -18.44 -36.46
C SER G 92 33.90 -18.30 -37.18
N THR G 93 33.57 -19.19 -38.10
CA THR G 93 32.32 -19.10 -38.85
C THR G 93 31.12 -19.34 -37.93
N GLN G 94 30.08 -18.53 -38.11
CA GLN G 94 28.75 -18.83 -37.59
C GLN G 94 27.95 -19.51 -38.69
N ASP G 95 27.62 -20.78 -38.49
CA ASP G 95 27.03 -21.57 -39.57
C ASP G 95 25.72 -20.97 -40.08
N GLN G 96 24.93 -20.35 -39.20
CA GLN G 96 23.69 -19.74 -39.66
C GLN G 96 23.98 -18.53 -40.56
N ALA G 97 25.06 -17.80 -40.28
CA ALA G 97 25.43 -16.69 -41.15
C ALA G 97 25.83 -17.19 -42.53
N ALA G 98 26.65 -18.24 -42.58
CA ALA G 98 27.06 -18.80 -43.87
C ALA G 98 25.85 -19.30 -44.66
N ALA G 99 24.91 -19.96 -43.98
CA ALA G 99 23.73 -20.50 -44.66
C ALA G 99 22.90 -19.40 -45.28
N ALA G 100 22.71 -18.29 -44.56
CA ALA G 100 21.91 -17.19 -45.09
C ALA G 100 22.58 -16.55 -46.30
N ILE G 101 23.91 -16.46 -46.28
CA ILE G 101 24.62 -15.93 -47.44
C ILE G 101 24.49 -16.87 -48.64
N ALA G 102 24.65 -18.18 -48.41
CA ALA G 102 24.53 -19.14 -49.50
C ALA G 102 23.09 -19.19 -50.02
N ALA G 103 22.11 -19.10 -49.12
CA ALA G 103 20.71 -19.10 -49.55
C ALA G 103 20.39 -17.88 -50.40
N ALA G 104 21.13 -16.79 -50.24
CA ALA G 104 20.94 -15.57 -51.02
C ALA G 104 21.62 -15.63 -52.38
N GLY G 105 22.16 -16.79 -52.77
CA GLY G 105 22.81 -16.91 -54.06
C GLY G 105 24.21 -16.35 -54.13
N ILE G 106 24.91 -16.28 -53.00
CA ILE G 106 26.26 -15.71 -52.94
C ILE G 106 27.23 -16.85 -52.66
N PRO G 107 28.29 -17.02 -53.47
CA PRO G 107 29.24 -18.12 -53.22
C PRO G 107 29.98 -17.93 -51.91
N VAL G 108 29.85 -18.93 -51.04
CA VAL G 108 30.52 -18.92 -49.73
C VAL G 108 30.93 -20.35 -49.42
N PHE G 109 32.15 -20.50 -48.89
CA PHE G 109 32.69 -21.81 -48.50
C PHE G 109 33.25 -21.65 -47.10
N ALA G 110 32.46 -22.06 -46.09
CA ALA G 110 32.81 -21.80 -44.70
C ALA G 110 31.87 -22.57 -43.77
N TRP G 111 32.45 -23.12 -42.71
CA TRP G 111 31.68 -23.73 -41.62
C TRP G 111 32.57 -23.79 -40.39
N LYS G 112 31.91 -23.89 -39.23
CA LYS G 112 32.64 -23.95 -37.97
C LYS G 112 33.28 -25.32 -37.79
N GLY G 113 34.57 -25.34 -37.49
CA GLY G 113 35.26 -26.60 -37.25
C GLY G 113 35.89 -27.24 -38.47
N GLU G 114 36.40 -26.45 -39.41
CA GLU G 114 37.14 -27.01 -40.54
C GLU G 114 38.46 -27.59 -40.07
N THR G 115 38.92 -28.63 -40.78
CA THR G 115 40.31 -29.03 -40.64
C THR G 115 41.20 -28.04 -41.40
N GLU G 116 42.52 -28.16 -41.19
CA GLU G 116 43.45 -27.29 -41.90
C GLU G 116 43.35 -27.50 -43.42
N GLU G 117 43.19 -28.76 -43.84
CA GLU G 117 43.03 -29.05 -45.27
C GLU G 117 41.76 -28.42 -45.82
N GLU G 118 40.65 -28.57 -45.09
CA GLU G 118 39.39 -27.95 -45.51
C GLU G 118 39.51 -26.43 -45.55
N TYR G 119 40.24 -25.84 -44.59
CA TYR G 119 40.47 -24.40 -44.62
C TYR G 119 41.10 -23.98 -45.94
N GLU G 120 42.17 -24.67 -46.35
CA GLU G 120 42.82 -24.37 -47.62
C GLU G 120 41.89 -24.58 -48.80
N TRP G 121 41.11 -25.67 -48.77
CA TRP G 121 40.19 -25.97 -49.87
C TRP G 121 39.16 -24.87 -50.03
N CYS G 122 38.64 -24.32 -48.92
CA CYS G 122 37.64 -23.26 -49.01
C CYS G 122 38.20 -22.01 -49.68
N ILE G 123 39.42 -21.60 -49.30
CA ILE G 123 40.03 -20.45 -49.96
C ILE G 123 40.16 -20.70 -51.46
N GLU G 124 40.58 -21.91 -51.81
CA GLU G 124 40.74 -22.27 -53.22
CA GLU G 124 40.75 -22.22 -53.23
C GLU G 124 39.42 -22.23 -53.98
N GLN G 125 38.32 -22.56 -53.30
CA GLN G 125 37.02 -22.55 -53.98
C GLN G 125 36.56 -21.13 -54.30
N THR G 126 37.01 -20.13 -53.53
CA THR G 126 36.73 -18.76 -53.94
C THR G 126 37.58 -18.38 -55.15
N ILE G 127 38.84 -18.82 -55.16
CA ILE G 127 39.76 -18.47 -56.25
C ILE G 127 39.33 -19.12 -57.55
N LEU G 128 38.88 -20.38 -57.50
CA LEU G 128 38.54 -21.16 -58.68
C LEU G 128 37.03 -21.16 -58.89
N LYS G 129 36.61 -20.92 -60.13
CA LYS G 129 35.23 -21.16 -60.55
C LYS G 129 35.26 -22.14 -61.72
N ASP G 130 34.53 -23.25 -61.57
CA ASP G 130 34.51 -24.30 -62.58
C ASP G 130 35.90 -24.87 -62.84
N GLY G 131 36.72 -24.94 -61.78
CA GLY G 131 38.00 -25.58 -61.83
C GLY G 131 39.16 -24.70 -62.26
N GLN G 132 38.90 -23.46 -62.68
CA GLN G 132 39.89 -22.54 -63.20
C GLN G 132 39.72 -21.20 -62.52
N PRO G 133 40.76 -20.36 -62.52
CA PRO G 133 40.66 -19.06 -61.84
C PRO G 133 39.45 -18.24 -62.27
N TRP G 134 38.73 -17.74 -61.28
CA TRP G 134 37.70 -16.72 -61.47
C TRP G 134 38.33 -15.44 -62.01
N ASP G 135 37.53 -14.62 -62.67
CA ASP G 135 38.03 -13.35 -63.19
C ASP G 135 37.93 -12.26 -62.12
N ALA G 136 38.63 -12.50 -61.01
CA ALA G 136 38.65 -11.58 -59.89
C ALA G 136 39.35 -10.28 -60.27
N ASN G 137 38.95 -9.18 -59.62
CA ASN G 137 39.66 -7.93 -59.77
C ASN G 137 39.81 -7.15 -58.47
N MET G 138 39.37 -7.68 -57.33
CA MET G 138 39.56 -7.07 -56.02
C MET G 138 39.75 -8.15 -54.98
N VAL G 139 40.39 -7.78 -53.86
CA VAL G 139 40.65 -8.69 -52.75
C VAL G 139 40.30 -7.99 -51.44
N LEU G 140 39.56 -8.68 -50.57
CA LEU G 140 39.35 -8.29 -49.18
C LEU G 140 39.85 -9.42 -48.30
N ASP G 141 40.77 -9.11 -47.38
CA ASP G 141 41.48 -10.13 -46.62
C ASP G 141 41.54 -9.74 -45.15
N ASP G 142 41.75 -10.75 -44.29
CA ASP G 142 41.87 -10.57 -42.83
C ASP G 142 42.96 -11.53 -42.36
N GLY G 143 44.19 -11.05 -42.26
CA GLY G 143 45.31 -11.84 -41.81
C GLY G 143 46.31 -12.20 -42.90
N GLY G 144 45.95 -12.05 -44.18
CA GLY G 144 46.90 -12.20 -45.26
C GLY G 144 47.01 -13.59 -45.89
N ASP G 145 46.17 -14.55 -45.46
CA ASP G 145 46.28 -15.90 -46.03
C ASP G 145 45.89 -15.93 -47.50
N LEU G 146 44.78 -15.26 -47.85
CA LEU G 146 44.37 -15.20 -49.25
C LEU G 146 45.38 -14.43 -50.10
N THR G 147 45.87 -13.30 -49.57
CA THR G 147 46.89 -12.53 -50.27
C THR G 147 48.12 -13.38 -50.57
N GLU G 148 48.53 -14.20 -49.61
CA GLU G 148 49.73 -15.03 -49.78
C GLU G 148 49.51 -16.09 -50.86
N ILE G 149 48.36 -16.77 -50.83
CA ILE G 149 48.09 -17.83 -51.80
C ILE G 149 48.04 -17.25 -53.22
N LEU G 150 47.43 -16.07 -53.38
CA LEU G 150 47.40 -15.42 -54.68
C LEU G 150 48.81 -15.13 -55.18
N HIS G 151 49.66 -14.56 -54.31
CA HIS G 151 51.01 -14.20 -54.73
C HIS G 151 51.86 -15.42 -55.02
N LYS G 152 51.68 -16.50 -54.25
CA LYS G 152 52.52 -17.68 -54.40
C LYS G 152 52.03 -18.64 -55.47
N LYS G 153 50.71 -18.85 -55.56
CA LYS G 153 50.15 -19.92 -56.37
C LYS G 153 49.41 -19.43 -57.62
N TYR G 154 48.87 -18.21 -57.59
CA TYR G 154 48.11 -17.67 -58.72
C TYR G 154 48.56 -16.26 -59.09
N PRO G 155 49.87 -16.05 -59.28
CA PRO G 155 50.35 -14.68 -59.51
C PRO G 155 49.79 -14.04 -60.77
N GLN G 156 49.43 -14.85 -61.77
CA GLN G 156 48.79 -14.32 -62.98
C GLN G 156 47.53 -13.54 -62.66
N MET G 157 46.78 -13.97 -61.63
CA MET G 157 45.51 -13.32 -61.31
C MET G 157 45.72 -11.88 -60.84
N LEU G 158 46.86 -11.61 -60.20
CA LEU G 158 47.11 -10.29 -59.63
C LEU G 158 47.38 -9.23 -60.69
N GLU G 159 47.66 -9.64 -61.94
CA GLU G 159 47.80 -8.69 -63.03
C GLU G 159 46.48 -8.04 -63.42
N ARG G 160 45.37 -8.50 -62.88
CA ARG G 160 44.06 -7.91 -63.16
C ARG G 160 43.35 -7.43 -61.90
N ILE G 161 44.03 -7.43 -60.76
CA ILE G 161 43.43 -7.03 -59.48
C ILE G 161 43.85 -5.61 -59.17
N HIS G 162 42.88 -4.77 -58.82
CA HIS G 162 43.12 -3.35 -58.60
C HIS G 162 43.55 -3.02 -57.17
N GLY G 163 43.41 -3.92 -56.22
CA GLY G 163 43.83 -3.61 -54.88
C GLY G 163 43.42 -4.66 -53.87
N ILE G 164 44.00 -4.54 -52.68
CA ILE G 164 43.73 -5.38 -51.51
C ILE G 164 43.30 -4.46 -50.37
N THR G 165 42.25 -4.85 -49.65
CA THR G 165 41.84 -4.12 -48.46
C THR G 165 41.95 -5.06 -47.26
N GLU G 166 42.93 -4.80 -46.40
CA GLU G 166 43.34 -5.75 -45.36
C GLU G 166 42.85 -5.32 -43.99
N GLU G 167 42.26 -6.28 -43.26
CA GLU G 167 41.51 -5.96 -42.05
C GLU G 167 42.39 -5.73 -40.82
N THR G 168 43.44 -6.53 -40.63
CA THR G 168 43.98 -6.67 -39.27
C THR G 168 45.50 -6.45 -39.22
N THR G 169 45.98 -6.19 -37.99
CA THR G 169 47.37 -5.84 -37.72
C THR G 169 48.34 -6.83 -38.36
N THR G 170 48.09 -8.12 -38.16
CA THR G 170 49.01 -9.15 -38.66
C THR G 170 49.06 -9.16 -40.18
N GLY G 171 47.91 -9.02 -40.85
CA GLY G 171 47.90 -8.98 -42.29
C GLY G 171 48.60 -7.76 -42.85
N VAL G 172 48.44 -6.61 -42.17
CA VAL G 172 49.14 -5.40 -42.60
C VAL G 172 50.65 -5.59 -42.50
N HIS G 173 51.10 -6.24 -41.42
CA HIS G 173 52.53 -6.51 -41.27
C HIS G 173 53.06 -7.31 -42.45
N ARG G 174 52.30 -8.31 -42.90
CA ARG G 174 52.75 -9.13 -44.04
C ARG G 174 52.76 -8.31 -45.32
N LEU G 175 51.76 -7.45 -45.52
CA LEU G 175 51.74 -6.57 -46.68
C LEU G 175 52.98 -5.69 -46.71
N LEU G 176 53.39 -5.17 -45.54
CA LEU G 176 54.53 -4.25 -45.47
C LEU G 176 55.83 -4.98 -45.78
N ASP G 177 55.99 -6.20 -45.28
CA ASP G 177 57.16 -7.00 -45.63
C ASP G 177 57.24 -7.25 -47.13
N MET G 178 56.10 -7.48 -47.78
CA MET G 178 56.10 -7.71 -49.22
C MET G 178 56.49 -6.45 -49.98
N LEU G 179 55.93 -5.30 -49.58
CA LEU G 179 56.29 -4.04 -50.23
C LEU G 179 57.78 -3.76 -50.09
N LYS G 180 58.34 -4.02 -48.91
CA LYS G 180 59.77 -3.79 -48.70
C LYS G 180 60.61 -4.72 -49.56
N ASN G 181 60.19 -5.97 -49.73
CA ASN G 181 60.91 -6.94 -50.54
C ASN G 181 60.66 -6.78 -52.03
N GLY G 182 59.72 -5.92 -52.40
CA GLY G 182 59.37 -5.75 -53.80
C GLY G 182 58.51 -6.86 -54.38
N THR G 183 57.85 -7.65 -53.52
CA THR G 183 57.03 -8.76 -53.98
C THR G 183 55.53 -8.47 -53.94
N LEU G 184 55.11 -7.36 -53.35
CA LEU G 184 53.70 -6.99 -53.40
C LEU G 184 53.32 -6.58 -54.82
N LYS G 185 52.27 -7.19 -55.36
CA LYS G 185 51.93 -7.01 -56.78
C LYS G 185 50.85 -5.97 -57.03
N VAL G 186 50.08 -5.59 -56.01
CA VAL G 186 48.97 -4.63 -56.17
C VAL G 186 48.92 -3.75 -54.94
N PRO G 187 48.35 -2.54 -55.07
CA PRO G 187 48.27 -1.65 -53.92
C PRO G 187 47.28 -2.16 -52.89
N ALA G 188 47.37 -1.58 -51.68
CA ALA G 188 46.57 -2.04 -50.56
C ALA G 188 46.09 -0.84 -49.75
N ILE G 189 44.95 -1.01 -49.09
CA ILE G 189 44.54 -0.08 -48.05
C ILE G 189 44.63 -0.79 -46.70
N ASN G 190 45.39 -0.19 -45.80
CA ASN G 190 45.49 -0.62 -44.41
C ASN G 190 44.20 -0.21 -43.69
N VAL G 191 43.21 -1.11 -43.69
CA VAL G 191 41.95 -0.79 -43.00
C VAL G 191 42.16 -0.78 -41.48
N ASN G 192 43.13 -1.57 -40.99
CA ASN G 192 43.29 -1.72 -39.54
C ASN G 192 43.50 -0.38 -38.85
N ASP G 193 44.25 0.53 -39.46
CA ASP G 193 44.73 1.71 -38.75
C ASP G 193 43.86 2.95 -38.97
N SER G 194 42.63 2.79 -39.47
CA SER G 194 41.62 3.80 -39.20
C SER G 194 41.33 3.82 -37.70
N VAL G 195 41.10 5.01 -37.14
CA VAL G 195 40.82 5.07 -35.71
C VAL G 195 39.51 4.37 -35.40
N THR G 196 38.53 4.46 -36.31
CA THR G 196 37.27 3.73 -36.14
C THR G 196 37.42 2.25 -36.40
N LYS G 197 38.63 1.75 -36.64
CA LYS G 197 38.89 0.32 -36.64
C LYS G 197 39.81 -0.04 -35.48
N SER G 198 41.09 0.38 -35.51
CA SER G 198 42.06 -0.09 -34.51
C SER G 198 41.65 0.29 -33.09
N LYS G 199 41.24 1.53 -32.88
CA LYS G 199 40.88 2.01 -31.54
C LYS G 199 39.41 1.77 -31.21
N ASN G 200 38.74 0.92 -31.98
CA ASN G 200 37.34 0.56 -31.74
C ASN G 200 37.25 -0.96 -31.72
N ASP G 201 37.51 -1.56 -32.88
CA ASP G 201 37.49 -3.00 -33.07
C ASP G 201 38.54 -3.70 -32.20
N ASN G 202 39.81 -3.34 -32.38
CA ASN G 202 40.89 -4.09 -31.73
C ASN G 202 40.79 -4.00 -30.21
N LYS G 203 40.42 -2.83 -29.70
CA LYS G 203 40.39 -2.61 -28.25
C LYS G 203 39.02 -2.92 -27.66
N TYR G 204 38.00 -2.12 -28.03
CA TYR G 204 36.68 -2.29 -27.43
C TYR G 204 36.07 -3.64 -27.80
N GLY G 205 36.32 -4.11 -29.03
CA GLY G 205 35.78 -5.41 -29.42
C GLY G 205 36.24 -6.52 -28.51
N CYS G 206 37.54 -6.56 -28.21
CA CYS G 206 38.06 -7.62 -27.32
C CYS G 206 37.59 -7.41 -25.89
N ARG G 207 37.38 -6.16 -25.48
CA ARG G 207 36.77 -5.92 -24.17
C ARG G 207 35.42 -6.60 -24.06
N HIS G 208 34.61 -6.52 -25.12
CA HIS G 208 33.28 -7.14 -25.09
C HIS G 208 33.38 -8.65 -25.17
N SER G 209 34.21 -9.18 -26.08
CA SER G 209 34.12 -10.58 -26.47
C SER G 209 35.13 -11.51 -25.77
N LEU G 210 36.15 -10.99 -25.09
CA LEU G 210 37.09 -11.90 -24.41
C LEU G 210 36.43 -12.60 -23.23
N ASN G 211 35.91 -11.84 -22.25
CA ASN G 211 35.29 -12.51 -21.11
CA ASN G 211 35.26 -12.48 -21.11
C ASN G 211 34.04 -13.26 -21.55
N ASP G 212 33.38 -12.81 -22.62
CA ASP G 212 32.27 -13.54 -23.22
C ASP G 212 32.70 -14.97 -23.59
N ALA G 213 33.78 -15.08 -24.36
CA ALA G 213 34.24 -16.40 -24.81
C ALA G 213 34.68 -17.28 -23.63
N ILE G 214 35.32 -16.68 -22.63
CA ILE G 214 35.76 -17.46 -21.47
C ILE G 214 34.56 -18.01 -20.70
N LYS G 215 33.52 -17.20 -20.53
CA LYS G 215 32.32 -17.67 -19.83
C LYS G 215 31.62 -18.79 -20.61
N ARG G 216 31.46 -18.59 -21.93
CA ARG G 216 30.80 -19.62 -22.73
C ARG G 216 31.59 -20.93 -22.71
N GLY G 217 32.93 -20.83 -22.72
CA GLY G 217 33.76 -22.03 -22.75
C GLY G 217 33.85 -22.77 -21.43
N THR G 218 34.05 -22.03 -20.33
CA THR G 218 34.30 -22.61 -19.03
C THR G 218 33.22 -22.33 -17.98
N ASP G 219 32.45 -21.25 -18.14
CA ASP G 219 31.54 -20.78 -17.10
C ASP G 219 32.25 -20.56 -15.77
N HIS G 220 33.55 -20.24 -15.82
CA HIS G 220 34.33 -19.94 -14.63
C HIS G 220 34.01 -18.56 -14.08
N LEU G 221 33.85 -18.47 -12.76
CA LEU G 221 33.93 -17.18 -12.11
C LEU G 221 35.30 -16.57 -12.37
N LEU G 222 35.33 -15.28 -12.68
CA LEU G 222 36.58 -14.57 -12.89
C LEU G 222 36.95 -13.63 -11.75
N SER G 223 35.96 -13.10 -11.04
CA SER G 223 36.23 -12.20 -9.92
C SER G 223 37.10 -12.88 -8.87
N GLY G 224 38.08 -12.14 -8.36
CA GLY G 224 38.97 -12.62 -7.33
C GLY G 224 40.11 -13.49 -7.80
N LYS G 225 40.16 -13.84 -9.09
CA LYS G 225 41.20 -14.71 -9.60
C LYS G 225 42.31 -13.92 -10.30
N GLN G 226 43.41 -14.61 -10.57
CA GLN G 226 44.62 -14.00 -11.10
C GLN G 226 44.76 -14.27 -12.59
N ALA G 227 44.99 -13.21 -13.36
CA ALA G 227 45.16 -13.29 -14.80
C ALA G 227 46.50 -12.68 -15.20
N LEU G 228 47.08 -13.24 -16.26
CA LEU G 228 48.29 -12.71 -16.87
C LEU G 228 48.00 -12.48 -18.35
N VAL G 229 48.05 -11.24 -18.79
CA VAL G 229 47.83 -10.89 -20.19
C VAL G 229 49.19 -10.62 -20.82
N ILE G 230 49.52 -11.36 -21.87
CA ILE G 230 50.78 -11.16 -22.59
C ILE G 230 50.51 -10.13 -23.68
N GLY G 231 51.02 -8.92 -23.51
CA GLY G 231 50.87 -7.88 -24.50
C GLY G 231 49.91 -6.80 -24.03
N TYR G 232 50.20 -5.57 -24.44
CA TYR G 232 49.36 -4.42 -24.07
C TYR G 232 49.29 -3.43 -25.23
N GLY G 233 49.18 -3.95 -26.46
CA GLY G 233 48.77 -3.14 -27.59
C GLY G 233 47.27 -2.91 -27.55
N ASP G 234 46.63 -2.76 -28.72
CA ASP G 234 45.19 -2.50 -28.72
C ASP G 234 44.42 -3.70 -28.21
N VAL G 235 44.71 -4.89 -28.72
CA VAL G 235 44.06 -6.10 -28.26
C VAL G 235 44.36 -6.34 -26.77
N GLY G 236 45.62 -6.09 -26.38
CA GLY G 236 46.00 -6.30 -24.98
C GLY G 236 45.31 -5.33 -24.04
N LYS G 237 45.19 -4.06 -24.43
CA LYS G 237 44.47 -3.10 -23.61
C LYS G 237 43.02 -3.52 -23.41
N GLY G 238 42.34 -3.88 -24.49
CA GLY G 238 40.94 -4.28 -24.38
C GLY G 238 40.76 -5.61 -23.66
N SER G 239 41.69 -6.53 -23.86
CA SER G 239 41.62 -7.80 -23.13
C SER G 239 41.83 -7.60 -21.65
N SER G 240 42.78 -6.75 -21.26
CA SER G 240 43.01 -6.46 -19.84
C SER G 240 41.76 -5.85 -19.21
N GLN G 241 41.11 -4.93 -19.92
CA GLN G 241 39.90 -4.31 -19.37
C GLN G 241 38.78 -5.33 -19.27
N SER G 242 38.64 -6.20 -20.27
CA SER G 242 37.65 -7.27 -20.23
C SER G 242 37.74 -8.07 -18.93
N LEU G 243 38.95 -8.37 -18.47
CA LEU G 243 39.11 -9.19 -17.27
C LEU G 243 39.02 -8.35 -16.00
N ARG G 244 39.70 -7.20 -15.98
CA ARG G 244 39.69 -6.34 -14.79
C ARG G 244 38.28 -5.90 -14.42
N GLN G 245 37.46 -5.58 -15.43
CA GLN G 245 36.11 -5.11 -15.14
C GLN G 245 35.24 -6.21 -14.54
N GLU G 246 35.62 -7.48 -14.74
CA GLU G 246 34.96 -8.60 -14.08
C GLU G 246 35.48 -8.82 -12.65
N GLY G 247 36.53 -8.12 -12.24
CA GLY G 247 37.09 -8.29 -10.92
C GLY G 247 38.32 -9.18 -10.83
N MET G 248 38.92 -9.54 -11.97
CA MET G 248 40.18 -10.27 -11.92
C MET G 248 41.31 -9.38 -11.42
N ILE G 249 42.31 -10.00 -10.80
CA ILE G 249 43.57 -9.33 -10.50
C ILE G 249 44.48 -9.56 -11.69
N VAL G 250 44.71 -8.51 -12.48
CA VAL G 250 45.33 -8.65 -13.80
C VAL G 250 46.77 -8.14 -13.75
N LYS G 251 47.69 -9.00 -14.17
CA LYS G 251 49.08 -8.65 -14.39
C LYS G 251 49.35 -8.63 -15.89
N VAL G 252 50.22 -7.72 -16.34
CA VAL G 252 50.47 -7.48 -17.75
C VAL G 252 51.95 -7.69 -18.05
N ALA G 253 52.26 -8.30 -19.20
CA ALA G 253 53.62 -8.41 -19.70
C ALA G 253 53.77 -7.66 -21.02
N GLU G 254 54.93 -7.06 -21.24
CA GLU G 254 55.20 -6.32 -22.47
C GLU G 254 56.68 -6.35 -22.77
N VAL G 255 57.01 -6.24 -24.07
CA VAL G 255 58.36 -5.90 -24.49
C VAL G 255 58.51 -4.42 -24.81
N ASP G 256 57.40 -3.69 -25.00
CA ASP G 256 57.45 -2.28 -25.38
C ASP G 256 57.29 -1.44 -24.12
N PRO G 257 58.31 -0.68 -23.71
CA PRO G 257 58.19 0.06 -22.44
C PRO G 257 57.17 1.18 -22.47
N ILE G 258 56.82 1.72 -23.64
CA ILE G 258 55.75 2.71 -23.69
C ILE G 258 54.41 2.06 -23.38
N CYS G 259 54.14 0.90 -23.97
CA CYS G 259 52.91 0.19 -23.65
C CYS G 259 52.91 -0.26 -22.19
N ALA G 260 54.06 -0.68 -21.68
CA ALA G 260 54.15 -1.06 -20.26
C ALA G 260 53.84 0.12 -19.35
N MET G 261 54.34 1.32 -19.70
N MET G 261 54.34 1.32 -19.70
CA MET G 261 54.02 2.51 -18.94
CA MET G 261 54.01 2.51 -18.94
C MET G 261 52.51 2.74 -18.88
C MET G 261 52.50 2.72 -18.87
N GLN G 262 51.83 2.58 -20.01
CA GLN G 262 50.37 2.72 -20.04
C GLN G 262 49.70 1.73 -19.09
N ALA G 263 50.20 0.48 -19.06
CA ALA G 263 49.60 -0.53 -18.18
C ALA G 263 49.80 -0.15 -16.72
N CYS G 264 50.97 0.39 -16.37
CA CYS G 264 51.18 0.84 -15.01
C CYS G 264 50.19 1.93 -14.64
N MET G 265 50.08 2.97 -15.48
CA MET G 265 49.20 4.09 -15.20
C MET G 265 47.73 3.66 -15.22
N ASP G 266 47.39 2.63 -15.97
CA ASP G 266 46.02 2.11 -15.97
C ASP G 266 45.72 1.26 -14.75
N GLY G 267 46.68 1.09 -13.85
CA GLY G 267 46.43 0.36 -12.63
C GLY G 267 46.77 -1.11 -12.67
N PHE G 268 47.72 -1.53 -13.51
CA PHE G 268 48.14 -2.91 -13.59
C PHE G 268 49.59 -3.05 -13.14
N GLU G 269 49.88 -4.21 -12.55
CA GLU G 269 51.25 -4.61 -12.24
C GLU G 269 51.90 -5.23 -13.47
N VAL G 270 53.07 -4.72 -13.86
CA VAL G 270 53.74 -5.19 -15.06
C VAL G 270 54.81 -6.20 -14.66
N VAL G 271 54.65 -7.44 -15.13
CA VAL G 271 55.51 -8.56 -14.75
C VAL G 271 56.00 -9.25 -16.01
N SER G 272 57.02 -10.09 -15.84
CA SER G 272 57.51 -10.90 -16.93
C SER G 272 57.48 -12.38 -16.55
N PRO G 273 57.13 -13.27 -17.48
CA PRO G 273 57.22 -14.70 -17.18
C PRO G 273 58.64 -15.16 -16.87
N TYR G 274 59.65 -14.38 -17.23
CA TYR G 274 61.05 -14.74 -17.07
C TYR G 274 61.71 -13.84 -16.04
N LYS G 275 62.63 -14.41 -15.26
CA LYS G 275 63.34 -13.65 -14.24
C LYS G 275 64.12 -12.52 -14.88
N ASN G 276 63.93 -11.30 -14.37
CA ASN G 276 64.53 -10.09 -14.93
C ASN G 276 64.19 -9.91 -16.41
N GLY G 277 63.17 -10.61 -16.89
CA GLY G 277 62.72 -10.51 -18.26
C GLY G 277 63.59 -11.20 -19.29
N ILE G 278 64.51 -12.05 -18.87
CA ILE G 278 65.49 -12.65 -19.77
C ILE G 278 65.08 -14.09 -20.03
N ASN G 279 64.65 -14.36 -21.26
CA ASN G 279 64.26 -15.70 -21.70
C ASN G 279 65.48 -16.37 -22.34
N ASP G 280 66.16 -17.22 -21.56
CA ASP G 280 67.36 -17.89 -22.03
C ASP G 280 67.10 -19.32 -22.49
N GLY G 281 65.84 -19.71 -22.63
CA GLY G 281 65.48 -21.04 -23.08
C GLY G 281 65.52 -22.12 -22.02
N THR G 282 65.80 -21.78 -20.77
CA THR G 282 65.89 -22.76 -19.70
C THR G 282 64.72 -22.63 -18.75
N GLU G 283 64.43 -23.72 -18.05
CA GLU G 283 63.43 -23.67 -16.99
C GLU G 283 63.90 -22.77 -15.85
N ALA G 284 65.22 -22.64 -15.67
CA ALA G 284 65.75 -21.77 -14.63
C ALA G 284 65.29 -20.33 -14.81
N SER G 285 65.05 -19.91 -16.05
CA SER G 285 64.66 -18.53 -16.31
C SER G 285 63.18 -18.26 -16.02
N ILE G 286 62.37 -19.30 -15.84
CA ILE G 286 60.95 -19.11 -15.62
C ILE G 286 60.70 -18.67 -14.18
N ASP G 287 59.97 -17.58 -14.00
CA ASP G 287 59.49 -17.18 -12.69
C ASP G 287 58.40 -18.17 -12.26
N ALA G 288 58.81 -19.28 -11.65
CA ALA G 288 57.86 -20.34 -11.33
C ALA G 288 56.88 -19.89 -10.25
N ALA G 289 57.30 -19.01 -9.34
CA ALA G 289 56.40 -18.55 -8.28
C ALA G 289 55.28 -17.69 -8.83
N LEU G 290 55.61 -16.82 -9.80
CA LEU G 290 54.58 -16.01 -10.45
C LEU G 290 53.60 -16.88 -11.23
N LEU G 291 54.11 -17.76 -12.10
CA LEU G 291 53.21 -18.54 -12.95
C LEU G 291 52.41 -19.57 -12.15
N GLY G 292 52.96 -20.06 -11.05
CA GLY G 292 52.19 -20.95 -10.18
C GLY G 292 51.01 -20.31 -9.48
N LYS G 293 50.81 -19.01 -9.66
CA LYS G 293 49.68 -18.27 -9.08
C LYS G 293 48.65 -17.83 -10.10
N ILE G 294 48.86 -18.14 -11.38
CA ILE G 294 48.07 -17.58 -12.48
C ILE G 294 46.92 -18.54 -12.80
N ASP G 295 45.69 -18.04 -12.77
CA ASP G 295 44.51 -18.83 -13.11
C ASP G 295 44.12 -18.73 -14.59
N LEU G 296 44.61 -17.72 -15.31
CA LEU G 296 44.24 -17.49 -16.69
C LEU G 296 45.35 -16.72 -17.38
N ILE G 297 45.79 -17.21 -18.53
CA ILE G 297 46.77 -16.50 -19.35
C ILE G 297 46.18 -16.28 -20.73
N VAL G 298 46.38 -15.08 -21.27
CA VAL G 298 45.79 -14.63 -22.53
C VAL G 298 46.90 -13.99 -23.36
N THR G 299 47.09 -14.46 -24.59
CA THR G 299 48.10 -13.92 -25.49
C THR G 299 47.46 -12.99 -26.50
N THR G 300 48.08 -11.80 -26.70
CA THR G 300 47.49 -10.73 -27.51
C THR G 300 48.50 -10.05 -28.44
N THR G 301 49.58 -10.72 -28.80
CA THR G 301 50.78 -10.04 -29.30
C THR G 301 50.93 -10.02 -30.82
N GLY G 302 50.38 -11.01 -31.52
CA GLY G 302 50.75 -11.16 -32.92
C GLY G 302 52.14 -11.70 -33.13
N ASN G 303 52.82 -12.09 -32.06
CA ASN G 303 54.18 -12.61 -32.07
C ASN G 303 54.13 -14.14 -31.97
N VAL G 304 55.30 -14.77 -31.89
CA VAL G 304 55.40 -16.22 -31.90
C VAL G 304 55.91 -16.71 -30.56
N ASN G 305 55.25 -17.74 -30.02
CA ASN G 305 55.71 -18.47 -28.84
C ASN G 305 55.91 -17.53 -27.64
N VAL G 306 54.91 -16.68 -27.38
CA VAL G 306 54.95 -15.81 -26.20
C VAL G 306 54.39 -16.49 -24.97
N CYS G 307 53.78 -17.67 -25.11
CA CYS G 307 53.42 -18.56 -24.01
C CYS G 307 54.05 -19.90 -24.36
N ASP G 308 55.28 -20.13 -23.88
CA ASP G 308 56.08 -21.23 -24.39
C ASP G 308 55.95 -22.48 -23.51
N ALA G 309 56.65 -23.53 -23.91
CA ALA G 309 56.50 -24.83 -23.24
C ALA G 309 56.87 -24.75 -21.76
N ASN G 310 57.95 -24.03 -21.43
CA ASN G 310 58.37 -23.92 -20.05
C ASN G 310 57.36 -23.13 -19.22
N MET G 311 56.75 -22.11 -19.81
CA MET G 311 55.67 -21.41 -19.11
C MET G 311 54.48 -22.35 -18.86
N LEU G 312 54.11 -23.13 -19.87
CA LEU G 312 53.00 -24.06 -19.72
C LEU G 312 53.25 -25.08 -18.63
N LYS G 313 54.48 -25.58 -18.54
CA LYS G 313 54.83 -26.53 -17.48
C LYS G 313 54.73 -25.90 -16.10
N ALA G 314 54.97 -24.59 -15.99
CA ALA G 314 55.01 -23.92 -14.70
C ALA G 314 53.68 -23.34 -14.27
N LEU G 315 52.68 -23.30 -15.15
CA LEU G 315 51.39 -22.70 -14.78
C LEU G 315 50.74 -23.45 -13.61
N LYS G 316 49.98 -22.70 -12.81
CA LYS G 316 49.15 -23.27 -11.75
C LYS G 316 48.23 -24.34 -12.32
N LYS G 317 48.04 -25.41 -11.55
CA LYS G 317 47.11 -26.46 -11.94
C LYS G 317 45.73 -25.87 -12.23
N ARG G 318 45.11 -26.35 -13.32
CA ARG G 318 43.75 -26.04 -13.75
C ARG G 318 43.60 -24.62 -14.31
N ALA G 319 44.71 -23.96 -14.63
CA ALA G 319 44.65 -22.65 -15.27
C ALA G 319 44.08 -22.76 -16.68
N VAL G 320 43.44 -21.68 -17.11
CA VAL G 320 42.91 -21.58 -18.46
C VAL G 320 43.94 -20.88 -19.34
N VAL G 321 44.17 -21.44 -20.54
CA VAL G 321 45.12 -20.91 -21.51
C VAL G 321 44.34 -20.56 -22.77
N CYS G 322 44.56 -19.36 -23.32
CA CYS G 322 43.88 -18.99 -24.56
C CYS G 322 44.62 -17.85 -25.26
N ASN G 323 44.29 -17.68 -26.55
CA ASN G 323 44.92 -16.73 -27.45
C ASN G 323 43.86 -15.91 -28.16
N ILE G 324 44.08 -14.60 -28.26
CA ILE G 324 43.14 -13.73 -28.96
C ILE G 324 43.91 -12.94 -30.03
N GLY G 325 45.17 -13.32 -30.27
CA GLY G 325 45.87 -12.87 -31.46
C GLY G 325 45.39 -13.63 -32.68
N HIS G 326 45.93 -13.25 -33.85
CA HIS G 326 45.36 -13.77 -35.10
C HIS G 326 45.71 -15.24 -35.32
N PHE G 327 46.93 -15.65 -34.98
CA PHE G 327 47.40 -17.00 -35.28
C PHE G 327 47.66 -17.74 -33.97
N ASP G 328 47.61 -19.07 -34.05
CA ASP G 328 47.72 -19.91 -32.85
C ASP G 328 49.15 -20.16 -32.41
N ASN G 329 50.16 -19.78 -33.18
CA ASN G 329 51.53 -20.02 -32.73
C ASN G 329 51.96 -19.10 -31.59
N GLU G 330 51.09 -18.22 -31.08
CA GLU G 330 51.45 -17.47 -29.88
C GLU G 330 51.65 -18.40 -28.69
N ILE G 331 50.93 -19.52 -28.67
CA ILE G 331 51.05 -20.54 -27.63
C ILE G 331 51.75 -21.75 -28.27
N ASP G 332 52.61 -22.41 -27.50
CA ASP G 332 53.28 -23.62 -28.00
C ASP G 332 52.35 -24.81 -27.82
N THR G 333 51.27 -24.82 -28.60
CA THR G 333 50.35 -25.95 -28.57
C THR G 333 50.97 -27.19 -29.19
N ALA G 334 51.89 -27.02 -30.16
CA ALA G 334 52.58 -28.17 -30.72
C ALA G 334 53.28 -28.97 -29.64
N PHE G 335 53.97 -28.28 -28.72
CA PHE G 335 54.58 -28.97 -27.57
C PHE G 335 53.54 -29.76 -26.80
N MET G 336 52.34 -29.19 -26.62
CA MET G 336 51.32 -29.87 -25.82
C MET G 336 50.76 -31.08 -26.55
N ARG G 337 50.70 -31.05 -27.88
CA ARG G 337 50.26 -32.22 -28.63
C ARG G 337 51.28 -33.35 -28.54
N LYS G 338 52.57 -33.01 -28.52
CA LYS G 338 53.61 -34.04 -28.55
C LYS G 338 53.75 -34.74 -27.22
N ASN G 339 53.45 -34.07 -26.11
CA ASN G 339 53.81 -34.57 -24.79
C ASN G 339 52.64 -34.89 -23.87
N TRP G 340 51.49 -34.22 -24.02
CA TRP G 340 50.43 -34.29 -23.04
C TRP G 340 49.15 -34.84 -23.65
N ALA G 341 48.30 -35.41 -22.79
CA ALA G 341 47.08 -36.06 -23.22
C ALA G 341 45.93 -35.05 -23.25
N TRP G 342 45.27 -34.93 -24.40
CA TRP G 342 44.17 -34.00 -24.58
C TRP G 342 42.85 -34.71 -24.35
N GLU G 343 41.95 -34.04 -23.61
CA GLU G 343 40.61 -34.55 -23.33
C GLU G 343 39.61 -33.46 -23.73
N GLU G 344 38.82 -33.73 -24.76
CA GLU G 344 37.78 -32.78 -25.15
C GLU G 344 36.69 -32.75 -24.10
N VAL G 345 36.43 -31.55 -23.56
CA VAL G 345 35.26 -31.35 -22.70
C VAL G 345 34.03 -31.12 -23.55
N LYS G 346 34.13 -30.19 -24.49
CA LYS G 346 33.14 -29.95 -25.53
C LYS G 346 33.87 -29.26 -26.67
N PRO G 347 33.22 -29.09 -27.83
CA PRO G 347 33.91 -28.45 -28.95
C PRO G 347 34.61 -27.16 -28.53
N GLN G 348 35.88 -27.03 -28.93
CA GLN G 348 36.74 -25.88 -28.64
C GLN G 348 37.07 -25.72 -27.16
N VAL G 349 36.90 -26.77 -26.36
CA VAL G 349 37.33 -26.74 -24.95
C VAL G 349 38.00 -28.09 -24.65
N HIS G 350 39.29 -28.06 -24.34
CA HIS G 350 40.07 -29.27 -24.08
C HIS G 350 40.78 -29.17 -22.74
N LYS G 351 40.81 -30.28 -22.01
CA LYS G 351 41.70 -30.43 -20.86
C LYS G 351 42.98 -31.10 -21.33
N ILE G 352 44.11 -30.52 -20.96
CA ILE G 352 45.42 -31.00 -21.39
C ILE G 352 46.13 -31.51 -20.15
N HIS G 353 46.23 -32.83 -20.01
CA HIS G 353 46.73 -33.49 -18.82
C HIS G 353 48.25 -33.58 -18.88
N ARG G 354 48.92 -32.90 -17.94
CA ARG G 354 50.37 -32.84 -17.91
C ARG G 354 50.99 -34.07 -17.26
N THR G 355 50.20 -35.10 -16.98
CA THR G 355 50.71 -36.34 -16.41
C THR G 355 51.36 -37.27 -17.43
N GLY G 356 51.21 -37.00 -18.72
CA GLY G 356 51.84 -37.83 -19.73
C GLY G 356 51.06 -37.79 -21.03
N LYS G 357 51.57 -38.53 -22.00
CA LYS G 357 51.00 -38.57 -23.34
C LYS G 357 50.00 -39.70 -23.52
N ASP G 358 50.21 -40.84 -22.87
CA ASP G 358 49.42 -42.05 -23.12
C ASP G 358 48.23 -42.08 -22.17
N GLY G 359 47.12 -41.51 -22.62
CA GLY G 359 45.89 -41.52 -21.84
C GLY G 359 45.99 -40.66 -20.59
N PHE G 360 44.92 -40.70 -19.81
CA PHE G 360 44.81 -39.86 -18.62
C PHE G 360 43.84 -40.49 -17.63
N ASP G 361 43.96 -40.08 -16.38
CA ASP G 361 42.94 -40.37 -15.38
C ASP G 361 41.85 -39.32 -15.49
N ALA G 362 40.60 -39.77 -15.51
CA ALA G 362 39.48 -38.84 -15.64
C ALA G 362 39.35 -37.92 -14.43
N HIS G 363 39.94 -38.29 -13.29
CA HIS G 363 39.90 -37.47 -12.08
C HIS G 363 41.26 -36.86 -11.76
N ASN G 364 42.14 -36.76 -12.75
CA ASN G 364 43.44 -36.13 -12.57
C ASN G 364 43.25 -34.64 -12.33
N ASP G 365 44.01 -34.10 -11.37
CA ASP G 365 43.91 -32.69 -11.06
C ASP G 365 44.93 -31.83 -11.80
N ASP G 366 45.97 -32.42 -12.36
CA ASP G 366 47.05 -31.65 -12.97
C ASP G 366 46.80 -31.52 -14.48
N TYR G 367 45.98 -30.54 -14.83
CA TYR G 367 45.66 -30.27 -16.23
C TYR G 367 45.51 -28.78 -16.44
N LEU G 368 45.57 -28.36 -17.70
CA LEU G 368 45.21 -27.03 -18.13
C LEU G 368 43.98 -27.12 -19.02
N ILE G 369 43.26 -26.02 -19.15
CA ILE G 369 42.12 -25.95 -20.05
C ILE G 369 42.49 -25.00 -21.19
N LEU G 370 42.61 -25.57 -22.39
CA LEU G 370 42.92 -24.81 -23.59
C LEU G 370 41.63 -24.53 -24.34
N LEU G 371 41.43 -23.28 -24.74
CA LEU G 371 40.23 -22.87 -25.45
C LEU G 371 40.52 -22.71 -26.94
N ALA G 372 39.59 -23.20 -27.77
CA ALA G 372 39.65 -23.06 -29.23
C ALA G 372 40.97 -23.59 -29.81
N GLU G 373 41.60 -24.53 -29.10
CA GLU G 373 42.87 -25.12 -29.52
C GLU G 373 43.92 -24.06 -29.83
N GLY G 374 43.85 -22.92 -29.14
CA GLY G 374 44.79 -21.85 -29.33
C GLY G 374 44.46 -20.89 -30.45
N ARG G 375 43.36 -21.10 -31.17
CA ARG G 375 42.90 -20.15 -32.18
C ARG G 375 42.21 -18.97 -31.51
N LEU G 376 41.96 -17.90 -32.28
CA LEU G 376 41.31 -16.70 -31.79
C LEU G 376 40.14 -17.06 -30.88
N VAL G 377 40.25 -16.74 -29.59
CA VAL G 377 39.30 -17.30 -28.62
C VAL G 377 37.96 -16.59 -28.70
N ASN G 378 37.94 -15.28 -28.97
CA ASN G 378 36.66 -14.58 -28.99
C ASN G 378 35.76 -15.11 -30.12
N LEU G 379 36.36 -15.39 -31.28
CA LEU G 379 35.56 -15.95 -32.37
C LEU G 379 35.40 -17.46 -32.25
N GLY G 380 36.36 -18.13 -31.61
CA GLY G 380 36.30 -19.59 -31.52
C GLY G 380 35.29 -20.10 -30.52
N ASN G 381 35.19 -19.45 -29.36
CA ASN G 381 34.32 -19.89 -28.29
C ASN G 381 33.09 -19.01 -28.10
N ALA G 382 32.99 -17.89 -28.81
CA ALA G 382 31.80 -17.05 -28.77
C ALA G 382 31.48 -16.59 -30.19
N THR G 383 31.10 -15.31 -30.37
CA THR G 383 30.75 -14.81 -31.70
C THR G 383 31.61 -13.62 -32.11
N GLY G 384 32.78 -13.45 -31.48
CA GLY G 384 33.61 -12.30 -31.78
C GLY G 384 32.96 -10.99 -31.36
N HIS G 385 33.38 -9.92 -32.05
CA HIS G 385 32.95 -8.58 -31.71
C HIS G 385 31.46 -8.38 -32.02
N PRO G 386 30.79 -7.50 -31.29
CA PRO G 386 29.38 -7.21 -31.58
C PRO G 386 29.21 -6.38 -32.84
N SER G 387 28.00 -6.45 -33.40
CA SER G 387 27.67 -5.76 -34.64
C SER G 387 27.99 -4.27 -34.58
N ARG G 388 27.59 -3.61 -33.48
CA ARG G 388 27.77 -2.15 -33.42
C ARG G 388 29.24 -1.75 -33.41
N ILE G 389 30.15 -2.62 -32.98
CA ILE G 389 31.57 -2.33 -33.10
C ILE G 389 32.07 -2.62 -34.50
N MET G 390 31.71 -3.77 -35.07
CA MET G 390 32.15 -4.12 -36.42
C MET G 390 31.59 -3.18 -37.47
N ASP G 391 30.47 -2.50 -37.17
CA ASP G 391 29.97 -1.43 -38.03
C ASP G 391 31.07 -0.49 -38.47
N GLY G 392 31.94 -0.11 -37.53
CA GLY G 392 33.03 0.81 -37.86
C GLY G 392 34.08 0.19 -38.77
N SER G 393 34.52 -1.03 -38.44
CA SER G 393 35.52 -1.70 -39.27
C SER G 393 35.00 -1.90 -40.69
N PHE G 394 33.74 -2.29 -40.82
CA PHE G 394 33.21 -2.70 -42.11
C PHE G 394 32.75 -1.51 -42.95
N ALA G 395 32.43 -0.37 -42.34
CA ALA G 395 32.26 0.84 -43.12
C ALA G 395 33.58 1.24 -43.77
N ASN G 396 34.68 1.15 -43.01
CA ASN G 396 36.00 1.39 -43.58
C ASN G 396 36.30 0.43 -44.73
N GLN G 397 35.98 -0.86 -44.56
CA GLN G 397 36.22 -1.82 -45.63
C GLN G 397 35.52 -1.40 -46.91
N VAL G 398 34.25 -0.98 -46.80
CA VAL G 398 33.47 -0.65 -47.99
C VAL G 398 34.06 0.58 -48.67
N LEU G 399 34.39 1.62 -47.89
CA LEU G 399 35.02 2.79 -48.45
C LEU G 399 36.34 2.45 -49.14
N ALA G 400 37.13 1.56 -48.53
CA ALA G 400 38.40 1.16 -49.11
C ALA G 400 38.19 0.38 -50.41
N GLN G 401 37.21 -0.53 -50.44
CA GLN G 401 36.92 -1.26 -51.67
C GLN G 401 36.51 -0.32 -52.79
N ILE G 402 35.71 0.70 -52.48
CA ILE G 402 35.26 1.63 -53.50
C ILE G 402 36.44 2.45 -54.04
N HIS G 403 37.34 2.88 -53.17
CA HIS G 403 38.46 3.71 -53.61
C HIS G 403 39.40 2.95 -54.54
N LEU G 404 39.82 1.75 -54.13
CA LEU G 404 40.77 1.00 -54.95
C LEU G 404 40.13 0.55 -56.27
N PHE G 405 38.88 0.12 -56.23
CA PHE G 405 38.22 -0.32 -57.45
C PHE G 405 38.07 0.82 -58.45
N GLU G 406 37.69 2.00 -57.98
CA GLU G 406 37.56 3.14 -58.88
C GLU G 406 38.92 3.62 -59.39
N GLN G 407 40.00 3.35 -58.66
CA GLN G 407 41.33 3.74 -59.13
C GLN G 407 41.78 2.90 -60.32
N LYS G 408 41.32 1.64 -60.41
CA LYS G 408 41.60 0.78 -61.56
C LYS G 408 43.10 0.59 -61.79
N TYR G 409 43.83 0.33 -60.69
CA TYR G 409 45.29 0.22 -60.75
C TYR G 409 45.77 -0.71 -61.85
N ALA G 410 45.12 -1.86 -62.01
CA ALA G 410 45.61 -2.88 -62.94
C ALA G 410 45.70 -2.35 -64.37
N ASP G 411 44.87 -1.37 -64.73
CA ASP G 411 44.78 -0.90 -66.10
C ASP G 411 45.60 0.36 -66.36
N LEU G 412 46.34 0.85 -65.37
CA LEU G 412 47.17 2.03 -65.56
C LEU G 412 48.45 1.69 -66.33
N PRO G 413 49.04 2.68 -66.99
CA PRO G 413 50.42 2.50 -67.46
C PRO G 413 51.34 2.18 -66.28
N ALA G 414 52.32 1.31 -66.52
CA ALA G 414 53.18 0.86 -65.43
C ALA G 414 53.92 2.01 -64.77
N ALA G 415 54.23 3.06 -65.53
CA ALA G 415 54.84 4.25 -64.94
C ALA G 415 53.92 4.91 -63.92
N GLU G 416 52.61 4.87 -64.15
CA GLU G 416 51.66 5.34 -63.15
C GLU G 416 51.50 4.35 -62.01
N LYS G 417 51.48 3.05 -62.33
CA LYS G 417 51.42 2.02 -61.28
C LYS G 417 52.54 2.21 -60.27
N ALA G 418 53.75 2.49 -60.75
CA ALA G 418 54.89 2.65 -59.85
C ALA G 418 54.64 3.73 -58.81
N LYS G 419 53.86 4.76 -59.15
CA LYS G 419 53.57 5.82 -58.20
C LYS G 419 52.45 5.44 -57.23
N ARG G 420 51.61 4.46 -57.58
CA ARG G 420 50.47 4.10 -56.74
C ARG G 420 50.63 2.76 -56.04
N LEU G 421 51.78 2.09 -56.19
CA LEU G 421 52.01 0.79 -55.54
C LEU G 421 52.47 1.05 -54.11
N SER G 422 51.51 1.04 -53.18
CA SER G 422 51.78 1.41 -51.80
C SER G 422 50.76 0.74 -50.88
N VAL G 423 50.99 0.87 -49.57
CA VAL G 423 50.07 0.46 -48.54
C VAL G 423 49.66 1.72 -47.79
N GLU G 424 48.39 2.10 -47.89
CA GLU G 424 47.91 3.38 -47.36
C GLU G 424 46.71 3.18 -46.45
N VAL G 425 46.39 4.23 -45.70
CA VAL G 425 45.17 4.26 -44.89
C VAL G 425 44.20 5.26 -45.52
N LEU G 426 42.94 5.14 -45.13
CA LEU G 426 41.92 6.07 -45.59
C LEU G 426 42.17 7.47 -45.03
N PRO G 427 41.68 8.50 -45.71
CA PRO G 427 41.86 9.87 -45.21
C PRO G 427 41.10 10.09 -43.91
N LYS G 428 41.64 10.99 -43.09
CA LYS G 428 41.04 11.25 -41.77
C LYS G 428 39.59 11.72 -41.90
N LYS G 429 39.26 12.45 -42.97
CA LYS G 429 37.90 12.93 -43.16
C LYS G 429 36.90 11.78 -43.20
N LEU G 430 37.26 10.69 -43.90
CA LEU G 430 36.34 9.54 -43.96
C LEU G 430 36.32 8.78 -42.65
N ASP G 431 37.46 8.69 -41.96
CA ASP G 431 37.50 8.16 -40.61
C ASP G 431 36.51 8.90 -39.72
N GLU G 432 36.48 10.23 -39.82
CA GLU G 432 35.57 11.04 -39.01
C GLU G 432 34.11 10.79 -39.40
N GLU G 433 33.83 10.61 -40.70
CA GLU G 433 32.45 10.44 -41.13
C GLU G 433 31.89 9.11 -40.67
N VAL G 434 32.72 8.05 -40.67
CA VAL G 434 32.33 6.79 -40.07
C VAL G 434 32.01 6.98 -38.58
N ALA G 435 32.89 7.67 -37.86
CA ALA G 435 32.69 7.84 -36.42
C ALA G 435 31.40 8.61 -36.13
N LEU G 436 31.10 9.63 -36.94
CA LEU G 436 29.88 10.42 -36.72
C LEU G 436 28.65 9.53 -36.76
N GLU G 437 28.62 8.56 -37.69
CA GLU G 437 27.45 7.69 -37.79
C GLU G 437 27.39 6.71 -36.62
N MET G 438 28.55 6.25 -36.13
CA MET G 438 28.57 5.42 -34.93
C MET G 438 28.02 6.19 -33.74
N VAL G 439 28.48 7.43 -33.55
CA VAL G 439 28.02 8.26 -32.43
C VAL G 439 26.51 8.44 -32.49
N LYS G 440 25.98 8.77 -33.67
CA LYS G 440 24.54 8.93 -33.83
C LYS G 440 23.78 7.65 -33.52
N GLY G 441 24.38 6.49 -33.80
CA GLY G 441 23.74 5.23 -33.47
C GLY G 441 23.50 5.07 -31.98
N PHE G 442 24.38 5.65 -31.15
CA PHE G 442 24.22 5.66 -29.70
C PHE G 442 23.25 6.72 -29.20
N GLY G 443 22.74 7.58 -30.09
CA GLY G 443 21.98 8.73 -29.68
C GLY G 443 22.80 9.93 -29.26
N GLY G 444 24.12 9.90 -29.51
CA GLY G 444 24.95 11.04 -29.16
C GLY G 444 24.78 12.19 -30.12
N VAL G 445 25.09 13.40 -29.65
CA VAL G 445 25.03 14.61 -30.46
C VAL G 445 26.40 15.25 -30.49
N VAL G 446 26.99 15.34 -31.67
CA VAL G 446 28.25 16.05 -31.85
C VAL G 446 27.97 17.53 -32.00
N THR G 447 28.76 18.37 -31.34
CA THR G 447 28.60 19.81 -31.43
C THR G 447 29.31 20.35 -32.67
N GLN G 448 28.73 21.38 -33.27
CA GLN G 448 29.32 22.04 -34.43
C GLN G 448 30.08 23.28 -33.99
N LEU G 449 31.35 23.37 -34.39
CA LEU G 449 32.14 24.56 -34.11
C LEU G 449 31.52 25.79 -34.78
N THR G 450 31.63 26.93 -34.11
CA THR G 450 31.35 28.18 -34.76
C THR G 450 32.50 28.52 -35.71
N PRO G 451 32.26 29.37 -36.72
CA PRO G 451 33.37 29.77 -37.59
C PRO G 451 34.55 30.36 -36.84
N LYS G 452 34.28 31.17 -35.80
CA LYS G 452 35.37 31.77 -35.03
C LYS G 452 36.12 30.70 -34.23
N GLN G 453 35.40 29.75 -33.64
CA GLN G 453 36.05 28.66 -32.94
C GLN G 453 36.91 27.82 -33.87
N ALA G 454 36.39 27.51 -35.05
CA ALA G 454 37.17 26.74 -36.03
C ALA G 454 38.42 27.50 -36.42
N GLU G 455 38.26 28.79 -36.71
CA GLU G 455 39.41 29.65 -36.98
C GLU G 455 40.42 29.61 -35.84
N TYR G 456 39.92 29.67 -34.59
CA TYR G 456 40.81 29.76 -33.43
C TYR G 456 41.73 28.54 -33.33
N ILE G 457 41.22 27.33 -33.55
CA ILE G 457 42.07 26.15 -33.46
C ILE G 457 42.63 25.72 -34.81
N GLY G 458 42.25 26.38 -35.89
CA GLY G 458 42.89 26.13 -37.18
C GLY G 458 42.35 24.96 -37.97
N VAL G 459 41.04 24.73 -37.92
CA VAL G 459 40.40 23.66 -38.67
C VAL G 459 39.21 24.25 -39.43
N SER G 460 38.74 23.48 -40.40
CA SER G 460 37.47 23.77 -41.05
C SER G 460 36.32 23.31 -40.16
N VAL G 461 35.16 23.96 -40.31
CA VAL G 461 34.00 23.57 -39.51
C VAL G 461 33.61 22.13 -39.81
N GLU G 462 33.83 21.67 -41.04
CA GLU G 462 33.52 20.30 -41.43
C GLU G 462 34.60 19.31 -41.03
N GLY G 463 35.72 19.76 -40.48
CA GLY G 463 36.85 18.89 -40.27
C GLY G 463 37.69 18.77 -41.52
N PRO G 464 38.79 17.98 -41.47
CA PRO G 464 39.33 17.19 -40.35
C PRO G 464 39.65 18.03 -39.12
N PHE G 465 39.48 17.45 -37.94
CA PHE G 465 39.61 18.20 -36.69
C PHE G 465 40.96 18.02 -36.02
N LYS G 466 41.79 17.07 -36.47
CA LYS G 466 43.10 16.80 -35.90
C LYS G 466 44.13 16.68 -37.01
N PRO G 467 45.39 16.99 -36.72
CA PRO G 467 46.45 16.70 -37.69
C PRO G 467 46.67 15.20 -37.77
N ASP G 468 47.28 14.78 -38.89
CA ASP G 468 47.49 13.35 -39.11
C ASP G 468 48.38 12.72 -38.05
N THR G 469 49.17 13.52 -37.33
CA THR G 469 49.99 12.98 -36.25
C THR G 469 49.22 12.68 -34.97
N TYR G 470 47.96 13.10 -34.87
CA TYR G 470 47.21 12.93 -33.62
C TYR G 470 46.98 11.45 -33.32
N ARG G 471 47.20 11.06 -32.06
CA ARG G 471 47.12 9.66 -31.65
C ARG G 471 45.82 9.30 -30.96
N TYR G 472 44.99 10.27 -30.59
CA TYR G 472 43.73 10.04 -29.86
C TYR G 472 43.98 9.20 -28.61
N GLY H 12 19.27 -51.18 -15.33
CA GLY H 12 17.83 -51.31 -15.32
C GLY H 12 17.09 -50.06 -14.87
N PHE H 13 17.83 -48.97 -14.69
CA PHE H 13 17.29 -47.74 -14.13
C PHE H 13 16.49 -46.98 -15.20
N THR H 14 15.20 -46.77 -14.95
CA THR H 14 14.32 -46.02 -15.83
C THR H 14 13.56 -44.90 -15.09
N ASP H 15 13.89 -44.67 -13.82
CA ASP H 15 13.11 -43.76 -12.97
C ASP H 15 13.60 -42.33 -13.14
N TYR H 16 13.36 -41.78 -14.34
CA TYR H 16 13.80 -40.43 -14.67
C TYR H 16 13.14 -39.99 -15.97
N LYS H 17 13.29 -38.71 -16.28
CA LYS H 17 12.82 -38.16 -17.55
C LYS H 17 13.67 -36.95 -17.89
N VAL H 18 14.55 -37.08 -18.88
CA VAL H 18 15.43 -36.00 -19.31
C VAL H 18 15.38 -35.89 -20.83
N ALA H 19 15.99 -34.84 -21.35
CA ALA H 19 15.93 -34.57 -22.79
C ALA H 19 16.69 -35.62 -23.58
N ASP H 20 17.91 -35.95 -23.16
CA ASP H 20 18.79 -36.81 -23.96
C ASP H 20 19.82 -37.44 -23.02
N ILE H 21 19.64 -38.73 -22.72
CA ILE H 21 20.53 -39.41 -21.79
C ILE H 21 21.96 -39.53 -22.32
N THR H 22 22.15 -39.42 -23.64
CA THR H 22 23.49 -39.59 -24.21
C THR H 22 24.41 -38.40 -23.96
N LEU H 23 23.91 -37.32 -23.34
CA LEU H 23 24.77 -36.22 -22.93
C LEU H 23 25.41 -36.44 -21.56
N ALA H 24 25.21 -37.61 -20.96
CA ALA H 24 25.68 -37.84 -19.60
C ALA H 24 27.20 -37.71 -19.50
N ALA H 25 27.93 -38.24 -20.49
CA ALA H 25 29.39 -38.20 -20.43
C ALA H 25 29.91 -36.76 -20.45
N TRP H 26 29.36 -35.94 -21.35
CA TRP H 26 29.69 -34.51 -21.35
C TRP H 26 29.32 -33.89 -20.01
N GLY H 27 28.12 -34.16 -19.50
CA GLY H 27 27.74 -33.64 -18.19
C GLY H 27 28.67 -34.10 -17.09
N ARG H 28 29.14 -35.35 -17.15
CA ARG H 28 30.07 -35.84 -16.15
C ARG H 28 31.39 -35.06 -16.18
N ARG H 29 31.90 -34.77 -17.39
CA ARG H 29 33.13 -33.98 -17.51
C ARG H 29 32.99 -32.60 -16.88
N GLU H 30 31.80 -31.99 -17.01
CA GLU H 30 31.63 -30.65 -16.44
C GLU H 30 31.39 -30.70 -14.93
N LEU H 31 30.81 -31.79 -14.43
CA LEU H 31 30.71 -31.99 -12.98
C LEU H 31 32.10 -32.10 -12.36
N ILE H 32 33.00 -32.83 -13.00
CA ILE H 32 34.34 -33.02 -12.44
C ILE H 32 35.11 -31.70 -12.44
N ILE H 33 34.90 -30.86 -13.44
CA ILE H 33 35.48 -29.52 -13.41
C ILE H 33 34.85 -28.69 -12.31
N ALA H 34 33.52 -28.76 -12.18
CA ALA H 34 32.81 -27.95 -11.19
C ALA H 34 33.28 -28.28 -9.78
N GLU H 35 33.50 -29.58 -9.49
CA GLU H 35 33.94 -29.98 -8.16
C GLU H 35 35.20 -29.23 -7.74
N SER H 36 36.14 -29.02 -8.68
CA SER H 36 37.34 -28.26 -8.40
C SER H 36 37.07 -26.76 -8.23
N GLU H 37 35.89 -26.27 -8.59
CA GLU H 37 35.50 -24.89 -8.40
C GLU H 37 34.65 -24.67 -7.15
N MET H 38 34.35 -25.72 -6.39
CA MET H 38 33.42 -25.64 -5.27
C MET H 38 34.07 -26.20 -4.00
N PRO H 39 35.06 -25.48 -3.45
CA PRO H 39 35.80 -26.02 -2.30
C PRO H 39 35.00 -26.08 -1.01
N ALA H 40 34.09 -25.14 -0.76
CA ALA H 40 33.29 -25.21 0.47
C ALA H 40 32.36 -26.41 0.43
N LEU H 41 31.74 -26.68 -0.72
CA LEU H 41 30.82 -27.81 -0.85
C LEU H 41 31.57 -29.13 -0.81
N MET H 42 32.65 -29.25 -1.59
N MET H 42 32.63 -29.26 -1.60
CA MET H 42 33.44 -30.47 -1.61
CA MET H 42 33.39 -30.50 -1.59
C MET H 42 34.09 -30.73 -0.27
C MET H 42 34.09 -30.74 -0.26
N GLY H 43 34.41 -29.67 0.47
CA GLY H 43 34.99 -29.85 1.79
C GLY H 43 34.01 -30.48 2.76
N LEU H 44 32.74 -30.08 2.69
CA LEU H 44 31.71 -30.76 3.48
C LEU H 44 31.55 -32.21 3.03
N ARG H 45 31.60 -32.46 1.72
CA ARG H 45 31.50 -33.83 1.23
C ARG H 45 32.59 -34.71 1.82
N ARG H 46 33.82 -34.20 1.91
CA ARG H 46 34.91 -35.02 2.44
C ARG H 46 34.87 -35.07 3.96
N LYS H 47 34.51 -33.97 4.61
CA LYS H 47 34.50 -33.93 6.07
C LYS H 47 33.46 -34.89 6.65
N TYR H 48 32.26 -34.91 6.07
CA TYR H 48 31.14 -35.67 6.60
C TYR H 48 31.01 -37.07 6.01
N ALA H 49 31.87 -37.45 5.08
CA ALA H 49 31.72 -38.75 4.42
C ALA H 49 31.79 -39.89 5.41
N GLY H 50 32.75 -39.83 6.33
CA GLY H 50 32.86 -40.87 7.34
C GLY H 50 31.61 -41.01 8.19
N GLN H 51 31.02 -39.89 8.59
CA GLN H 51 29.90 -39.96 9.53
C GLN H 51 28.59 -40.38 8.86
N GLN H 52 28.43 -40.09 7.57
CA GLN H 52 27.17 -40.33 6.86
C GLN H 52 26.00 -39.67 7.60
N PRO H 53 26.02 -38.35 7.78
CA PRO H 53 24.98 -37.71 8.61
C PRO H 53 23.61 -37.67 7.96
N LEU H 54 23.52 -37.91 6.66
CA LEU H 54 22.24 -37.93 5.95
C LEU H 54 21.78 -39.34 5.63
N LYS H 55 22.28 -40.34 6.35
CA LYS H 55 21.79 -41.70 6.17
C LYS H 55 20.34 -41.79 6.64
N GLY H 56 19.47 -42.29 5.78
CA GLY H 56 18.05 -42.33 6.06
C GLY H 56 17.29 -41.11 5.58
N ALA H 57 17.97 -40.07 5.15
CA ALA H 57 17.28 -38.90 4.60
C ALA H 57 16.73 -39.23 3.23
N LYS H 58 15.46 -38.90 3.01
CA LYS H 58 14.82 -39.01 1.70
C LYS H 58 14.37 -37.61 1.29
N ILE H 59 15.09 -37.00 0.36
CA ILE H 59 15.01 -35.57 0.10
C ILE H 59 14.27 -35.32 -1.20
N LEU H 60 13.17 -34.57 -1.11
CA LEU H 60 12.47 -34.02 -2.26
C LEU H 60 13.15 -32.71 -2.67
N GLY H 61 13.76 -32.68 -3.86
CA GLY H 61 14.48 -31.51 -4.29
C GLY H 61 13.91 -30.79 -5.50
N CYS H 62 13.77 -29.46 -5.43
CA CYS H 62 13.25 -28.66 -6.53
C CYS H 62 14.12 -27.41 -6.68
N ILE H 63 15.10 -27.47 -7.59
CA ILE H 63 15.96 -26.32 -7.87
C ILE H 63 16.63 -26.56 -9.22
N HIS H 64 16.80 -25.48 -9.98
CA HIS H 64 17.43 -25.43 -11.29
C HIS H 64 18.44 -26.55 -11.54
N MET H 65 18.15 -27.43 -12.50
CA MET H 65 18.96 -28.63 -12.73
C MET H 65 20.18 -28.26 -13.57
N THR H 66 21.10 -27.54 -12.93
CA THR H 66 22.35 -27.11 -13.52
C THR H 66 23.49 -28.02 -13.08
N ILE H 67 24.66 -27.80 -13.68
CA ILE H 67 25.87 -28.52 -13.26
C ILE H 67 26.12 -28.29 -11.78
N GLN H 68 25.86 -27.06 -11.30
CA GLN H 68 26.12 -26.73 -9.89
C GLN H 68 25.17 -27.48 -8.97
N THR H 69 23.89 -27.56 -9.34
CA THR H 69 22.95 -28.39 -8.60
C THR H 69 23.38 -29.85 -8.61
N GLY H 70 23.96 -30.31 -9.72
CA GLY H 70 24.47 -31.68 -9.77
C GLY H 70 25.49 -31.97 -8.69
N VAL H 71 26.40 -31.02 -8.43
CA VAL H 71 27.38 -31.22 -7.37
C VAL H 71 26.71 -31.23 -6.02
N LEU H 72 25.67 -30.40 -5.85
CA LEU H 72 24.90 -30.40 -4.60
C LEU H 72 24.20 -31.73 -4.40
N ILE H 73 23.57 -32.25 -5.47
CA ILE H 73 22.85 -33.52 -5.37
C ILE H 73 23.80 -34.64 -4.96
N GLU H 74 24.93 -34.76 -5.67
CA GLU H 74 25.85 -35.86 -5.39
C GLU H 74 26.56 -35.70 -4.05
N THR H 75 26.62 -34.48 -3.51
CA THR H 75 27.10 -34.31 -2.14
C THR H 75 26.09 -34.85 -1.13
N LEU H 76 24.81 -34.51 -1.30
CA LEU H 76 23.78 -35.06 -0.43
C LEU H 76 23.79 -36.59 -0.47
N VAL H 77 23.93 -37.16 -1.68
CA VAL H 77 23.93 -38.62 -1.83
C VAL H 77 25.17 -39.22 -1.18
N ALA H 78 26.33 -38.58 -1.34
CA ALA H 78 27.55 -39.10 -0.74
C ALA H 78 27.49 -39.09 0.78
N LEU H 79 26.69 -38.20 1.36
CA LEU H 79 26.52 -38.15 2.81
C LEU H 79 25.39 -39.06 3.30
N GLY H 80 24.80 -39.87 2.42
CA GLY H 80 23.87 -40.90 2.81
C GLY H 80 22.45 -40.74 2.31
N ALA H 81 22.11 -39.60 1.72
CA ALA H 81 20.71 -39.32 1.39
C ALA H 81 20.28 -40.06 0.11
N GLU H 82 18.97 -40.30 0.03
CA GLU H 82 18.27 -40.58 -1.22
C GLU H 82 17.52 -39.32 -1.64
N VAL H 83 17.49 -39.04 -2.95
CA VAL H 83 16.83 -37.85 -3.44
C VAL H 83 15.98 -38.18 -4.67
N ARG H 84 15.00 -37.33 -4.93
CA ARG H 84 14.23 -37.29 -6.17
C ARG H 84 14.12 -35.83 -6.60
N TRP H 85 14.52 -35.51 -7.82
CA TRP H 85 14.83 -34.13 -8.17
C TRP H 85 14.02 -33.61 -9.35
N SER H 86 13.71 -32.32 -9.29
CA SER H 86 13.11 -31.57 -10.39
C SER H 86 13.70 -30.17 -10.39
N SER H 87 13.54 -29.48 -11.51
CA SER H 87 13.97 -28.09 -11.63
C SER H 87 12.86 -27.17 -11.14
N CYS H 88 13.24 -25.97 -10.69
CA CYS H 88 12.25 -24.99 -10.26
C CYS H 88 11.97 -23.94 -11.35
N ASN H 89 12.37 -24.20 -12.59
CA ASN H 89 12.05 -23.30 -13.68
C ASN H 89 12.08 -24.08 -15.00
N ILE H 90 11.22 -23.66 -15.93
CA ILE H 90 11.07 -24.41 -17.18
C ILE H 90 12.26 -24.24 -18.12
N PHE H 91 13.04 -23.18 -17.98
CA PHE H 91 14.13 -22.88 -18.90
C PHE H 91 15.52 -23.05 -18.30
N SER H 92 15.64 -23.43 -17.02
CA SER H 92 16.90 -23.30 -16.31
C SER H 92 17.75 -24.57 -16.32
N THR H 93 17.15 -25.72 -16.63
CA THR H 93 17.91 -26.97 -16.63
C THR H 93 19.03 -26.94 -17.67
N GLN H 94 20.17 -27.53 -17.31
CA GLN H 94 21.22 -27.86 -18.27
C GLN H 94 21.08 -29.34 -18.59
N ASP H 95 20.71 -29.65 -19.84
CA ASP H 95 20.34 -31.01 -20.19
C ASP H 95 21.48 -32.00 -19.93
N GLN H 96 22.73 -31.59 -20.07
CA GLN H 96 23.83 -32.50 -19.81
C GLN H 96 24.03 -32.74 -18.32
N ALA H 97 23.61 -31.79 -17.48
CA ALA H 97 23.61 -32.03 -16.04
C ALA H 97 22.53 -33.03 -15.65
N ALA H 98 21.31 -32.83 -16.16
CA ALA H 98 20.23 -33.77 -15.88
C ALA H 98 20.58 -35.18 -16.33
N ALA H 99 21.22 -35.31 -17.50
CA ALA H 99 21.58 -36.63 -18.01
C ALA H 99 22.68 -37.28 -17.19
N ALA H 100 23.66 -36.49 -16.73
CA ALA H 100 24.70 -37.04 -15.87
C ALA H 100 24.10 -37.57 -14.58
N ILE H 101 23.16 -36.83 -14.00
CA ILE H 101 22.54 -37.22 -12.74
C ILE H 101 21.71 -38.49 -12.91
N ALA H 102 20.89 -38.53 -13.97
CA ALA H 102 20.11 -39.74 -14.23
C ALA H 102 20.99 -40.94 -14.51
N ALA H 103 22.04 -40.74 -15.31
CA ALA H 103 22.97 -41.83 -15.61
C ALA H 103 23.62 -42.39 -14.36
N ALA H 104 23.66 -41.61 -13.27
CA ALA H 104 24.18 -42.06 -11.99
C ALA H 104 23.14 -42.82 -11.17
N GLY H 105 21.99 -43.16 -11.75
CA GLY H 105 20.96 -43.86 -11.02
C GLY H 105 20.20 -43.00 -10.03
N ILE H 106 20.13 -41.70 -10.27
CA ILE H 106 19.45 -40.75 -9.39
C ILE H 106 18.19 -40.28 -10.09
N PRO H 107 17.02 -40.36 -9.45
CA PRO H 107 15.78 -39.90 -10.12
C PRO H 107 15.73 -38.40 -10.29
N VAL H 108 15.76 -37.94 -11.54
CA VAL H 108 15.65 -36.53 -11.87
C VAL H 108 14.64 -36.39 -13.01
N PHE H 109 13.82 -35.35 -12.95
CA PHE H 109 12.78 -35.11 -13.95
C PHE H 109 12.89 -33.65 -14.39
N ALA H 110 13.61 -33.42 -15.50
CA ALA H 110 13.98 -32.05 -15.86
C ALA H 110 14.57 -31.95 -17.26
N TRP H 111 14.12 -30.96 -18.03
CA TRP H 111 14.77 -30.60 -19.27
C TRP H 111 14.57 -29.11 -19.51
N LYS H 112 15.40 -28.57 -20.40
CA LYS H 112 15.27 -27.16 -20.79
C LYS H 112 14.13 -27.04 -21.80
N GLY H 113 13.26 -26.05 -21.57
CA GLY H 113 12.12 -25.86 -22.45
C GLY H 113 10.87 -26.63 -22.07
N GLU H 114 10.63 -26.84 -20.78
CA GLU H 114 9.39 -27.48 -20.34
C GLU H 114 8.19 -26.59 -20.60
N THR H 115 7.05 -27.22 -20.88
CA THR H 115 5.80 -26.49 -20.80
C THR H 115 5.38 -26.36 -19.34
N GLU H 116 4.35 -25.56 -19.08
CA GLU H 116 3.83 -25.43 -17.72
C GLU H 116 3.33 -26.78 -17.21
N GLU H 117 2.58 -27.51 -18.05
CA GLU H 117 2.09 -28.83 -17.66
C GLU H 117 3.24 -29.77 -17.35
N GLU H 118 4.26 -29.79 -18.21
CA GLU H 118 5.41 -30.64 -17.97
C GLU H 118 6.12 -30.25 -16.68
N TYR H 119 6.21 -28.95 -16.40
CA TYR H 119 6.84 -28.48 -15.17
C TYR H 119 6.18 -29.07 -13.93
N GLU H 120 4.86 -28.96 -13.84
CA GLU H 120 4.17 -29.52 -12.69
C GLU H 120 4.20 -31.04 -12.70
N TRP H 121 4.19 -31.63 -13.90
CA TRP H 121 4.34 -33.09 -13.99
C TRP H 121 5.67 -33.55 -13.43
N CYS H 122 6.74 -32.78 -13.67
CA CYS H 122 8.06 -33.17 -13.16
C CYS H 122 8.08 -33.14 -11.64
N ILE H 123 7.45 -32.13 -11.02
CA ILE H 123 7.41 -32.07 -9.56
C ILE H 123 6.65 -33.26 -9.00
N GLU H 124 5.50 -33.59 -9.60
CA GLU H 124 4.72 -34.73 -9.12
C GLU H 124 5.52 -36.02 -9.20
N GLN H 125 6.37 -36.16 -10.23
CA GLN H 125 7.17 -37.38 -10.36
C GLN H 125 8.18 -37.53 -9.23
N THR H 126 8.66 -36.41 -8.65
CA THR H 126 9.48 -36.56 -7.45
C THR H 126 8.63 -36.95 -6.25
N ILE H 127 7.44 -36.37 -6.15
CA ILE H 127 6.58 -36.63 -5.00
C ILE H 127 6.10 -38.08 -5.02
N LEU H 128 5.82 -38.61 -6.20
CA LEU H 128 5.21 -39.93 -6.35
C LEU H 128 6.22 -40.92 -6.93
N LYS H 129 6.51 -41.99 -6.19
CA LYS H 129 7.33 -43.08 -6.69
C LYS H 129 6.40 -44.24 -7.09
N ASP H 130 6.49 -44.65 -8.35
CA ASP H 130 5.62 -45.68 -8.91
C ASP H 130 4.15 -45.32 -8.71
N GLY H 131 3.84 -44.03 -8.87
CA GLY H 131 2.49 -43.53 -8.75
C GLY H 131 1.96 -43.42 -7.34
N GLN H 132 2.77 -43.72 -6.32
CA GLN H 132 2.40 -43.61 -4.92
C GLN H 132 3.29 -42.60 -4.22
N PRO H 133 2.79 -41.91 -3.20
CA PRO H 133 3.63 -40.96 -2.45
C PRO H 133 4.90 -41.62 -1.94
N TRP H 134 6.03 -40.96 -2.20
CA TRP H 134 7.31 -41.42 -1.67
C TRP H 134 7.32 -41.26 -0.15
N ASP H 135 8.16 -42.05 0.50
CA ASP H 135 8.34 -41.87 1.95
C ASP H 135 9.40 -40.81 2.23
N ALA H 136 9.23 -39.66 1.59
CA ALA H 136 10.13 -38.53 1.78
C ALA H 136 10.08 -38.03 3.22
N ASN H 137 11.21 -37.51 3.69
CA ASN H 137 11.27 -36.94 5.03
C ASN H 137 12.00 -35.60 5.07
N MET H 138 12.49 -35.10 3.94
CA MET H 138 13.18 -33.81 3.86
C MET H 138 12.81 -33.13 2.56
N VAL H 139 12.85 -31.79 2.57
CA VAL H 139 12.50 -30.98 1.41
C VAL H 139 13.58 -29.91 1.20
N LEU H 140 14.05 -29.78 -0.03
CA LEU H 140 14.92 -28.68 -0.46
C LEU H 140 14.22 -27.95 -1.58
N ASP H 141 14.04 -26.64 -1.42
CA ASP H 141 13.19 -25.86 -2.32
C ASP H 141 13.86 -24.54 -2.69
N ASP H 142 13.54 -24.06 -3.89
CA ASP H 142 14.04 -22.80 -4.42
C ASP H 142 12.86 -22.11 -5.10
N GLY H 143 12.16 -21.27 -4.35
CA GLY H 143 11.02 -20.52 -4.86
C GLY H 143 9.70 -20.86 -4.21
N GLY H 144 9.58 -22.01 -3.57
CA GLY H 144 8.38 -22.38 -2.85
C GLY H 144 7.37 -23.21 -3.60
N ASP H 145 7.63 -23.56 -4.87
CA ASP H 145 6.65 -24.30 -5.66
C ASP H 145 6.43 -25.70 -5.12
N LEU H 146 7.52 -26.42 -4.82
CA LEU H 146 7.39 -27.75 -4.24
C LEU H 146 6.74 -27.68 -2.86
N THR H 147 7.17 -26.73 -2.03
CA THR H 147 6.56 -26.52 -0.72
C THR H 147 5.07 -26.25 -0.83
N GLU H 148 4.68 -25.42 -1.79
CA GLU H 148 3.27 -25.10 -1.98
C GLU H 148 2.45 -26.33 -2.34
N ILE H 149 2.93 -27.12 -3.32
CA ILE H 149 2.20 -28.29 -3.77
C ILE H 149 2.06 -29.31 -2.66
N LEU H 150 3.10 -29.46 -1.84
CA LEU H 150 3.04 -30.39 -0.71
C LEU H 150 1.94 -30.00 0.26
N HIS H 151 1.91 -28.73 0.68
CA HIS H 151 0.93 -28.29 1.67
C HIS H 151 -0.50 -28.39 1.13
N LYS H 152 -0.70 -28.03 -0.13
CA LYS H 152 -2.06 -27.95 -0.65
C LYS H 152 -2.56 -29.28 -1.20
N LYS H 153 -1.69 -30.07 -1.82
CA LYS H 153 -2.14 -31.27 -2.51
C LYS H 153 -1.77 -32.56 -1.82
N TYR H 154 -0.68 -32.60 -1.06
CA TYR H 154 -0.26 -33.83 -0.36
C TYR H 154 0.01 -33.53 1.12
N PRO H 155 -0.97 -32.99 1.85
CA PRO H 155 -0.71 -32.59 3.23
C PRO H 155 -0.26 -33.74 4.12
N GLN H 156 -0.70 -34.96 3.83
CA GLN H 156 -0.34 -36.10 4.66
C GLN H 156 1.16 -36.39 4.62
N MET H 157 1.79 -36.15 3.46
CA MET H 157 3.24 -36.39 3.36
C MET H 157 4.02 -35.52 4.33
N LEU H 158 3.48 -34.34 4.67
CA LEU H 158 4.17 -33.45 5.60
C LEU H 158 4.23 -34.01 7.02
N GLU H 159 3.39 -35.00 7.34
CA GLU H 159 3.48 -35.61 8.67
C GLU H 159 4.78 -36.36 8.87
N ARG H 160 5.49 -36.72 7.80
CA ARG H 160 6.73 -37.47 7.88
C ARG H 160 7.96 -36.64 7.54
N ILE H 161 7.81 -35.35 7.26
CA ILE H 161 8.89 -34.52 6.79
C ILE H 161 9.46 -33.73 7.97
N HIS H 162 10.79 -33.77 8.12
CA HIS H 162 11.47 -33.14 9.24
C HIS H 162 11.75 -31.66 9.01
N GLY H 163 11.67 -31.17 7.78
CA GLY H 163 11.90 -29.75 7.56
C GLY H 163 12.12 -29.41 6.09
N ILE H 164 12.21 -28.11 5.86
CA ILE H 164 12.38 -27.50 4.55
C ILE H 164 13.60 -26.59 4.60
N THR H 165 14.45 -26.65 3.58
CA THR H 165 15.53 -25.69 3.43
C THR H 165 15.29 -24.93 2.12
N GLU H 166 15.00 -23.63 2.25
CA GLU H 166 14.57 -22.79 1.14
C GLU H 166 15.68 -21.86 0.70
N GLU H 167 15.86 -21.75 -0.62
CA GLU H 167 17.05 -21.15 -1.23
C GLU H 167 16.97 -19.64 -1.41
N THR H 168 15.82 -19.08 -1.76
CA THR H 168 15.78 -17.75 -2.35
C THR H 168 14.77 -16.84 -1.68
N THR H 169 14.93 -15.53 -1.91
CA THR H 169 14.17 -14.50 -1.21
C THR H 169 12.66 -14.70 -1.37
N THR H 170 12.20 -14.92 -2.60
CA THR H 170 10.77 -15.11 -2.84
C THR H 170 10.25 -16.32 -2.09
N GLY H 171 11.03 -17.40 -2.03
CA GLY H 171 10.62 -18.57 -1.28
C GLY H 171 10.48 -18.29 0.21
N VAL H 172 11.44 -17.54 0.77
CA VAL H 172 11.38 -17.21 2.19
C VAL H 172 10.16 -16.36 2.50
N HIS H 173 9.83 -15.41 1.62
CA HIS H 173 8.64 -14.61 1.86
C HIS H 173 7.39 -15.48 1.91
N ARG H 174 7.30 -16.48 1.01
CA ARG H 174 6.16 -17.39 1.04
C ARG H 174 6.15 -18.23 2.31
N LEU H 175 7.33 -18.70 2.76
CA LEU H 175 7.42 -19.44 4.01
C LEU H 175 6.92 -18.61 5.19
N LEU H 176 7.31 -17.33 5.26
CA LEU H 176 6.94 -16.48 6.39
C LEU H 176 5.45 -16.20 6.39
N ASP H 177 4.84 -16.05 5.21
CA ASP H 177 3.41 -15.79 5.16
C ASP H 177 2.62 -17.04 5.57
N MET H 178 3.11 -18.22 5.19
CA MET H 178 2.51 -19.45 5.71
C MET H 178 2.59 -19.49 7.23
N LEU H 179 3.71 -19.03 7.78
CA LEU H 179 3.90 -19.04 9.22
C LEU H 179 2.95 -18.06 9.90
N LYS H 180 2.90 -16.82 9.39
CA LYS H 180 2.01 -15.81 9.97
C LYS H 180 0.54 -16.24 9.89
N ASN H 181 0.20 -17.08 8.91
CA ASN H 181 -1.17 -17.54 8.71
C ASN H 181 -1.41 -18.93 9.30
N GLY H 182 -0.42 -19.51 9.99
CA GLY H 182 -0.63 -20.77 10.66
C GLY H 182 -0.83 -21.97 9.77
N THR H 183 -0.46 -21.87 8.48
CA THR H 183 -0.60 -22.99 7.56
C THR H 183 0.71 -23.73 7.33
N LEU H 184 1.84 -23.19 7.81
CA LEU H 184 3.11 -23.90 7.71
C LEU H 184 3.12 -25.10 8.64
N LYS H 185 3.48 -26.27 8.11
CA LYS H 185 3.34 -27.51 8.85
C LYS H 185 4.65 -28.15 9.31
N VAL H 186 5.80 -27.74 8.75
CA VAL H 186 7.09 -28.22 9.21
C VAL H 186 8.05 -27.04 9.30
N PRO H 187 9.09 -27.15 10.14
CA PRO H 187 10.02 -26.03 10.29
C PRO H 187 10.90 -25.87 9.05
N ALA H 188 11.49 -24.68 8.93
CA ALA H 188 12.28 -24.36 7.77
C ALA H 188 13.53 -23.59 8.16
N ILE H 189 14.55 -23.70 7.33
CA ILE H 189 15.75 -22.89 7.46
C ILE H 189 15.82 -21.98 6.23
N ASN H 190 15.86 -20.67 6.49
CA ASN H 190 16.11 -19.65 5.49
C ASN H 190 17.57 -19.72 5.06
N VAL H 191 17.87 -20.47 4.00
CA VAL H 191 19.24 -20.52 3.51
C VAL H 191 19.63 -19.17 2.88
N ASN H 192 18.64 -18.41 2.41
CA ASN H 192 18.93 -17.21 1.64
C ASN H 192 19.69 -16.17 2.46
N ASP H 193 19.41 -16.07 3.75
CA ASP H 193 19.92 -14.94 4.54
C ASP H 193 21.28 -15.19 5.19
N SER H 194 21.93 -16.33 4.92
CA SER H 194 23.36 -16.41 5.19
C SER H 194 24.09 -15.36 4.37
N VAL H 195 25.11 -14.73 4.95
CA VAL H 195 25.86 -13.73 4.20
C VAL H 195 26.57 -14.38 3.02
N THR H 196 27.05 -15.63 3.20
CA THR H 196 27.70 -16.37 2.13
C THR H 196 26.71 -16.88 1.09
N LYS H 197 25.43 -16.62 1.28
CA LYS H 197 24.44 -16.84 0.22
C LYS H 197 23.96 -15.49 -0.31
N SER H 198 23.22 -14.72 0.50
CA SER H 198 22.56 -13.51 0.02
C SER H 198 23.56 -12.50 -0.56
N LYS H 199 24.63 -12.22 0.18
CA LYS H 199 25.59 -11.21 -0.24
C LYS H 199 26.70 -11.80 -1.10
N ASN H 200 26.44 -12.93 -1.74
CA ASN H 200 27.37 -13.63 -2.61
C ASN H 200 26.64 -14.04 -3.88
N ASP H 201 25.73 -15.00 -3.73
CA ASP H 201 24.82 -15.48 -4.77
C ASP H 201 23.99 -14.36 -5.39
N ASN H 202 23.11 -13.74 -4.59
CA ASN H 202 22.15 -12.78 -5.13
C ASN H 202 22.84 -11.60 -5.80
N LYS H 203 23.93 -11.11 -5.22
CA LYS H 203 24.61 -9.93 -5.75
C LYS H 203 25.67 -10.32 -6.78
N TYR H 204 26.75 -10.95 -6.31
CA TYR H 204 27.87 -11.26 -7.21
C TYR H 204 27.48 -12.24 -8.31
N GLY H 205 26.58 -13.18 -8.00
CA GLY H 205 26.14 -14.11 -9.02
C GLY H 205 25.47 -13.42 -10.20
N CYS H 206 24.62 -12.44 -9.91
CA CYS H 206 23.96 -11.71 -10.99
C CYS H 206 24.94 -10.79 -11.72
N ARG H 207 25.94 -10.27 -11.01
CA ARG H 207 26.99 -9.52 -11.67
C ARG H 207 27.68 -10.36 -12.73
N HIS H 208 27.94 -11.63 -12.43
CA HIS H 208 28.58 -12.52 -13.39
C HIS H 208 27.65 -12.84 -14.55
N SER H 209 26.39 -13.19 -14.27
CA SER H 209 25.58 -13.90 -15.26
C SER H 209 24.54 -13.03 -15.97
N LEU H 210 24.33 -11.77 -15.58
CA LEU H 210 23.36 -10.96 -16.32
C LEU H 210 23.91 -10.55 -17.69
N ASN H 211 25.07 -9.89 -17.73
CA ASN H 211 25.62 -9.53 -19.03
CA ASN H 211 25.64 -9.53 -19.02
C ASN H 211 25.95 -10.77 -19.85
N ASP H 212 26.26 -11.89 -19.18
CA ASP H 212 26.47 -13.16 -19.85
C ASP H 212 25.23 -13.54 -20.68
N ALA H 213 24.06 -13.54 -20.04
CA ALA H 213 22.84 -13.99 -20.71
C ALA H 213 22.42 -13.03 -21.83
N ILE H 214 22.59 -11.73 -21.62
CA ILE H 214 22.23 -10.78 -22.67
C ILE H 214 23.13 -10.96 -23.89
N LYS H 215 24.44 -11.16 -23.66
CA LYS H 215 25.35 -11.39 -24.78
C LYS H 215 25.03 -12.68 -25.52
N ARG H 216 24.74 -13.76 -24.78
CA ARG H 216 24.39 -15.01 -25.44
C ARG H 216 23.09 -14.88 -26.24
N GLY H 217 22.12 -14.14 -25.69
CA GLY H 217 20.82 -14.03 -26.35
C GLY H 217 20.83 -13.11 -27.55
N THR H 218 21.54 -11.98 -27.44
CA THR H 218 21.47 -10.92 -28.45
C THR H 218 22.80 -10.58 -29.09
N ASP H 219 23.92 -10.85 -28.42
CA ASP H 219 25.26 -10.44 -28.90
C ASP H 219 25.33 -8.93 -29.09
N HIS H 220 24.51 -8.19 -28.34
CA HIS H 220 24.49 -6.74 -28.40
C HIS H 220 25.68 -6.14 -27.69
N LEU H 221 26.33 -5.17 -28.33
CA LEU H 221 27.20 -4.27 -27.59
C LEU H 221 26.41 -3.58 -26.48
N LEU H 222 26.93 -3.63 -25.26
CA LEU H 222 26.28 -2.92 -24.17
C LEU H 222 26.93 -1.58 -23.88
N SER H 223 28.23 -1.42 -24.15
CA SER H 223 28.93 -0.16 -23.90
C SER H 223 28.28 1.00 -24.64
N GLY H 224 28.05 2.10 -23.91
CA GLY H 224 27.51 3.31 -24.49
C GLY H 224 26.00 3.38 -24.56
N LYS H 225 25.29 2.29 -24.25
CA LYS H 225 23.84 2.24 -24.31
C LYS H 225 23.22 2.47 -22.94
N GLN H 226 21.94 2.84 -22.96
CA GLN H 226 21.19 3.23 -21.75
C GLN H 226 20.42 2.04 -21.19
N ALA H 227 20.60 1.78 -19.90
CA ALA H 227 19.87 0.73 -19.20
C ALA H 227 19.05 1.32 -18.05
N LEU H 228 17.93 0.68 -17.76
CA LEU H 228 17.11 0.98 -16.59
C LEU H 228 16.97 -0.33 -15.82
N VAL H 229 17.53 -0.36 -14.61
CA VAL H 229 17.38 -1.50 -13.71
C VAL H 229 16.27 -1.16 -12.72
N ILE H 230 15.27 -2.03 -12.62
CA ILE H 230 14.16 -1.83 -11.70
C ILE H 230 14.47 -2.61 -10.44
N GLY H 231 14.81 -1.89 -9.37
CA GLY H 231 15.13 -2.47 -8.09
C GLY H 231 16.62 -2.38 -7.78
N TYR H 232 16.94 -2.21 -6.49
CA TYR H 232 18.32 -2.10 -6.04
C TYR H 232 18.53 -2.85 -4.74
N GLY H 233 17.86 -4.01 -4.59
CA GLY H 233 18.18 -4.93 -3.52
C GLY H 233 19.44 -5.69 -3.87
N ASP H 234 19.62 -6.89 -3.34
CA ASP H 234 20.85 -7.64 -3.63
C ASP H 234 20.95 -7.97 -5.11
N VAL H 235 19.86 -8.47 -5.71
CA VAL H 235 19.88 -8.78 -7.13
C VAL H 235 20.06 -7.50 -7.97
N GLY H 236 19.37 -6.44 -7.60
CA GLY H 236 19.49 -5.20 -8.36
C GLY H 236 20.87 -4.58 -8.28
N LYS H 237 21.51 -4.67 -7.10
CA LYS H 237 22.88 -4.20 -6.97
C LYS H 237 23.81 -4.93 -7.92
N GLY H 238 23.77 -6.27 -7.89
CA GLY H 238 24.66 -7.04 -8.74
C GLY H 238 24.36 -6.85 -10.21
N SER H 239 23.08 -6.73 -10.55
CA SER H 239 22.67 -6.51 -11.94
C SER H 239 23.17 -5.18 -12.45
N SER H 240 22.96 -4.11 -11.67
CA SER H 240 23.46 -2.78 -12.04
C SER H 240 24.95 -2.80 -12.30
N GLN H 241 25.71 -3.51 -11.45
CA GLN H 241 27.16 -3.58 -11.66
C GLN H 241 27.49 -4.40 -12.91
N SER H 242 26.70 -5.45 -13.18
CA SER H 242 26.93 -6.27 -14.37
C SER H 242 26.86 -5.44 -15.63
N LEU H 243 25.95 -4.46 -15.67
CA LEU H 243 25.81 -3.59 -16.83
C LEU H 243 26.82 -2.44 -16.81
N ARG H 244 26.98 -1.79 -15.64
CA ARG H 244 27.87 -0.63 -15.54
C ARG H 244 29.32 -1.00 -15.87
N GLN H 245 29.77 -2.17 -15.43
CA GLN H 245 31.14 -2.60 -15.71
C GLN H 245 31.36 -2.86 -17.20
N GLU H 246 30.28 -3.12 -17.95
CA GLU H 246 30.36 -3.25 -19.39
C GLU H 246 30.32 -1.90 -20.09
N GLY H 247 30.13 -0.81 -19.36
CA GLY H 247 30.12 0.52 -19.94
C GLY H 247 28.74 1.06 -20.26
N MET H 248 27.67 0.40 -19.82
CA MET H 248 26.35 0.97 -20.01
C MET H 248 26.17 2.19 -19.11
N ILE H 249 25.29 3.09 -19.55
CA ILE H 249 24.81 4.18 -18.72
C ILE H 249 23.58 3.67 -17.99
N VAL H 250 23.72 3.39 -16.69
CA VAL H 250 22.70 2.69 -15.92
C VAL H 250 21.93 3.67 -15.03
N LYS H 251 20.61 3.66 -15.18
CA LYS H 251 19.70 4.34 -14.26
C LYS H 251 19.00 3.28 -13.40
N VAL H 252 18.60 3.68 -12.19
CA VAL H 252 18.07 2.75 -11.20
C VAL H 252 16.75 3.28 -10.67
N ALA H 253 15.76 2.40 -10.59
CA ALA H 253 14.48 2.73 -9.97
C ALA H 253 14.33 1.96 -8.66
N GLU H 254 13.70 2.59 -7.67
CA GLU H 254 13.51 1.95 -6.37
C GLU H 254 12.30 2.54 -5.66
N VAL H 255 11.64 1.69 -4.86
CA VAL H 255 10.65 2.16 -3.91
C VAL H 255 11.23 2.35 -2.51
N ASP H 256 12.40 1.76 -2.23
CA ASP H 256 13.02 1.87 -0.92
C ASP H 256 14.00 3.02 -0.91
N PRO H 257 13.77 4.06 -0.11
CA PRO H 257 14.70 5.21 -0.09
C PRO H 257 16.09 4.87 0.37
N ILE H 258 16.26 3.87 1.24
CA ILE H 258 17.60 3.48 1.67
C ILE H 258 18.36 2.83 0.52
N CYS H 259 17.74 1.89 -0.18
CA CYS H 259 18.37 1.31 -1.36
C CYS H 259 18.61 2.35 -2.44
N ALA H 260 17.66 3.28 -2.62
CA ALA H 260 17.86 4.38 -3.55
C ALA H 260 19.07 5.23 -3.15
N MET H 261 19.24 5.48 -1.85
N MET H 261 19.24 5.49 -1.86
CA MET H 261 20.41 6.23 -1.40
CA MET H 261 20.41 6.22 -1.38
C MET H 261 21.70 5.52 -1.77
C MET H 261 21.70 5.52 -1.77
N GLN H 262 21.72 4.20 -1.63
CA GLN H 262 22.90 3.43 -2.02
C GLN H 262 23.20 3.58 -3.51
N ALA H 263 22.16 3.57 -4.34
CA ALA H 263 22.35 3.71 -5.78
C ALA H 263 22.98 5.06 -6.12
N CYS H 264 22.53 6.13 -5.47
CA CYS H 264 23.12 7.45 -5.70
C CYS H 264 24.59 7.45 -5.31
N MET H 265 24.90 6.96 -4.10
CA MET H 265 26.30 6.93 -3.65
C MET H 265 27.15 6.02 -4.53
N ASP H 266 26.56 4.95 -5.08
CA ASP H 266 27.26 4.04 -5.99
C ASP H 266 27.45 4.63 -7.38
N GLY H 267 26.99 5.85 -7.63
CA GLY H 267 27.23 6.49 -8.90
C GLY H 267 26.16 6.31 -9.95
N PHE H 268 24.93 5.99 -9.55
CA PHE H 268 23.81 5.80 -10.47
C PHE H 268 22.80 6.93 -10.29
N GLU H 269 22.18 7.31 -11.40
CA GLU H 269 21.07 8.24 -11.41
C GLU H 269 19.78 7.49 -11.09
N VAL H 270 19.06 7.92 -10.06
CA VAL H 270 17.84 7.24 -9.62
C VAL H 270 16.64 7.92 -10.25
N VAL H 271 15.83 7.15 -10.98
CA VAL H 271 14.70 7.68 -11.74
C VAL H 271 13.49 6.77 -11.54
N SER H 272 12.32 7.29 -11.89
CA SER H 272 11.10 6.47 -11.88
C SER H 272 10.47 6.40 -13.26
N PRO H 273 9.90 5.26 -13.63
CA PRO H 273 9.13 5.20 -14.88
C PRO H 273 7.92 6.14 -14.89
N TYR H 274 7.45 6.54 -13.72
CA TYR H 274 6.25 7.36 -13.58
C TYR H 274 6.63 8.79 -13.19
N LYS H 275 5.91 9.76 -13.74
CA LYS H 275 6.15 11.15 -13.38
C LYS H 275 5.95 11.35 -11.90
N ASN H 276 6.98 11.91 -11.24
CA ASN H 276 6.99 12.12 -9.79
C ASN H 276 6.88 10.82 -9.01
N GLY H 277 7.14 9.69 -9.65
CA GLY H 277 7.12 8.41 -8.99
C GLY H 277 5.77 7.81 -8.72
N ILE H 278 4.69 8.42 -9.22
CA ILE H 278 3.32 8.02 -8.89
C ILE H 278 2.68 7.36 -10.10
N ASN H 279 2.30 6.10 -9.94
CA ASN H 279 1.68 5.29 -10.99
C ASN H 279 0.17 5.32 -10.79
N ASP H 280 -0.52 6.17 -11.56
CA ASP H 280 -1.97 6.26 -11.49
C ASP H 280 -2.69 5.35 -12.47
N GLY H 281 -1.97 4.40 -13.08
CA GLY H 281 -2.56 3.45 -14.00
C GLY H 281 -2.78 3.96 -15.41
N THR H 282 -2.63 5.26 -15.66
CA THR H 282 -2.90 5.87 -16.94
C THR H 282 -1.60 6.08 -17.71
N GLU H 283 -1.71 6.12 -19.05
CA GLU H 283 -0.56 6.42 -19.89
C GLU H 283 0.00 7.80 -19.60
N ALA H 284 -0.85 8.74 -19.17
CA ALA H 284 -0.39 10.08 -18.84
C ALA H 284 0.69 10.07 -17.76
N SER H 285 0.66 9.10 -16.85
CA SER H 285 1.64 9.07 -15.77
C SER H 285 2.99 8.52 -16.19
N ILE H 286 3.10 7.94 -17.38
CA ILE H 286 4.36 7.36 -17.84
C ILE H 286 5.30 8.47 -18.27
N ASP H 287 6.55 8.42 -17.81
CA ASP H 287 7.59 9.33 -18.30
C ASP H 287 8.04 8.83 -19.66
N ALA H 288 7.35 9.26 -20.70
CA ALA H 288 7.61 8.75 -22.05
C ALA H 288 8.97 9.20 -22.56
N ALA H 289 9.40 10.42 -22.22
CA ALA H 289 10.71 10.88 -22.64
C ALA H 289 11.82 10.00 -22.10
N LEU H 290 11.71 9.59 -20.83
CA LEU H 290 12.74 8.74 -20.24
C LEU H 290 12.75 7.36 -20.86
N LEU H 291 11.58 6.70 -20.92
CA LEU H 291 11.53 5.34 -21.45
C LEU H 291 11.84 5.28 -22.94
N GLY H 292 11.64 6.38 -23.66
CA GLY H 292 11.99 6.43 -25.08
C GLY H 292 13.48 6.44 -25.36
N LYS H 293 14.33 6.57 -24.33
CA LYS H 293 15.77 6.51 -24.52
C LYS H 293 16.40 5.26 -23.94
N ILE H 294 15.61 4.32 -23.43
CA ILE H 294 16.14 3.16 -22.72
C ILE H 294 16.35 2.02 -23.72
N ASP H 295 17.58 1.49 -23.76
CA ASP H 295 17.94 0.40 -24.67
C ASP H 295 17.76 -0.97 -24.05
N LEU H 296 17.72 -1.05 -22.72
CA LEU H 296 17.64 -2.30 -21.99
C LEU H 296 16.94 -2.03 -20.66
N ILE H 297 15.93 -2.82 -20.34
CA ILE H 297 15.29 -2.75 -19.03
C ILE H 297 15.36 -4.13 -18.38
N VAL H 298 15.75 -4.15 -17.11
CA VAL H 298 15.90 -5.37 -16.33
C VAL H 298 15.08 -5.21 -15.06
N THR H 299 14.25 -6.20 -14.74
CA THR H 299 13.49 -6.21 -13.50
C THR H 299 14.17 -7.13 -12.49
N THR H 300 14.29 -6.67 -11.24
CA THR H 300 15.01 -7.41 -10.21
C THR H 300 14.28 -7.43 -8.86
N THR H 301 12.96 -7.25 -8.84
CA THR H 301 12.31 -6.85 -7.59
C THR H 301 11.75 -8.00 -6.76
N GLY H 302 11.33 -9.10 -7.39
CA GLY H 302 10.48 -10.05 -6.67
C GLY H 302 9.05 -9.57 -6.46
N ASN H 303 8.69 -8.44 -7.07
CA ASN H 303 7.35 -7.87 -6.98
C ASN H 303 6.60 -8.15 -8.28
N VAL H 304 5.39 -7.61 -8.40
CA VAL H 304 4.49 -7.90 -9.51
C VAL H 304 4.36 -6.68 -10.39
N ASN H 305 4.47 -6.87 -11.70
CA ASN H 305 4.12 -5.86 -12.70
C ASN H 305 4.91 -4.58 -12.49
N VAL H 306 6.23 -4.72 -12.33
CA VAL H 306 7.10 -3.55 -12.22
C VAL H 306 7.58 -3.07 -13.57
N CYS H 307 7.38 -3.84 -14.63
CA CYS H 307 7.51 -3.37 -16.01
C CYS H 307 6.14 -3.63 -16.65
N ASP H 308 5.26 -2.64 -16.58
CA ASP H 308 3.86 -2.84 -16.91
C ASP H 308 3.60 -2.57 -18.40
N ALA H 309 2.32 -2.70 -18.79
CA ALA H 309 1.97 -2.57 -20.20
C ALA H 309 2.26 -1.17 -20.72
N ASN H 310 1.94 -0.14 -19.93
CA ASN H 310 2.17 1.23 -20.37
C ASN H 310 3.65 1.54 -20.50
N MET H 311 4.49 0.95 -19.65
CA MET H 311 5.93 1.10 -19.83
C MET H 311 6.38 0.41 -21.12
N LEU H 312 5.85 -0.79 -21.39
CA LEU H 312 6.24 -1.52 -22.59
C LEU H 312 5.81 -0.76 -23.85
N LYS H 313 4.68 -0.06 -23.81
CA LYS H 313 4.25 0.73 -24.95
C LYS H 313 5.18 1.91 -25.18
N ALA H 314 5.80 2.43 -24.13
CA ALA H 314 6.59 3.64 -24.22
C ALA H 314 8.09 3.39 -24.49
N LEU H 315 8.55 2.15 -24.38
CA LEU H 315 9.97 1.86 -24.54
C LEU H 315 10.46 2.21 -25.94
N LYS H 316 11.73 2.61 -26.01
CA LYS H 316 12.42 2.84 -27.27
C LYS H 316 12.32 1.63 -28.18
N LYS H 317 12.11 1.87 -29.47
CA LYS H 317 12.09 0.78 -30.45
C LYS H 317 13.34 -0.07 -30.33
N ARG H 318 13.15 -1.39 -30.40
CA ARG H 318 14.21 -2.41 -30.39
C ARG H 318 14.90 -2.54 -29.04
N ALA H 319 14.29 -2.02 -27.98
CA ALA H 319 14.82 -2.23 -26.63
C ALA H 319 14.69 -3.69 -26.23
N VAL H 320 15.66 -4.15 -25.44
CA VAL H 320 15.66 -5.49 -24.85
C VAL H 320 14.95 -5.44 -23.50
N VAL H 321 14.12 -6.45 -23.24
CA VAL H 321 13.34 -6.54 -22.00
C VAL H 321 13.66 -7.89 -21.37
N CYS H 322 14.04 -7.87 -20.08
CA CYS H 322 14.30 -9.14 -19.42
C CYS H 322 14.07 -9.02 -17.92
N ASN H 323 14.07 -10.17 -17.26
CA ASN H 323 13.73 -10.29 -15.84
C ASN H 323 14.68 -11.28 -15.19
N ILE H 324 15.27 -10.87 -14.06
CA ILE H 324 16.17 -11.73 -13.30
C ILE H 324 15.64 -12.00 -11.90
N GLY H 325 14.43 -11.53 -11.58
CA GLY H 325 13.73 -11.98 -10.39
C GLY H 325 13.21 -13.40 -10.56
N HIS H 326 12.62 -13.94 -9.50
CA HIS H 326 12.30 -15.36 -9.50
C HIS H 326 11.19 -15.71 -10.49
N PHE H 327 10.11 -14.92 -10.52
CA PHE H 327 8.96 -15.22 -11.33
C PHE H 327 8.82 -14.24 -12.49
N ASP H 328 8.14 -14.68 -13.55
CA ASP H 328 8.02 -13.88 -14.77
C ASP H 328 6.97 -12.79 -14.68
N ASN H 329 6.14 -12.77 -13.63
CA ASN H 329 5.10 -11.76 -13.51
C ASN H 329 5.65 -10.38 -13.14
N GLU H 330 6.96 -10.20 -13.04
CA GLU H 330 7.51 -8.85 -12.90
C GLU H 330 7.25 -8.04 -14.17
N ILE H 331 7.15 -8.72 -15.32
CA ILE H 331 6.86 -8.09 -16.61
C ILE H 331 5.47 -8.52 -17.04
N ASP H 332 4.68 -7.57 -17.55
CA ASP H 332 3.35 -7.90 -18.08
C ASP H 332 3.52 -8.54 -19.48
N THR H 333 4.04 -9.77 -19.46
CA THR H 333 4.13 -10.53 -20.71
C THR H 333 2.75 -10.90 -21.23
N ALA H 334 1.78 -11.10 -20.32
CA ALA H 334 0.43 -11.47 -20.75
C ALA H 334 -0.17 -10.40 -21.65
N PHE H 335 0.04 -9.13 -21.32
CA PHE H 335 -0.40 -8.06 -22.20
C PHE H 335 0.19 -8.21 -23.60
N MET H 336 1.49 -8.56 -23.67
CA MET H 336 2.16 -8.67 -24.97
C MET H 336 1.68 -9.88 -25.75
N ARG H 337 1.34 -10.98 -25.07
CA ARG H 337 0.80 -12.14 -25.78
C ARG H 337 -0.57 -11.85 -26.37
N LYS H 338 -1.37 -11.03 -25.69
CA LYS H 338 -2.73 -10.76 -26.15
C LYS H 338 -2.76 -9.72 -27.28
N ASN H 339 -1.79 -8.82 -27.33
CA ASN H 339 -1.87 -7.65 -28.20
C ASN H 339 -0.84 -7.60 -29.32
N TRP H 340 0.32 -8.23 -29.15
CA TRP H 340 1.43 -8.07 -30.08
C TRP H 340 1.86 -9.43 -30.64
N ALA H 341 2.52 -9.40 -31.80
CA ALA H 341 2.90 -10.61 -32.52
C ALA H 341 4.32 -11.02 -32.15
N TRP H 342 4.52 -12.31 -31.87
CA TRP H 342 5.79 -12.82 -31.37
C TRP H 342 6.54 -13.54 -32.50
N GLU H 343 7.76 -13.08 -32.78
CA GLU H 343 8.64 -13.71 -33.75
C GLU H 343 9.81 -14.33 -33.00
N GLU H 344 9.90 -15.66 -33.02
CA GLU H 344 11.04 -16.32 -32.39
C GLU H 344 12.29 -16.09 -33.22
N VAL H 345 13.30 -15.44 -32.61
CA VAL H 345 14.61 -15.35 -33.26
C VAL H 345 15.32 -16.68 -33.15
N LYS H 346 15.47 -17.15 -31.92
CA LYS H 346 16.00 -18.47 -31.58
C LYS H 346 15.41 -18.85 -30.23
N PRO H 347 15.64 -20.06 -29.73
CA PRO H 347 15.06 -20.43 -28.45
C PRO H 347 15.38 -19.40 -27.36
N GLN H 348 14.32 -18.98 -26.65
CA GLN H 348 14.39 -18.03 -25.54
C GLN H 348 14.78 -16.62 -26.01
N VAL H 349 14.54 -16.30 -27.28
CA VAL H 349 14.72 -14.94 -27.79
C VAL H 349 13.55 -14.66 -28.73
N HIS H 350 12.70 -13.71 -28.36
CA HIS H 350 11.54 -13.36 -29.18
C HIS H 350 11.53 -11.87 -29.46
N LYS H 351 11.28 -11.52 -30.71
CA LYS H 351 10.94 -10.15 -31.08
C LYS H 351 9.44 -9.98 -30.90
N ILE H 352 9.05 -8.89 -30.24
CA ILE H 352 7.65 -8.61 -29.94
C ILE H 352 7.26 -7.40 -30.77
N HIS H 353 6.48 -7.63 -31.82
CA HIS H 353 6.14 -6.58 -32.79
C HIS H 353 4.95 -5.79 -32.28
N ARG H 354 5.15 -4.51 -32.03
CA ARG H 354 4.10 -3.67 -31.46
C ARG H 354 3.12 -3.16 -32.51
N THR H 355 3.18 -3.67 -33.73
CA THR H 355 2.28 -3.23 -34.78
C THR H 355 0.93 -3.93 -34.76
N GLY H 356 0.74 -4.93 -33.93
CA GLY H 356 -0.55 -5.61 -33.83
C GLY H 356 -0.39 -7.08 -33.53
N LYS H 357 -1.54 -7.73 -33.36
CA LYS H 357 -1.64 -9.10 -32.87
C LYS H 357 -1.48 -10.15 -33.97
N ASP H 358 -2.03 -9.90 -35.15
CA ASP H 358 -2.14 -10.94 -36.18
C ASP H 358 -1.13 -10.66 -37.30
N GLY H 359 0.03 -11.28 -37.19
CA GLY H 359 1.06 -11.18 -38.20
C GLY H 359 1.96 -9.98 -38.02
N PHE H 360 3.09 -10.01 -38.73
CA PHE H 360 4.09 -8.97 -38.62
C PHE H 360 4.89 -8.90 -39.91
N ASP H 361 5.34 -7.69 -40.24
CA ASP H 361 6.32 -7.52 -41.30
C ASP H 361 7.69 -7.95 -40.77
N ALA H 362 8.35 -8.86 -41.49
CA ALA H 362 9.66 -9.35 -41.07
C ALA H 362 10.70 -8.24 -40.99
N HIS H 363 10.48 -7.11 -41.66
CA HIS H 363 11.39 -5.98 -41.61
C HIS H 363 10.83 -4.82 -40.81
N ASN H 364 9.79 -5.06 -40.01
CA ASN H 364 9.26 -4.06 -39.09
C ASN H 364 10.35 -3.60 -38.13
N ASP H 365 10.42 -2.29 -37.91
CA ASP H 365 11.40 -1.74 -36.97
C ASP H 365 10.82 -1.47 -35.59
N ASP H 366 9.52 -1.64 -35.40
CA ASP H 366 8.89 -1.34 -34.11
C ASP H 366 8.63 -2.65 -33.37
N TYR H 367 9.68 -3.17 -32.76
CA TYR H 367 9.59 -4.37 -31.94
C TYR H 367 10.43 -4.20 -30.69
N LEU H 368 10.17 -5.05 -29.70
CA LEU H 368 11.05 -5.23 -28.56
C LEU H 368 11.62 -6.64 -28.62
N ILE H 369 12.71 -6.86 -27.87
CA ILE H 369 13.30 -8.19 -27.76
C ILE H 369 13.14 -8.65 -26.33
N LEU H 370 12.39 -9.73 -26.14
CA LEU H 370 12.17 -10.34 -24.84
C LEU H 370 13.02 -11.59 -24.71
N LEU H 371 13.77 -11.69 -23.61
CA LEU H 371 14.61 -12.85 -23.34
C LEU H 371 13.92 -13.80 -22.39
N ALA H 372 13.99 -15.11 -22.71
CA ALA H 372 13.52 -16.19 -21.84
C ALA H 372 12.03 -16.08 -21.52
N GLU H 373 11.25 -15.44 -22.40
CA GLU H 373 9.81 -15.25 -22.21
C GLU H 373 9.49 -14.67 -20.83
N GLY H 374 10.40 -13.86 -20.29
CA GLY H 374 10.19 -13.21 -19.01
C GLY H 374 10.71 -13.96 -17.80
N ARG H 375 11.11 -15.22 -17.96
CA ARG H 375 11.64 -16.03 -16.88
C ARG H 375 13.08 -15.60 -16.56
N LEU H 376 13.60 -16.07 -15.41
CA LEU H 376 14.93 -15.71 -14.93
C LEU H 376 15.95 -15.76 -16.06
N VAL H 377 16.47 -14.60 -16.45
CA VAL H 377 17.19 -14.53 -17.73
C VAL H 377 18.58 -15.15 -17.63
N ASN H 378 19.24 -15.08 -16.46
CA ASN H 378 20.59 -15.62 -16.35
C ASN H 378 20.58 -17.12 -16.53
N LEU H 379 19.61 -17.81 -15.94
CA LEU H 379 19.48 -19.25 -16.14
C LEU H 379 18.82 -19.59 -17.47
N GLY H 380 17.94 -18.71 -17.97
CA GLY H 380 17.21 -19.00 -19.18
C GLY H 380 18.04 -18.88 -20.45
N ASN H 381 18.87 -17.83 -20.52
CA ASN H 381 19.67 -17.56 -21.71
C ASN H 381 21.15 -17.86 -21.52
N ALA H 382 21.57 -18.24 -20.31
CA ALA H 382 22.94 -18.67 -20.07
C ALA H 382 22.93 -19.88 -19.14
N THR H 383 23.82 -19.91 -18.14
CA THR H 383 23.90 -21.04 -17.23
C THR H 383 23.80 -20.60 -15.78
N GLY H 384 23.17 -19.45 -15.53
CA GLY H 384 23.08 -18.99 -14.16
C GLY H 384 24.43 -18.67 -13.54
N HIS H 385 24.44 -18.68 -12.21
CA HIS H 385 25.64 -18.32 -11.46
C HIS H 385 26.74 -19.35 -11.71
N PRO H 386 28.00 -18.93 -11.58
CA PRO H 386 29.12 -19.87 -11.74
C PRO H 386 29.34 -20.72 -10.50
N SER H 387 30.00 -21.86 -10.71
CA SER H 387 30.22 -22.84 -9.66
C SER H 387 30.80 -22.21 -8.40
N ARG H 388 31.84 -21.38 -8.55
CA ARG H 388 32.55 -20.89 -7.37
C ARG H 388 31.68 -19.96 -6.53
N ILE H 389 30.66 -19.34 -7.13
CA ILE H 389 29.69 -18.58 -6.34
C ILE H 389 28.67 -19.50 -5.71
N MET H 390 28.07 -20.40 -6.51
CA MET H 390 27.08 -21.34 -5.98
C MET H 390 27.66 -22.21 -4.87
N ASP H 391 28.99 -22.36 -4.83
CA ASP H 391 29.65 -23.09 -3.77
C ASP H 391 29.19 -22.61 -2.38
N GLY H 392 29.10 -21.29 -2.20
CA GLY H 392 28.65 -20.77 -0.91
C GLY H 392 27.22 -21.14 -0.61
N SER H 393 26.32 -20.90 -1.58
CA SER H 393 24.89 -21.19 -1.37
C SER H 393 24.67 -22.64 -1.01
N PHE H 394 25.32 -23.55 -1.74
CA PHE H 394 24.99 -24.96 -1.60
C PHE H 394 25.68 -25.59 -0.39
N ALA H 395 26.83 -25.07 0.03
CA ALA H 395 27.38 -25.47 1.32
C ALA H 395 26.41 -25.13 2.44
N ASN H 396 25.78 -23.95 2.38
CA ASN H 396 24.73 -23.62 3.34
C ASN H 396 23.58 -24.60 3.25
N GLN H 397 23.18 -24.98 2.03
CA GLN H 397 22.10 -25.95 1.87
C GLN H 397 22.43 -27.28 2.56
N VAL H 398 23.66 -27.77 2.37
CA VAL H 398 24.04 -29.05 2.95
C VAL H 398 24.01 -28.98 4.47
N LEU H 399 24.55 -27.90 5.05
CA LEU H 399 24.53 -27.75 6.50
C LEU H 399 23.11 -27.65 7.02
N ALA H 400 22.22 -26.99 6.27
CA ALA H 400 20.83 -26.85 6.70
C ALA H 400 20.10 -28.18 6.64
N GLN H 401 20.34 -28.96 5.58
CA GLN H 401 19.72 -30.29 5.50
C GLN H 401 20.17 -31.17 6.64
N ILE H 402 21.46 -31.11 7.00
CA ILE H 402 22.00 -31.93 8.07
C ILE H 402 21.35 -31.57 9.40
N HIS H 403 21.24 -30.27 9.68
CA HIS H 403 20.71 -29.84 10.97
C HIS H 403 19.26 -30.26 11.15
N LEU H 404 18.40 -29.93 10.17
CA LEU H 404 16.98 -30.25 10.31
C LEU H 404 16.73 -31.74 10.34
N PHE H 405 17.45 -32.52 9.53
CA PHE H 405 17.28 -33.97 9.56
C PHE H 405 17.66 -34.53 10.92
N GLU H 406 18.74 -34.01 11.52
CA GLU H 406 19.16 -34.51 12.82
C GLU H 406 18.21 -34.10 13.94
N GLN H 407 17.44 -33.03 13.75
CA GLN H 407 16.49 -32.60 14.78
C GLN H 407 15.24 -33.47 14.82
N LYS H 408 14.92 -34.18 13.72
CA LYS H 408 13.86 -35.20 13.71
C LYS H 408 12.50 -34.64 14.15
N TYR H 409 12.11 -33.50 13.57
CA TYR H 409 10.87 -32.84 13.94
C TYR H 409 9.67 -33.78 13.81
N ALA H 410 9.62 -34.57 12.74
CA ALA H 410 8.44 -35.40 12.46
C ALA H 410 8.23 -36.50 13.49
N ASP H 411 9.26 -36.85 14.27
CA ASP H 411 9.14 -37.84 15.33
C ASP H 411 8.73 -37.22 16.67
N LEU H 412 8.54 -35.90 16.73
CA LEU H 412 8.17 -35.24 17.95
C LEU H 412 6.68 -35.46 18.26
N PRO H 413 6.30 -35.42 19.53
CA PRO H 413 4.87 -35.45 19.86
C PRO H 413 4.15 -34.23 19.29
N ALA H 414 2.83 -34.38 19.14
CA ALA H 414 2.04 -33.31 18.53
C ALA H 414 2.10 -32.02 19.35
N ALA H 415 2.14 -32.15 20.68
CA ALA H 415 2.15 -30.96 21.53
C ALA H 415 3.50 -30.22 21.44
N GLU H 416 4.59 -30.94 21.18
CA GLU H 416 5.89 -30.30 21.07
C GLU H 416 6.14 -29.71 19.69
N LYS H 417 5.46 -30.23 18.65
CA LYS H 417 5.68 -29.73 17.29
C LYS H 417 5.30 -28.26 17.18
N ALA H 418 4.25 -27.84 17.89
CA ALA H 418 3.80 -26.44 17.80
C ALA H 418 4.88 -25.48 18.25
N LYS H 419 5.67 -25.87 19.26
CA LYS H 419 6.69 -25.00 19.82
C LYS H 419 8.03 -25.11 19.10
N ARG H 420 8.16 -26.03 18.15
CA ARG H 420 9.35 -26.15 17.32
C ARG H 420 9.16 -25.61 15.91
N LEU H 421 8.02 -24.98 15.64
CA LEU H 421 7.67 -24.51 14.30
C LEU H 421 8.14 -23.07 14.14
N SER H 422 9.07 -22.85 13.20
CA SER H 422 9.70 -21.55 13.03
C SER H 422 10.44 -21.55 11.70
N VAL H 423 10.83 -20.35 11.28
CA VAL H 423 11.73 -20.17 10.14
C VAL H 423 13.01 -19.57 10.69
N GLU H 424 14.12 -20.29 10.57
CA GLU H 424 15.38 -19.89 11.16
C GLU H 424 16.46 -19.74 10.10
N VAL H 425 17.59 -19.17 10.52
CA VAL H 425 18.79 -19.04 9.70
C VAL H 425 19.93 -19.79 10.40
N LEU H 426 20.93 -20.16 9.62
CA LEU H 426 22.10 -20.80 10.19
C LEU H 426 22.88 -19.81 11.07
N PRO H 427 23.50 -20.30 12.15
CA PRO H 427 24.25 -19.40 13.04
C PRO H 427 25.49 -18.83 12.37
N LYS H 428 25.95 -17.70 12.91
CA LYS H 428 27.03 -16.95 12.27
C LYS H 428 28.30 -17.77 12.16
N LYS H 429 28.56 -18.63 13.14
CA LYS H 429 29.78 -19.44 13.14
C LYS H 429 29.88 -20.27 11.87
N LEU H 430 28.76 -20.85 11.43
CA LEU H 430 28.77 -21.67 10.22
C LEU H 430 28.90 -20.82 8.96
N ASP H 431 28.23 -19.67 8.94
CA ASP H 431 28.42 -18.69 7.87
C ASP H 431 29.89 -18.35 7.70
N GLU H 432 30.60 -18.14 8.81
CA GLU H 432 32.03 -17.82 8.75
C GLU H 432 32.85 -18.99 8.24
N GLU H 433 32.47 -20.22 8.60
CA GLU H 433 33.24 -21.38 8.17
C GLU H 433 33.08 -21.63 6.67
N VAL H 434 31.90 -21.38 6.12
CA VAL H 434 31.72 -21.44 4.68
C VAL H 434 32.59 -20.39 3.99
N ALA H 435 32.61 -19.17 4.54
CA ALA H 435 33.37 -18.08 3.93
C ALA H 435 34.86 -18.40 3.94
N LEU H 436 35.36 -18.98 5.03
CA LEU H 436 36.76 -19.32 5.12
C LEU H 436 37.18 -20.25 3.98
N GLU H 437 36.40 -21.31 3.74
CA GLU H 437 36.71 -22.23 2.65
C GLU H 437 36.63 -21.52 1.30
N MET H 438 35.67 -20.61 1.14
CA MET H 438 35.61 -19.82 -0.09
C MET H 438 36.88 -18.99 -0.26
N VAL H 439 37.31 -18.29 0.79
CA VAL H 439 38.51 -17.45 0.70
C VAL H 439 39.73 -18.28 0.34
N LYS H 440 39.84 -19.49 0.91
CA LYS H 440 40.97 -20.34 0.60
C LYS H 440 40.95 -20.78 -0.85
N GLY H 441 39.77 -20.89 -1.46
CA GLY H 441 39.68 -21.23 -2.86
C GLY H 441 40.31 -20.19 -3.76
N PHE H 442 40.31 -18.93 -3.33
CA PHE H 442 41.01 -17.86 -4.03
C PHE H 442 42.47 -17.76 -3.65
N GLY H 443 42.96 -18.64 -2.77
CA GLY H 443 44.31 -18.48 -2.26
C GLY H 443 44.45 -17.38 -1.24
N GLY H 444 43.34 -16.89 -0.69
CA GLY H 444 43.42 -15.84 0.31
C GLY H 444 43.87 -16.41 1.65
N VAL H 445 44.58 -15.57 2.41
CA VAL H 445 45.10 -15.93 3.72
C VAL H 445 44.46 -15.03 4.77
N VAL H 446 43.71 -15.63 5.68
CA VAL H 446 43.02 -14.91 6.73
C VAL H 446 43.94 -14.77 7.93
N THR H 447 43.96 -13.59 8.55
CA THR H 447 44.80 -13.35 9.72
C THR H 447 44.12 -13.85 10.98
N GLN H 448 44.92 -14.39 11.91
CA GLN H 448 44.46 -14.79 13.23
C GLN H 448 44.73 -13.68 14.23
N LEU H 449 43.70 -13.31 14.99
CA LEU H 449 43.88 -12.36 16.09
C LEU H 449 44.84 -12.92 17.12
N THR H 450 45.62 -12.02 17.73
CA THR H 450 46.32 -12.37 18.94
C THR H 450 45.33 -12.38 20.11
N PRO H 451 45.68 -13.05 21.20
CA PRO H 451 44.81 -12.99 22.39
C PRO H 451 44.54 -11.57 22.87
N LYS H 452 45.55 -10.70 22.87
CA LYS H 452 45.33 -9.30 23.23
C LYS H 452 44.32 -8.65 22.30
N GLN H 453 44.46 -8.87 20.98
CA GLN H 453 43.59 -8.23 20.00
C GLN H 453 42.16 -8.74 20.12
N ALA H 454 41.99 -10.05 20.29
CA ALA H 454 40.65 -10.60 20.51
C ALA H 454 40.02 -10.03 21.77
N GLU H 455 40.79 -9.90 22.85
CA GLU H 455 40.27 -9.33 24.07
C GLU H 455 39.90 -7.86 23.88
N TYR H 456 40.72 -7.14 23.10
CA TYR H 456 40.51 -5.70 22.89
C TYR H 456 39.18 -5.42 22.21
N ILE H 457 38.82 -6.23 21.20
CA ILE H 457 37.57 -6.02 20.49
C ILE H 457 36.45 -6.94 20.98
N GLY H 458 36.74 -7.80 21.95
CA GLY H 458 35.70 -8.58 22.61
C GLY H 458 35.17 -9.78 21.86
N VAL H 459 36.03 -10.52 21.17
CA VAL H 459 35.61 -11.69 20.42
C VAL H 459 36.55 -12.85 20.76
N SER H 460 36.10 -14.05 20.45
CA SER H 460 36.96 -15.22 20.52
C SER H 460 37.90 -15.22 19.33
N VAL H 461 39.11 -15.74 19.54
CA VAL H 461 40.05 -15.91 18.44
C VAL H 461 39.43 -16.76 17.34
N GLU H 462 38.53 -17.68 17.70
CA GLU H 462 37.87 -18.55 16.73
C GLU H 462 36.65 -17.91 16.08
N GLY H 463 36.21 -16.74 16.53
CA GLY H 463 34.97 -16.18 16.06
C GLY H 463 33.80 -16.65 16.91
N PRO H 464 32.58 -16.15 16.65
CA PRO H 464 32.17 -15.17 15.63
C PRO H 464 32.80 -13.80 15.86
N PHE H 465 33.07 -13.08 14.78
CA PHE H 465 33.79 -11.82 14.85
C PHE H 465 32.86 -10.61 14.84
N LYS H 466 31.58 -10.80 14.54
CA LYS H 466 30.60 -9.73 14.45
C LYS H 466 29.36 -10.09 15.24
N PRO H 467 28.68 -9.09 15.80
CA PRO H 467 27.38 -9.37 16.42
C PRO H 467 26.34 -9.69 15.35
N ASP H 468 25.25 -10.34 15.77
CA ASP H 468 24.26 -10.76 14.79
C ASP H 468 23.61 -9.58 14.07
N THR H 469 23.66 -8.38 14.65
CA THR H 469 23.09 -7.19 14.01
C THR H 469 23.96 -6.65 12.88
N TYR H 470 25.17 -7.17 12.71
CA TYR H 470 26.09 -6.61 11.71
C TYR H 470 25.58 -6.86 10.30
N ARG H 471 25.68 -5.83 9.45
CA ARG H 471 25.09 -5.91 8.11
C ARG H 471 26.11 -6.18 7.00
N TYR H 472 27.41 -6.10 7.29
CA TYR H 472 28.45 -6.28 6.26
C TYR H 472 28.24 -5.36 5.07
#